data_6WKK
#
_entry.id   6WKK
#
_cell.length_a   1.00
_cell.length_b   1.00
_cell.length_c   1.00
_cell.angle_alpha   90.00
_cell.angle_beta   90.00
_cell.angle_gamma   90.00
#
_symmetry.space_group_name_H-M   'P 1'
#
loop_
_entity.id
_entity.type
_entity.pdbx_description
1 polymer 'Gp27 major capsid protein'
2 polymer 'Gp26 capsid decoration protein'
#
loop_
_entity_poly.entity_id
_entity_poly.type
_entity_poly.pdbx_seq_one_letter_code
_entity_poly.pdbx_strand_id
1 'polypeptide(L)'
;MSQLSNQEKEYLISKALETEEGRVALAQAMANPIRVSLDYQGVGRKLLVVDPLPQGALPVYDKDVDAKAFVISKRGQVPD
QVIEGDRIQVPTFEIVSYPQVRFSQVKERRFNVIDRAQQRAKADIMAVEDAEIFSLLEGAATAVNAVTISSGGLQRAALT
KAFQEVEKHDLVVTKIVMNASAFADIRAWGQNEFDPVTQHEVLQTGLFGHIWTADILISKKVPQNTVYVLADPEFVGVMP
IRQDIQVIPADKPEELRLGWVIYEELGLAVVNSLAIAKIS
;
A,B,C,D,E,F
2 'polypeptide(L)'
;PYVRLGYEGILNGAHDIDVAGLNGVEQLAGKFATIGANGVKLAGDNGTNAVGLFREDLGDMVNASEKASFYFRGGEYYVN
ISRTSLTAAGIAAGDEITCDADGKMIKFTGTGKALGVVTHVGEYRAGNMYEKATQGVTDTDTFIGFIMYV
;
G,H,I,J,K,L,M,N,O,P,Q,R,S,T,U,V,W,X
#
# COMPACT_ATOMS: atom_id res chain seq x y z
N MET A 1 -37.00 -53.13 14.18
CA MET A 1 -36.92 -51.78 14.74
C MET A 1 -38.19 -51.05 14.50
N SER A 2 -38.24 -49.74 14.84
CA SER A 2 -39.41 -48.84 14.66
C SER A 2 -39.03 -47.75 13.74
N GLN A 3 -37.68 -47.71 13.51
CA GLN A 3 -36.99 -46.82 12.61
C GLN A 3 -35.70 -47.45 12.17
N LEU A 4 -35.14 -46.94 11.04
CA LEU A 4 -33.83 -47.44 10.63
C LEU A 4 -32.72 -46.83 11.49
N SER A 5 -32.81 -45.56 11.88
CA SER A 5 -31.81 -44.75 12.61
C SER A 5 -32.38 -43.40 12.59
N ASN A 6 -33.62 -43.34 12.24
CA ASN A 6 -34.34 -42.09 12.21
C ASN A 6 -34.52 -41.42 13.57
N GLN A 7 -34.65 -40.12 13.43
CA GLN A 7 -34.89 -39.08 14.42
C GLN A 7 -36.19 -39.07 15.16
N GLU A 8 -37.32 -39.44 14.50
CA GLU A 8 -38.63 -39.49 15.06
C GLU A 8 -38.95 -40.98 14.79
N LYS A 9 -40.22 -41.47 14.98
CA LYS A 9 -40.75 -42.79 14.77
C LYS A 9 -41.63 -42.92 13.53
N GLU A 10 -41.42 -43.98 12.71
CA GLU A 10 -42.19 -43.99 11.47
C GLU A 10 -43.63 -44.22 11.77
N TYR A 11 -43.84 -44.99 12.86
CA TYR A 11 -45.16 -45.37 13.33
C TYR A 11 -45.93 -44.16 13.68
N LEU A 12 -45.26 -43.12 14.33
CA LEU A 12 -45.94 -41.82 14.59
C LEU A 12 -46.30 -41.03 13.35
N ILE A 13 -45.39 -41.02 12.38
CA ILE A 13 -45.55 -40.10 11.34
C ILE A 13 -44.54 -40.57 10.32
N SER A 14 -44.81 -40.26 8.99
CA SER A 14 -43.84 -40.44 7.90
C SER A 14 -43.64 -41.77 7.46
N LYS A 15 -43.81 -42.00 6.13
CA LYS A 15 -43.56 -43.23 5.43
C LYS A 15 -42.78 -42.87 4.16
N ALA A 16 -41.87 -43.83 3.64
CA ALA A 16 -41.18 -43.71 2.37
C ALA A 16 -39.95 -44.56 2.56
N LEU A 17 -39.55 -45.18 1.43
CA LEU A 17 -38.32 -46.05 1.42
C LEU A 17 -37.41 -45.43 0.36
N GLU A 18 -37.89 -44.28 -0.17
CA GLU A 18 -37.11 -43.53 -1.10
C GLU A 18 -36.43 -42.37 -0.34
N THR A 19 -35.12 -42.24 -0.64
CA THR A 19 -34.19 -41.45 0.11
C THR A 19 -33.09 -40.96 -0.79
N GLU A 20 -32.65 -39.71 -0.52
CA GLU A 20 -31.75 -39.04 -1.42
C GLU A 20 -30.33 -39.34 -1.10
N GLU A 21 -29.37 -38.92 -1.92
CA GLU A 21 -27.92 -39.21 -1.72
C GLU A 21 -27.33 -38.29 -0.71
N GLY A 22 -26.58 -38.93 0.18
CA GLY A 22 -25.96 -38.25 1.26
C GLY A 22 -24.48 -38.36 1.12
N ARG A 23 -24.01 -39.40 0.45
CA ARG A 23 -22.58 -39.70 0.31
C ARG A 23 -21.98 -38.66 -0.58
N VAL A 24 -20.72 -38.21 -0.21
CA VAL A 24 -19.96 -37.25 -1.02
C VAL A 24 -18.52 -37.39 -0.67
N ALA A 25 -17.76 -37.07 -1.69
CA ALA A 25 -16.32 -37.15 -1.79
C ALA A 25 -15.67 -36.06 -1.08
N LEU A 26 -14.42 -36.36 -0.61
CA LEU A 26 -13.64 -35.31 0.02
C LEU A 26 -12.18 -35.44 -0.28
N ALA A 27 -11.47 -34.30 -0.61
CA ALA A 27 -10.14 -34.21 -0.99
C ALA A 27 -9.80 -34.92 -2.30
N GLN A 28 -9.86 -34.13 -3.45
CA GLN A 28 -9.39 -34.53 -4.79
C GLN A 28 -7.88 -34.39 -4.90
N ALA A 29 -7.20 -35.27 -5.69
CA ALA A 29 -5.71 -35.29 -5.78
C ALA A 29 -5.50 -36.01 -7.03
N MET A 30 -6.05 -35.59 -8.21
CA MET A 30 -5.90 -36.24 -9.53
C MET A 30 -4.65 -35.74 -10.24
N ALA A 31 -4.03 -36.57 -11.10
CA ALA A 31 -2.86 -36.18 -11.84
C ALA A 31 -2.52 -37.28 -12.82
N ASN A 32 -3.13 -38.47 -12.68
CA ASN A 32 -2.94 -39.57 -13.57
C ASN A 32 -3.56 -39.33 -14.91
N PRO A 33 -4.78 -38.72 -15.10
CA PRO A 33 -5.35 -38.49 -16.46
C PRO A 33 -4.62 -37.39 -17.10
N ILE A 34 -3.97 -36.52 -16.36
CA ILE A 34 -3.13 -35.40 -16.84
C ILE A 34 -1.92 -35.86 -17.49
N ARG A 35 -1.30 -36.92 -16.90
CA ARG A 35 -0.12 -37.61 -17.39
C ARG A 35 -0.50 -38.53 -18.47
N VAL A 36 0.55 -38.89 -19.29
CA VAL A 36 0.44 -39.86 -20.33
C VAL A 36 0.51 -41.25 -19.67
N SER A 37 -0.12 -42.22 -20.37
CA SER A 37 -0.27 -43.63 -19.97
C SER A 37 0.39 -44.54 -20.96
N LEU A 38 0.94 -45.64 -20.41
CA LEU A 38 1.61 -46.68 -21.20
C LEU A 38 1.22 -47.96 -20.62
N ASP A 39 1.23 -49.01 -21.45
CA ASP A 39 1.06 -50.30 -20.94
C ASP A 39 2.43 -50.72 -20.50
N TYR A 40 2.43 -51.69 -19.55
CA TYR A 40 3.64 -52.34 -19.14
C TYR A 40 3.23 -53.77 -18.84
N GLN A 41 4.17 -54.74 -18.99
CA GLN A 41 4.12 -56.12 -18.64
C GLN A 41 5.38 -56.34 -17.90
N GLY A 42 5.51 -57.49 -17.18
CA GLY A 42 6.64 -57.64 -16.30
C GLY A 42 6.29 -57.29 -14.87
N VAL A 43 7.07 -57.97 -13.95
CA VAL A 43 6.78 -57.87 -12.55
C VAL A 43 7.71 -56.92 -11.75
N GLY A 44 8.51 -56.14 -12.48
CA GLY A 44 9.30 -55.15 -11.81
C GLY A 44 9.62 -54.28 -12.96
N ARG A 45 10.10 -53.01 -12.59
CA ARG A 45 10.49 -51.96 -13.51
C ARG A 45 11.97 -51.61 -13.16
N LYS A 46 12.76 -51.37 -14.20
CA LYS A 46 14.07 -50.85 -14.27
C LYS A 46 13.94 -49.74 -15.26
N LEU A 47 14.52 -48.55 -14.94
CA LEU A 47 14.54 -47.41 -15.83
C LEU A 47 15.96 -46.99 -15.81
N LEU A 48 16.44 -46.34 -16.90
CA LEU A 48 17.72 -45.68 -17.10
C LEU A 48 17.45 -44.24 -17.52
N VAL A 49 18.17 -43.29 -16.89
CA VAL A 49 18.14 -41.89 -17.31
C VAL A 49 19.51 -41.37 -17.46
N VAL A 50 19.67 -40.33 -18.29
CA VAL A 50 20.95 -39.81 -18.63
C VAL A 50 21.27 -38.82 -17.55
N ASP A 51 22.53 -38.78 -17.12
CA ASP A 51 23.03 -37.84 -16.09
C ASP A 51 23.63 -36.54 -16.74
N PRO A 52 24.49 -35.72 -16.16
CA PRO A 52 25.29 -34.71 -16.92
C PRO A 52 26.36 -35.33 -17.81
N LEU A 53 26.77 -34.68 -18.91
CA LEU A 53 27.86 -35.25 -19.66
C LEU A 53 29.17 -34.76 -19.18
N PRO A 54 30.18 -35.67 -19.31
CA PRO A 54 31.55 -35.20 -18.98
C PRO A 54 32.20 -34.64 -20.15
N GLN A 55 32.10 -33.34 -20.42
CA GLN A 55 32.81 -32.71 -21.48
C GLN A 55 33.88 -31.88 -20.88
N GLY A 56 34.88 -31.47 -21.74
CA GLY A 56 35.84 -30.48 -21.39
C GLY A 56 35.26 -29.11 -21.28
N ALA A 57 35.93 -28.18 -20.58
CA ALA A 57 35.51 -26.80 -20.32
C ALA A 57 36.71 -25.97 -20.25
N LEU A 58 36.56 -24.81 -20.86
CA LEU A 58 37.64 -23.89 -20.87
C LEU A 58 37.01 -22.52 -20.47
N PRO A 59 37.26 -22.03 -19.23
CA PRO A 59 36.78 -20.81 -18.72
C PRO A 59 37.74 -19.69 -19.11
N VAL A 60 38.97 -20.05 -19.50
CA VAL A 60 40.13 -19.28 -19.83
C VAL A 60 40.83 -20.05 -20.93
N TYR A 61 41.09 -19.33 -22.05
CA TYR A 61 41.90 -19.70 -23.20
C TYR A 61 41.22 -20.79 -24.03
N ASP A 62 40.96 -20.43 -25.33
CA ASP A 62 40.36 -21.35 -26.28
C ASP A 62 41.21 -21.55 -27.52
N LYS A 63 41.83 -22.71 -27.65
CA LYS A 63 42.60 -23.05 -28.80
C LYS A 63 42.82 -24.54 -28.78
N ASP A 64 42.58 -25.15 -27.62
CA ASP A 64 42.84 -26.54 -27.32
C ASP A 64 41.57 -27.41 -27.76
N VAL A 65 41.52 -28.69 -27.42
CA VAL A 65 40.36 -29.51 -27.81
C VAL A 65 39.67 -29.91 -26.56
N ASP A 66 38.34 -29.71 -26.49
CA ASP A 66 37.56 -30.25 -25.33
C ASP A 66 37.64 -31.74 -25.26
N ALA A 67 37.75 -32.29 -24.05
CA ALA A 67 37.66 -33.69 -23.76
C ALA A 67 36.33 -34.22 -24.22
N LYS A 68 36.36 -35.34 -24.92
CA LYS A 68 35.23 -36.10 -25.42
C LYS A 68 34.31 -36.66 -24.34
N ALA A 69 33.10 -37.00 -24.71
CA ALA A 69 32.15 -37.42 -23.76
C ALA A 69 31.54 -38.65 -24.32
N PHE A 70 30.80 -39.38 -23.44
CA PHE A 70 30.10 -40.59 -23.83
C PHE A 70 28.91 -40.57 -22.86
N VAL A 71 27.82 -41.12 -23.34
CA VAL A 71 26.50 -41.32 -22.78
C VAL A 71 26.61 -42.14 -21.57
N ILE A 72 26.35 -41.46 -20.36
CA ILE A 72 26.41 -42.09 -18.99
C ILE A 72 25.03 -41.81 -18.41
N SER A 73 24.57 -42.94 -17.74
CA SER A 73 23.24 -43.23 -17.26
C SER A 73 23.34 -43.76 -15.89
N LYS A 74 22.30 -43.52 -15.14
CA LYS A 74 22.14 -44.01 -13.75
C LYS A 74 20.81 -44.72 -13.78
N ARG A 75 20.73 -45.68 -12.82
CA ARG A 75 19.63 -46.57 -12.70
C ARG A 75 18.75 -46.24 -11.50
N GLY A 76 17.52 -46.62 -11.79
CA GLY A 76 16.44 -46.72 -10.84
C GLY A 76 15.69 -47.98 -10.96
N GLN A 77 15.11 -48.47 -9.82
CA GLN A 77 14.24 -49.59 -9.78
C GLN A 77 13.06 -49.11 -9.16
N VAL A 78 11.98 -49.62 -9.72
CA VAL A 78 10.71 -49.37 -9.24
C VAL A 78 10.08 -50.74 -9.09
N PRO A 79 9.62 -51.23 -7.87
CA PRO A 79 8.86 -52.42 -7.68
C PRO A 79 7.46 -51.98 -7.95
N ASP A 80 6.55 -52.94 -8.27
CA ASP A 80 5.07 -52.68 -8.44
C ASP A 80 4.55 -52.14 -7.11
N GLN A 81 3.48 -51.37 -7.16
CA GLN A 81 2.82 -51.03 -5.94
C GLN A 81 1.36 -51.30 -6.11
N VAL A 82 0.65 -51.41 -4.96
CA VAL A 82 -0.69 -51.78 -5.14
C VAL A 82 -1.41 -50.65 -4.52
N ILE A 83 -2.46 -50.09 -5.17
CA ILE A 83 -3.28 -49.01 -4.71
C ILE A 83 -4.71 -49.57 -4.61
N GLU A 84 -5.41 -49.36 -3.46
CA GLU A 84 -6.64 -50.02 -3.27
C GLU A 84 -7.41 -49.28 -2.22
N GLY A 85 -8.73 -49.68 -2.24
CA GLY A 85 -9.65 -49.32 -1.23
C GLY A 85 -10.70 -50.33 -1.27
N ASP A 86 -11.27 -50.54 -0.05
CA ASP A 86 -12.25 -51.59 0.11
C ASP A 86 -13.47 -50.96 0.73
N ARG A 87 -14.68 -51.55 0.37
CA ARG A 87 -15.94 -51.17 0.88
C ARG A 87 -16.70 -52.40 1.30
N ILE A 88 -17.43 -52.28 2.45
CA ILE A 88 -18.20 -53.34 3.06
C ILE A 88 -19.57 -52.74 2.81
N GLN A 89 -20.46 -53.62 2.32
CA GLN A 89 -21.80 -53.28 1.91
C GLN A 89 -22.75 -54.38 2.36
N VAL A 90 -23.94 -53.80 2.55
CA VAL A 90 -25.16 -54.38 2.96
C VAL A 90 -26.07 -54.30 1.78
N PRO A 91 -26.37 -55.35 1.02
CA PRO A 91 -27.21 -55.30 -0.21
C PRO A 91 -28.63 -54.77 0.07
N THR A 92 -29.21 -55.08 1.24
CA THR A 92 -30.62 -54.77 1.57
C THR A 92 -30.69 -53.27 1.62
N PHE A 93 -29.73 -52.63 2.25
CA PHE A 93 -29.60 -51.20 2.37
C PHE A 93 -29.45 -50.56 1.07
N GLU A 94 -28.58 -51.14 0.20
CA GLU A 94 -28.32 -50.61 -1.10
C GLU A 94 -29.51 -50.65 -2.02
N ILE A 95 -30.27 -51.74 -2.07
CA ILE A 95 -31.36 -51.85 -2.92
C ILE A 95 -32.52 -50.89 -2.51
N VAL A 96 -32.84 -50.79 -1.17
CA VAL A 96 -33.82 -49.90 -0.72
C VAL A 96 -33.61 -48.45 -0.85
N SER A 97 -32.41 -47.92 -0.49
CA SER A 97 -32.20 -46.47 -0.50
C SER A 97 -32.12 -45.93 -1.89
N TYR A 98 -31.44 -46.71 -2.75
CA TYR A 98 -31.27 -46.57 -4.13
C TYR A 98 -29.88 -46.00 -4.66
N PRO A 99 -29.39 -44.74 -4.50
CA PRO A 99 -28.19 -44.21 -5.16
C PRO A 99 -26.80 -44.66 -4.65
N GLN A 100 -26.81 -45.42 -3.54
CA GLN A 100 -25.66 -45.74 -2.90
C GLN A 100 -24.71 -46.46 -3.82
N VAL A 101 -25.32 -47.30 -4.64
CA VAL A 101 -24.58 -48.25 -5.50
C VAL A 101 -23.69 -47.50 -6.51
N ARG A 102 -24.33 -46.46 -7.15
CA ARG A 102 -23.74 -45.55 -8.17
C ARG A 102 -22.65 -44.75 -7.45
N PHE A 103 -22.91 -44.29 -6.19
CA PHE A 103 -21.98 -43.48 -5.54
C PHE A 103 -20.72 -44.26 -5.29
N SER A 104 -20.85 -45.57 -4.88
CA SER A 104 -19.73 -46.48 -4.46
C SER A 104 -18.71 -46.66 -5.57
N GLN A 105 -19.20 -46.95 -6.81
CA GLN A 105 -18.31 -47.08 -7.95
C GLN A 105 -17.51 -45.78 -8.36
N VAL A 106 -18.26 -44.68 -8.45
CA VAL A 106 -17.66 -43.43 -8.85
C VAL A 106 -16.64 -42.89 -7.81
N LYS A 107 -16.99 -43.11 -6.43
CA LYS A 107 -16.10 -42.86 -5.31
C LYS A 107 -14.88 -43.71 -5.35
N GLU A 108 -15.04 -45.04 -5.62
CA GLU A 108 -13.88 -46.01 -5.68
C GLU A 108 -12.96 -45.61 -6.67
N ARG A 109 -13.43 -45.20 -7.91
CA ARG A 109 -12.56 -44.74 -9.02
C ARG A 109 -11.76 -43.48 -8.68
N ARG A 110 -12.46 -42.47 -8.07
CA ARG A 110 -11.81 -41.29 -7.64
C ARG A 110 -10.78 -41.56 -6.61
N PHE A 111 -11.13 -42.43 -5.65
CA PHE A 111 -10.29 -42.91 -4.58
C PHE A 111 -8.99 -43.61 -5.04
N ASN A 112 -9.03 -44.44 -6.06
CA ASN A 112 -7.85 -45.08 -6.70
C ASN A 112 -6.98 -44.09 -7.31
N VAL A 113 -7.59 -43.10 -8.01
CA VAL A 113 -6.82 -42.04 -8.64
C VAL A 113 -6.05 -41.15 -7.56
N ILE A 114 -6.71 -40.89 -6.42
CA ILE A 114 -6.26 -40.14 -5.29
C ILE A 114 -5.05 -40.75 -4.54
N ASP A 115 -5.18 -42.07 -4.22
CA ASP A 115 -4.12 -42.74 -3.56
C ASP A 115 -2.91 -42.85 -4.41
N ARG A 116 -3.14 -43.03 -5.77
CA ARG A 116 -2.01 -43.20 -6.67
C ARG A 116 -1.18 -41.91 -6.63
N ALA A 117 -1.74 -40.67 -6.73
CA ALA A 117 -0.96 -39.52 -6.75
C ALA A 117 -0.17 -39.40 -5.44
N GLN A 118 -0.74 -39.76 -4.27
CA GLN A 118 -0.12 -39.60 -3.01
C GLN A 118 1.18 -40.47 -2.94
N GLN A 119 1.16 -41.81 -3.31
CA GLN A 119 2.32 -42.66 -3.16
C GLN A 119 3.40 -42.18 -4.08
N ARG A 120 3.13 -41.79 -5.29
CA ARG A 120 4.03 -41.38 -6.34
C ARG A 120 4.84 -40.12 -6.01
N ALA A 121 4.18 -39.18 -5.36
CA ALA A 121 4.86 -37.94 -4.94
C ALA A 121 5.70 -38.37 -3.80
N LYS A 122 5.03 -38.96 -2.77
CA LYS A 122 5.48 -39.36 -1.46
C LYS A 122 4.29 -39.29 -0.49
N ALA A 123 4.27 -40.30 0.41
CA ALA A 123 3.19 -40.44 1.42
C ALA A 123 3.45 -41.62 2.31
N ASP A 124 4.75 -41.97 2.47
CA ASP A 124 5.30 -43.01 3.32
C ASP A 124 5.38 -44.28 2.62
N ILE A 125 6.63 -44.69 2.26
CA ILE A 125 6.84 -45.92 1.59
C ILE A 125 7.67 -46.80 2.48
N MET A 126 7.50 -48.12 2.41
CA MET A 126 7.97 -49.20 3.22
C MET A 126 8.88 -50.09 2.44
N ALA A 127 9.27 -49.60 1.26
CA ALA A 127 10.24 -50.14 0.42
C ALA A 127 9.62 -51.22 -0.33
N VAL A 128 8.34 -51.07 -0.66
CA VAL A 128 7.60 -52.13 -1.24
C VAL A 128 6.91 -51.49 -2.40
N GLU A 129 7.00 -50.17 -2.63
CA GLU A 129 6.26 -49.45 -3.62
C GLU A 129 7.18 -48.47 -4.34
N ASP A 130 6.64 -47.72 -5.36
CA ASP A 130 7.30 -46.81 -6.24
C ASP A 130 8.02 -45.73 -5.49
N ALA A 131 9.14 -45.35 -6.02
CA ALA A 131 10.02 -44.40 -5.36
C ALA A 131 9.49 -42.99 -5.12
N GLU A 132 10.08 -42.26 -4.18
CA GLU A 132 9.51 -41.01 -3.68
C GLU A 132 10.10 -39.91 -4.49
N ILE A 133 9.44 -39.57 -5.61
CA ILE A 133 9.84 -38.61 -6.65
C ILE A 133 10.07 -37.24 -6.06
N PHE A 134 9.21 -36.75 -5.12
CA PHE A 134 9.16 -35.43 -4.55
C PHE A 134 10.51 -35.18 -3.82
N SER A 135 11.06 -36.21 -3.12
CA SER A 135 12.35 -36.07 -2.37
C SER A 135 13.58 -35.79 -3.26
N LEU A 136 13.73 -36.60 -4.36
CA LEU A 136 14.86 -36.69 -5.24
C LEU A 136 15.07 -35.40 -5.98
N LEU A 137 13.92 -34.68 -6.29
CA LEU A 137 13.97 -33.51 -7.19
C LEU A 137 14.48 -32.28 -6.47
N GLU A 138 14.98 -31.31 -7.30
CA GLU A 138 15.62 -30.08 -7.02
C GLU A 138 15.16 -29.31 -5.81
N GLY A 139 16.13 -28.88 -5.00
CA GLY A 139 15.90 -28.25 -3.74
C GLY A 139 15.19 -26.92 -3.90
N ALA A 140 15.18 -26.14 -2.76
CA ALA A 140 14.49 -24.86 -2.73
C ALA A 140 15.35 -23.76 -3.29
N ALA A 141 14.75 -23.06 -4.33
CA ALA A 141 15.44 -22.01 -5.02
C ALA A 141 15.26 -20.77 -4.30
N THR A 142 16.37 -20.32 -3.60
CA THR A 142 16.47 -19.15 -2.75
C THR A 142 16.36 -17.89 -3.54
N ALA A 143 16.74 -17.82 -4.83
CA ALA A 143 16.83 -16.74 -5.79
C ALA A 143 15.50 -16.14 -6.07
N VAL A 144 14.45 -16.96 -6.04
CA VAL A 144 13.09 -16.56 -6.48
C VAL A 144 12.55 -15.51 -5.54
N ASN A 145 12.91 -15.68 -4.24
CA ASN A 145 12.49 -15.00 -2.99
C ASN A 145 13.25 -13.75 -3.07
N ALA A 146 12.47 -12.67 -3.13
CA ALA A 146 13.03 -11.33 -3.24
C ALA A 146 13.28 -10.76 -1.86
N VAL A 147 13.06 -11.57 -0.74
CA VAL A 147 13.17 -11.20 0.73
C VAL A 147 12.07 -10.34 1.08
N THR A 148 11.10 -10.88 1.82
CA THR A 148 9.92 -10.31 2.37
C THR A 148 9.03 -9.99 1.20
N ILE A 149 8.61 -11.04 0.51
CA ILE A 149 7.77 -10.87 -0.65
C ILE A 149 6.60 -11.84 -0.46
N SER A 150 5.33 -11.46 -0.83
CA SER A 150 4.12 -12.19 -0.72
C SER A 150 4.15 -13.59 -1.34
N SER A 151 3.30 -14.49 -0.75
CA SER A 151 3.16 -15.92 -1.00
C SER A 151 2.64 -16.18 -2.35
N GLY A 152 1.64 -15.31 -2.71
CA GLY A 152 1.09 -15.33 -4.06
C GLY A 152 2.05 -14.89 -5.12
N GLY A 153 2.86 -13.93 -4.68
CA GLY A 153 3.96 -13.33 -5.43
C GLY A 153 4.94 -14.50 -5.73
N LEU A 154 5.23 -15.42 -4.80
CA LEU A 154 6.14 -16.51 -4.86
C LEU A 154 5.72 -17.43 -5.91
N GLN A 155 4.42 -17.74 -5.93
CA GLN A 155 3.98 -18.60 -7.00
C GLN A 155 4.09 -18.02 -8.37
N ARG A 156 3.80 -16.68 -8.53
CA ARG A 156 4.08 -15.98 -9.82
C ARG A 156 5.50 -15.97 -10.21
N ALA A 157 6.40 -15.63 -9.26
CA ALA A 157 7.82 -15.52 -9.35
C ALA A 157 8.57 -16.81 -9.73
N ALA A 158 8.12 -17.94 -9.14
CA ALA A 158 8.56 -19.25 -9.48
C ALA A 158 8.25 -19.65 -10.89
N LEU A 159 7.11 -19.28 -11.54
CA LEU A 159 6.72 -19.78 -12.84
C LEU A 159 7.57 -19.42 -13.91
N THR A 160 8.06 -18.16 -13.80
CA THR A 160 9.03 -17.57 -14.68
C THR A 160 10.39 -18.27 -14.49
N LYS A 161 10.69 -18.64 -13.23
CA LYS A 161 11.98 -19.22 -12.92
C LYS A 161 12.26 -20.56 -13.63
N ALA A 162 11.18 -21.33 -13.78
CA ALA A 162 11.25 -22.57 -14.50
C ALA A 162 11.49 -22.34 -15.91
N PHE A 163 10.99 -21.25 -16.53
CA PHE A 163 11.25 -20.89 -17.96
C PHE A 163 12.75 -20.56 -18.19
N GLN A 164 13.38 -19.84 -17.20
CA GLN A 164 14.80 -19.63 -17.23
C GLN A 164 15.57 -20.89 -17.17
N GLU A 165 15.05 -21.89 -16.41
CA GLU A 165 15.69 -23.16 -16.28
C GLU A 165 15.74 -23.89 -17.54
N VAL A 166 14.75 -23.75 -18.50
CA VAL A 166 14.63 -24.52 -19.78
C VAL A 166 14.14 -25.84 -19.41
N GLU A 167 12.94 -25.81 -18.81
CA GLU A 167 12.18 -26.99 -18.55
C GLU A 167 10.77 -26.53 -18.89
N LYS A 168 9.98 -27.48 -19.48
CA LYS A 168 8.62 -27.05 -19.90
C LYS A 168 7.79 -26.83 -18.71
N HIS A 169 6.90 -25.82 -18.80
CA HIS A 169 5.96 -25.46 -17.81
C HIS A 169 4.74 -25.07 -18.57
N ASP A 170 3.69 -25.78 -18.16
CA ASP A 170 2.28 -25.51 -18.68
C ASP A 170 1.44 -25.21 -17.53
N LEU A 171 1.89 -25.63 -16.28
CA LEU A 171 0.95 -25.72 -15.20
C LEU A 171 1.60 -25.76 -13.84
N VAL A 172 0.86 -25.42 -12.77
CA VAL A 172 1.44 -25.34 -11.43
C VAL A 172 0.96 -26.48 -10.65
N VAL A 173 1.92 -27.27 -10.05
CA VAL A 173 1.58 -28.39 -9.22
C VAL A 173 1.79 -27.84 -7.81
N THR A 174 0.69 -27.51 -7.00
CA THR A 174 0.86 -26.91 -5.69
C THR A 174 0.04 -27.77 -4.81
N LYS A 175 0.22 -27.65 -3.49
CA LYS A 175 -0.54 -28.16 -2.32
C LYS A 175 -1.69 -27.19 -2.17
N ILE A 176 -2.88 -27.76 -1.75
CA ILE A 176 -4.14 -27.20 -1.56
C ILE A 176 -3.94 -26.06 -0.48
N VAL A 177 -3.26 -26.30 0.73
CA VAL A 177 -3.13 -25.32 1.78
C VAL A 177 -2.30 -24.20 1.30
N MET A 178 -1.19 -24.46 0.51
CA MET A 178 -0.25 -23.46 -0.02
C MET A 178 -0.98 -22.55 -1.01
N ASN A 179 -1.87 -23.08 -1.88
CA ASN A 179 -2.64 -22.35 -2.83
C ASN A 179 -3.63 -21.38 -2.15
N ALA A 180 -4.41 -21.79 -1.07
CA ALA A 180 -5.38 -21.04 -0.40
C ALA A 180 -4.62 -19.90 0.24
N SER A 181 -3.48 -20.28 0.89
CA SER A 181 -2.69 -19.32 1.65
C SER A 181 -2.01 -18.25 0.75
N ALA A 182 -1.62 -18.71 -0.47
CA ALA A 182 -1.09 -17.89 -1.48
C ALA A 182 -2.07 -16.87 -1.93
N PHE A 183 -3.36 -17.29 -2.12
CA PHE A 183 -4.51 -16.43 -2.50
C PHE A 183 -4.79 -15.39 -1.38
N ALA A 184 -4.76 -15.88 -0.15
CA ALA A 184 -4.99 -14.97 1.02
C ALA A 184 -3.92 -13.96 1.36
N ASP A 185 -2.73 -14.25 0.91
CA ASP A 185 -1.58 -13.43 1.30
C ASP A 185 -1.19 -12.71 0.10
N ILE A 186 -1.94 -11.61 -0.15
CA ILE A 186 -1.79 -10.75 -1.28
C ILE A 186 -1.78 -9.34 -0.80
N ARG A 187 -0.71 -8.59 -1.19
CA ARG A 187 -0.41 -7.22 -1.04
C ARG A 187 -1.23 -6.36 -0.07
N ALA A 188 -1.99 -5.37 -0.63
CA ALA A 188 -2.72 -4.35 0.14
C ALA A 188 -3.92 -4.04 -0.68
N TRP A 189 -4.13 -4.77 -1.80
CA TRP A 189 -5.19 -4.56 -2.76
C TRP A 189 -6.05 -5.80 -2.78
N GLY A 190 -7.36 -5.57 -3.03
CA GLY A 190 -8.41 -6.56 -3.20
C GLY A 190 -8.11 -7.43 -4.40
N GLN A 191 -7.68 -6.78 -5.47
CA GLN A 191 -7.19 -7.41 -6.68
C GLN A 191 -5.98 -8.24 -6.35
N ASN A 192 -5.83 -9.44 -6.86
CA ASN A 192 -4.72 -10.34 -6.71
C ASN A 192 -3.86 -10.13 -7.84
N GLU A 193 -2.60 -10.60 -7.66
CA GLU A 193 -1.46 -10.44 -8.46
C GLU A 193 -1.54 -11.30 -9.71
N PHE A 194 -2.20 -12.50 -9.68
CA PHE A 194 -2.42 -13.36 -10.77
C PHE A 194 -3.41 -12.78 -11.75
N ASP A 195 -4.37 -11.94 -11.25
CA ASP A 195 -5.38 -11.34 -12.10
C ASP A 195 -6.45 -10.93 -11.21
N PRO A 196 -7.30 -9.93 -11.42
CA PRO A 196 -8.31 -9.55 -10.45
C PRO A 196 -9.33 -10.52 -9.98
N VAL A 197 -10.16 -10.19 -8.92
CA VAL A 197 -11.00 -11.10 -8.24
C VAL A 197 -12.40 -11.00 -8.85
N THR A 198 -12.54 -10.37 -9.99
CA THR A 198 -13.71 -10.27 -10.77
C THR A 198 -13.58 -11.03 -12.02
N GLN A 199 -12.63 -11.90 -12.10
CA GLN A 199 -12.24 -12.80 -13.15
C GLN A 199 -12.30 -14.02 -12.34
N HIS A 200 -12.51 -15.30 -12.92
CA HIS A 200 -12.39 -16.55 -12.22
C HIS A 200 -10.95 -16.91 -12.18
N GLU A 201 -10.49 -17.17 -10.98
CA GLU A 201 -9.11 -17.37 -10.67
C GLU A 201 -9.03 -18.36 -9.61
N VAL A 202 -10.14 -19.05 -9.26
CA VAL A 202 -10.19 -20.06 -8.23
C VAL A 202 -9.38 -21.24 -8.67
N LEU A 203 -9.37 -21.55 -9.98
CA LEU A 203 -8.81 -22.77 -10.54
C LEU A 203 -7.67 -22.51 -11.45
N GLN A 204 -7.17 -21.23 -11.57
CA GLN A 204 -6.03 -20.79 -12.33
C GLN A 204 -5.25 -19.75 -11.69
N THR A 205 -3.94 -19.99 -11.79
CA THR A 205 -3.01 -19.08 -11.23
C THR A 205 -1.91 -18.79 -12.25
N GLY A 206 -1.52 -17.49 -12.32
CA GLY A 206 -0.46 -16.93 -13.12
C GLY A 206 -0.80 -16.94 -14.64
N LEU A 207 -2.05 -17.34 -14.92
CA LEU A 207 -2.64 -17.56 -16.22
C LEU A 207 -2.27 -18.96 -16.75
N PHE A 208 -1.88 -19.89 -15.89
CA PHE A 208 -1.54 -21.25 -16.17
C PHE A 208 -2.46 -22.06 -15.31
N GLY A 209 -2.72 -23.34 -15.67
CA GLY A 209 -3.67 -24.21 -15.01
C GLY A 209 -3.14 -24.59 -13.66
N HIS A 210 -4.05 -25.05 -12.76
CA HIS A 210 -3.72 -25.44 -11.44
C HIS A 210 -4.06 -26.91 -11.35
N ILE A 211 -3.17 -27.74 -10.89
CA ILE A 211 -3.27 -29.10 -10.64
C ILE A 211 -3.07 -29.21 -9.17
N TRP A 212 -4.05 -29.82 -8.46
CA TRP A 212 -4.00 -29.98 -6.99
C TRP A 212 -3.67 -31.36 -6.80
N THR A 213 -2.51 -31.61 -6.16
CA THR A 213 -2.17 -32.91 -5.71
C THR A 213 -1.88 -32.72 -4.26
N ALA A 214 -2.32 -33.70 -3.50
CA ALA A 214 -2.19 -33.69 -2.07
C ALA A 214 -0.95 -34.47 -1.85
N ASP A 215 -0.21 -34.03 -0.84
CA ASP A 215 1.00 -34.50 -0.29
C ASP A 215 2.17 -33.93 -0.94
N ILE A 216 1.99 -32.70 -1.49
CA ILE A 216 3.06 -31.82 -2.08
C ILE A 216 3.45 -30.91 -1.01
N LEU A 217 2.64 -30.84 0.06
CA LEU A 217 2.96 -30.27 1.35
C LEU A 217 2.97 -28.76 1.25
N ILE A 218 2.80 -28.15 2.42
CA ILE A 218 2.55 -26.77 2.80
C ILE A 218 3.83 -26.07 2.57
N SER A 219 3.82 -24.82 2.06
CA SER A 219 4.88 -23.92 1.84
C SER A 219 5.74 -24.41 0.69
N LYS A 220 5.26 -25.27 -0.22
CA LYS A 220 5.99 -25.78 -1.36
C LYS A 220 5.15 -25.66 -2.61
N LYS A 221 5.79 -25.21 -3.68
CA LYS A 221 5.19 -25.03 -4.95
C LYS A 221 6.21 -25.72 -5.89
N VAL A 222 5.71 -26.42 -6.96
CA VAL A 222 6.55 -27.23 -7.85
C VAL A 222 6.01 -26.84 -9.21
N PRO A 223 6.72 -26.17 -10.09
CA PRO A 223 6.34 -25.99 -11.43
C PRO A 223 6.88 -27.10 -12.27
N GLN A 224 6.19 -27.48 -13.41
CA GLN A 224 6.50 -28.59 -14.25
C GLN A 224 5.39 -28.55 -15.21
N ASN A 225 5.61 -29.49 -16.18
CA ASN A 225 4.56 -29.96 -17.01
C ASN A 225 4.58 -31.43 -16.76
N THR A 226 3.43 -31.93 -16.31
CA THR A 226 3.24 -33.21 -15.67
C THR A 226 3.67 -34.45 -16.54
N VAL A 227 3.34 -34.37 -17.83
CA VAL A 227 3.48 -35.31 -18.95
C VAL A 227 4.94 -35.51 -19.08
N TYR A 228 5.73 -34.37 -19.05
CA TYR A 228 7.20 -34.38 -19.27
C TYR A 228 7.93 -34.95 -18.17
N VAL A 229 7.62 -34.52 -16.88
CA VAL A 229 8.48 -34.95 -15.79
C VAL A 229 8.45 -36.44 -15.64
N LEU A 230 7.26 -37.08 -15.50
CA LEU A 230 6.98 -38.48 -15.25
C LEU A 230 6.07 -38.96 -16.30
N ALA A 231 5.95 -40.35 -16.28
CA ALA A 231 5.08 -41.01 -17.18
C ALA A 231 4.56 -42.14 -16.36
N ASP A 232 3.31 -42.61 -16.68
CA ASP A 232 2.65 -43.54 -15.88
C ASP A 232 2.56 -44.84 -16.66
N PRO A 233 3.43 -45.84 -16.32
CA PRO A 233 3.24 -47.20 -16.73
C PRO A 233 2.26 -47.93 -15.90
N GLU A 234 1.32 -48.75 -16.45
CA GLU A 234 0.22 -49.37 -15.74
C GLU A 234 0.40 -50.89 -15.91
N PHE A 235 0.65 -51.68 -14.86
CA PHE A 235 0.78 -53.07 -15.01
C PHE A 235 -0.50 -53.78 -15.27
N VAL A 236 -1.51 -53.36 -14.44
CA VAL A 236 -2.90 -53.71 -14.68
C VAL A 236 -3.64 -52.45 -14.32
N GLY A 237 -4.71 -52.10 -15.05
CA GLY A 237 -5.58 -50.97 -14.88
C GLY A 237 -6.57 -51.24 -13.77
N VAL A 238 -7.26 -50.17 -13.34
CA VAL A 238 -8.30 -50.11 -12.34
C VAL A 238 -9.43 -50.92 -12.71
N MET A 239 -9.80 -51.83 -11.78
CA MET A 239 -10.88 -52.80 -11.97
C MET A 239 -11.57 -53.02 -10.67
N PRO A 240 -12.88 -53.11 -10.65
CA PRO A 240 -13.61 -53.53 -9.46
C PRO A 240 -13.77 -55.02 -9.45
N ILE A 241 -13.91 -55.65 -8.26
CA ILE A 241 -14.19 -57.08 -8.15
C ILE A 241 -15.22 -57.01 -6.96
N ARG A 242 -16.12 -58.01 -6.96
CA ARG A 242 -17.08 -58.02 -5.94
C ARG A 242 -17.25 -59.47 -5.65
N GLN A 243 -17.25 -59.74 -4.28
CA GLN A 243 -17.12 -61.06 -3.73
C GLN A 243 -18.09 -61.33 -2.65
N ASP A 244 -18.87 -62.38 -2.93
CA ASP A 244 -19.82 -62.99 -2.00
C ASP A 244 -19.36 -64.43 -1.77
N ILE A 245 -18.07 -64.70 -2.15
CA ILE A 245 -17.49 -66.05 -2.10
C ILE A 245 -16.34 -65.87 -1.15
N GLN A 246 -16.10 -64.68 -0.61
CA GLN A 246 -15.17 -64.43 0.46
C GLN A 246 -15.85 -64.91 1.70
N VAL A 247 -14.97 -65.37 2.60
CA VAL A 247 -15.36 -66.13 3.82
C VAL A 247 -16.32 -65.38 4.75
N ILE A 248 -15.87 -64.19 5.21
CA ILE A 248 -16.66 -63.42 6.20
C ILE A 248 -17.91 -62.76 5.49
N PRO A 249 -17.90 -62.29 4.18
CA PRO A 249 -19.09 -61.69 3.48
C PRO A 249 -20.17 -62.73 3.11
N ALA A 250 -19.80 -63.99 2.87
CA ALA A 250 -20.71 -65.04 2.49
C ALA A 250 -21.79 -65.42 3.49
N ASP A 251 -21.32 -65.57 4.72
CA ASP A 251 -22.01 -66.00 5.90
C ASP A 251 -23.17 -65.08 6.18
N LYS A 252 -22.81 -63.80 5.99
CA LYS A 252 -23.71 -62.68 6.14
C LYS A 252 -24.39 -62.45 4.79
N PRO A 253 -25.39 -61.47 4.73
CA PRO A 253 -25.95 -61.00 3.47
C PRO A 253 -24.92 -60.11 2.74
N GLU A 254 -23.87 -59.70 3.42
CA GLU A 254 -22.98 -58.70 2.98
C GLU A 254 -22.11 -59.15 1.79
N GLU A 255 -21.79 -58.08 1.02
CA GLU A 255 -21.08 -58.20 -0.21
C GLU A 255 -19.88 -57.27 0.01
N LEU A 256 -18.70 -57.66 -0.56
CA LEU A 256 -17.53 -56.93 -0.38
C LEU A 256 -17.22 -56.47 -1.74
N ARG A 257 -16.90 -55.17 -1.71
CA ARG A 257 -16.51 -54.45 -2.92
C ARG A 257 -15.04 -54.17 -2.76
N LEU A 258 -14.17 -54.63 -3.70
CA LEU A 258 -12.81 -54.26 -3.80
C LEU A 258 -12.74 -53.35 -5.04
N GLY A 259 -11.85 -52.32 -4.84
CA GLY A 259 -11.36 -51.48 -5.89
C GLY A 259 -9.92 -51.35 -5.80
N TRP A 260 -9.27 -51.86 -6.93
CA TRP A 260 -7.82 -51.79 -6.93
C TRP A 260 -7.19 -51.63 -8.32
N VAL A 261 -5.91 -51.18 -8.32
CA VAL A 261 -5.06 -51.08 -9.46
C VAL A 261 -3.71 -51.34 -8.99
N ILE A 262 -2.88 -51.81 -9.97
CA ILE A 262 -1.52 -52.19 -9.63
C ILE A 262 -0.82 -51.30 -10.64
N TYR A 263 0.13 -50.50 -10.07
CA TYR A 263 0.68 -49.42 -10.82
C TYR A 263 2.13 -49.51 -10.63
N GLU A 264 2.82 -48.63 -11.46
CA GLU A 264 4.27 -48.44 -11.49
C GLU A 264 4.48 -47.05 -11.99
N GLU A 265 5.73 -46.53 -11.93
CA GLU A 265 6.10 -45.13 -12.17
C GLU A 265 7.36 -45.12 -12.96
N LEU A 266 7.34 -44.20 -13.96
CA LEU A 266 8.50 -43.96 -14.71
C LEU A 266 8.86 -42.53 -14.48
N GLY A 267 10.20 -42.16 -14.42
CA GLY A 267 10.66 -40.81 -14.17
C GLY A 267 11.51 -40.51 -15.40
N LEU A 268 11.02 -39.58 -16.34
CA LEU A 268 11.65 -39.14 -17.59
C LEU A 268 12.51 -37.92 -17.36
N ALA A 269 12.61 -37.32 -16.07
CA ALA A 269 13.36 -36.19 -15.79
C ALA A 269 13.17 -35.98 -14.31
N VAL A 270 13.87 -36.84 -13.55
CA VAL A 270 13.73 -36.88 -12.07
C VAL A 270 14.96 -36.21 -11.57
N VAL A 271 15.89 -35.86 -12.44
CA VAL A 271 17.07 -35.21 -12.29
C VAL A 271 16.87 -33.74 -12.50
N ASN A 272 15.59 -33.35 -12.80
CA ASN A 272 15.19 -31.96 -12.94
C ASN A 272 13.65 -31.92 -12.65
N SER A 273 13.06 -30.73 -12.49
CA SER A 273 11.70 -30.40 -12.17
C SER A 273 12.08 -29.55 -10.95
N LEU A 274 11.80 -28.24 -10.97
CA LEU A 274 12.16 -27.15 -10.07
C LEU A 274 11.04 -27.09 -9.06
N ALA A 275 11.47 -26.78 -7.86
CA ALA A 275 10.66 -26.62 -6.72
C ALA A 275 11.18 -25.60 -5.83
N ILE A 276 10.28 -24.92 -5.09
CA ILE A 276 10.68 -23.94 -4.11
C ILE A 276 9.83 -23.99 -2.85
N ALA A 277 10.52 -23.58 -1.74
CA ALA A 277 9.99 -23.41 -0.40
C ALA A 277 10.17 -21.95 -0.05
N LYS A 278 9.01 -21.34 0.34
CA LYS A 278 9.04 -19.94 0.73
C LYS A 278 9.87 -19.76 2.04
N ILE A 279 10.69 -18.65 2.01
CA ILE A 279 11.51 -18.29 3.09
C ILE A 279 11.11 -17.00 3.65
N SER A 280 10.02 -16.48 2.98
CA SER A 280 9.31 -15.24 3.24
C SER A 280 8.19 -15.49 4.29
N MET B 1 -50.91 10.35 19.25
CA MET B 1 -50.21 11.26 18.31
C MET B 1 -49.04 10.49 17.94
N SER B 2 -48.06 11.22 17.51
CA SER B 2 -46.84 10.74 16.93
C SER B 2 -45.83 11.91 16.97
N GLN B 3 -46.33 13.13 17.25
CA GLN B 3 -45.43 14.23 17.40
C GLN B 3 -46.45 15.27 17.80
N LEU B 4 -45.98 16.37 18.41
CA LEU B 4 -46.72 17.54 18.95
C LEU B 4 -48.12 17.76 18.23
N SER B 5 -49.20 18.04 18.98
CA SER B 5 -50.52 18.25 18.43
C SER B 5 -50.60 19.80 18.26
N ASN B 6 -50.91 20.23 16.99
CA ASN B 6 -50.89 21.60 16.75
C ASN B 6 -52.26 22.28 16.80
N GLN B 7 -53.31 21.42 16.43
CA GLN B 7 -54.64 21.97 16.29
C GLN B 7 -55.69 20.98 16.67
N GLU B 8 -55.36 19.67 16.61
CA GLU B 8 -56.33 18.66 16.92
C GLU B 8 -56.52 18.67 18.39
N LYS B 9 -57.78 18.74 18.82
CA LYS B 9 -58.12 18.81 20.19
C LYS B 9 -59.24 17.83 20.35
N GLU B 10 -59.41 16.87 19.39
CA GLU B 10 -60.26 15.71 19.41
C GLU B 10 -59.27 14.60 19.49
N TYR B 11 -59.48 13.61 20.41
CA TYR B 11 -58.60 12.44 20.67
C TYR B 11 -59.26 11.11 20.49
N LEU B 12 -60.53 11.22 20.03
CA LEU B 12 -61.50 10.19 19.87
C LEU B 12 -61.42 9.79 18.38
N ILE B 13 -61.67 10.71 17.46
CA ILE B 13 -61.78 10.63 16.04
C ILE B 13 -62.78 9.57 15.62
N SER B 14 -64.04 9.60 16.19
CA SER B 14 -65.12 8.70 16.03
C SER B 14 -64.90 7.24 16.21
N LYS B 15 -64.23 6.69 17.25
CA LYS B 15 -63.84 5.32 17.50
C LYS B 15 -62.95 4.80 16.41
N ALA B 16 -62.00 5.65 15.91
CA ALA B 16 -61.01 5.40 14.84
C ALA B 16 -61.70 5.74 13.51
N LEU B 17 -60.94 6.39 12.54
CA LEU B 17 -61.48 6.92 11.29
C LEU B 17 -60.30 7.43 10.56
N GLU B 18 -60.01 6.86 9.33
CA GLU B 18 -58.80 7.13 8.69
C GLU B 18 -59.17 7.06 7.22
N THR B 19 -58.38 7.67 6.29
CA THR B 19 -58.67 7.89 4.93
C THR B 19 -57.69 6.99 4.21
N GLU B 20 -57.99 6.58 2.98
CA GLU B 20 -57.30 5.75 2.08
C GLU B 20 -55.88 6.30 1.73
N GLU B 21 -54.82 5.69 2.31
CA GLU B 21 -53.45 6.13 2.02
C GLU B 21 -52.56 5.00 2.50
N GLY B 22 -51.24 4.98 2.07
CA GLY B 22 -50.27 3.94 2.34
C GLY B 22 -50.07 3.68 3.86
N ARG B 23 -49.97 2.37 4.27
CA ARG B 23 -49.70 1.99 5.62
C ARG B 23 -48.38 1.33 5.51
N VAL B 24 -47.52 1.82 6.42
CA VAL B 24 -46.13 1.51 6.53
C VAL B 24 -46.07 0.02 6.87
N ALA B 25 -44.99 -0.62 6.32
CA ALA B 25 -44.84 -2.07 6.55
C ALA B 25 -43.36 -2.41 6.38
N LEU B 26 -42.81 -3.60 6.94
CA LEU B 26 -41.49 -4.06 6.83
C LEU B 26 -41.32 -4.93 5.58
N ALA B 27 -40.12 -4.82 4.92
CA ALA B 27 -39.67 -5.65 3.86
C ALA B 27 -38.32 -5.96 4.33
N GLN B 28 -37.91 -7.26 4.25
CA GLN B 28 -36.58 -7.70 4.64
C GLN B 28 -36.14 -8.57 3.50
N ALA B 29 -34.85 -8.77 3.40
CA ALA B 29 -34.23 -9.79 2.50
C ALA B 29 -34.37 -11.10 3.15
N MET B 30 -34.17 -12.23 2.40
CA MET B 30 -34.29 -13.57 2.82
C MET B 30 -33.07 -14.48 2.28
N ALA B 31 -32.82 -15.63 2.95
CA ALA B 31 -31.90 -16.70 2.70
C ALA B 31 -32.66 -17.96 2.22
N ASN B 32 -34.01 -17.83 2.01
CA ASN B 32 -35.02 -18.76 1.48
C ASN B 32 -35.02 -18.97 -0.03
N PRO B 33 -34.91 -17.95 -0.93
CA PRO B 33 -34.89 -18.19 -2.41
C PRO B 33 -33.46 -18.64 -2.84
N ILE B 34 -32.46 -18.46 -1.92
CA ILE B 34 -31.06 -18.92 -2.09
C ILE B 34 -31.04 -20.41 -2.18
N ARG B 35 -31.79 -21.02 -1.29
CA ARG B 35 -31.91 -22.48 -1.30
C ARG B 35 -32.98 -22.85 -2.28
N VAL B 36 -32.87 -23.97 -3.00
CA VAL B 36 -33.81 -24.39 -4.05
C VAL B 36 -35.04 -24.94 -3.43
N SER B 37 -36.15 -24.72 -4.16
CA SER B 37 -37.47 -25.10 -3.73
C SER B 37 -38.04 -26.00 -4.77
N LEU B 38 -38.68 -27.07 -4.33
CA LEU B 38 -39.45 -27.95 -5.17
C LEU B 38 -40.57 -28.53 -4.34
N ASP B 39 -41.69 -28.92 -4.91
CA ASP B 39 -42.88 -29.40 -4.33
C ASP B 39 -42.74 -30.88 -4.11
N TYR B 40 -43.54 -31.33 -3.18
CA TYR B 40 -43.62 -32.71 -2.87
C TYR B 40 -44.98 -33.07 -2.45
N GLN B 41 -45.51 -34.17 -2.86
CA GLN B 41 -46.72 -34.74 -2.34
C GLN B 41 -46.26 -36.02 -1.73
N GLY B 42 -46.48 -36.18 -0.43
CA GLY B 42 -46.28 -37.37 0.36
C GLY B 42 -46.55 -36.94 1.78
N VAL B 43 -46.39 -37.86 2.71
CA VAL B 43 -46.57 -37.69 4.14
C VAL B 43 -45.23 -37.46 4.85
N GLY B 44 -44.06 -37.87 4.24
CA GLY B 44 -42.79 -37.51 4.89
C GLY B 44 -41.81 -37.70 3.80
N ARG B 45 -40.62 -37.12 4.06
CA ARG B 45 -39.47 -37.14 3.24
C ARG B 45 -38.38 -37.76 4.00
N LYS B 46 -37.53 -38.56 3.32
CA LYS B 46 -36.45 -39.27 3.98
C LYS B 46 -35.22 -38.79 3.28
N LEU B 47 -34.11 -38.50 4.01
CA LEU B 47 -32.86 -38.05 3.53
C LEU B 47 -31.91 -38.98 4.13
N LEU B 48 -30.69 -38.94 3.45
CA LEU B 48 -29.43 -39.54 3.91
C LEU B 48 -28.53 -38.40 4.15
N VAL B 49 -27.78 -38.50 5.28
CA VAL B 49 -26.79 -37.51 5.71
C VAL B 49 -25.58 -38.37 5.95
N VAL B 50 -24.42 -37.80 5.65
CA VAL B 50 -23.16 -38.50 5.67
C VAL B 50 -22.71 -38.47 7.06
N ASP B 51 -22.24 -39.60 7.59
CA ASP B 51 -21.71 -39.74 8.92
C ASP B 51 -20.18 -39.58 8.71
N PRO B 52 -19.22 -39.94 9.64
CA PRO B 52 -17.81 -39.95 9.42
C PRO B 52 -17.45 -40.97 8.30
N LEU B 53 -16.58 -40.62 7.28
CA LEU B 53 -16.15 -41.54 6.22
C LEU B 53 -14.71 -41.94 6.39
N PRO B 54 -14.24 -43.18 6.65
CA PRO B 54 -12.87 -43.58 6.92
C PRO B 54 -12.13 -43.75 5.65
N GLN B 55 -11.13 -42.86 5.44
CA GLN B 55 -10.15 -42.90 4.34
C GLN B 55 -9.07 -43.77 4.80
N GLY B 56 -9.06 -44.06 6.11
CA GLY B 56 -8.16 -45.00 6.75
C GLY B 56 -6.73 -44.67 6.49
N ALA B 57 -5.88 -45.67 6.58
CA ALA B 57 -4.46 -45.43 6.40
C ALA B 57 -4.11 -45.77 4.98
N LEU B 58 -3.50 -44.75 4.25
CA LEU B 58 -3.09 -44.73 2.89
C LEU B 58 -2.25 -45.97 2.53
N PRO B 59 -2.28 -46.56 1.35
CA PRO B 59 -1.44 -47.69 0.85
C PRO B 59 0.00 -47.58 1.24
N VAL B 60 0.52 -48.71 1.76
CA VAL B 60 1.83 -49.01 2.24
C VAL B 60 2.11 -50.47 2.22
N TYR B 61 1.04 -51.19 2.08
CA TYR B 61 1.03 -52.65 1.96
C TYR B 61 -0.18 -53.19 1.10
N ASP B 62 -0.19 -54.54 0.79
CA ASP B 62 -1.23 -55.15 0.01
C ASP B 62 -1.63 -56.34 0.84
N LYS B 63 -2.89 -56.41 1.30
CA LYS B 63 -3.45 -57.49 2.05
C LYS B 63 -2.69 -57.78 3.34
N ASP B 64 -2.40 -56.67 4.11
CA ASP B 64 -1.93 -56.62 5.50
C ASP B 64 -2.88 -55.55 5.99
N VAL B 65 -2.64 -54.29 5.71
CA VAL B 65 -3.55 -53.13 6.07
C VAL B 65 -3.77 -52.52 4.73
N ASP B 66 -5.11 -52.25 4.43
CA ASP B 66 -5.61 -51.71 3.22
C ASP B 66 -6.39 -50.44 3.66
N ALA B 67 -6.47 -49.47 2.71
CA ALA B 67 -7.11 -48.15 2.97
C ALA B 67 -8.49 -48.38 2.57
N LYS B 68 -9.46 -47.51 3.06
CA LYS B 68 -10.89 -47.72 2.92
C LYS B 68 -11.42 -46.57 2.15
N ALA B 69 -12.34 -46.84 1.17
CA ALA B 69 -12.90 -45.73 0.31
C ALA B 69 -14.31 -45.37 0.85
N PHE B 70 -14.79 -46.32 1.68
CA PHE B 70 -16.03 -46.45 2.36
C PHE B 70 -16.44 -45.13 2.93
N VAL B 71 -17.63 -44.78 2.57
CA VAL B 71 -18.33 -43.66 2.97
C VAL B 71 -19.64 -44.18 3.61
N ILE B 72 -20.17 -43.59 4.71
CA ILE B 72 -21.31 -44.11 5.43
C ILE B 72 -22.37 -43.03 5.48
N SER B 73 -23.65 -43.36 5.38
CA SER B 73 -24.73 -42.40 5.52
C SER B 73 -25.76 -43.15 6.37
N LYS B 74 -26.67 -42.45 7.06
CA LYS B 74 -27.74 -42.92 7.94
C LYS B 74 -28.95 -42.26 7.40
N ARG B 75 -30.19 -42.82 7.60
CA ARG B 75 -31.35 -42.19 7.14
C ARG B 75 -31.97 -41.57 8.41
N GLY B 76 -32.56 -40.37 8.19
CA GLY B 76 -33.26 -39.57 9.06
C GLY B 76 -34.53 -39.34 8.29
N GLN B 77 -35.60 -39.05 9.13
CA GLN B 77 -37.01 -38.90 8.72
C GLN B 77 -37.33 -37.53 9.07
N VAL B 78 -38.06 -36.90 8.12
CA VAL B 78 -38.59 -35.54 8.21
C VAL B 78 -40.16 -35.50 8.17
N PRO B 79 -40.80 -34.97 9.20
CA PRO B 79 -42.25 -34.83 9.13
C PRO B 79 -42.57 -33.58 8.32
N ASP B 80 -43.79 -33.50 7.75
CA ASP B 80 -44.39 -32.26 7.16
C ASP B 80 -44.37 -31.15 8.18
N GLN B 81 -44.18 -29.86 7.88
CA GLN B 81 -44.04 -28.90 9.01
C GLN B 81 -44.96 -27.81 8.63
N VAL B 82 -45.35 -27.01 9.59
CA VAL B 82 -46.28 -25.97 9.40
C VAL B 82 -45.57 -24.76 9.81
N ILE B 83 -45.68 -23.64 9.00
CA ILE B 83 -45.34 -22.34 9.38
C ILE B 83 -46.64 -21.59 9.21
N GLU B 84 -47.01 -20.76 10.22
CA GLU B 84 -48.34 -20.20 10.21
C GLU B 84 -48.22 -19.04 11.18
N GLY B 85 -49.21 -18.11 11.04
CA GLY B 85 -49.37 -17.00 11.92
C GLY B 85 -50.76 -16.63 11.70
N ASP B 86 -51.38 -16.06 12.74
CA ASP B 86 -52.73 -15.68 12.58
C ASP B 86 -52.68 -14.24 12.97
N ARG B 87 -53.59 -13.44 12.39
CA ARG B 87 -53.81 -12.09 12.73
C ARG B 87 -55.26 -11.99 12.98
N ILE B 88 -55.68 -11.29 14.09
CA ILE B 88 -57.02 -11.08 14.48
C ILE B 88 -57.38 -9.66 14.24
N GLN B 89 -58.54 -9.35 13.59
CA GLN B 89 -58.92 -8.05 13.13
C GLN B 89 -60.38 -7.96 13.47
N VAL B 90 -60.91 -6.72 13.64
CA VAL B 90 -62.25 -6.38 13.94
C VAL B 90 -62.82 -5.71 12.68
N PRO B 91 -64.00 -6.04 12.06
CA PRO B 91 -64.43 -5.42 10.82
C PRO B 91 -64.67 -3.92 10.84
N THR B 92 -65.17 -3.30 11.94
CA THR B 92 -65.52 -1.92 11.98
C THR B 92 -64.33 -1.03 11.77
N PHE B 93 -63.14 -1.24 12.49
CA PHE B 93 -62.06 -0.37 12.30
C PHE B 93 -61.55 -0.34 10.84
N GLU B 94 -61.47 -1.54 10.31
CA GLU B 94 -61.02 -2.02 8.98
C GLU B 94 -61.82 -1.43 7.84
N ILE B 95 -63.17 -1.43 8.05
CA ILE B 95 -64.09 -0.91 7.10
C ILE B 95 -63.97 0.55 7.02
N VAL B 96 -63.94 1.28 8.13
CA VAL B 96 -63.90 2.75 8.05
C VAL B 96 -62.49 3.24 7.52
N SER B 97 -61.36 2.64 7.97
CA SER B 97 -59.96 3.13 7.67
C SER B 97 -59.75 2.87 6.20
N TYR B 98 -60.18 1.72 5.74
CA TYR B 98 -60.30 1.31 4.35
C TYR B 98 -59.12 0.50 3.78
N PRO B 99 -57.81 0.82 3.66
CA PRO B 99 -56.77 -0.12 3.17
C PRO B 99 -56.35 -1.22 4.11
N GLN B 100 -56.88 -1.26 5.34
CA GLN B 100 -56.34 -2.14 6.46
C GLN B 100 -56.39 -3.58 6.10
N VAL B 101 -57.46 -4.00 5.40
CA VAL B 101 -57.64 -5.36 5.06
C VAL B 101 -56.54 -5.90 4.13
N ARG B 102 -56.30 -5.15 3.09
CA ARG B 102 -55.36 -5.45 2.07
C ARG B 102 -53.98 -5.43 2.68
N PHE B 103 -53.70 -4.46 3.56
CA PHE B 103 -52.44 -4.25 4.24
C PHE B 103 -52.06 -5.41 5.12
N SER B 104 -53.09 -5.90 5.83
CA SER B 104 -53.02 -7.01 6.70
C SER B 104 -52.70 -8.33 6.08
N GLN B 105 -53.27 -8.66 4.87
CA GLN B 105 -52.87 -9.94 4.14
C GLN B 105 -51.42 -9.96 3.65
N VAL B 106 -50.96 -8.87 2.99
CA VAL B 106 -49.61 -8.70 2.49
C VAL B 106 -48.53 -8.63 3.63
N LYS B 107 -48.80 -7.90 4.69
CA LYS B 107 -47.95 -7.63 5.84
C LYS B 107 -47.86 -8.97 6.53
N GLU B 108 -48.99 -9.74 6.71
CA GLU B 108 -48.92 -11.05 7.30
C GLU B 108 -48.17 -12.08 6.54
N ARG B 109 -48.41 -12.09 5.15
CA ARG B 109 -47.70 -13.03 4.31
C ARG B 109 -46.22 -12.85 4.33
N ARG B 110 -45.76 -11.60 4.27
CA ARG B 110 -44.41 -11.21 4.33
C ARG B 110 -43.80 -11.51 5.67
N PHE B 111 -44.54 -11.19 6.75
CA PHE B 111 -44.00 -11.33 8.05
C PHE B 111 -43.47 -12.77 8.43
N ASN B 112 -44.31 -13.77 8.09
CA ASN B 112 -44.04 -15.18 8.37
C ASN B 112 -42.89 -15.69 7.54
N VAL B 113 -42.88 -15.40 6.18
CA VAL B 113 -41.84 -15.92 5.33
C VAL B 113 -40.52 -15.35 5.72
N ILE B 114 -40.54 -14.02 6.14
CA ILE B 114 -39.38 -13.29 6.63
C ILE B 114 -38.90 -13.90 7.86
N ASP B 115 -39.74 -14.23 8.91
CA ASP B 115 -39.27 -14.78 10.13
C ASP B 115 -38.66 -16.19 9.98
N ARG B 116 -39.25 -16.99 9.11
CA ARG B 116 -38.74 -18.33 8.80
C ARG B 116 -37.33 -18.27 8.28
N ALA B 117 -37.09 -17.41 7.28
CA ALA B 117 -35.88 -17.26 6.50
C ALA B 117 -34.72 -16.89 7.48
N GLN B 118 -35.00 -15.99 8.42
CA GLN B 118 -34.12 -15.51 9.49
C GLN B 118 -33.64 -16.58 10.42
N GLN B 119 -34.53 -17.43 10.94
CA GLN B 119 -34.25 -18.56 11.75
C GLN B 119 -33.50 -19.69 11.08
N ARG B 120 -33.93 -20.03 9.85
CA ARG B 120 -33.37 -21.03 8.96
C ARG B 120 -32.01 -20.94 8.51
N ALA B 121 -31.50 -19.70 8.23
CA ALA B 121 -30.13 -19.65 7.95
C ALA B 121 -29.17 -19.93 9.09
N LYS B 122 -29.21 -19.17 10.23
CA LYS B 122 -28.22 -19.21 11.29
C LYS B 122 -28.65 -20.26 12.20
N ALA B 123 -27.72 -20.58 13.09
CA ALA B 123 -27.73 -21.41 14.27
C ALA B 123 -28.26 -22.81 14.18
N ASP B 124 -27.69 -23.70 15.11
CA ASP B 124 -27.96 -25.13 15.38
C ASP B 124 -29.45 -25.44 15.55
N ILE B 125 -29.87 -26.62 15.09
CA ILE B 125 -31.28 -27.08 15.04
C ILE B 125 -32.03 -27.14 16.38
N MET B 126 -33.36 -27.18 16.39
CA MET B 126 -34.17 -27.43 17.56
C MET B 126 -34.68 -28.81 17.47
N ALA B 127 -35.67 -29.23 18.35
CA ALA B 127 -36.17 -30.61 18.51
C ALA B 127 -37.50 -30.70 17.80
N VAL B 128 -37.95 -29.65 16.98
CA VAL B 128 -39.21 -29.65 16.26
C VAL B 128 -38.93 -29.51 14.82
N GLU B 129 -37.60 -29.51 14.43
CA GLU B 129 -37.25 -29.00 13.08
C GLU B 129 -35.89 -29.67 12.79
N ASP B 130 -35.43 -29.83 11.49
CA ASP B 130 -34.14 -30.33 11.13
C ASP B 130 -33.83 -29.64 9.85
N ALA B 131 -32.50 -29.38 9.64
CA ALA B 131 -31.78 -28.71 8.58
C ALA B 131 -31.76 -27.17 8.71
N GLU B 132 -30.51 -26.69 9.07
CA GLU B 132 -30.34 -25.24 9.18
C GLU B 132 -28.99 -24.96 8.71
N ILE B 133 -28.79 -23.93 7.87
CA ILE B 133 -27.66 -23.83 6.97
C ILE B 133 -26.34 -23.97 7.83
N PHE B 134 -26.32 -23.23 8.99
CA PHE B 134 -25.27 -23.07 9.99
C PHE B 134 -24.80 -24.33 10.66
N SER B 135 -25.75 -25.27 10.99
CA SER B 135 -25.50 -26.60 11.46
C SER B 135 -24.76 -27.41 10.44
N LEU B 136 -25.28 -27.44 9.20
CA LEU B 136 -24.80 -28.33 8.10
C LEU B 136 -23.38 -28.17 7.72
N LEU B 137 -22.87 -26.94 7.75
CA LEU B 137 -21.57 -26.57 7.39
C LEU B 137 -20.38 -26.90 8.32
N GLU B 138 -19.13 -26.90 7.68
CA GLU B 138 -17.85 -27.10 8.32
C GLU B 138 -17.09 -25.81 8.43
N GLY B 139 -16.00 -25.69 9.25
CA GLY B 139 -15.18 -24.54 9.36
C GLY B 139 -14.27 -24.43 8.17
N ALA B 140 -13.03 -23.89 8.41
CA ALA B 140 -12.11 -23.67 7.31
C ALA B 140 -10.78 -23.72 7.99
N ALA B 141 -9.66 -24.19 7.35
CA ALA B 141 -8.31 -24.17 7.89
C ALA B 141 -7.76 -22.80 8.05
N THR B 142 -6.63 -22.68 8.89
CA THR B 142 -5.96 -21.46 9.35
C THR B 142 -5.46 -20.66 8.11
N ALA B 143 -5.17 -21.34 6.97
CA ALA B 143 -4.65 -20.77 5.77
C ALA B 143 -5.48 -19.68 5.17
N VAL B 144 -6.88 -19.78 5.20
CA VAL B 144 -7.84 -18.89 4.56
C VAL B 144 -7.65 -17.58 5.19
N ASN B 145 -7.44 -17.57 6.55
CA ASN B 145 -7.23 -16.39 7.36
C ASN B 145 -5.85 -15.80 6.97
N ALA B 146 -5.81 -14.47 6.96
CA ALA B 146 -4.61 -13.68 6.57
C ALA B 146 -4.38 -12.68 7.66
N VAL B 147 -3.28 -11.94 7.52
CA VAL B 147 -2.83 -10.85 8.39
C VAL B 147 -2.50 -9.70 7.53
N THR B 148 -2.88 -9.76 6.19
CA THR B 148 -2.80 -8.63 5.32
C THR B 148 -4.17 -8.47 4.69
N ILE B 149 -4.61 -7.23 4.61
CA ILE B 149 -5.86 -6.87 4.02
C ILE B 149 -5.88 -7.23 2.53
N SER B 150 -7.05 -7.81 2.11
CA SER B 150 -7.38 -8.21 0.76
C SER B 150 -8.62 -9.01 1.01
N SER B 151 -9.80 -8.28 0.99
CA SER B 151 -11.12 -8.88 1.22
C SER B 151 -11.41 -9.95 0.17
N GLY B 152 -11.00 -9.61 -1.09
CA GLY B 152 -11.27 -10.48 -2.25
C GLY B 152 -10.60 -11.83 -2.17
N GLY B 153 -9.31 -11.82 -1.67
CA GLY B 153 -8.39 -12.90 -1.44
C GLY B 153 -8.92 -13.92 -0.41
N LEU B 154 -9.55 -13.41 0.70
CA LEU B 154 -10.15 -14.31 1.71
C LEU B 154 -11.23 -15.11 1.22
N GLN B 155 -12.20 -14.45 0.48
CA GLN B 155 -13.33 -15.14 -0.11
C GLN B 155 -12.87 -16.12 -1.20
N ARG B 156 -11.84 -15.74 -2.01
CA ARG B 156 -11.23 -16.49 -3.06
C ARG B 156 -10.63 -17.75 -2.48
N ALA B 157 -9.91 -17.56 -1.41
CA ALA B 157 -9.15 -18.58 -0.69
C ALA B 157 -10.08 -19.66 -0.17
N ALA B 158 -11.26 -19.25 0.35
CA ALA B 158 -12.27 -20.06 0.86
C ALA B 158 -12.88 -21.04 -0.17
N LEU B 159 -13.01 -20.60 -1.40
CA LEU B 159 -13.55 -21.39 -2.47
C LEU B 159 -12.74 -22.70 -2.67
N THR B 160 -11.36 -22.65 -2.47
CA THR B 160 -10.46 -23.75 -2.75
C THR B 160 -10.54 -24.87 -1.70
N LYS B 161 -10.72 -24.63 -0.40
CA LYS B 161 -11.01 -25.55 0.59
C LYS B 161 -12.34 -26.27 0.34
N ALA B 162 -13.34 -25.44 -0.21
CA ALA B 162 -14.65 -25.87 -0.53
C ALA B 162 -14.66 -26.86 -1.73
N PHE B 163 -13.73 -26.78 -2.71
CA PHE B 163 -13.58 -27.53 -3.91
C PHE B 163 -13.27 -29.04 -3.63
N GLN B 164 -12.48 -29.26 -2.55
CA GLN B 164 -12.04 -30.58 -2.05
C GLN B 164 -13.23 -31.31 -1.68
N GLU B 165 -14.29 -30.60 -1.01
CA GLU B 165 -15.65 -31.16 -0.62
C GLU B 165 -16.52 -31.50 -1.83
N VAL B 166 -16.24 -30.84 -2.99
CA VAL B 166 -16.84 -30.95 -4.29
C VAL B 166 -18.06 -30.14 -4.42
N GLU B 167 -17.89 -28.82 -4.24
CA GLU B 167 -18.91 -27.79 -4.35
C GLU B 167 -18.77 -27.11 -5.64
N LYS B 168 -19.87 -26.94 -6.40
CA LYS B 168 -19.73 -26.44 -7.71
C LYS B 168 -19.98 -24.91 -7.68
N HIS B 169 -20.48 -24.40 -6.50
CA HIS B 169 -20.68 -23.05 -6.14
C HIS B 169 -21.83 -22.43 -6.90
N ASP B 170 -22.98 -22.23 -6.27
CA ASP B 170 -24.13 -21.54 -6.78
C ASP B 170 -24.07 -20.06 -6.52
N LEU B 171 -23.96 -19.69 -5.23
CA LEU B 171 -24.17 -18.37 -4.73
C LEU B 171 -23.40 -18.34 -3.45
N VAL B 172 -23.08 -17.12 -3.13
CA VAL B 172 -22.42 -16.74 -1.90
C VAL B 172 -23.49 -15.94 -1.05
N VAL B 173 -23.74 -16.34 0.25
CA VAL B 173 -24.67 -15.89 1.22
C VAL B 173 -23.87 -15.04 2.21
N THR B 174 -23.98 -13.70 2.13
CA THR B 174 -23.02 -12.76 2.66
C THR B 174 -23.71 -11.82 3.63
N LYS B 175 -22.91 -11.22 4.50
CA LYS B 175 -23.39 -10.43 5.53
C LYS B 175 -23.23 -8.92 5.21
N ILE B 176 -24.31 -8.15 5.50
CA ILE B 176 -24.45 -6.71 5.15
C ILE B 176 -23.36 -5.86 5.82
N VAL B 177 -23.08 -6.16 7.11
CA VAL B 177 -22.06 -5.42 7.83
C VAL B 177 -20.64 -5.66 7.22
N MET B 178 -20.29 -6.98 6.95
CA MET B 178 -18.98 -7.29 6.51
C MET B 178 -18.62 -6.71 5.18
N ASN B 179 -19.58 -6.73 4.28
CA ASN B 179 -19.50 -6.26 2.92
C ASN B 179 -19.28 -4.80 2.80
N ALA B 180 -20.03 -4.02 3.70
CA ALA B 180 -19.85 -2.62 3.92
C ALA B 180 -18.49 -2.28 4.42
N SER B 181 -18.02 -3.10 5.41
CA SER B 181 -16.70 -2.90 6.00
C SER B 181 -15.57 -3.08 5.08
N ALA B 182 -15.75 -4.03 4.13
CA ALA B 182 -14.83 -4.30 3.00
C ALA B 182 -14.72 -3.13 2.09
N PHE B 183 -15.86 -2.46 1.77
CA PHE B 183 -15.83 -1.16 1.09
C PHE B 183 -15.18 -0.03 1.71
N ALA B 184 -15.38 0.11 3.08
CA ALA B 184 -14.73 1.17 3.87
C ALA B 184 -13.18 1.11 3.79
N ASP B 185 -12.58 -0.12 3.45
CA ASP B 185 -11.12 -0.23 3.43
C ASP B 185 -10.76 0.18 2.01
N ILE B 186 -9.49 0.20 1.68
CA ILE B 186 -8.90 0.80 0.54
C ILE B 186 -7.97 -0.22 -0.05
N ARG B 187 -7.61 -0.04 -1.28
CA ARG B 187 -6.72 -0.99 -1.87
C ARG B 187 -5.30 -0.42 -1.95
N ALA B 188 -5.18 0.91 -1.58
CA ALA B 188 -3.89 1.61 -1.33
C ALA B 188 -2.99 1.84 -2.57
N TRP B 189 -3.57 2.30 -3.71
CA TRP B 189 -4.01 3.66 -3.78
C TRP B 189 -5.24 3.69 -4.68
N GLY B 190 -6.22 4.64 -4.56
CA GLY B 190 -7.56 4.49 -5.19
C GLY B 190 -8.29 3.19 -4.68
N GLN B 191 -9.54 3.03 -5.15
CA GLN B 191 -10.31 1.83 -4.99
C GLN B 191 -10.69 1.31 -3.59
N ASN B 192 -11.64 0.32 -3.63
CA ASN B 192 -12.30 -0.25 -2.56
C ASN B 192 -12.13 -1.71 -2.78
N GLU B 193 -12.04 -2.45 -1.68
CA GLU B 193 -11.79 -3.85 -1.60
C GLU B 193 -13.07 -4.60 -1.85
N PHE B 194 -12.88 -5.81 -2.40
CA PHE B 194 -13.95 -6.79 -2.73
C PHE B 194 -14.20 -6.56 -4.23
N ASP B 195 -14.76 -5.39 -4.64
CA ASP B 195 -15.06 -4.92 -5.98
C ASP B 195 -14.77 -3.49 -5.82
N PRO B 196 -14.42 -2.69 -6.82
CA PRO B 196 -13.97 -1.28 -6.69
C PRO B 196 -15.18 -0.30 -6.82
N VAL B 197 -14.92 1.02 -6.80
CA VAL B 197 -15.91 2.14 -6.84
C VAL B 197 -16.96 2.06 -7.89
N THR B 198 -16.54 1.80 -9.17
CA THR B 198 -17.48 2.01 -10.29
C THR B 198 -18.58 0.94 -10.30
N GLN B 199 -18.29 -0.27 -9.76
CA GLN B 199 -19.27 -1.36 -9.82
C GLN B 199 -19.74 -1.63 -8.45
N HIS B 200 -21.06 -1.51 -8.28
CA HIS B 200 -21.49 -1.87 -7.02
C HIS B 200 -22.93 -2.27 -7.26
N GLU B 201 -23.51 -2.26 -8.53
CA GLU B 201 -24.93 -2.62 -8.70
C GLU B 201 -25.05 -4.06 -8.83
N VAL B 202 -23.88 -4.64 -9.16
CA VAL B 202 -23.68 -6.09 -9.34
C VAL B 202 -22.31 -6.30 -8.68
N LEU B 203 -22.25 -7.32 -7.81
CA LEU B 203 -21.15 -7.77 -7.01
C LEU B 203 -21.07 -9.21 -7.29
N GLN B 204 -19.92 -9.61 -7.90
CA GLN B 204 -19.67 -10.95 -8.21
C GLN B 204 -18.18 -11.34 -8.09
N THR B 205 -18.00 -12.49 -7.40
CA THR B 205 -16.63 -12.99 -7.24
C THR B 205 -16.69 -14.42 -7.59
N GLY B 206 -15.64 -14.87 -8.32
CA GLY B 206 -15.55 -16.24 -8.82
C GLY B 206 -16.52 -16.56 -10.00
N LEU B 207 -17.07 -15.54 -10.52
CA LEU B 207 -18.07 -15.55 -11.58
C LEU B 207 -19.45 -15.89 -10.97
N PHE B 208 -19.59 -15.65 -9.62
CA PHE B 208 -20.71 -16.02 -8.86
C PHE B 208 -21.39 -14.92 -8.08
N GLY B 209 -22.73 -15.07 -7.96
CA GLY B 209 -23.65 -14.11 -7.42
C GLY B 209 -23.59 -14.00 -5.95
N HIS B 210 -24.11 -12.84 -5.44
CA HIS B 210 -24.19 -12.52 -4.02
C HIS B 210 -25.60 -12.33 -3.72
N ILE B 211 -26.15 -13.03 -2.64
CA ILE B 211 -27.46 -12.68 -2.17
C ILE B 211 -27.11 -12.20 -0.80
N TRP B 212 -27.50 -10.94 -0.49
CA TRP B 212 -27.12 -10.24 0.68
C TRP B 212 -28.32 -10.23 1.61
N THR B 213 -28.06 -10.93 2.84
CA THR B 213 -29.06 -11.08 3.88
C THR B 213 -28.40 -10.95 5.22
N ALA B 214 -29.11 -10.50 6.21
CA ALA B 214 -28.67 -10.26 7.58
C ALA B 214 -29.14 -11.40 8.52
N ASP B 215 -29.72 -12.48 7.85
CA ASP B 215 -30.29 -13.58 8.57
C ASP B 215 -29.26 -14.28 9.46
N ILE B 216 -28.10 -14.43 8.87
CA ILE B 216 -26.94 -15.02 9.42
C ILE B 216 -26.38 -14.05 10.35
N LEU B 217 -25.68 -14.56 11.40
CA LEU B 217 -25.01 -13.80 12.41
C LEU B 217 -23.92 -13.09 11.78
N ILE B 218 -23.56 -11.92 12.45
CA ILE B 218 -22.58 -10.98 12.01
C ILE B 218 -21.17 -11.57 11.98
N SER B 219 -20.40 -11.16 11.02
CA SER B 219 -19.01 -11.50 10.71
C SER B 219 -18.80 -12.85 10.00
N LYS B 220 -19.89 -13.37 9.35
CA LYS B 220 -19.83 -14.63 8.73
C LYS B 220 -20.28 -14.52 7.36
N LYS B 221 -19.60 -15.27 6.46
CA LYS B 221 -20.03 -15.34 5.12
C LYS B 221 -19.93 -16.74 4.84
N VAL B 222 -20.83 -17.20 3.88
CA VAL B 222 -20.99 -18.58 3.56
C VAL B 222 -21.00 -18.72 2.06
N PRO B 223 -19.95 -19.32 1.52
CA PRO B 223 -19.97 -19.77 0.09
C PRO B 223 -20.42 -21.21 0.12
N GLN B 224 -21.02 -21.68 -0.97
CA GLN B 224 -21.59 -23.02 -1.14
C GLN B 224 -22.27 -23.12 -2.50
N ASN B 225 -22.61 -24.39 -2.85
CA ASN B 225 -23.27 -24.85 -3.99
C ASN B 225 -24.62 -25.13 -3.50
N THR B 226 -25.42 -24.02 -3.20
CA THR B 226 -26.54 -23.98 -2.28
C THR B 226 -27.59 -24.99 -2.59
N VAL B 227 -27.86 -25.19 -3.94
CA VAL B 227 -28.79 -26.13 -4.59
C VAL B 227 -28.55 -27.60 -4.17
N TYR B 228 -27.33 -28.06 -4.02
CA TYR B 228 -27.06 -29.39 -3.52
C TYR B 228 -27.39 -29.46 -2.08
N VAL B 229 -26.88 -28.45 -1.32
CA VAL B 229 -26.72 -28.59 0.09
C VAL B 229 -28.02 -28.86 0.76
N LEU B 230 -29.09 -27.98 0.55
CA LEU B 230 -30.38 -28.13 1.16
C LEU B 230 -31.29 -28.14 -0.02
N ALA B 231 -32.57 -28.56 0.32
CA ALA B 231 -33.60 -28.50 -0.59
C ALA B 231 -34.78 -28.26 0.29
N ASP B 232 -35.74 -27.43 -0.23
CA ASP B 232 -36.86 -27.10 0.64
C ASP B 232 -37.96 -27.73 -0.10
N PRO B 233 -38.56 -28.90 0.41
CA PRO B 233 -39.77 -29.48 -0.16
C PRO B 233 -40.97 -28.67 0.36
N GLU B 234 -42.00 -28.35 -0.46
CA GLU B 234 -43.23 -27.70 -0.09
C GLU B 234 -44.29 -28.67 -0.40
N PHE B 235 -45.05 -29.13 0.69
CA PHE B 235 -46.26 -29.91 0.62
C PHE B 235 -47.49 -29.11 0.10
N VAL B 236 -47.70 -27.92 0.61
CA VAL B 236 -48.73 -26.94 0.11
C VAL B 236 -48.13 -25.60 0.07
N GLY B 237 -48.36 -24.82 -1.01
CA GLY B 237 -47.89 -23.49 -1.12
C GLY B 237 -48.59 -22.46 -0.30
N VAL B 238 -47.92 -21.23 -0.21
CA VAL B 238 -48.48 -20.13 0.47
C VAL B 238 -49.74 -19.51 -0.15
N MET B 239 -50.71 -19.32 0.75
CA MET B 239 -52.07 -18.80 0.61
C MET B 239 -52.55 -17.94 1.79
N PRO B 240 -53.33 -16.96 1.70
CA PRO B 240 -54.01 -16.39 2.83
C PRO B 240 -55.37 -17.16 2.82
N ILE B 241 -56.01 -17.36 4.00
CA ILE B 241 -57.25 -18.03 4.15
C ILE B 241 -57.91 -17.19 5.25
N ARG B 242 -59.26 -17.02 5.33
CA ARG B 242 -59.87 -16.24 6.33
C ARG B 242 -60.98 -17.11 6.69
N GLN B 243 -61.23 -17.21 8.01
CA GLN B 243 -62.36 -17.87 8.68
C GLN B 243 -62.91 -16.86 9.62
N ASP B 244 -64.25 -16.71 9.46
CA ASP B 244 -65.03 -15.74 10.23
C ASP B 244 -66.43 -16.35 10.52
N ILE B 245 -66.78 -17.47 9.80
CA ILE B 245 -68.09 -18.15 9.88
C ILE B 245 -67.89 -19.52 10.42
N GLN B 246 -66.63 -19.94 10.56
CA GLN B 246 -66.13 -21.05 11.40
C GLN B 246 -66.32 -20.73 12.89
N VAL B 247 -66.31 -21.74 13.78
CA VAL B 247 -66.84 -21.70 15.20
C VAL B 247 -66.25 -20.67 16.11
N ILE B 248 -64.91 -20.68 16.29
CA ILE B 248 -64.24 -19.72 17.21
C ILE B 248 -64.24 -18.35 16.61
N PRO B 249 -64.08 -18.11 15.31
CA PRO B 249 -64.11 -16.67 14.72
C PRO B 249 -65.44 -16.09 14.78
N ALA B 250 -66.46 -17.00 14.75
CA ALA B 250 -67.84 -16.62 14.83
C ALA B 250 -68.23 -16.00 16.15
N ASP B 251 -67.65 -16.58 17.25
CA ASP B 251 -67.94 -16.22 18.60
C ASP B 251 -67.55 -14.79 18.79
N LYS B 252 -66.42 -14.34 18.22
CA LYS B 252 -65.96 -13.00 18.41
C LYS B 252 -66.81 -12.02 17.55
N PRO B 253 -66.72 -10.73 17.91
CA PRO B 253 -67.19 -9.66 17.05
C PRO B 253 -66.19 -9.43 15.91
N GLU B 254 -65.44 -10.45 15.40
CA GLU B 254 -64.14 -10.26 14.68
C GLU B 254 -64.03 -11.28 13.51
N GLU B 255 -63.01 -11.06 12.66
CA GLU B 255 -62.65 -12.01 11.64
C GLU B 255 -61.17 -12.39 11.86
N LEU B 256 -60.86 -13.67 11.56
CA LEU B 256 -59.58 -14.24 11.76
C LEU B 256 -58.97 -14.39 10.40
N ARG B 257 -57.74 -14.00 10.24
CA ARG B 257 -56.96 -14.17 9.00
C ARG B 257 -55.92 -15.21 9.33
N LEU B 258 -55.84 -16.30 8.56
CA LEU B 258 -54.78 -17.25 8.70
C LEU B 258 -53.83 -17.09 7.51
N GLY B 259 -52.51 -17.29 7.75
CA GLY B 259 -51.46 -17.12 6.69
C GLY B 259 -50.65 -18.32 7.03
N TRP B 260 -50.47 -19.24 6.08
CA TRP B 260 -49.72 -20.45 6.36
C TRP B 260 -48.97 -20.88 5.07
N VAL B 261 -48.06 -21.86 5.17
CA VAL B 261 -47.38 -22.61 4.08
C VAL B 261 -47.14 -23.88 4.91
N ILE B 262 -47.01 -25.03 4.20
CA ILE B 262 -46.72 -26.28 4.79
C ILE B 262 -45.51 -26.61 4.01
N TYR B 263 -44.43 -26.78 4.85
CA TYR B 263 -43.01 -26.71 4.46
C TYR B 263 -42.26 -27.90 4.96
N GLU B 264 -40.99 -28.06 4.51
CA GLU B 264 -39.99 -28.99 4.94
C GLU B 264 -38.65 -28.40 4.52
N GLU B 265 -37.56 -29.05 5.05
CA GLU B 265 -36.21 -28.72 4.69
C GLU B 265 -35.34 -29.93 4.98
N LEU B 266 -34.56 -30.25 3.95
CA LEU B 266 -33.62 -31.35 3.93
C LEU B 266 -32.31 -30.64 4.00
N GLY B 267 -31.31 -31.32 4.65
CA GLY B 267 -29.95 -30.89 4.77
C GLY B 267 -29.14 -32.06 4.30
N LEU B 268 -28.57 -32.09 3.12
CA LEU B 268 -27.76 -33.15 2.58
C LEU B 268 -26.30 -33.01 2.96
N ALA B 269 -25.71 -34.10 3.58
CA ALA B 269 -24.34 -34.19 4.05
C ALA B 269 -24.06 -33.09 5.09
N VAL B 270 -22.95 -33.25 5.84
CA VAL B 270 -22.46 -32.35 6.81
C VAL B 270 -21.15 -31.96 6.38
N VAL B 271 -20.65 -32.32 5.15
CA VAL B 271 -19.31 -31.91 4.72
C VAL B 271 -19.50 -31.14 3.38
N ASN B 272 -20.78 -30.60 3.13
CA ASN B 272 -21.07 -29.71 2.03
C ASN B 272 -21.40 -28.49 2.78
N SER B 273 -20.89 -27.31 2.21
CA SER B 273 -21.03 -25.93 2.63
C SER B 273 -19.89 -25.59 3.55
N LEU B 274 -19.51 -24.29 3.60
CA LEU B 274 -18.31 -23.84 4.18
C LEU B 274 -18.51 -22.52 4.84
N ALA B 275 -18.08 -22.23 6.10
CA ALA B 275 -18.17 -20.95 6.73
C ALA B 275 -16.76 -20.42 6.92
N ILE B 276 -16.62 -19.09 6.91
CA ILE B 276 -15.40 -18.35 7.06
C ILE B 276 -15.80 -17.14 7.90
N ALA B 277 -14.83 -16.67 8.78
CA ALA B 277 -15.06 -15.38 9.43
C ALA B 277 -14.06 -14.54 8.96
N LYS B 278 -14.54 -13.35 8.51
CA LYS B 278 -13.78 -12.35 7.91
C LYS B 278 -13.21 -11.47 9.03
N ILE B 279 -11.98 -10.95 8.78
CA ILE B 279 -11.29 -9.94 9.54
C ILE B 279 -11.47 -8.66 8.77
N SER B 280 -12.21 -8.66 7.64
CA SER B 280 -12.47 -7.49 6.81
C SER B 280 -13.64 -7.98 5.92
N MET C 1 -17.29 62.55 -13.47
CA MET C 1 -16.28 61.58 -13.81
C MET C 1 -15.51 61.10 -12.63
N SER C 2 -14.29 61.70 -12.37
CA SER C 2 -13.47 61.26 -11.35
C SER C 2 -13.77 61.69 -9.89
N GLN C 3 -13.96 60.70 -9.07
CA GLN C 3 -14.03 60.83 -7.64
C GLN C 3 -12.62 60.79 -7.17
N LEU C 4 -12.40 61.23 -5.92
CA LEU C 4 -11.13 61.42 -5.26
C LEU C 4 -11.26 60.74 -3.90
N SER C 5 -12.46 60.29 -3.50
CA SER C 5 -12.71 59.83 -2.17
C SER C 5 -13.68 58.69 -2.17
N ASN C 6 -13.76 57.97 -1.05
CA ASN C 6 -14.72 56.93 -0.78
C ASN C 6 -16.03 57.58 -0.42
N GLN C 7 -16.11 58.89 -0.22
CA GLN C 7 -17.37 59.54 0.21
C GLN C 7 -18.15 60.08 -1.00
N GLU C 8 -19.52 59.73 -1.03
CA GLU C 8 -20.29 60.10 -2.13
C GLU C 8 -21.73 60.29 -1.72
N LYS C 9 -22.34 61.35 -2.25
CA LYS C 9 -23.77 61.63 -2.20
C LYS C 9 -24.43 60.62 -3.16
N GLU C 10 -23.66 60.13 -4.15
CA GLU C 10 -24.06 59.29 -5.24
C GLU C 10 -24.49 57.92 -4.75
N TYR C 11 -23.92 57.49 -3.61
CA TYR C 11 -24.12 56.19 -2.98
C TYR C 11 -25.57 55.90 -2.56
N LEU C 12 -26.28 56.92 -2.02
CA LEU C 12 -27.61 56.87 -1.48
C LEU C 12 -28.70 56.47 -2.45
N ILE C 13 -28.48 57.04 -3.72
CA ILE C 13 -29.40 56.79 -4.76
C ILE C 13 -28.76 55.98 -5.88
N SER C 14 -29.63 55.34 -6.65
CA SER C 14 -29.39 54.56 -7.90
C SER C 14 -28.81 55.56 -8.83
N LYS C 15 -27.68 55.17 -9.49
CA LYS C 15 -27.04 55.86 -10.55
C LYS C 15 -27.19 55.06 -11.80
N ALA C 16 -27.61 53.78 -11.72
CA ALA C 16 -27.94 52.94 -12.88
C ALA C 16 -28.93 51.95 -12.46
N LEU C 17 -29.77 51.50 -13.39
CA LEU C 17 -30.88 50.68 -13.14
C LEU C 17 -30.87 49.53 -14.00
N GLU C 18 -30.70 48.26 -13.50
CA GLU C 18 -30.73 47.10 -14.22
C GLU C 18 -31.32 46.02 -13.34
N THR C 19 -31.93 44.95 -13.98
CA THR C 19 -32.62 43.93 -13.34
C THR C 19 -31.63 42.90 -12.78
N GLU C 20 -30.36 43.02 -13.24
CA GLU C 20 -29.27 42.26 -12.80
C GLU C 20 -28.32 43.29 -12.21
N GLU C 21 -27.92 43.06 -10.96
CA GLU C 21 -26.98 43.88 -10.20
C GLU C 21 -26.31 42.88 -9.23
N GLY C 22 -26.69 41.57 -9.32
CA GLY C 22 -26.11 40.47 -8.67
C GLY C 22 -27.22 39.79 -7.95
N ARG C 23 -27.09 38.44 -7.77
CA ARG C 23 -28.10 37.50 -7.17
C ARG C 23 -27.61 36.07 -7.29
N VAL C 24 -28.29 35.20 -6.46
CA VAL C 24 -28.09 33.75 -6.19
C VAL C 24 -29.45 32.99 -6.18
N ALA C 25 -29.50 31.74 -6.45
CA ALA C 25 -30.69 30.90 -6.33
C ALA C 25 -30.04 29.48 -6.24
N LEU C 26 -30.66 28.54 -5.42
CA LEU C 26 -30.20 27.20 -5.26
C LEU C 26 -31.43 26.32 -5.59
N ALA C 27 -31.15 25.14 -6.25
CA ALA C 27 -32.19 24.19 -6.52
C ALA C 27 -31.94 23.04 -5.60
N GLN C 28 -30.62 22.76 -5.32
CA GLN C 28 -30.23 21.65 -4.52
C GLN C 28 -29.93 22.20 -3.20
N ALA C 29 -30.96 22.08 -2.27
CA ALA C 29 -31.01 22.52 -0.86
C ALA C 29 -32.45 22.42 -0.32
N MET C 30 -33.30 21.76 -1.13
CA MET C 30 -34.63 21.59 -0.87
C MET C 30 -34.99 20.18 -1.15
N ALA C 31 -35.65 19.46 -0.22
CA ALA C 31 -36.05 18.07 -0.45
C ALA C 31 -37.39 17.91 -1.00
N ASN C 32 -38.13 19.03 -1.03
CA ASN C 32 -39.45 18.98 -1.56
C ASN C 32 -39.63 18.80 -3.10
N PRO C 33 -38.79 19.32 -4.06
CA PRO C 33 -38.95 18.99 -5.47
C PRO C 33 -38.50 17.59 -5.78
N ILE C 34 -37.69 17.00 -4.93
CA ILE C 34 -37.15 15.66 -5.10
C ILE C 34 -38.22 14.64 -4.97
N ARG C 35 -39.16 14.83 -4.02
CA ARG C 35 -40.27 13.92 -3.77
C ARG C 35 -41.48 14.37 -4.59
N VAL C 36 -42.45 13.37 -4.71
CA VAL C 36 -43.62 13.52 -5.40
C VAL C 36 -44.70 14.23 -4.63
N SER C 37 -45.54 15.00 -5.35
CA SER C 37 -46.49 15.86 -4.78
C SER C 37 -47.83 15.59 -5.30
N LEU C 38 -48.84 15.68 -4.38
CA LEU C 38 -50.19 15.48 -4.60
C LEU C 38 -50.90 16.30 -3.69
N ASP C 39 -52.11 16.73 -4.06
CA ASP C 39 -52.90 17.56 -3.17
C ASP C 39 -53.69 16.62 -2.24
N TYR C 40 -54.10 17.27 -1.12
CA TYR C 40 -54.94 16.77 -0.02
C TYR C 40 -55.60 17.95 0.60
N GLN C 41 -56.83 17.72 1.13
CA GLN C 41 -57.61 18.70 1.87
C GLN C 41 -57.98 17.95 3.08
N GLY C 42 -57.76 18.57 4.22
CA GLY C 42 -58.12 18.07 5.54
C GLY C 42 -57.02 18.68 6.33
N VAL C 43 -57.36 18.95 7.60
CA VAL C 43 -56.58 19.54 8.66
C VAL C 43 -55.58 18.52 9.13
N GLY C 44 -55.74 17.18 8.80
CA GLY C 44 -54.78 16.19 9.17
C GLY C 44 -54.91 14.90 8.47
N ARG C 45 -53.83 14.03 8.74
CA ARG C 45 -53.63 12.80 8.12
C ARG C 45 -53.60 11.81 9.26
N LYS C 46 -54.16 10.61 9.00
CA LYS C 46 -54.25 9.61 10.04
C LYS C 46 -53.54 8.45 9.43
N LEU C 47 -52.60 7.84 10.17
CA LEU C 47 -51.87 6.64 9.67
C LEU C 47 -51.97 5.67 10.75
N LEU C 48 -51.81 4.34 10.43
CA LEU C 48 -51.64 3.30 11.37
C LEU C 48 -50.25 2.82 11.12
N VAL C 49 -49.48 2.52 12.18
CA VAL C 49 -48.14 2.14 12.07
C VAL C 49 -48.01 0.92 12.94
N VAL C 50 -47.00 0.13 12.54
CA VAL C 50 -46.50 -1.06 13.19
C VAL C 50 -45.60 -0.67 14.33
N ASP C 51 -45.70 -1.40 15.44
CA ASP C 51 -44.94 -1.24 16.74
C ASP C 51 -43.66 -2.04 16.69
N PRO C 52 -42.92 -2.29 17.79
CA PRO C 52 -41.71 -3.09 17.65
C PRO C 52 -42.04 -4.58 17.53
N LEU C 53 -41.30 -5.31 16.67
CA LEU C 53 -41.47 -6.68 16.57
C LEU C 53 -40.06 -7.28 16.82
N PRO C 54 -39.86 -8.32 17.68
CA PRO C 54 -38.62 -8.92 17.94
C PRO C 54 -38.03 -9.64 16.73
N GLN C 55 -39.01 -10.23 15.96
CA GLN C 55 -38.85 -11.10 14.79
C GLN C 55 -38.19 -12.49 15.18
N GLY C 56 -38.57 -13.48 14.39
CA GLY C 56 -38.31 -14.92 14.49
C GLY C 56 -39.58 -15.69 14.75
N ALA C 57 -39.60 -16.98 14.19
CA ALA C 57 -40.62 -17.93 14.25
C ALA C 57 -40.22 -19.00 13.29
N LEU C 58 -39.67 -20.11 13.89
CA LEU C 58 -39.16 -21.25 13.24
C LEU C 58 -40.33 -22.22 12.94
N PRO C 59 -40.31 -23.07 11.88
CA PRO C 59 -41.31 -24.11 11.57
C PRO C 59 -41.37 -25.27 12.60
N VAL C 60 -42.55 -25.85 12.93
CA VAL C 60 -42.73 -26.95 13.91
C VAL C 60 -43.65 -27.92 13.20
N TYR C 61 -43.61 -29.16 13.72
CA TYR C 61 -44.28 -30.35 13.17
C TYR C 61 -45.79 -30.41 13.14
N ASP C 62 -46.32 -31.48 12.57
CA ASP C 62 -47.75 -31.69 12.45
C ASP C 62 -48.15 -32.73 13.43
N LYS C 63 -47.23 -33.26 14.29
CA LYS C 63 -47.55 -34.02 15.44
C LYS C 63 -47.15 -33.17 16.64
N ASP C 64 -46.74 -31.91 16.48
CA ASP C 64 -46.50 -31.01 17.50
C ASP C 64 -47.39 -29.78 17.17
N VAL C 65 -47.87 -29.03 18.20
CA VAL C 65 -48.82 -27.95 18.07
C VAL C 65 -48.16 -26.77 17.29
N ASP C 66 -48.92 -26.28 16.24
CA ASP C 66 -48.56 -25.23 15.34
C ASP C 66 -48.14 -23.95 16.10
N ALA C 67 -47.07 -23.38 15.51
CA ALA C 67 -46.51 -22.10 15.89
C ALA C 67 -47.41 -20.98 15.46
N LYS C 68 -47.34 -19.75 16.09
CA LYS C 68 -48.10 -18.64 15.63
C LYS C 68 -47.17 -17.46 15.51
N ALA C 69 -47.70 -16.37 14.93
CA ALA C 69 -47.02 -15.09 14.87
C ALA C 69 -48.05 -13.94 14.90
N PHE C 70 -47.70 -12.68 15.21
CA PHE C 70 -48.67 -11.65 15.46
C PHE C 70 -47.86 -10.47 14.96
N VAL C 71 -48.62 -9.39 14.68
CA VAL C 71 -48.21 -8.03 14.40
C VAL C 71 -48.87 -7.06 15.39
N ILE C 72 -48.17 -6.02 15.87
CA ILE C 72 -48.79 -5.06 16.71
C ILE C 72 -48.69 -3.77 16.03
N SER C 73 -49.70 -2.93 16.16
CA SER C 73 -49.79 -1.54 15.66
C SER C 73 -50.36 -0.62 16.72
N LYS C 74 -50.00 0.71 16.59
CA LYS C 74 -50.39 1.82 17.38
C LYS C 74 -50.98 2.73 16.33
N ARG C 75 -51.94 3.62 16.59
CA ARG C 75 -52.47 4.46 15.59
C ARG C 75 -51.87 5.85 15.97
N GLY C 76 -51.66 6.62 14.86
CA GLY C 76 -51.14 7.93 14.91
C GLY C 76 -51.92 8.93 14.12
N GLN C 77 -51.83 10.20 14.59
CA GLN C 77 -52.61 11.29 13.97
C GLN C 77 -51.48 12.28 13.67
N VAL C 78 -51.54 12.98 12.53
CA VAL C 78 -50.59 13.99 12.19
C VAL C 78 -51.44 15.21 12.00
N PRO C 79 -51.32 16.33 12.72
CA PRO C 79 -52.00 17.58 12.46
C PRO C 79 -51.25 18.35 11.38
N ASP C 80 -51.84 19.36 10.64
CA ASP C 80 -51.25 20.25 9.72
C ASP C 80 -50.54 21.30 10.42
N GLN C 81 -49.61 22.03 9.65
CA GLN C 81 -48.76 23.02 10.29
C GLN C 81 -48.84 24.22 9.41
N VAL C 82 -48.43 25.40 9.92
CA VAL C 82 -48.31 26.52 8.94
C VAL C 82 -46.86 27.00 9.10
N ILE C 83 -46.15 27.25 7.95
CA ILE C 83 -44.86 27.76 7.98
C ILE C 83 -45.00 29.03 7.29
N GLU C 84 -44.44 30.06 7.87
CA GLU C 84 -44.63 31.33 7.26
C GLU C 84 -43.55 32.20 7.86
N GLY C 85 -43.30 33.36 7.25
CA GLY C 85 -42.35 34.37 7.49
C GLY C 85 -42.92 35.64 6.87
N ASP C 86 -42.50 36.77 7.51
CA ASP C 86 -42.80 38.00 6.89
C ASP C 86 -41.40 38.68 6.88
N ARG C 87 -41.06 39.58 5.91
CA ARG C 87 -39.85 40.33 6.02
C ARG C 87 -40.40 41.66 5.76
N ILE C 88 -39.95 42.71 6.50
CA ILE C 88 -40.33 44.09 6.60
C ILE C 88 -39.25 44.92 5.99
N GLN C 89 -39.58 45.77 5.06
CA GLN C 89 -38.69 46.58 4.24
C GLN C 89 -39.28 47.96 4.20
N VAL C 90 -38.37 48.99 3.99
CA VAL C 90 -38.68 50.40 3.95
C VAL C 90 -38.80 50.64 2.47
N PRO C 91 -39.81 51.30 1.87
CA PRO C 91 -39.98 51.49 0.47
C PRO C 91 -38.80 52.18 -0.12
N THR C 92 -38.17 53.16 0.62
CA THR C 92 -37.10 53.92 -0.08
C THR C 92 -35.90 53.08 -0.44
N PHE C 93 -35.54 52.22 0.54
CA PHE C 93 -34.47 51.31 0.45
C PHE C 93 -34.66 50.32 -0.70
N GLU C 94 -35.94 49.81 -0.82
CA GLU C 94 -36.35 48.90 -1.81
C GLU C 94 -36.38 49.37 -3.22
N ILE C 95 -36.87 50.54 -3.43
CA ILE C 95 -37.09 51.05 -4.73
C ILE C 95 -35.74 51.30 -5.30
N VAL C 96 -34.82 51.95 -4.51
CA VAL C 96 -33.46 52.33 -5.01
C VAL C 96 -32.61 51.15 -5.22
N SER C 97 -32.64 50.11 -4.33
CA SER C 97 -31.80 48.96 -4.54
C SER C 97 -32.15 48.18 -5.74
N TYR C 98 -33.46 47.91 -6.03
CA TYR C 98 -33.98 47.44 -7.32
C TYR C 98 -34.10 45.97 -7.46
N PRO C 99 -33.02 45.18 -7.59
CA PRO C 99 -33.08 43.74 -7.51
C PRO C 99 -33.33 43.25 -6.12
N GLN C 100 -33.30 44.09 -5.03
CA GLN C 100 -33.48 43.79 -3.68
C GLN C 100 -34.87 43.25 -3.38
N VAL C 101 -35.87 43.73 -4.12
CA VAL C 101 -37.26 43.33 -4.12
C VAL C 101 -37.51 41.92 -4.51
N ARG C 102 -36.88 41.53 -5.61
CA ARG C 102 -36.88 40.14 -6.14
C ARG C 102 -36.17 39.16 -5.23
N PHE C 103 -34.96 39.57 -4.75
CA PHE C 103 -34.08 38.77 -3.97
C PHE C 103 -34.66 38.38 -2.60
N SER C 104 -35.25 39.36 -1.89
CA SER C 104 -35.89 39.24 -0.60
C SER C 104 -37.01 38.36 -0.74
N GLN C 105 -37.90 38.34 -1.79
CA GLN C 105 -39.00 37.47 -1.99
C GLN C 105 -38.47 36.09 -2.23
N VAL C 106 -37.48 35.83 -3.15
CA VAL C 106 -37.00 34.52 -3.49
C VAL C 106 -36.35 33.83 -2.30
N LYS C 107 -35.56 34.57 -1.43
CA LYS C 107 -34.95 34.11 -0.24
C LYS C 107 -35.94 33.71 0.84
N GLU C 108 -36.97 34.51 1.06
CA GLU C 108 -37.95 34.20 2.08
C GLU C 108 -38.77 33.04 1.70
N ARG C 109 -39.11 32.98 0.38
CA ARG C 109 -39.75 31.76 -0.18
C ARG C 109 -38.98 30.46 0.00
N ARG C 110 -37.65 30.45 -0.32
CA ARG C 110 -36.71 29.37 -0.16
C ARG C 110 -36.58 28.97 1.25
N PHE C 111 -36.55 30.03 2.10
CA PHE C 111 -36.40 29.79 3.54
C PHE C 111 -37.63 29.05 4.08
N ASN C 112 -38.94 29.31 3.65
CA ASN C 112 -40.10 28.66 4.07
C ASN C 112 -40.14 27.23 3.60
N VAL C 113 -39.72 26.99 2.35
CA VAL C 113 -39.68 25.62 1.77
C VAL C 113 -38.64 24.76 2.51
N ILE C 114 -37.50 25.37 2.92
CA ILE C 114 -36.53 24.62 3.78
C ILE C 114 -37.16 24.32 5.12
N ASP C 115 -37.87 25.31 5.77
CA ASP C 115 -38.35 25.11 7.16
C ASP C 115 -39.48 24.08 7.25
N ARG C 116 -40.34 23.91 6.17
CA ARG C 116 -41.34 22.87 6.21
C ARG C 116 -40.79 21.47 6.26
N ALA C 117 -39.78 21.14 5.36
CA ALA C 117 -39.07 19.91 5.22
C ALA C 117 -38.28 19.54 6.46
N GLN C 118 -37.62 20.60 7.04
CA GLN C 118 -36.80 20.47 8.24
C GLN C 118 -37.54 19.93 9.42
N GLN C 119 -38.76 20.55 9.73
CA GLN C 119 -39.62 20.11 10.82
C GLN C 119 -40.09 18.69 10.56
N ARG C 120 -40.70 18.41 9.31
CA ARG C 120 -41.44 17.18 9.13
C ARG C 120 -40.62 15.89 9.22
N ALA C 121 -39.51 15.95 8.49
CA ALA C 121 -38.53 14.87 8.43
C ALA C 121 -37.73 14.69 9.63
N LYS C 122 -37.01 15.77 10.09
CA LYS C 122 -36.06 15.77 11.20
C LYS C 122 -36.59 16.57 12.30
N ALA C 123 -35.80 17.52 12.89
CA ALA C 123 -35.96 18.28 14.16
C ALA C 123 -36.06 17.23 15.27
N ASP C 124 -36.49 17.68 16.44
CA ASP C 124 -36.76 16.86 17.56
C ASP C 124 -38.20 17.21 17.92
N ILE C 125 -38.71 16.49 18.89
CA ILE C 125 -40.11 16.64 19.32
C ILE C 125 -40.04 17.36 20.60
N MET C 126 -40.63 18.59 20.57
CA MET C 126 -40.64 19.62 21.58
C MET C 126 -42.01 20.27 21.64
N ALA C 127 -42.07 21.54 22.18
CA ALA C 127 -43.35 22.22 22.34
C ALA C 127 -43.69 23.16 21.31
N VAL C 128 -42.86 23.16 20.23
CA VAL C 128 -43.05 24.05 19.10
C VAL C 128 -42.39 23.41 17.93
N GLU C 129 -42.01 22.11 18.00
CA GLU C 129 -41.35 21.39 16.98
C GLU C 129 -41.97 20.04 16.84
N ASP C 130 -41.99 19.53 15.53
CA ASP C 130 -42.47 18.19 15.18
C ASP C 130 -41.33 17.38 14.73
N ALA C 131 -41.62 16.11 14.33
CA ALA C 131 -40.61 15.15 13.90
C ALA C 131 -41.39 13.94 13.75
N GLU C 132 -41.61 13.55 12.45
CA GLU C 132 -42.39 12.48 11.97
C GLU C 132 -41.42 11.35 11.60
N ILE C 133 -40.76 11.52 10.45
CA ILE C 133 -39.96 10.59 9.83
C ILE C 133 -38.81 9.96 10.68
N PHE C 134 -38.05 10.81 11.36
CA PHE C 134 -36.86 10.58 12.10
C PHE C 134 -37.08 9.60 13.21
N SER C 135 -38.30 9.70 13.84
CA SER C 135 -38.75 8.84 14.84
C SER C 135 -39.04 7.47 14.34
N LEU C 136 -39.82 7.31 13.21
CA LEU C 136 -40.23 6.10 12.66
C LEU C 136 -39.21 5.15 12.06
N LEU C 137 -38.16 5.80 11.41
CA LEU C 137 -37.27 5.10 10.53
C LEU C 137 -36.43 4.09 11.26
N GLU C 138 -35.96 3.06 10.63
CA GLU C 138 -35.16 2.05 11.33
C GLU C 138 -33.68 2.39 11.40
N GLY C 139 -33.02 1.87 12.52
CA GLY C 139 -31.61 2.14 12.78
C GLY C 139 -30.69 1.53 11.74
N ALA C 140 -29.52 2.12 11.50
CA ALA C 140 -28.42 1.56 10.72
C ALA C 140 -27.16 2.27 11.19
N ALA C 141 -25.96 1.61 11.19
CA ALA C 141 -24.84 2.29 11.78
C ALA C 141 -23.58 1.91 10.98
N THR C 142 -22.87 2.97 10.61
CA THR C 142 -21.58 3.00 10.04
C THR C 142 -20.52 2.57 11.00
N ALA C 143 -20.80 2.81 12.29
CA ALA C 143 -19.82 2.53 13.30
C ALA C 143 -19.36 1.07 13.36
N VAL C 144 -20.28 0.09 13.03
CA VAL C 144 -20.08 -1.38 13.00
C VAL C 144 -18.99 -1.66 11.98
N ASN C 145 -18.94 -0.91 10.92
CA ASN C 145 -18.05 -1.08 9.77
C ASN C 145 -16.66 -0.58 10.17
N ALA C 146 -16.59 0.66 10.73
CA ALA C 146 -15.35 1.13 11.30
C ALA C 146 -15.68 2.39 12.07
N VAL C 147 -15.01 2.81 13.15
CA VAL C 147 -15.23 3.97 13.95
C VAL C 147 -14.04 4.82 13.64
N THR C 148 -14.27 5.88 12.86
CA THR C 148 -13.26 6.73 12.33
C THR C 148 -12.59 6.16 11.11
N ILE C 149 -13.07 6.77 10.02
CA ILE C 149 -12.67 6.47 8.69
C ILE C 149 -13.20 7.72 7.89
N SER C 150 -12.64 7.95 6.66
CA SER C 150 -12.92 9.07 5.84
C SER C 150 -14.41 9.45 5.58
N SER C 151 -14.67 10.71 5.21
CA SER C 151 -16.11 11.18 4.75
C SER C 151 -16.56 10.43 3.52
N GLY C 152 -15.63 10.15 2.50
CA GLY C 152 -15.86 9.35 1.35
C GLY C 152 -16.28 7.99 1.72
N GLY C 153 -15.56 7.48 2.73
CA GLY C 153 -15.68 6.08 3.17
C GLY C 153 -17.07 5.77 3.74
N LEU C 154 -17.61 6.72 4.46
CA LEU C 154 -18.91 6.66 5.01
C LEU C 154 -19.99 6.64 3.97
N GLN C 155 -19.90 7.55 2.92
CA GLN C 155 -20.86 7.54 1.95
C GLN C 155 -20.88 6.23 1.19
N ARG C 156 -19.71 5.56 0.92
CA ARG C 156 -19.67 4.32 0.16
C ARG C 156 -20.35 3.14 0.90
N ALA C 157 -20.04 3.04 2.21
CA ALA C 157 -20.46 2.10 3.24
C ALA C 157 -21.90 2.07 3.47
N ALA C 158 -22.46 3.27 3.42
CA ALA C 158 -23.89 3.67 3.64
C ALA C 158 -24.77 3.10 2.58
N LEU C 159 -24.34 2.98 1.34
CA LEU C 159 -25.09 2.51 0.15
C LEU C 159 -25.56 1.14 0.30
N THR C 160 -24.75 0.29 0.90
CA THR C 160 -24.88 -1.12 1.07
C THR C 160 -26.09 -1.46 1.90
N LYS C 161 -26.40 -0.66 2.98
CA LYS C 161 -27.43 -0.88 4.02
C LYS C 161 -28.82 -1.02 3.41
N ALA C 162 -29.09 -0.20 2.40
CA ALA C 162 -30.33 -0.07 1.67
C ALA C 162 -30.77 -1.31 0.97
N PHE C 163 -29.83 -2.16 0.58
CA PHE C 163 -29.95 -3.40 -0.16
C PHE C 163 -30.79 -4.35 0.63
N GLN C 164 -30.61 -4.29 1.96
CA GLN C 164 -31.11 -5.14 2.97
C GLN C 164 -32.57 -5.14 3.05
N GLU C 165 -33.11 -3.96 2.89
CA GLU C 165 -34.52 -3.65 2.78
C GLU C 165 -35.27 -4.14 1.61
N VAL C 166 -34.53 -4.44 0.54
CA VAL C 166 -35.02 -4.74 -0.73
C VAL C 166 -35.46 -3.54 -1.45
N GLU C 167 -34.50 -2.56 -1.51
CA GLU C 167 -34.57 -1.34 -2.30
C GLU C 167 -33.62 -1.54 -3.36
N LYS C 168 -32.39 -2.07 -2.95
CA LYS C 168 -31.25 -2.21 -3.70
C LYS C 168 -30.81 -0.79 -4.02
N HIS C 169 -30.96 0.16 -3.02
CA HIS C 169 -30.76 1.63 -3.02
C HIS C 169 -31.48 2.39 -4.13
N ASP C 170 -31.23 3.72 -4.18
CA ASP C 170 -31.80 4.54 -5.19
C ASP C 170 -30.83 5.64 -5.18
N LEU C 171 -30.79 6.37 -3.99
CA LEU C 171 -30.07 7.59 -3.89
C LEU C 171 -29.93 7.77 -2.42
N VAL C 172 -28.90 8.61 -2.09
CA VAL C 172 -28.53 8.95 -0.73
C VAL C 172 -28.81 10.41 -0.45
N VAL C 173 -29.40 10.67 0.71
CA VAL C 173 -29.88 11.96 1.06
C VAL C 173 -28.96 12.47 2.13
N THR C 174 -28.12 13.45 1.79
CA THR C 174 -27.11 13.90 2.70
C THR C 174 -27.20 15.40 3.01
N LYS C 175 -26.54 15.83 4.06
CA LYS C 175 -26.46 17.23 4.44
C LYS C 175 -25.46 17.99 3.57
N ILE C 176 -25.70 19.31 3.27
CA ILE C 176 -24.87 20.04 2.36
C ILE C 176 -23.37 20.10 2.78
N VAL C 177 -22.92 20.36 4.04
CA VAL C 177 -21.59 20.43 4.50
C VAL C 177 -20.92 19.08 4.32
N MET C 178 -21.62 18.05 4.65
CA MET C 178 -21.12 16.72 4.63
C MET C 178 -20.80 16.20 3.25
N ASN C 179 -21.72 16.51 2.31
CA ASN C 179 -21.73 16.15 0.90
C ASN C 179 -20.50 16.76 0.32
N ALA C 180 -20.17 18.07 0.67
CA ALA C 180 -19.04 18.87 0.12
C ALA C 180 -17.70 18.17 0.48
N SER C 181 -17.52 17.77 1.78
CA SER C 181 -16.35 17.09 2.26
C SER C 181 -16.13 15.70 1.72
N ALA C 182 -17.22 14.90 1.51
CA ALA C 182 -17.18 13.55 1.01
C ALA C 182 -16.71 13.53 -0.41
N PHE C 183 -17.30 14.50 -1.18
CA PHE C 183 -16.94 14.72 -2.56
C PHE C 183 -15.49 15.10 -2.78
N ALA C 184 -14.99 15.96 -1.88
CA ALA C 184 -13.62 16.42 -1.73
C ALA C 184 -12.60 15.30 -1.36
N ASP C 185 -13.21 14.25 -0.69
CA ASP C 185 -12.57 13.09 -0.12
C ASP C 185 -11.40 13.35 0.82
N ILE C 186 -11.58 14.15 1.89
CA ILE C 186 -10.60 14.50 2.88
C ILE C 186 -10.27 13.33 3.79
N ARG C 187 -9.01 13.06 4.08
CA ARG C 187 -8.57 12.02 5.04
C ARG C 187 -7.16 12.38 5.47
N ALA C 188 -6.64 13.53 4.88
CA ALA C 188 -5.32 14.03 5.03
C ALA C 188 -4.43 13.44 3.99
N TRP C 189 -4.96 12.99 2.82
CA TRP C 189 -4.36 13.27 1.51
C TRP C 189 -5.27 14.27 0.84
N GLY C 190 -6.59 14.17 1.02
CA GLY C 190 -7.61 14.84 0.21
C GLY C 190 -7.62 14.43 -1.23
N GLN C 191 -7.18 13.18 -1.45
CA GLN C 191 -7.29 12.45 -2.71
C GLN C 191 -8.39 11.49 -2.59
N ASN C 192 -8.82 11.11 -3.78
CA ASN C 192 -10.00 10.21 -4.01
C ASN C 192 -9.54 8.83 -3.90
N GLU C 193 -10.25 8.04 -3.09
CA GLU C 193 -9.96 6.66 -2.77
C GLU C 193 -11.26 6.12 -2.31
N PHE C 194 -12.43 6.80 -2.49
CA PHE C 194 -13.72 6.21 -2.14
C PHE C 194 -14.75 6.76 -3.22
N ASP C 195 -14.24 7.70 -4.05
CA ASP C 195 -14.89 8.32 -5.15
C ASP C 195 -13.94 8.06 -6.27
N PRO C 196 -14.40 8.18 -7.50
CA PRO C 196 -13.59 7.91 -8.71
C PRO C 196 -12.28 8.78 -8.68
N VAL C 197 -11.12 8.17 -8.99
CA VAL C 197 -9.84 8.77 -8.81
C VAL C 197 -9.49 9.76 -9.91
N THR C 198 -10.28 10.07 -10.87
CA THR C 198 -9.89 10.96 -11.97
C THR C 198 -10.68 12.22 -11.86
N GLN C 199 -11.46 12.38 -10.78
CA GLN C 199 -12.41 13.44 -10.60
C GLN C 199 -12.12 14.01 -9.25
N HIS C 200 -12.59 15.22 -9.08
CA HIS C 200 -12.40 15.96 -7.86
C HIS C 200 -13.75 16.07 -7.16
N GLU C 201 -14.81 15.44 -7.76
CA GLU C 201 -16.09 15.37 -7.17
C GLU C 201 -16.87 14.30 -7.95
N VAL C 202 -18.11 13.87 -7.52
CA VAL C 202 -18.76 12.91 -8.34
C VAL C 202 -20.27 13.11 -8.08
N LEU C 203 -21.11 12.70 -9.05
CA LEU C 203 -22.52 12.77 -8.81
C LEU C 203 -23.16 11.43 -8.86
N GLN C 204 -22.31 10.35 -8.92
CA GLN C 204 -22.84 8.98 -8.86
C GLN C 204 -21.71 8.35 -8.18
N THR C 205 -21.99 7.58 -7.10
CA THR C 205 -20.99 6.74 -6.51
C THR C 205 -21.77 5.40 -6.36
N GLY C 206 -21.11 4.26 -6.70
CA GLY C 206 -21.71 2.96 -6.73
C GLY C 206 -22.72 2.78 -7.89
N LEU C 207 -22.91 3.86 -8.66
CA LEU C 207 -23.81 4.10 -9.81
C LEU C 207 -25.12 4.59 -9.24
N PHE C 208 -25.10 5.25 -8.05
CA PHE C 208 -26.33 5.71 -7.46
C PHE C 208 -26.15 7.21 -7.26
N GLY C 209 -27.25 8.01 -7.33
CA GLY C 209 -27.29 9.44 -7.07
C GLY C 209 -27.06 9.94 -5.68
N HIS C 210 -26.63 11.24 -5.58
CA HIS C 210 -26.49 11.95 -4.35
C HIS C 210 -27.42 13.14 -4.51
N ILE C 211 -28.31 13.29 -3.45
CA ILE C 211 -29.14 14.45 -3.24
C ILE C 211 -28.55 15.12 -2.05
N TRP C 212 -28.15 16.47 -2.15
CA TRP C 212 -27.59 17.28 -1.05
C TRP C 212 -28.62 18.30 -0.67
N THR C 213 -29.09 18.18 0.57
CA THR C 213 -30.12 19.04 1.22
C THR C 213 -29.71 19.64 2.57
N ALA C 214 -30.13 20.92 2.78
CA ALA C 214 -29.82 21.75 3.94
C ALA C 214 -31.03 21.78 4.88
N ASP C 215 -32.02 20.93 4.63
CA ASP C 215 -33.21 20.77 5.47
C ASP C 215 -33.09 19.56 6.35
N ILE C 216 -31.87 19.04 6.54
CA ILE C 216 -31.67 17.74 7.13
C ILE C 216 -30.69 18.13 8.23
N LEU C 217 -30.56 17.34 9.32
CA LEU C 217 -29.60 17.52 10.37
C LEU C 217 -28.13 17.28 10.00
N ILE C 218 -27.22 18.00 10.78
CA ILE C 218 -25.80 18.10 10.53
C ILE C 218 -25.16 16.79 11.00
N SER C 219 -24.43 16.09 10.09
CA SER C 219 -23.68 14.87 10.40
C SER C 219 -24.62 13.76 10.54
N LYS C 220 -25.65 13.78 9.70
CA LYS C 220 -26.61 12.82 9.46
C LYS C 220 -26.70 12.65 7.95
N LYS C 221 -26.82 11.36 7.54
CA LYS C 221 -27.01 10.99 6.12
C LYS C 221 -28.12 9.95 6.27
N VAL C 222 -29.05 9.91 5.25
CA VAL C 222 -30.25 9.06 5.22
C VAL C 222 -30.26 8.39 3.87
N PRO C 223 -30.11 7.02 3.69
CA PRO C 223 -30.47 6.36 2.48
C PRO C 223 -31.94 5.89 2.66
N GLN C 224 -32.69 5.89 1.51
CA GLN C 224 -34.12 5.74 1.28
C GLN C 224 -34.24 6.00 -0.22
N ASN C 225 -35.45 5.68 -0.79
CA ASN C 225 -35.90 5.82 -2.10
C ASN C 225 -37.03 6.76 -1.86
N THR C 226 -36.72 8.04 -2.09
CA THR C 226 -37.58 9.17 -1.65
C THR C 226 -39.01 9.08 -2.20
N VAL C 227 -39.20 8.80 -3.52
CA VAL C 227 -40.49 8.73 -4.18
C VAL C 227 -41.52 7.72 -3.70
N TYR C 228 -41.10 6.49 -3.37
CA TYR C 228 -42.02 5.58 -2.78
C TYR C 228 -42.25 5.81 -1.29
N VAL C 229 -41.17 6.12 -0.59
CA VAL C 229 -41.09 6.14 0.87
C VAL C 229 -41.90 7.30 1.43
N LEU C 230 -41.69 8.56 0.96
CA LEU C 230 -42.53 9.65 1.37
C LEU C 230 -43.18 10.29 0.14
N ALA C 231 -44.23 11.10 0.46
CA ALA C 231 -45.04 11.83 -0.46
C ALA C 231 -45.39 13.13 0.22
N ASP C 232 -45.61 14.24 -0.60
CA ASP C 232 -45.78 15.54 0.03
C ASP C 232 -47.22 15.89 -0.29
N PRO C 233 -48.10 15.99 0.69
CA PRO C 233 -49.46 16.46 0.46
C PRO C 233 -49.33 17.94 0.61
N GLU C 234 -50.07 18.67 -0.24
CA GLU C 234 -50.21 20.12 -0.23
C GLU C 234 -51.63 20.57 0.02
N PHE C 235 -51.91 21.18 1.23
CA PHE C 235 -53.17 21.85 1.51
C PHE C 235 -53.17 23.21 0.69
N VAL C 236 -52.03 23.93 0.77
CA VAL C 236 -51.80 25.16 0.05
C VAL C 236 -50.40 24.90 -0.41
N GLY C 237 -50.20 25.30 -1.71
CA GLY C 237 -48.76 25.45 -2.24
C GLY C 237 -48.03 26.61 -1.69
N VAL C 238 -46.70 26.68 -1.75
CA VAL C 238 -45.94 27.85 -1.32
C VAL C 238 -46.28 29.05 -2.21
N MET C 239 -46.49 30.28 -1.65
CA MET C 239 -46.73 31.40 -2.51
C MET C 239 -46.27 32.64 -1.73
N PRO C 240 -45.67 33.60 -2.34
CA PRO C 240 -45.40 34.97 -1.78
C PRO C 240 -46.64 35.79 -2.14
N ILE C 241 -46.92 36.76 -1.14
CA ILE C 241 -48.04 37.62 -1.03
C ILE C 241 -47.40 38.95 -0.62
N ARG C 242 -47.97 40.04 -1.00
CA ARG C 242 -47.33 41.33 -0.64
C ARG C 242 -48.41 42.26 -0.26
N GLN C 243 -48.24 42.91 0.85
CA GLN C 243 -49.21 43.78 1.47
C GLN C 243 -48.42 45.01 1.89
N ASP C 244 -48.91 46.17 1.45
CA ASP C 244 -48.55 47.53 1.77
C ASP C 244 -49.58 48.24 2.56
N ILE C 245 -50.60 47.53 3.07
CA ILE C 245 -51.83 48.14 3.65
C ILE C 245 -52.24 47.36 4.94
N GLN C 246 -51.41 47.61 6.02
CA GLN C 246 -51.72 46.95 7.30
C GLN C 246 -51.28 48.01 8.28
N VAL C 247 -51.43 47.72 9.61
CA VAL C 247 -51.24 48.58 10.80
C VAL C 247 -49.87 49.29 10.77
N ILE C 248 -48.75 48.49 10.65
CA ILE C 248 -47.45 49.12 10.75
C ILE C 248 -47.19 50.04 9.54
N PRO C 249 -47.63 49.72 8.26
CA PRO C 249 -47.42 50.70 7.13
C PRO C 249 -48.20 51.96 7.35
N ALA C 250 -49.45 51.82 8.04
CA ALA C 250 -50.24 52.99 8.31
C ALA C 250 -49.57 53.91 9.21
N ASP C 251 -48.95 53.47 10.30
CA ASP C 251 -48.33 54.30 11.29
C ASP C 251 -47.14 55.05 10.79
N LYS C 252 -46.25 54.29 10.03
CA LYS C 252 -45.11 54.87 9.36
C LYS C 252 -45.08 54.22 8.00
N PRO C 253 -45.14 54.74 6.85
CA PRO C 253 -44.96 54.07 5.55
C PRO C 253 -43.95 52.97 5.50
N GLU C 254 -44.36 51.68 5.31
CA GLU C 254 -43.53 50.56 5.34
C GLU C 254 -44.13 49.61 4.32
N GLU C 255 -43.31 48.65 3.80
CA GLU C 255 -43.81 47.64 2.83
C GLU C 255 -43.45 46.35 3.53
N LEU C 256 -44.38 45.32 3.42
CA LEU C 256 -44.26 43.95 3.97
C LEU C 256 -44.24 42.99 2.74
N ARG C 257 -43.28 41.98 2.85
CA ARG C 257 -43.24 40.94 1.92
C ARG C 257 -43.74 39.78 2.74
N LEU C 258 -44.84 39.05 2.20
CA LEU C 258 -45.41 37.97 2.93
C LEU C 258 -44.97 36.69 2.23
N GLY C 259 -44.57 35.65 2.96
CA GLY C 259 -44.16 34.35 2.35
C GLY C 259 -44.72 33.22 3.18
N TRP C 260 -45.59 32.37 2.58
CA TRP C 260 -46.10 31.31 3.45
C TRP C 260 -46.51 30.10 2.67
N VAL C 261 -46.78 28.97 3.45
CA VAL C 261 -47.30 27.67 2.93
C VAL C 261 -48.06 27.07 4.10
N ILE C 262 -48.96 26.10 3.83
CA ILE C 262 -49.66 25.32 4.86
C ILE C 262 -49.35 23.95 4.31
N TYR C 263 -48.76 23.08 5.17
CA TYR C 263 -48.20 21.85 4.78
C TYR C 263 -48.72 20.77 5.72
N GLU C 264 -48.48 19.54 5.26
CA GLU C 264 -48.73 18.24 5.85
C GLU C 264 -47.76 17.38 5.13
N GLU C 265 -47.33 16.22 5.73
CA GLU C 265 -46.45 15.29 5.12
C GLU C 265 -47.00 13.95 5.40
N LEU C 266 -46.92 13.12 4.32
CA LEU C 266 -47.43 11.77 4.27
C LEU C 266 -46.20 10.95 4.29
N GLY C 267 -46.31 9.74 4.94
CA GLY C 267 -45.35 8.61 5.11
C GLY C 267 -45.99 7.35 4.64
N LEU C 268 -45.57 6.84 3.39
CA LEU C 268 -46.28 5.71 2.78
C LEU C 268 -45.69 4.39 3.36
N ALA C 269 -44.37 4.44 3.75
CA ALA C 269 -43.70 3.26 4.23
C ALA C 269 -42.29 3.80 4.56
N VAL C 270 -42.15 4.20 5.83
CA VAL C 270 -41.10 5.05 6.36
C VAL C 270 -40.14 4.21 7.12
N VAL C 271 -40.44 2.87 7.26
CA VAL C 271 -39.63 1.88 7.92
C VAL C 271 -38.91 1.16 6.85
N ASN C 272 -38.54 1.90 5.73
CA ASN C 272 -37.66 1.44 4.66
C ASN C 272 -36.44 2.39 4.68
N SER C 273 -36.71 3.58 5.27
CA SER C 273 -35.76 4.74 5.41
C SER C 273 -34.83 4.28 6.52
N LEU C 274 -33.54 4.54 6.30
CA LEU C 274 -32.50 4.19 7.23
C LEU C 274 -31.79 5.42 7.58
N ALA C 275 -31.47 5.58 8.85
CA ALA C 275 -30.69 6.74 9.21
C ALA C 275 -29.43 6.24 9.75
N ILE C 276 -28.34 6.97 9.40
CA ILE C 276 -26.97 6.61 9.77
C ILE C 276 -26.46 7.94 10.23
N ALA C 277 -25.58 7.93 11.26
CA ALA C 277 -24.96 9.19 11.64
C ALA C 277 -23.47 9.17 11.40
N LYS C 278 -22.94 10.24 10.66
CA LYS C 278 -21.48 10.28 10.44
C LYS C 278 -20.68 10.45 11.76
N ILE C 279 -19.48 9.86 11.73
CA ILE C 279 -18.63 9.72 12.90
C ILE C 279 -17.61 10.83 12.60
N SER C 280 -16.97 10.75 11.41
CA SER C 280 -15.96 11.69 10.97
C SER C 280 -16.56 12.75 10.05
N MET D 1 16.90 60.72 -31.24
CA MET D 1 18.00 61.72 -30.95
C MET D 1 19.36 61.18 -31.42
N SER D 2 20.18 62.08 -31.99
CA SER D 2 21.53 61.80 -32.59
C SER D 2 22.56 62.58 -31.67
N GLN D 3 22.22 62.92 -30.42
CA GLN D 3 23.18 63.53 -29.54
C GLN D 3 24.13 62.55 -29.00
N LEU D 4 25.29 62.99 -28.48
CA LEU D 4 26.30 62.04 -27.94
C LEU D 4 26.61 62.32 -26.51
N SER D 5 25.68 63.21 -25.92
CA SER D 5 25.86 63.88 -24.63
C SER D 5 25.44 62.94 -23.56
N ASN D 6 24.98 61.69 -23.85
CA ASN D 6 24.52 60.78 -22.84
C ASN D 6 24.36 59.47 -23.56
N GLN D 7 23.38 59.54 -24.46
CA GLN D 7 23.01 58.43 -25.31
C GLN D 7 24.15 58.19 -26.29
N GLU D 8 24.31 56.94 -26.71
CA GLU D 8 25.37 56.50 -27.58
C GLU D 8 24.67 56.08 -28.86
N LYS D 9 25.41 55.79 -29.93
CA LYS D 9 24.89 55.31 -31.16
C LYS D 9 24.95 53.78 -31.14
N GLU D 10 25.00 53.15 -29.93
CA GLU D 10 25.05 51.80 -29.62
C GLU D 10 23.74 51.48 -28.90
N TYR D 11 22.70 52.32 -29.07
CA TYR D 11 21.34 52.14 -28.49
C TYR D 11 20.43 52.59 -29.53
N LEU D 12 20.95 52.97 -30.75
CA LEU D 12 20.09 53.54 -31.81
C LEU D 12 20.22 52.73 -33.07
N ILE D 13 20.79 51.50 -32.89
CA ILE D 13 21.21 50.59 -33.91
C ILE D 13 20.14 50.12 -34.82
N SER D 14 20.43 50.14 -36.11
CA SER D 14 19.47 49.82 -37.21
C SER D 14 19.01 48.33 -37.13
N LYS D 15 17.71 48.06 -37.40
CA LYS D 15 17.12 46.69 -37.38
C LYS D 15 16.68 46.35 -38.78
N ALA D 16 16.86 45.10 -39.31
CA ALA D 16 16.33 44.58 -40.50
C ALA D 16 16.80 43.15 -40.58
N LEU D 17 17.05 42.54 -39.38
CA LEU D 17 17.59 41.27 -39.14
C LEU D 17 19.05 41.27 -38.99
N GLU D 18 19.72 42.45 -39.13
CA GLU D 18 21.14 42.64 -39.03
C GLU D 18 21.29 43.68 -37.90
N THR D 19 22.20 43.49 -36.89
CA THR D 19 22.48 44.32 -35.77
C THR D 19 21.19 44.47 -35.00
N GLU D 20 20.56 43.28 -34.80
CA GLU D 20 19.36 42.97 -34.14
C GLU D 20 19.33 43.51 -32.73
N GLU D 21 18.18 43.87 -32.19
CA GLU D 21 17.98 44.39 -30.86
C GLU D 21 17.01 43.45 -30.20
N GLY D 22 16.94 43.53 -28.80
CA GLY D 22 16.01 42.77 -28.00
C GLY D 22 14.62 43.42 -28.06
N ARG D 23 14.16 43.94 -26.93
CA ARG D 23 12.87 44.57 -26.65
C ARG D 23 11.82 43.59 -26.51
N VAL D 24 11.64 42.96 -25.34
CA VAL D 24 10.70 41.91 -25.05
C VAL D 24 10.30 41.98 -23.57
N ALA D 25 8.99 41.84 -23.23
CA ALA D 25 8.48 41.96 -21.85
C ALA D 25 7.76 40.70 -21.52
N LEU D 26 7.32 40.60 -20.23
CA LEU D 26 6.76 39.38 -19.72
C LEU D 26 5.40 39.70 -19.16
N ALA D 27 4.49 38.87 -19.41
CA ALA D 27 3.08 39.16 -19.16
C ALA D 27 2.62 38.27 -17.99
N GLN D 28 2.02 38.95 -16.94
CA GLN D 28 1.66 38.41 -15.65
C GLN D 28 0.66 39.44 -15.20
N ALA D 29 -0.08 39.00 -14.12
CA ALA D 29 -1.12 39.79 -13.44
C ALA D 29 -2.27 40.24 -14.36
N MET D 30 -2.79 39.29 -15.10
CA MET D 30 -3.86 39.45 -16.01
C MET D 30 -5.21 38.97 -15.53
N ALA D 31 -6.38 39.52 -16.09
CA ALA D 31 -7.66 38.88 -15.83
C ALA D 31 -8.68 39.31 -16.85
N ASN D 32 -8.31 40.37 -17.56
CA ASN D 32 -9.06 41.12 -18.53
C ASN D 32 -9.29 40.28 -19.74
N PRO D 33 -8.42 39.47 -20.39
CA PRO D 33 -8.85 38.83 -21.66
C PRO D 33 -9.84 37.72 -21.55
N ILE D 34 -10.00 37.08 -20.37
CA ILE D 34 -10.95 36.13 -20.03
C ILE D 34 -12.27 36.77 -19.83
N ARG D 35 -12.27 38.01 -19.20
CA ARG D 35 -13.42 38.81 -18.78
C ARG D 35 -14.25 39.32 -19.96
N VAL D 36 -15.61 39.26 -19.76
CA VAL D 36 -16.49 39.84 -20.78
C VAL D 36 -16.66 41.38 -20.71
N SER D 37 -16.87 42.01 -21.90
CA SER D 37 -16.99 43.41 -22.10
C SER D 37 -18.27 43.57 -22.87
N LEU D 38 -19.16 44.57 -22.49
CA LEU D 38 -20.36 44.90 -23.24
C LEU D 38 -20.32 46.37 -23.19
N ASP D 39 -21.03 47.14 -24.07
CA ASP D 39 -21.19 48.56 -23.94
C ASP D 39 -22.32 48.92 -23.09
N TYR D 40 -22.27 50.19 -22.56
CA TYR D 40 -23.32 50.71 -21.70
C TYR D 40 -22.96 52.17 -21.72
N GLN D 41 -24.02 53.06 -21.66
CA GLN D 41 -23.93 54.48 -21.40
C GLN D 41 -24.49 54.53 -19.96
N GLY D 42 -23.94 55.45 -19.09
CA GLY D 42 -24.26 55.59 -17.69
C GLY D 42 -23.12 56.38 -17.01
N VAL D 43 -23.47 57.12 -15.84
CA VAL D 43 -22.57 57.98 -15.10
C VAL D 43 -22.16 57.25 -13.80
N GLY D 44 -22.75 56.10 -13.51
CA GLY D 44 -22.37 55.34 -12.36
C GLY D 44 -22.94 53.96 -12.52
N ARG D 45 -22.48 52.98 -11.70
CA ARG D 45 -22.90 51.67 -11.53
C ARG D 45 -23.31 51.34 -10.14
N LYS D 46 -24.31 50.38 -10.07
CA LYS D 46 -24.88 49.90 -8.83
C LYS D 46 -24.78 48.39 -8.87
N LEU D 47 -24.19 47.89 -7.68
CA LEU D 47 -23.86 46.51 -7.56
C LEU D 47 -24.44 46.23 -6.19
N LEU D 48 -24.75 44.89 -6.05
CA LEU D 48 -25.29 44.33 -4.82
C LEU D 48 -24.35 43.26 -4.35
N VAL D 49 -24.19 43.25 -3.01
CA VAL D 49 -23.53 42.26 -2.22
C VAL D 49 -24.53 41.92 -1.14
N VAL D 50 -24.54 40.63 -0.67
CA VAL D 50 -25.41 40.02 0.32
C VAL D 50 -24.74 40.21 1.60
N ASP D 51 -25.53 40.62 2.59
CA ASP D 51 -24.98 40.82 3.93
C ASP D 51 -25.06 39.56 4.79
N PRO D 52 -24.97 39.43 6.14
CA PRO D 52 -25.46 38.23 6.86
C PRO D 52 -26.94 38.31 6.85
N LEU D 53 -27.71 37.21 6.82
CA LEU D 53 -29.10 37.31 6.70
C LEU D 53 -29.76 36.94 7.98
N PRO D 54 -30.42 37.86 8.65
CA PRO D 54 -31.26 37.47 9.76
C PRO D 54 -32.50 36.67 9.33
N GLN D 55 -32.97 35.71 10.10
CA GLN D 55 -34.15 34.91 9.78
C GLN D 55 -35.41 35.62 10.26
N GLY D 56 -36.51 35.41 9.51
CA GLY D 56 -37.83 35.77 9.91
C GLY D 56 -38.58 34.48 9.88
N ALA D 57 -37.91 33.39 9.55
CA ALA D 57 -38.43 32.01 9.56
C ALA D 57 -37.43 31.14 10.20
N LEU D 58 -37.82 30.36 11.20
CA LEU D 58 -36.96 29.43 11.91
C LEU D 58 -37.79 28.21 12.24
N PRO D 59 -37.25 26.98 12.23
CA PRO D 59 -38.04 25.78 12.31
C PRO D 59 -38.30 25.51 13.76
N VAL D 60 -39.23 26.27 14.31
CA VAL D 60 -39.63 26.27 15.74
C VAL D 60 -40.99 26.85 15.56
N TYR D 61 -41.65 26.72 14.39
CA TYR D 61 -42.92 27.34 14.18
C TYR D 61 -43.65 26.21 13.48
N ASP D 62 -44.95 26.02 13.79
CA ASP D 62 -45.85 25.09 13.25
C ASP D 62 -47.24 25.49 13.80
N LYS D 63 -47.34 26.52 14.64
CA LYS D 63 -48.60 27.10 15.15
C LYS D 63 -48.45 28.51 15.76
N ASP D 64 -47.30 29.13 15.41
CA ASP D 64 -46.92 30.45 15.92
C ASP D 64 -46.55 31.22 14.68
N VAL D 65 -47.18 32.37 14.53
CA VAL D 65 -47.00 33.26 13.46
C VAL D 65 -45.56 33.81 13.23
N ASP D 66 -45.45 34.58 12.06
CA ASP D 66 -44.24 35.15 11.52
C ASP D 66 -43.33 35.88 12.50
N ALA D 67 -42.22 36.41 11.95
CA ALA D 67 -41.32 37.34 12.75
C ALA D 67 -40.67 38.38 11.87
N LYS D 68 -40.54 39.64 12.38
CA LYS D 68 -39.94 40.72 11.60
C LYS D 68 -38.55 40.43 11.37
N ALA D 69 -37.97 40.85 10.22
CA ALA D 69 -36.58 40.59 9.91
C ALA D 69 -36.50 41.13 8.49
N PHE D 70 -35.25 41.22 8.07
CA PHE D 70 -34.74 41.63 6.80
C PHE D 70 -33.86 40.54 6.20
N VAL D 71 -33.93 40.46 4.83
CA VAL D 71 -33.09 39.70 4.01
C VAL D 71 -32.29 40.88 3.53
N ILE D 72 -31.02 41.03 3.81
CA ILE D 72 -30.31 42.29 3.46
C ILE D 72 -29.21 41.95 2.50
N SER D 73 -29.13 42.95 1.60
CA SER D 73 -28.13 43.16 0.65
C SER D 73 -27.89 44.63 0.81
N LYS D 74 -26.65 45.01 0.47
CA LYS D 74 -26.20 46.35 0.57
C LYS D 74 -25.69 46.55 -0.80
N ARG D 75 -25.70 47.80 -1.25
CA ARG D 75 -25.36 48.37 -2.53
C ARG D 75 -24.14 49.16 -2.31
N GLY D 76 -23.31 49.22 -3.34
CA GLY D 76 -22.04 49.84 -3.45
C GLY D 76 -22.20 50.65 -4.67
N GLN D 77 -21.46 51.76 -4.79
CA GLN D 77 -21.60 52.65 -5.95
C GLN D 77 -20.22 52.85 -6.53
N VAL D 78 -20.06 52.73 -7.93
CA VAL D 78 -18.84 52.97 -8.68
C VAL D 78 -19.20 54.04 -9.77
N PRO D 79 -18.53 55.16 -9.78
CA PRO D 79 -18.79 56.21 -10.75
C PRO D 79 -17.90 55.80 -11.88
N ASP D 80 -18.31 56.27 -13.04
CA ASP D 80 -17.57 56.18 -14.26
C ASP D 80 -16.09 56.50 -14.00
N GLN D 81 -15.20 55.61 -14.47
CA GLN D 81 -13.80 55.87 -14.31
C GLN D 81 -13.12 55.68 -15.61
N VAL D 82 -11.90 56.24 -15.64
CA VAL D 82 -10.91 56.31 -16.71
C VAL D 82 -9.73 55.54 -16.27
N ILE D 83 -9.26 54.61 -17.12
CA ILE D 83 -8.06 53.85 -16.95
C ILE D 83 -7.30 54.20 -18.19
N GLU D 84 -5.93 54.55 -18.04
CA GLU D 84 -5.18 54.89 -19.22
C GLU D 84 -3.68 54.76 -18.68
N GLY D 85 -2.74 54.81 -19.71
CA GLY D 85 -1.36 54.71 -19.38
C GLY D 85 -0.73 55.52 -20.48
N ASP D 86 0.42 56.16 -20.19
CA ASP D 86 1.12 57.05 -21.11
C ASP D 86 2.51 56.66 -21.31
N ARG D 87 3.08 57.01 -22.47
CA ARG D 87 4.45 56.87 -22.82
C ARG D 87 4.75 58.19 -23.42
N ILE D 88 5.94 58.77 -23.06
CA ILE D 88 6.34 59.98 -23.70
C ILE D 88 7.57 59.64 -24.42
N GLN D 89 7.60 59.96 -25.73
CA GLN D 89 8.65 59.49 -26.60
C GLN D 89 9.10 60.61 -27.50
N VAL D 90 10.37 60.52 -27.92
CA VAL D 90 11.07 61.39 -28.89
C VAL D 90 10.82 60.80 -30.24
N PRO D 91 10.28 61.54 -31.25
CA PRO D 91 10.03 60.93 -32.58
C PRO D 91 11.27 60.38 -33.22
N THR D 92 12.43 61.08 -33.06
CA THR D 92 13.64 60.80 -33.75
C THR D 92 14.19 59.48 -33.28
N PHE D 93 14.02 59.36 -31.91
CA PHE D 93 14.45 58.18 -31.18
C PHE D 93 13.69 56.98 -31.63
N GLU D 94 12.34 57.06 -31.82
CA GLU D 94 11.54 56.00 -32.28
C GLU D 94 11.94 55.49 -33.68
N ILE D 95 12.15 56.41 -34.60
CA ILE D 95 12.43 56.07 -35.99
C ILE D 95 13.80 55.44 -36.12
N VAL D 96 14.88 55.98 -35.41
CA VAL D 96 16.20 55.47 -35.53
C VAL D 96 16.30 54.13 -34.99
N SER D 97 15.64 53.90 -33.80
CA SER D 97 15.74 52.68 -33.08
C SER D 97 15.14 51.42 -33.76
N TYR D 98 13.96 51.57 -34.44
CA TYR D 98 13.20 50.74 -35.35
C TYR D 98 12.20 49.89 -34.61
N PRO D 99 12.41 48.93 -33.72
CA PRO D 99 11.35 48.24 -32.90
C PRO D 99 10.82 48.99 -31.72
N GLN D 100 11.41 50.17 -31.32
CA GLN D 100 11.03 51.03 -30.20
C GLN D 100 9.65 51.60 -30.29
N VAL D 101 9.21 52.04 -31.48
CA VAL D 101 7.79 52.43 -31.70
C VAL D 101 6.77 51.29 -31.54
N ARG D 102 7.11 50.09 -32.07
CA ARG D 102 6.22 48.94 -31.92
C ARG D 102 6.10 48.59 -30.50
N PHE D 103 7.24 48.53 -29.80
CA PHE D 103 7.32 48.09 -28.44
C PHE D 103 6.64 49.06 -27.47
N SER D 104 6.79 50.41 -27.70
CA SER D 104 6.18 51.47 -26.85
C SER D 104 4.67 51.25 -26.85
N GLN D 105 4.04 50.91 -28.05
CA GLN D 105 2.62 50.58 -28.13
C GLN D 105 2.22 49.39 -27.32
N VAL D 106 2.93 48.23 -27.45
CA VAL D 106 2.67 47.03 -26.70
C VAL D 106 2.92 47.24 -25.20
N LYS D 107 3.94 48.07 -24.88
CA LYS D 107 4.27 48.44 -23.51
C LYS D 107 3.11 49.19 -22.85
N GLU D 108 2.48 50.11 -23.57
CA GLU D 108 1.34 50.91 -23.07
C GLU D 108 0.20 49.94 -22.88
N ARG D 109 -0.03 48.93 -23.85
CA ARG D 109 -1.09 47.94 -23.65
C ARG D 109 -0.78 47.15 -22.42
N ARG D 110 0.48 46.75 -22.10
CA ARG D 110 0.76 45.96 -20.95
C ARG D 110 0.39 46.74 -19.66
N PHE D 111 0.79 48.04 -19.59
CA PHE D 111 0.52 48.93 -18.45
C PHE D 111 -1.02 49.14 -18.27
N ASN D 112 -1.83 49.34 -19.35
CA ASN D 112 -3.25 49.41 -19.18
C ASN D 112 -3.82 48.11 -18.61
N VAL D 113 -3.32 46.96 -19.02
CA VAL D 113 -3.81 45.67 -18.53
C VAL D 113 -3.56 45.47 -17.08
N ILE D 114 -2.34 45.94 -16.59
CA ILE D 114 -1.96 45.88 -15.19
C ILE D 114 -2.80 46.75 -14.26
N ASP D 115 -3.04 48.00 -14.67
CA ASP D 115 -3.77 49.04 -13.88
C ASP D 115 -5.23 48.61 -13.71
N ARG D 116 -5.79 47.95 -14.73
CA ARG D 116 -7.12 47.35 -14.64
C ARG D 116 -7.11 46.32 -13.51
N ALA D 117 -6.12 45.42 -13.64
CA ALA D 117 -6.02 44.25 -12.82
C ALA D 117 -5.86 44.56 -11.34
N GLN D 118 -5.08 45.58 -10.96
CA GLN D 118 -4.88 45.97 -9.64
C GLN D 118 -6.14 46.43 -8.84
N GLN D 119 -7.00 47.32 -9.56
CA GLN D 119 -8.15 47.91 -8.99
C GLN D 119 -9.22 46.85 -8.85
N ARG D 120 -9.42 46.07 -9.96
CA ARG D 120 -10.38 45.00 -9.99
C ARG D 120 -10.31 43.96 -8.99
N ALA D 121 -9.08 43.43 -8.65
CA ALA D 121 -8.98 42.47 -7.55
C ALA D 121 -9.06 43.13 -6.13
N LYS D 122 -8.18 44.10 -5.93
CA LYS D 122 -7.82 44.67 -4.60
C LYS D 122 -8.88 45.40 -3.91
N ALA D 123 -8.82 45.36 -2.52
CA ALA D 123 -9.71 46.07 -1.56
C ALA D 123 -11.16 45.73 -1.68
N ASP D 124 -12.01 46.23 -0.79
CA ASP D 124 -13.38 46.00 -0.82
C ASP D 124 -14.04 47.07 -1.54
N ILE D 125 -15.34 46.94 -1.71
CA ILE D 125 -16.10 47.79 -2.60
C ILE D 125 -15.76 49.28 -2.45
N MET D 126 -15.33 50.00 -3.54
CA MET D 126 -14.81 51.36 -3.32
C MET D 126 -15.23 52.18 -4.47
N ALA D 127 -15.23 53.50 -4.24
CA ALA D 127 -15.61 54.46 -5.18
C ALA D 127 -14.42 55.08 -5.78
N VAL D 128 -13.16 54.68 -5.42
CA VAL D 128 -11.96 55.13 -6.01
C VAL D 128 -11.29 53.84 -6.60
N GLU D 129 -12.06 52.71 -6.74
CA GLU D 129 -11.48 51.52 -7.21
C GLU D 129 -12.59 50.72 -7.84
N ASP D 130 -12.18 49.78 -8.69
CA ASP D 130 -12.98 48.84 -9.45
C ASP D 130 -13.12 47.57 -8.61
N ALA D 131 -12.69 47.58 -7.34
CA ALA D 131 -12.83 46.52 -6.29
C ALA D 131 -13.97 45.57 -6.36
N GLU D 132 -13.59 44.23 -6.37
CA GLU D 132 -14.51 43.13 -6.52
C GLU D 132 -13.99 41.89 -5.91
N ILE D 133 -12.89 41.31 -6.55
CA ILE D 133 -12.50 39.92 -6.40
C ILE D 133 -12.32 39.50 -4.92
N PHE D 134 -11.59 40.30 -4.13
CA PHE D 134 -11.26 40.15 -2.75
C PHE D 134 -12.43 40.13 -1.85
N SER D 135 -13.43 40.98 -2.15
CA SER D 135 -14.66 41.11 -1.42
C SER D 135 -15.49 39.86 -1.66
N LEU D 136 -15.66 39.42 -2.93
CA LEU D 136 -16.53 38.37 -3.41
C LEU D 136 -16.13 37.07 -2.99
N LEU D 137 -14.82 36.70 -2.82
CA LEU D 137 -14.36 35.36 -2.44
C LEU D 137 -14.66 35.20 -1.01
N GLU D 138 -14.96 33.93 -0.71
CA GLU D 138 -15.30 33.52 0.66
C GLU D 138 -14.06 32.93 1.13
N GLY D 139 -13.89 32.99 2.49
CA GLY D 139 -12.75 32.63 3.25
C GLY D 139 -12.29 31.20 3.04
N ALA D 140 -11.18 30.93 3.81
CA ALA D 140 -10.68 29.61 4.00
C ALA D 140 -11.47 28.88 5.06
N ALA D 141 -11.80 27.65 4.71
CA ALA D 141 -12.51 26.70 5.41
C ALA D 141 -11.51 25.74 5.97
N THR D 142 -11.52 25.62 7.32
CA THR D 142 -10.60 24.82 8.08
C THR D 142 -10.79 23.32 7.95
N ALA D 143 -12.02 22.81 7.71
CA ALA D 143 -12.34 21.35 7.66
C ALA D 143 -11.53 20.71 6.59
N VAL D 144 -11.36 21.44 5.45
CA VAL D 144 -10.58 21.09 4.27
C VAL D 144 -9.11 20.81 4.61
N ASN D 145 -8.57 21.58 5.60
CA ASN D 145 -7.21 21.55 6.07
C ASN D 145 -7.01 20.35 6.94
N ALA D 146 -5.83 19.66 6.94
CA ALA D 146 -5.62 18.45 7.75
C ALA D 146 -4.18 18.43 8.06
N VAL D 147 -3.72 17.59 9.02
CA VAL D 147 -2.32 17.57 9.33
C VAL D 147 -1.65 16.62 8.35
N THR D 148 -0.65 17.10 7.56
CA THR D 148 0.08 16.35 6.64
C THR D 148 -0.88 16.04 5.43
N ILE D 149 -1.56 17.09 4.87
CA ILE D 149 -2.43 16.87 3.70
C ILE D 149 -1.57 17.15 2.43
N SER D 150 -1.99 16.79 1.19
CA SER D 150 -1.33 17.18 -0.03
C SER D 150 -1.84 18.51 -0.57
N SER D 151 -0.95 19.36 -1.19
CA SER D 151 -1.10 20.71 -1.78
C SER D 151 -2.06 20.67 -2.85
N GLY D 152 -1.92 19.55 -3.65
CA GLY D 152 -2.77 19.18 -4.76
C GLY D 152 -4.17 18.75 -4.41
N GLY D 153 -4.36 17.99 -3.25
CA GLY D 153 -5.58 17.51 -2.72
C GLY D 153 -6.48 18.65 -2.35
N LEU D 154 -5.83 19.74 -1.78
CA LEU D 154 -6.48 20.99 -1.32
C LEU D 154 -7.12 21.68 -2.47
N GLN D 155 -6.38 21.83 -3.59
CA GLN D 155 -6.89 22.39 -4.84
C GLN D 155 -7.96 21.61 -5.43
N ARG D 156 -7.98 20.25 -5.35
CA ARG D 156 -9.07 19.45 -5.75
C ARG D 156 -10.32 19.71 -4.96
N ALA D 157 -10.11 19.79 -3.60
CA ALA D 157 -11.15 20.01 -2.59
C ALA D 157 -11.84 21.31 -2.76
N ALA D 158 -11.11 22.35 -3.07
CA ALA D 158 -11.56 23.72 -3.19
C ALA D 158 -12.59 23.96 -4.17
N LEU D 159 -12.39 23.28 -5.29
CA LEU D 159 -13.20 23.26 -6.44
C LEU D 159 -14.64 22.68 -6.03
N THR D 160 -14.79 21.60 -5.22
CA THR D 160 -16.07 21.07 -4.81
C THR D 160 -16.86 22.11 -4.01
N LYS D 161 -16.14 22.86 -3.11
CA LYS D 161 -16.69 23.89 -2.23
C LYS D 161 -17.39 24.98 -3.00
N ALA D 162 -16.85 25.35 -4.21
CA ALA D 162 -17.35 26.39 -5.06
C ALA D 162 -18.71 25.96 -5.69
N PHE D 163 -18.92 24.58 -5.91
CA PHE D 163 -20.09 24.05 -6.56
C PHE D 163 -21.33 24.29 -5.73
N GLN D 164 -21.15 24.24 -4.40
CA GLN D 164 -22.20 24.45 -3.37
C GLN D 164 -22.93 25.80 -3.60
N GLU D 165 -22.23 26.88 -4.02
CA GLU D 165 -22.84 28.17 -4.15
C GLU D 165 -23.86 28.23 -5.26
N VAL D 166 -23.75 27.36 -6.30
CA VAL D 166 -24.51 27.39 -7.55
C VAL D 166 -23.90 28.55 -8.22
N GLU D 167 -22.89 28.33 -9.01
CA GLU D 167 -22.17 29.38 -9.76
C GLU D 167 -21.47 28.64 -10.86
N LYS D 168 -20.97 29.49 -11.80
CA LYS D 168 -20.15 28.98 -12.75
C LYS D 168 -18.75 29.12 -12.18
N HIS D 169 -17.96 28.05 -12.31
CA HIS D 169 -16.55 28.08 -11.98
C HIS D 169 -16.11 26.96 -12.88
N ASP D 170 -15.04 27.17 -13.68
CA ASP D 170 -14.63 26.10 -14.54
C ASP D 170 -13.12 26.13 -14.68
N LEU D 171 -12.39 26.96 -13.83
CA LEU D 171 -10.94 27.15 -13.89
C LEU D 171 -10.45 27.69 -12.59
N VAL D 172 -9.13 27.48 -12.28
CA VAL D 172 -8.44 27.85 -11.11
C VAL D 172 -7.51 29.07 -11.39
N VAL D 173 -7.68 30.15 -10.58
CA VAL D 173 -6.91 31.35 -10.70
C VAL D 173 -5.86 31.49 -9.59
N THR D 174 -4.53 31.10 -9.79
CA THR D 174 -3.50 31.02 -8.78
C THR D 174 -2.38 32.08 -8.90
N LYS D 175 -1.56 32.20 -7.82
CA LYS D 175 -0.33 32.89 -7.83
C LYS D 175 0.73 31.99 -8.44
N ILE D 176 1.65 32.54 -9.23
CA ILE D 176 2.68 31.93 -10.11
C ILE D 176 3.63 31.07 -9.27
N VAL D 177 4.05 31.66 -8.08
CA VAL D 177 4.83 31.04 -7.06
C VAL D 177 4.19 29.90 -6.35
N MET D 178 2.92 30.03 -5.93
CA MET D 178 2.27 29.06 -5.15
C MET D 178 2.04 27.81 -5.98
N ASN D 179 1.58 28.05 -7.31
CA ASN D 179 1.25 27.02 -8.16
C ASN D 179 2.37 26.11 -8.46
N ALA D 180 3.59 26.72 -8.74
CA ALA D 180 4.81 26.03 -9.12
C ALA D 180 5.27 25.10 -7.91
N SER D 181 5.28 25.64 -6.61
CA SER D 181 5.64 24.89 -5.39
C SER D 181 4.60 23.82 -5.14
N ALA D 182 3.35 24.09 -5.45
CA ALA D 182 2.27 23.18 -5.29
C ALA D 182 2.39 22.06 -6.17
N PHE D 183 2.76 22.30 -7.49
CA PHE D 183 2.99 21.30 -8.59
C PHE D 183 4.17 20.39 -8.27
N ALA D 184 5.28 20.96 -7.79
CA ALA D 184 6.55 20.28 -7.48
C ALA D 184 6.44 19.20 -6.32
N ASP D 185 5.37 19.26 -5.50
CA ASP D 185 5.23 18.36 -4.41
C ASP D 185 4.74 17.04 -4.87
N ILE D 186 5.53 15.90 -4.81
CA ILE D 186 5.28 14.57 -5.32
C ILE D 186 5.16 13.79 -4.04
N ARG D 187 4.20 12.83 -3.94
CA ARG D 187 3.93 11.96 -2.82
C ARG D 187 5.12 11.02 -2.54
N ALA D 188 5.21 10.31 -1.39
CA ALA D 188 6.29 9.49 -1.15
C ALA D 188 5.97 8.11 -1.67
N TRP D 189 4.84 7.91 -2.29
CA TRP D 189 4.35 6.72 -2.89
C TRP D 189 4.39 6.99 -4.34
N GLY D 190 4.86 8.19 -4.71
CA GLY D 190 5.33 8.51 -6.11
C GLY D 190 4.15 8.78 -6.99
N GLN D 191 3.20 9.67 -6.60
CA GLN D 191 2.18 10.10 -7.42
C GLN D 191 2.15 11.54 -7.36
N ASN D 192 1.89 12.23 -8.53
CA ASN D 192 1.69 13.65 -8.54
C ASN D 192 0.45 14.07 -7.87
N GLU D 193 0.47 15.17 -7.13
CA GLU D 193 -0.57 15.51 -6.25
C GLU D 193 -1.73 16.16 -6.84
N PHE D 194 -1.54 16.78 -8.03
CA PHE D 194 -2.65 17.45 -8.71
C PHE D 194 -3.56 16.45 -9.30
N ASP D 195 -2.95 15.56 -10.17
CA ASP D 195 -3.64 14.50 -10.86
C ASP D 195 -2.75 13.34 -10.57
N PRO D 196 -3.27 12.13 -10.38
CA PRO D 196 -2.47 10.99 -9.99
C PRO D 196 -1.87 10.31 -11.19
N VAL D 197 -0.82 10.93 -11.88
CA VAL D 197 -0.18 10.47 -13.11
C VAL D 197 1.35 10.68 -13.01
N THR D 198 2.17 9.98 -13.83
CA THR D 198 3.59 10.00 -13.82
C THR D 198 4.12 10.65 -15.09
N GLN D 199 3.20 11.48 -15.75
CA GLN D 199 3.47 12.22 -17.02
C GLN D 199 3.50 13.69 -16.76
N HIS D 200 4.05 14.41 -17.75
CA HIS D 200 3.95 15.78 -17.82
C HIS D 200 2.51 16.21 -18.02
N GLU D 201 2.15 17.27 -17.41
CA GLU D 201 0.87 17.94 -17.37
C GLU D 201 1.31 19.27 -17.72
N VAL D 202 0.35 20.06 -18.23
CA VAL D 202 0.49 21.45 -18.64
C VAL D 202 0.12 22.26 -17.36
N LEU D 203 -0.43 21.59 -16.23
CA LEU D 203 -0.95 22.08 -14.96
C LEU D 203 -2.48 21.89 -15.24
N GLN D 204 -3.07 20.95 -14.46
CA GLN D 204 -4.45 20.67 -14.53
C GLN D 204 -4.76 20.24 -13.11
N THR D 205 -5.84 20.82 -12.51
CA THR D 205 -6.33 20.20 -11.30
C THR D 205 -7.83 20.13 -11.58
N GLY D 206 -8.43 19.00 -11.26
CA GLY D 206 -9.88 18.82 -11.32
C GLY D 206 -10.31 18.78 -12.70
N LEU D 207 -9.31 18.46 -13.58
CA LEU D 207 -9.44 18.47 -15.04
C LEU D 207 -9.76 19.84 -15.55
N PHE D 208 -9.33 20.90 -14.79
CA PHE D 208 -9.69 22.24 -15.12
C PHE D 208 -8.43 22.99 -15.35
N GLY D 209 -8.53 24.09 -16.22
CA GLY D 209 -7.40 24.94 -16.57
C GLY D 209 -6.87 25.82 -15.49
N HIS D 210 -5.60 26.29 -15.65
CA HIS D 210 -4.91 27.15 -14.72
C HIS D 210 -4.69 28.41 -15.52
N ILE D 211 -5.09 29.50 -14.81
CA ILE D 211 -4.91 30.84 -15.13
C ILE D 211 -4.08 31.42 -14.06
N TRP D 212 -2.92 32.10 -14.42
CA TRP D 212 -1.88 32.49 -13.55
C TRP D 212 -2.00 34.01 -13.61
N THR D 213 -2.31 34.57 -12.39
CA THR D 213 -2.46 35.94 -12.08
C THR D 213 -1.50 36.19 -10.95
N ALA D 214 -0.76 37.32 -10.90
CA ALA D 214 0.24 37.51 -9.87
C ALA D 214 -0.24 38.57 -8.86
N ASP D 215 -1.58 38.88 -8.86
CA ASP D 215 -2.22 39.81 -7.91
C ASP D 215 -2.86 38.97 -6.82
N ILE D 216 -2.76 37.58 -6.86
CA ILE D 216 -3.60 36.77 -6.04
C ILE D 216 -3.04 36.46 -4.68
N LEU D 217 -1.67 36.57 -4.62
CA LEU D 217 -0.74 36.41 -3.51
C LEU D 217 -0.58 34.97 -3.07
N ILE D 218 0.59 34.76 -2.40
CA ILE D 218 1.12 33.44 -2.10
C ILE D 218 0.20 32.80 -1.12
N SER D 219 0.10 31.43 -1.17
CA SER D 219 -0.76 30.55 -0.45
C SER D 219 -2.18 30.79 -0.74
N LYS D 220 -2.53 31.33 -1.89
CA LYS D 220 -3.89 31.57 -2.18
C LYS D 220 -4.26 30.85 -3.47
N LYS D 221 -5.50 30.21 -3.41
CA LYS D 221 -6.16 29.70 -4.61
C LYS D 221 -7.55 30.18 -4.57
N VAL D 222 -8.11 30.56 -5.75
CA VAL D 222 -9.46 31.19 -5.87
C VAL D 222 -10.08 30.45 -7.07
N PRO D 223 -11.14 29.58 -6.96
CA PRO D 223 -11.69 28.98 -8.13
C PRO D 223 -12.82 29.95 -8.47
N GLN D 224 -13.14 30.04 -9.79
CA GLN D 224 -14.13 30.98 -10.28
C GLN D 224 -14.16 30.86 -11.71
N ASN D 225 -15.14 31.59 -12.36
CA ASN D 225 -15.26 31.73 -13.80
C ASN D 225 -15.42 33.28 -14.04
N THR D 226 -14.44 33.95 -14.76
CA THR D 226 -14.46 35.40 -14.85
C THR D 226 -15.72 36.05 -15.42
N VAL D 227 -16.31 35.40 -16.41
CA VAL D 227 -17.45 35.76 -17.24
C VAL D 227 -18.77 35.89 -16.46
N TYR D 228 -19.02 34.97 -15.56
CA TYR D 228 -20.15 35.07 -14.65
C TYR D 228 -20.03 36.11 -13.49
N VAL D 229 -18.87 36.04 -12.85
CA VAL D 229 -18.52 36.66 -11.61
C VAL D 229 -18.44 38.12 -11.84
N LEU D 230 -17.74 38.65 -12.93
CA LEU D 230 -17.68 40.04 -13.26
C LEU D 230 -18.17 40.33 -14.68
N ALA D 231 -18.39 41.61 -14.90
CA ALA D 231 -18.73 42.12 -16.23
C ALA D 231 -18.18 43.52 -16.42
N ASP D 232 -17.63 43.94 -17.58
CA ASP D 232 -17.13 45.29 -17.72
C ASP D 232 -18.09 45.96 -18.60
N PRO D 233 -18.95 46.85 -18.16
CA PRO D 233 -19.75 47.77 -19.00
C PRO D 233 -18.80 48.90 -19.42
N GLU D 234 -18.88 49.39 -20.69
CA GLU D 234 -17.91 50.24 -21.37
C GLU D 234 -18.55 51.56 -21.79
N PHE D 235 -18.11 52.69 -21.16
CA PHE D 235 -18.69 54.05 -21.55
C PHE D 235 -18.11 54.33 -22.91
N VAL D 236 -16.78 54.19 -22.99
CA VAL D 236 -16.07 54.40 -24.23
C VAL D 236 -14.97 53.28 -24.30
N GLY D 237 -14.83 52.79 -25.58
CA GLY D 237 -13.92 51.76 -26.11
C GLY D 237 -12.59 52.21 -26.33
N VAL D 238 -11.56 51.33 -26.49
CA VAL D 238 -10.18 51.70 -26.58
C VAL D 238 -9.92 52.48 -27.81
N MET D 239 -9.24 53.60 -27.66
CA MET D 239 -8.69 54.28 -28.83
C MET D 239 -7.42 54.92 -28.43
N PRO D 240 -6.32 54.82 -29.25
CA PRO D 240 -5.04 55.42 -28.91
C PRO D 240 -5.05 56.79 -29.47
N ILE D 241 -4.39 57.79 -28.77
CA ILE D 241 -4.36 59.17 -29.29
C ILE D 241 -2.93 59.53 -29.00
N ARG D 242 -2.47 60.45 -29.87
CA ARG D 242 -1.20 61.04 -29.79
C ARG D 242 -1.39 62.49 -30.09
N GLN D 243 -0.79 63.35 -29.18
CA GLN D 243 -0.89 64.77 -29.19
C GLN D 243 0.53 65.24 -29.01
N ASP D 244 1.02 66.09 -29.95
CA ASP D 244 2.35 66.72 -29.90
C ASP D 244 2.16 68.21 -29.62
N ILE D 245 0.91 68.65 -29.45
CA ILE D 245 0.66 70.03 -29.29
C ILE D 245 0.49 70.31 -27.80
N GLN D 246 0.43 69.30 -26.92
CA GLN D 246 0.39 69.37 -25.53
C GLN D 246 1.58 70.12 -24.88
N VAL D 247 1.52 70.50 -23.61
CA VAL D 247 2.47 71.39 -22.92
C VAL D 247 3.87 70.88 -23.01
N ILE D 248 4.11 69.63 -22.56
CA ILE D 248 5.30 69.01 -22.50
C ILE D 248 5.91 68.60 -23.85
N PRO D 249 5.13 68.21 -24.89
CA PRO D 249 5.63 67.86 -26.22
C PRO D 249 6.30 69.05 -26.90
N ALA D 250 5.85 70.28 -26.55
CA ALA D 250 6.31 71.50 -27.14
C ALA D 250 7.75 71.86 -26.82
N ASP D 251 8.17 71.59 -25.57
CA ASP D 251 9.34 72.06 -24.84
C ASP D 251 10.63 71.72 -25.57
N LYS D 252 10.65 70.47 -26.03
CA LYS D 252 11.66 70.02 -26.90
C LYS D 252 10.96 69.12 -27.80
N PRO D 253 11.35 68.90 -29.08
CA PRO D 253 10.79 67.90 -30.01
C PRO D 253 10.43 66.51 -29.37
N GLU D 254 9.11 66.21 -29.18
CA GLU D 254 8.62 65.02 -28.60
C GLU D 254 7.16 64.90 -29.01
N GLU D 255 6.72 63.64 -28.89
CA GLU D 255 5.34 63.30 -29.04
C GLU D 255 4.89 62.62 -27.79
N LEU D 256 3.61 62.74 -27.44
CA LEU D 256 3.09 62.08 -26.29
C LEU D 256 2.06 61.15 -26.83
N ARG D 257 2.17 59.92 -26.26
CA ARG D 257 1.30 58.89 -26.67
C ARG D 257 0.52 58.60 -25.49
N LEU D 258 -0.81 58.65 -25.58
CA LEU D 258 -1.77 58.24 -24.61
C LEU D 258 -2.57 57.09 -25.16
N GLY D 259 -2.96 56.07 -24.33
CA GLY D 259 -3.68 54.86 -24.71
C GLY D 259 -4.66 54.79 -23.61
N TRP D 260 -6.01 54.81 -23.96
CA TRP D 260 -7.02 54.87 -22.89
C TRP D 260 -8.27 54.18 -23.18
N VAL D 261 -9.10 54.10 -22.12
CA VAL D 261 -10.41 53.56 -22.16
C VAL D 261 -11.13 54.26 -21.02
N ILE D 262 -12.52 54.21 -21.07
CA ILE D 262 -13.37 54.70 -20.02
C ILE D 262 -14.35 53.61 -19.70
N TYR D 263 -14.33 53.13 -18.46
CA TYR D 263 -15.09 52.00 -18.08
C TYR D 263 -15.89 52.28 -16.82
N GLU D 264 -16.85 51.32 -16.48
CA GLU D 264 -17.62 51.19 -15.27
C GLU D 264 -17.37 49.74 -14.98
N GLU D 265 -17.49 49.22 -13.71
CA GLU D 265 -17.31 47.82 -13.43
C GLU D 265 -18.53 47.31 -12.63
N LEU D 266 -19.23 46.22 -13.14
CA LEU D 266 -20.53 45.57 -12.78
C LEU D 266 -20.05 44.28 -12.18
N GLY D 267 -20.62 43.82 -11.05
CA GLY D 267 -20.33 42.58 -10.37
C GLY D 267 -21.61 41.83 -10.21
N LEU D 268 -21.68 40.87 -11.15
CA LEU D 268 -22.83 39.91 -11.18
C LEU D 268 -22.60 38.74 -10.39
N ALA D 269 -22.64 38.89 -9.06
CA ALA D 269 -22.18 37.96 -8.06
C ALA D 269 -22.22 38.73 -6.84
N VAL D 270 -22.91 38.26 -5.85
CA VAL D 270 -23.19 38.93 -4.57
C VAL D 270 -22.19 38.35 -3.57
N VAL D 271 -21.55 37.16 -3.85
CA VAL D 271 -20.69 36.44 -2.98
C VAL D 271 -20.19 35.28 -3.79
N ASN D 272 -20.66 35.18 -5.08
CA ASN D 272 -20.24 34.14 -5.97
C ASN D 272 -18.74 34.44 -6.38
N SER D 273 -17.90 33.42 -5.96
CA SER D 273 -16.46 33.37 -5.96
C SER D 273 -16.21 32.71 -4.60
N LEU D 274 -15.05 32.02 -4.43
CA LEU D 274 -14.74 31.36 -3.17
C LEU D 274 -13.27 31.23 -3.26
N ALA D 275 -12.54 31.02 -2.15
CA ALA D 275 -11.08 30.85 -2.10
C ALA D 275 -10.79 30.05 -0.84
N ILE D 276 -9.58 29.48 -0.86
CA ILE D 276 -9.13 28.71 0.23
C ILE D 276 -7.64 29.16 0.23
N ALA D 277 -6.96 29.09 1.41
CA ALA D 277 -5.62 29.28 1.63
C ALA D 277 -4.95 27.97 2.06
N LYS D 278 -3.84 27.68 1.30
CA LYS D 278 -2.88 26.56 1.45
C LYS D 278 -2.30 26.51 2.77
N ILE D 279 -2.10 25.31 3.37
CA ILE D 279 -1.46 25.19 4.59
C ILE D 279 -0.43 24.16 4.42
N SER D 280 -0.23 23.63 3.22
CA SER D 280 0.83 22.57 2.95
C SER D 280 2.18 23.24 2.83
N MET E 1 43.07 -36.14 -29.16
CA MET E 1 43.56 -34.99 -29.95
C MET E 1 44.65 -34.30 -29.23
N SER E 2 45.22 -33.20 -29.91
CA SER E 2 46.39 -32.52 -29.42
C SER E 2 46.10 -31.05 -29.61
N GLN E 3 46.41 -30.24 -28.57
CA GLN E 3 46.21 -28.76 -28.48
C GLN E 3 46.89 -28.09 -29.64
N LEU E 4 46.53 -26.84 -29.95
CA LEU E 4 47.07 -25.98 -31.02
C LEU E 4 47.65 -24.76 -30.40
N SER E 5 48.58 -24.09 -31.11
CA SER E 5 49.29 -22.92 -30.60
C SER E 5 48.94 -21.75 -31.40
N ASN E 6 48.70 -20.60 -30.70
CA ASN E 6 48.18 -19.36 -31.27
C ASN E 6 49.40 -18.51 -31.55
N GLN E 7 49.44 -17.94 -32.79
CA GLN E 7 50.50 -16.98 -33.26
C GLN E 7 49.79 -15.91 -34.01
N GLU E 8 50.10 -14.66 -33.68
CA GLU E 8 49.35 -13.56 -34.15
C GLU E 8 49.48 -13.38 -35.65
N LYS E 9 48.28 -13.38 -36.28
CA LYS E 9 48.06 -13.20 -37.73
C LYS E 9 48.40 -14.43 -38.60
N GLU E 10 48.23 -15.64 -38.03
CA GLU E 10 48.74 -16.83 -38.64
C GLU E 10 47.67 -17.85 -38.52
N TYR E 11 47.65 -18.82 -39.50
CA TYR E 11 46.66 -19.90 -39.67
C TYR E 11 46.06 -19.51 -41.04
N LEU E 12 46.63 -20.16 -42.13
CA LEU E 12 46.36 -19.85 -43.48
C LEU E 12 46.87 -18.42 -43.82
N ILE E 13 46.49 -17.95 -45.02
CA ILE E 13 46.88 -16.65 -45.63
C ILE E 13 45.69 -16.37 -46.52
N SER E 14 45.05 -15.14 -46.50
CA SER E 14 43.94 -14.79 -47.35
C SER E 14 43.47 -13.38 -47.09
N LYS E 15 44.07 -12.75 -46.09
CA LYS E 15 43.65 -11.37 -45.70
C LYS E 15 44.02 -10.48 -46.81
N ALA E 16 43.15 -9.52 -47.10
CA ALA E 16 43.35 -8.47 -48.07
C ALA E 16 42.49 -7.36 -47.57
N LEU E 17 42.20 -7.42 -46.24
CA LEU E 17 41.46 -6.53 -45.46
C LEU E 17 42.07 -6.46 -44.09
N GLU E 18 41.85 -5.39 -43.33
CA GLU E 18 42.23 -5.26 -42.00
C GLU E 18 40.95 -4.74 -41.29
N THR E 19 40.71 -3.41 -41.32
CA THR E 19 39.68 -2.88 -40.38
C THR E 19 38.55 -2.33 -41.22
N GLU E 20 37.36 -2.62 -40.82
CA GLU E 20 36.19 -2.31 -41.57
C GLU E 20 35.19 -1.85 -40.55
N GLU E 21 34.16 -1.21 -41.05
CA GLU E 21 32.99 -0.83 -40.33
C GLU E 21 33.26 0.35 -39.41
N GLY E 22 32.26 1.33 -39.54
CA GLY E 22 32.10 2.58 -38.79
C GLY E 22 32.11 2.30 -37.34
N ARG E 23 32.75 3.27 -36.60
CA ARG E 23 33.02 3.15 -35.19
C ARG E 23 32.42 4.26 -34.47
N VAL E 24 31.75 3.81 -33.33
CA VAL E 24 30.99 4.66 -32.43
C VAL E 24 31.98 5.25 -31.43
N ALA E 25 31.62 6.41 -30.85
CA ALA E 25 32.48 7.13 -29.97
C ALA E 25 31.51 8.01 -29.19
N LEU E 26 31.90 8.34 -27.97
CA LEU E 26 31.21 9.08 -26.99
C LEU E 26 30.92 10.44 -27.55
N ALA E 27 29.63 10.75 -27.44
CA ALA E 27 29.19 12.00 -28.00
C ALA E 27 28.12 12.51 -27.11
N GLN E 28 27.29 13.50 -27.53
CA GLN E 28 26.19 13.89 -26.74
C GLN E 28 25.32 14.61 -27.79
N ALA E 29 24.09 14.97 -27.49
CA ALA E 29 23.15 15.51 -28.42
C ALA E 29 23.47 16.98 -28.56
N MET E 30 23.01 17.59 -29.70
CA MET E 30 23.31 19.02 -29.91
C MET E 30 22.04 19.70 -29.91
N ALA E 31 22.04 21.04 -29.74
CA ALA E 31 20.85 21.86 -29.82
C ALA E 31 20.95 22.89 -30.88
N ASN E 32 22.09 22.86 -31.66
CA ASN E 32 22.50 23.92 -32.62
C ASN E 32 21.59 23.98 -33.80
N PRO E 33 21.10 22.91 -34.38
CA PRO E 33 20.21 23.10 -35.54
C PRO E 33 18.83 23.69 -35.36
N ILE E 34 18.46 23.70 -34.08
CA ILE E 34 17.05 24.09 -33.72
C ILE E 34 16.79 25.55 -33.99
N ARG E 35 17.75 26.45 -33.63
CA ARG E 35 17.66 27.88 -33.85
C ARG E 35 17.71 28.23 -35.39
N VAL E 36 17.63 29.57 -35.63
CA VAL E 36 17.81 30.16 -36.96
C VAL E 36 19.25 30.37 -37.44
N SER E 37 19.42 30.21 -38.77
CA SER E 37 20.69 30.42 -39.36
C SER E 37 20.39 31.46 -40.48
N LEU E 38 21.32 32.45 -40.69
CA LEU E 38 21.16 33.48 -41.69
C LEU E 38 22.62 33.75 -42.11
N ASP E 39 22.85 34.22 -43.38
CA ASP E 39 24.15 34.58 -43.92
C ASP E 39 24.39 36.03 -43.52
N TYR E 40 25.62 36.54 -43.46
CA TYR E 40 26.06 37.90 -43.17
C TYR E 40 27.28 38.30 -43.97
N GLN E 41 27.41 39.61 -44.34
CA GLN E 41 28.49 40.21 -45.03
C GLN E 41 29.15 41.36 -44.33
N GLY E 42 28.97 41.43 -43.04
CA GLY E 42 29.48 42.54 -42.20
C GLY E 42 30.91 42.21 -41.77
N VAL E 43 31.38 42.89 -40.73
CA VAL E 43 32.69 42.76 -40.11
C VAL E 43 32.51 42.49 -38.64
N GLY E 44 31.39 43.00 -37.97
CA GLY E 44 31.07 42.75 -36.63
C GLY E 44 29.63 43.01 -36.27
N ARG E 45 29.17 42.56 -35.05
CA ARG E 45 27.76 42.76 -34.62
C ARG E 45 27.64 43.52 -33.30
N LYS E 46 26.57 44.37 -33.08
CA LYS E 46 26.25 44.88 -31.78
C LYS E 46 24.78 44.37 -31.59
N LEU E 47 24.39 43.83 -30.39
CA LEU E 47 23.10 43.34 -30.07
C LEU E 47 22.70 44.06 -28.82
N LEU E 48 21.39 44.07 -28.52
CA LEU E 48 20.80 44.67 -27.33
C LEU E 48 20.19 43.58 -26.58
N VAL E 49 20.35 43.63 -25.24
CA VAL E 49 19.63 42.75 -24.29
C VAL E 49 18.95 43.69 -23.21
N VAL E 50 17.69 43.27 -22.78
CA VAL E 50 16.73 44.01 -21.96
C VAL E 50 17.18 43.86 -20.55
N ASP E 51 17.09 44.94 -19.83
CA ASP E 51 17.30 44.96 -18.43
C ASP E 51 15.98 44.89 -17.65
N PRO E 52 15.74 45.16 -16.41
CA PRO E 52 14.41 45.23 -15.82
C PRO E 52 13.58 46.39 -16.37
N LEU E 53 12.28 46.13 -16.71
CA LEU E 53 11.31 47.11 -17.12
C LEU E 53 10.18 47.14 -16.11
N PRO E 54 9.66 48.27 -15.52
CA PRO E 54 8.58 48.25 -14.50
C PRO E 54 7.26 47.72 -15.11
N GLN E 55 6.28 48.08 -14.35
CA GLN E 55 4.87 47.81 -14.49
C GLN E 55 4.09 49.00 -14.02
N GLY E 56 2.78 49.06 -14.35
CA GLY E 56 1.86 50.07 -13.86
C GLY E 56 2.19 51.38 -14.48
N ALA E 57 1.25 52.32 -14.31
CA ALA E 57 1.24 53.61 -14.92
C ALA E 57 -0.08 54.26 -14.47
N LEU E 58 -0.65 53.76 -13.27
CA LEU E 58 -1.83 54.09 -12.66
C LEU E 58 -2.50 55.48 -12.89
N PRO E 59 -3.80 55.58 -13.25
CA PRO E 59 -4.53 56.82 -13.53
C PRO E 59 -4.69 57.76 -12.30
N VAL E 60 -5.28 58.94 -12.47
CA VAL E 60 -5.50 59.92 -11.47
C VAL E 60 -6.81 59.66 -10.82
N TYR E 61 -7.36 58.41 -10.93
CA TYR E 61 -8.47 57.86 -10.24
C TYR E 61 -8.09 57.01 -8.99
N ASP E 62 -6.83 56.67 -8.85
CA ASP E 62 -6.28 56.25 -7.56
C ASP E 62 -5.45 57.34 -7.13
N LYS E 63 -5.57 58.57 -7.75
CA LYS E 63 -4.95 59.76 -7.42
C LYS E 63 -3.50 59.59 -7.58
N ASP E 64 -3.04 58.83 -8.55
CA ASP E 64 -1.61 58.49 -8.85
C ASP E 64 -1.34 59.20 -10.15
N VAL E 65 -0.05 59.46 -10.41
CA VAL E 65 0.47 60.10 -11.56
C VAL E 65 1.01 58.98 -12.42
N ASP E 66 0.65 59.02 -13.74
CA ASP E 66 1.01 58.04 -14.80
C ASP E 66 2.50 57.95 -14.96
N ALA E 67 2.97 56.73 -15.22
CA ALA E 67 4.36 56.51 -15.44
C ALA E 67 4.70 56.83 -16.86
N LYS E 68 5.89 57.58 -17.04
CA LYS E 68 6.39 57.98 -18.28
C LYS E 68 7.67 57.16 -18.58
N ALA E 69 7.80 55.99 -17.92
CA ALA E 69 8.86 55.00 -18.03
C ALA E 69 9.29 54.65 -19.47
N PHE E 70 10.61 54.50 -19.52
CA PHE E 70 11.33 54.30 -20.76
C PHE E 70 12.14 53.04 -20.54
N VAL E 71 11.92 52.04 -21.35
CA VAL E 71 12.55 50.69 -21.25
C VAL E 71 14.06 50.78 -21.43
N ILE E 72 14.84 49.93 -20.80
CA ILE E 72 16.28 50.00 -20.83
C ILE E 72 16.97 48.71 -21.36
N SER E 73 18.12 48.92 -22.00
CA SER E 73 18.92 47.89 -22.60
C SER E 73 20.37 48.16 -22.31
N LYS E 74 21.17 47.10 -22.39
CA LYS E 74 22.61 47.18 -22.26
C LYS E 74 23.04 46.45 -23.51
N ARG E 75 24.20 46.80 -24.02
CA ARG E 75 24.64 46.44 -25.30
C ARG E 75 25.78 45.56 -25.20
N GLY E 76 25.95 44.58 -26.14
CA GLY E 76 26.81 43.49 -26.22
C GLY E 76 27.35 43.66 -27.56
N GLN E 77 28.63 43.23 -27.79
CA GLN E 77 29.28 43.31 -29.02
C GLN E 77 29.70 41.94 -29.20
N VAL E 78 29.64 41.46 -30.44
CA VAL E 78 30.30 40.19 -30.77
C VAL E 78 31.12 40.39 -32.03
N PRO E 79 32.46 40.18 -31.88
CA PRO E 79 33.34 40.14 -33.09
C PRO E 79 33.30 38.72 -33.72
N ASP E 80 33.73 38.62 -35.00
CA ASP E 80 33.67 37.28 -35.66
C ASP E 80 34.59 36.36 -34.96
N GLN E 81 34.30 35.03 -34.89
CA GLN E 81 35.19 34.06 -34.26
C GLN E 81 35.39 32.89 -35.19
N VAL E 82 36.39 32.00 -34.93
CA VAL E 82 36.52 30.84 -35.73
C VAL E 82 36.41 29.68 -34.75
N ILE E 83 35.61 28.73 -35.27
CA ILE E 83 35.54 27.50 -34.53
C ILE E 83 36.06 26.58 -35.54
N GLU E 84 36.93 25.64 -35.05
CA GLU E 84 37.53 24.72 -35.92
C GLU E 84 38.07 23.63 -35.06
N GLY E 85 38.36 22.46 -35.76
CA GLY E 85 38.86 21.26 -35.20
C GLY E 85 39.57 20.48 -36.31
N ASP E 86 40.62 19.65 -36.05
CA ASP E 86 41.48 19.08 -37.06
C ASP E 86 41.49 17.57 -36.83
N ARG E 87 41.84 16.81 -37.88
CA ARG E 87 42.17 15.43 -37.76
C ARG E 87 43.50 15.35 -38.40
N ILE E 88 44.44 14.53 -37.92
CA ILE E 88 45.77 14.35 -38.46
C ILE E 88 45.90 12.92 -38.93
N GLN E 89 46.41 12.72 -40.19
CA GLN E 89 46.43 11.37 -40.76
C GLN E 89 47.70 11.02 -41.48
N VAL E 90 48.09 9.73 -41.51
CA VAL E 90 49.27 9.31 -42.28
C VAL E 90 48.75 8.71 -43.50
N PRO E 91 49.23 8.99 -44.71
CA PRO E 91 48.79 8.35 -45.95
C PRO E 91 48.88 6.82 -45.96
N THR E 92 49.95 6.25 -45.37
CA THR E 92 50.20 4.80 -45.39
C THR E 92 49.07 4.08 -44.72
N PHE E 93 48.68 4.62 -43.45
CA PHE E 93 47.72 4.08 -42.51
C PHE E 93 46.38 4.04 -43.20
N GLU E 94 46.03 5.14 -43.94
CA GLU E 94 44.78 5.38 -44.66
C GLU E 94 44.77 4.39 -45.76
N ILE E 95 45.87 4.14 -46.50
CA ILE E 95 45.79 3.10 -47.55
C ILE E 95 45.64 1.66 -47.02
N VAL E 96 46.43 1.23 -46.00
CA VAL E 96 46.41 -0.14 -45.63
C VAL E 96 45.16 -0.53 -44.96
N SER E 97 44.60 0.35 -44.08
CA SER E 97 43.45 0.14 -43.28
C SER E 97 42.21 -0.02 -44.15
N TYR E 98 42.05 0.79 -45.21
CA TYR E 98 41.00 0.75 -46.26
C TYR E 98 39.83 1.73 -46.05
N PRO E 99 38.91 1.71 -45.07
CA PRO E 99 37.81 2.75 -44.96
C PRO E 99 38.17 4.02 -44.37
N GLN E 100 39.41 4.09 -43.89
CA GLN E 100 39.87 5.07 -42.98
C GLN E 100 39.71 6.48 -43.51
N VAL E 101 39.92 6.76 -44.82
CA VAL E 101 39.78 8.08 -45.37
C VAL E 101 38.30 8.46 -45.20
N ARG E 102 37.35 7.61 -45.53
CA ARG E 102 35.92 7.97 -45.45
C ARG E 102 35.48 8.35 -43.98
N PHE E 103 35.94 7.47 -43.06
CA PHE E 103 35.74 7.53 -41.62
C PHE E 103 36.36 8.76 -40.92
N SER E 104 37.55 9.14 -41.35
CA SER E 104 38.37 10.27 -40.88
C SER E 104 37.61 11.56 -41.18
N GLN E 105 37.03 11.59 -42.38
CA GLN E 105 36.21 12.71 -42.83
C GLN E 105 34.94 12.81 -42.02
N VAL E 106 34.12 11.71 -41.67
CA VAL E 106 32.93 11.71 -40.91
C VAL E 106 33.24 12.13 -39.50
N LYS E 107 34.38 11.63 -38.93
CA LYS E 107 34.97 11.87 -37.61
C LYS E 107 35.38 13.38 -37.49
N GLU E 108 36.08 13.98 -38.52
CA GLU E 108 36.50 15.39 -38.46
C GLU E 108 35.22 16.16 -38.45
N ARG E 109 34.22 15.86 -39.29
CA ARG E 109 32.98 16.61 -39.29
C ARG E 109 32.17 16.57 -38.01
N ARG E 110 32.09 15.36 -37.39
CA ARG E 110 31.38 15.20 -36.15
C ARG E 110 32.14 15.95 -35.12
N PHE E 111 33.49 15.93 -35.08
CA PHE E 111 34.36 16.60 -34.05
C PHE E 111 34.09 18.09 -34.08
N ASN E 112 34.00 18.74 -35.24
CA ASN E 112 33.78 20.17 -35.30
C ASN E 112 32.43 20.56 -34.79
N VAL E 113 31.31 19.81 -35.08
CA VAL E 113 30.02 20.08 -34.58
C VAL E 113 29.92 19.93 -33.07
N ILE E 114 30.76 18.95 -32.50
CA ILE E 114 30.87 18.76 -31.04
C ILE E 114 31.55 19.90 -30.37
N ASP E 115 32.69 20.43 -30.93
CA ASP E 115 33.39 21.54 -30.29
C ASP E 115 32.48 22.72 -30.33
N ARG E 116 31.59 22.83 -31.36
CA ARG E 116 30.61 23.87 -31.56
C ARG E 116 29.58 23.88 -30.43
N ALA E 117 29.05 22.74 -30.09
CA ALA E 117 28.11 22.51 -28.97
C ALA E 117 28.65 22.90 -27.66
N GLN E 118 29.99 22.59 -27.47
CA GLN E 118 30.70 22.85 -26.22
C GLN E 118 30.69 24.27 -25.83
N GLN E 119 31.03 25.13 -26.87
CA GLN E 119 31.11 26.53 -26.83
C GLN E 119 29.76 27.15 -26.62
N ARG E 120 28.73 26.70 -27.35
CA ARG E 120 27.46 27.27 -27.30
C ARG E 120 26.80 27.16 -25.98
N ALA E 121 26.89 25.97 -25.32
CA ALA E 121 26.43 25.84 -23.95
C ALA E 121 27.23 26.48 -22.86
N LYS E 122 28.51 26.07 -22.69
CA LYS E 122 29.33 26.41 -21.45
C LYS E 122 30.59 27.14 -21.80
N ALA E 123 30.67 28.31 -21.16
CA ALA E 123 31.59 29.41 -21.26
C ALA E 123 30.94 30.70 -21.02
N ASP E 124 31.61 31.69 -20.41
CA ASP E 124 31.16 32.99 -20.06
C ASP E 124 31.83 33.79 -21.12
N ILE E 125 31.18 34.92 -21.54
CA ILE E 125 31.71 35.65 -22.68
C ILE E 125 32.98 36.28 -22.22
N MET E 126 34.13 36.04 -22.92
CA MET E 126 35.47 36.57 -22.65
C MET E 126 35.70 37.65 -23.66
N ALA E 127 36.39 37.28 -24.70
CA ALA E 127 36.69 38.24 -25.77
C ALA E 127 36.80 37.49 -27.05
N VAL E 128 37.01 36.22 -26.91
CA VAL E 128 37.24 35.36 -28.00
C VAL E 128 35.98 34.49 -28.07
N GLU E 129 34.85 34.99 -27.59
CA GLU E 129 33.63 34.23 -27.29
C GLU E 129 32.55 35.00 -28.06
N ASP E 130 31.33 34.36 -28.20
CA ASP E 130 30.22 34.93 -28.86
C ASP E 130 29.19 35.17 -27.77
N ALA E 131 28.01 34.56 -27.89
CA ALA E 131 26.85 34.54 -27.00
C ALA E 131 26.66 33.11 -26.72
N GLU E 132 26.46 32.72 -25.45
CA GLU E 132 26.48 31.37 -24.92
C GLU E 132 25.26 31.28 -24.02
N ILE E 133 24.59 30.09 -24.19
CA ILE E 133 23.27 29.70 -23.63
C ILE E 133 23.32 29.89 -22.14
N PHE E 134 24.36 29.40 -21.46
CA PHE E 134 24.44 29.40 -20.03
C PHE E 134 24.51 30.81 -19.45
N SER E 135 25.16 31.77 -20.11
CA SER E 135 25.10 33.18 -19.70
C SER E 135 23.62 33.76 -19.77
N LEU E 136 22.92 33.66 -20.89
CA LEU E 136 21.69 34.37 -21.14
C LEU E 136 20.54 34.04 -20.22
N LEU E 137 20.40 32.78 -19.83
CA LEU E 137 19.35 32.28 -18.87
C LEU E 137 19.13 33.06 -17.60
N GLU E 138 17.88 32.97 -17.05
CA GLU E 138 17.49 33.58 -15.86
C GLU E 138 17.85 32.75 -14.76
N GLY E 139 18.17 33.37 -13.62
CA GLY E 139 18.63 32.68 -12.45
C GLY E 139 17.61 31.87 -11.78
N ALA E 140 18.04 30.80 -11.09
CA ALA E 140 17.27 29.86 -10.38
C ALA E 140 16.49 30.50 -9.28
N ALA E 141 15.23 30.03 -9.11
CA ALA E 141 14.31 30.34 -8.08
C ALA E 141 14.15 28.99 -7.41
N THR E 142 14.50 28.98 -6.13
CA THR E 142 14.47 27.92 -5.20
C THR E 142 13.01 27.60 -4.86
N ALA E 143 12.11 28.59 -4.97
CA ALA E 143 10.66 28.46 -4.62
C ALA E 143 9.84 27.44 -5.42
N VAL E 144 10.20 27.45 -6.75
CA VAL E 144 9.76 26.50 -7.76
C VAL E 144 10.06 25.03 -7.35
N ASN E 145 11.16 24.72 -6.66
CA ASN E 145 11.52 23.40 -6.08
C ASN E 145 10.71 23.08 -4.83
N ALA E 146 10.38 21.80 -4.62
CA ALA E 146 9.68 21.39 -3.42
C ALA E 146 10.10 19.93 -3.28
N VAL E 147 9.63 19.30 -2.13
CA VAL E 147 9.88 17.91 -1.64
C VAL E 147 9.37 16.93 -2.63
N THR E 148 10.30 16.09 -3.07
CA THR E 148 10.11 15.06 -4.11
C THR E 148 10.73 13.73 -3.64
N ILE E 149 10.50 12.67 -4.37
CA ILE E 149 10.98 11.29 -4.27
C ILE E 149 11.52 10.93 -5.59
N SER E 150 11.58 11.86 -6.59
CA SER E 150 12.16 11.52 -7.86
C SER E 150 12.82 12.73 -8.51
N SER E 151 13.87 12.40 -9.31
CA SER E 151 14.61 13.30 -10.18
C SER E 151 13.69 13.86 -11.30
N GLY E 152 12.75 12.95 -11.82
CA GLY E 152 11.73 13.19 -12.86
C GLY E 152 10.69 14.15 -12.45
N GLY E 153 10.31 14.11 -11.15
CA GLY E 153 9.33 15.05 -10.61
C GLY E 153 9.77 16.50 -10.55
N LEU E 154 11.05 16.69 -10.22
CA LEU E 154 11.72 18.04 -10.32
C LEU E 154 11.77 18.47 -11.79
N GLN E 155 12.17 17.52 -12.67
CA GLN E 155 12.30 17.93 -14.02
C GLN E 155 10.99 18.39 -14.63
N ARG E 156 9.80 17.77 -14.36
CA ARG E 156 8.45 18.15 -14.76
C ARG E 156 8.10 19.47 -14.18
N ALA E 157 8.43 19.68 -12.90
CA ALA E 157 8.22 20.89 -12.22
C ALA E 157 8.95 22.15 -12.85
N ALA E 158 10.17 22.15 -13.34
CA ALA E 158 10.84 23.27 -13.92
C ALA E 158 10.18 23.78 -15.17
N LEU E 159 9.75 22.76 -15.99
CA LEU E 159 9.19 23.01 -17.30
C LEU E 159 7.90 23.80 -17.28
N THR E 160 7.07 23.50 -16.26
CA THR E 160 5.75 24.06 -16.13
C THR E 160 5.92 25.47 -15.70
N LYS E 161 6.95 25.86 -14.91
CA LYS E 161 7.07 27.15 -14.38
C LYS E 161 7.16 28.21 -15.42
N ALA E 162 7.88 27.87 -16.54
CA ALA E 162 8.13 28.78 -17.65
C ALA E 162 6.86 29.23 -18.32
N PHE E 163 5.85 28.31 -18.42
CA PHE E 163 4.57 28.58 -19.04
C PHE E 163 3.74 29.66 -18.33
N GLN E 164 3.89 29.70 -16.95
CA GLN E 164 3.15 30.58 -16.11
C GLN E 164 3.35 32.03 -16.41
N GLU E 165 4.66 32.38 -16.67
CA GLU E 165 5.31 33.63 -17.03
C GLU E 165 4.90 34.13 -18.36
N VAL E 166 4.51 33.24 -19.23
CA VAL E 166 4.35 33.45 -20.67
C VAL E 166 5.71 33.68 -21.25
N GLU E 167 6.61 32.66 -21.07
CA GLU E 167 7.89 32.49 -21.77
C GLU E 167 7.57 31.61 -22.94
N LYS E 168 8.62 31.45 -23.83
CA LYS E 168 8.51 30.55 -24.99
C LYS E 168 9.31 29.38 -24.58
N HIS E 169 8.90 28.16 -24.91
CA HIS E 169 9.52 26.88 -24.64
C HIS E 169 9.28 26.09 -25.92
N ASP E 170 10.21 25.20 -26.14
CA ASP E 170 10.21 24.37 -27.30
C ASP E 170 11.13 23.21 -26.96
N LEU E 171 12.09 23.29 -26.04
CA LEU E 171 13.05 22.26 -25.89
C LEU E 171 13.70 22.33 -24.55
N VAL E 172 14.26 21.22 -24.08
CA VAL E 172 14.86 21.16 -22.81
C VAL E 172 16.35 21.03 -23.04
N VAL E 173 17.15 22.00 -22.48
CA VAL E 173 18.51 21.94 -22.73
C VAL E 173 18.99 21.56 -21.35
N THR E 174 19.41 20.30 -21.04
CA THR E 174 19.66 19.80 -19.68
C THR E 174 21.11 19.30 -19.58
N LYS E 175 21.66 19.06 -18.38
CA LYS E 175 23.02 18.51 -18.09
C LYS E 175 22.89 17.07 -18.42
N ILE E 176 23.99 16.49 -18.89
CA ILE E 176 23.96 15.15 -19.39
C ILE E 176 23.52 14.12 -18.31
N VAL E 177 24.07 14.35 -17.07
CA VAL E 177 23.85 13.62 -15.83
C VAL E 177 22.35 13.83 -15.44
N MET E 178 21.94 15.10 -15.54
CA MET E 178 20.57 15.35 -15.04
C MET E 178 19.49 14.70 -15.87
N ASN E 179 19.57 14.80 -17.20
CA ASN E 179 18.59 14.22 -18.17
C ASN E 179 18.44 12.73 -18.07
N ALA E 180 19.59 12.08 -17.95
CA ALA E 180 19.65 10.70 -17.97
C ALA E 180 19.04 10.18 -16.70
N SER E 181 19.44 10.77 -15.57
CA SER E 181 19.10 10.39 -14.27
C SER E 181 17.67 10.59 -13.97
N ALA E 182 17.15 11.61 -14.62
CA ALA E 182 15.75 11.94 -14.68
C ALA E 182 14.95 10.85 -15.45
N PHE E 183 15.51 10.34 -16.55
CA PHE E 183 14.82 9.23 -17.23
C PHE E 183 14.74 7.92 -16.38
N ALA E 184 15.94 7.67 -15.80
CA ALA E 184 16.23 6.54 -14.93
C ALA E 184 15.55 6.35 -13.69
N ASP E 185 15.03 7.46 -13.08
CA ASP E 185 14.28 7.54 -11.83
C ASP E 185 13.34 6.41 -11.47
N ILE E 186 13.01 6.48 -10.15
CA ILE E 186 12.37 5.43 -9.33
C ILE E 186 11.33 6.14 -8.49
N ARG E 187 10.46 5.32 -7.85
CA ARG E 187 9.43 5.76 -6.98
C ARG E 187 9.87 5.43 -5.60
N ALA E 188 11.06 4.80 -5.43
CA ALA E 188 11.73 4.43 -4.23
C ALA E 188 11.97 2.90 -4.33
N TRP E 189 11.36 2.40 -5.39
CA TRP E 189 11.47 1.00 -5.65
C TRP E 189 11.19 0.73 -7.13
N GLY E 190 11.44 1.78 -8.01
CA GLY E 190 11.35 1.63 -9.44
C GLY E 190 10.12 2.23 -9.94
N GLN E 191 9.93 2.32 -11.32
CA GLN E 191 8.88 2.99 -12.08
C GLN E 191 9.25 4.36 -12.27
N ASN E 192 9.42 4.79 -13.56
CA ASN E 192 9.80 6.15 -13.85
C ASN E 192 8.52 6.94 -13.75
N GLU E 193 8.71 8.18 -13.26
CA GLU E 193 7.78 9.21 -12.93
C GLU E 193 7.96 10.39 -13.82
N PHE E 194 8.24 10.17 -15.15
CA PHE E 194 8.43 11.21 -16.19
C PHE E 194 8.36 10.64 -17.54
N ASP E 195 8.21 9.24 -17.55
CA ASP E 195 8.01 8.35 -18.69
C ASP E 195 6.92 7.40 -18.34
N PRO E 196 6.26 6.68 -19.25
CA PRO E 196 5.05 5.87 -19.07
C PRO E 196 5.36 4.74 -18.14
N VAL E 197 4.34 3.99 -17.83
CA VAL E 197 4.25 2.94 -16.85
C VAL E 197 4.44 1.58 -17.46
N THR E 198 5.01 1.49 -18.65
CA THR E 198 5.45 0.17 -19.20
C THR E 198 6.44 0.44 -20.31
N GLN E 199 6.53 1.78 -20.70
CA GLN E 199 7.34 2.23 -21.79
C GLN E 199 8.21 3.32 -21.35
N HIS E 200 9.36 3.40 -21.98
CA HIS E 200 10.39 4.42 -21.84
C HIS E 200 10.48 5.30 -23.09
N GLU E 201 10.62 6.56 -22.80
CA GLU E 201 10.70 7.62 -23.77
C GLU E 201 11.93 8.52 -23.48
N VAL E 202 12.85 8.83 -24.45
CA VAL E 202 14.04 9.59 -24.16
C VAL E 202 14.24 10.58 -25.29
N LEU E 203 13.21 10.65 -26.16
CA LEU E 203 13.22 11.39 -27.40
C LEU E 203 12.49 12.64 -27.13
N GLN E 204 11.16 12.53 -26.86
CA GLN E 204 10.31 13.67 -26.56
C GLN E 204 9.18 13.33 -25.63
N THR E 205 9.03 14.18 -24.60
CA THR E 205 8.09 14.12 -23.48
C THR E 205 7.43 15.50 -23.37
N GLY E 206 6.13 15.52 -23.13
CA GLY E 206 5.30 16.69 -23.03
C GLY E 206 4.94 17.30 -24.38
N LEU E 207 5.50 16.74 -25.47
CA LEU E 207 5.45 17.04 -26.84
C LEU E 207 6.62 17.99 -27.23
N PHE E 208 7.70 18.15 -26.43
CA PHE E 208 8.90 18.96 -26.62
C PHE E 208 10.06 18.06 -26.57
N GLY E 209 11.15 18.43 -27.27
CA GLY E 209 12.41 17.69 -27.36
C GLY E 209 13.24 17.75 -26.15
N HIS E 210 14.19 16.76 -25.99
CA HIS E 210 15.12 16.80 -24.89
C HIS E 210 16.49 16.71 -25.54
N ILE E 211 17.31 17.65 -25.09
CA ILE E 211 18.71 17.68 -25.45
C ILE E 211 19.48 17.42 -24.25
N TRP E 212 20.42 16.43 -24.18
CA TRP E 212 21.33 16.10 -23.10
C TRP E 212 22.71 16.61 -23.64
N THR E 213 23.36 17.58 -22.98
CA THR E 213 24.60 18.25 -23.42
C THR E 213 25.44 18.23 -22.16
N ALA E 214 26.76 18.00 -22.41
CA ALA E 214 27.76 17.80 -21.42
C ALA E 214 28.41 19.20 -21.41
N ASP E 215 28.55 19.85 -20.25
CA ASP E 215 29.18 21.10 -19.97
C ASP E 215 28.09 22.24 -20.19
N ILE E 216 27.65 22.73 -19.00
CA ILE E 216 26.46 23.62 -18.97
C ILE E 216 26.23 23.91 -17.48
N LEU E 217 27.14 23.37 -16.56
CA LEU E 217 27.13 23.57 -15.11
C LEU E 217 26.18 22.70 -14.40
N ILE E 218 26.82 21.96 -13.45
CA ILE E 218 26.23 20.76 -12.85
C ILE E 218 24.79 20.92 -12.45
N SER E 219 23.94 19.89 -12.73
CA SER E 219 22.54 19.57 -12.32
C SER E 219 21.58 20.78 -12.55
N LYS E 220 21.51 21.32 -13.81
CA LYS E 220 20.68 22.33 -14.22
C LYS E 220 19.89 22.00 -15.46
N LYS E 221 18.61 22.46 -15.45
CA LYS E 221 17.71 22.35 -16.56
C LYS E 221 17.14 23.75 -16.86
N VAL E 222 17.02 23.94 -18.20
CA VAL E 222 16.72 25.22 -18.84
C VAL E 222 15.57 24.93 -19.78
N PRO E 223 14.42 25.49 -19.57
CA PRO E 223 13.46 25.66 -20.65
C PRO E 223 13.80 27.04 -21.32
N GLN E 224 13.49 27.08 -22.62
CA GLN E 224 13.69 28.19 -23.49
C GLN E 224 13.20 27.72 -24.80
N ASN E 225 13.14 28.54 -25.87
CA ASN E 225 12.83 28.14 -27.21
C ASN E 225 13.89 28.81 -28.06
N THR E 226 14.78 27.96 -28.67
CA THR E 226 16.05 28.22 -29.30
C THR E 226 15.95 29.28 -30.41
N VAL E 227 14.90 29.20 -31.22
CA VAL E 227 14.59 30.03 -32.36
C VAL E 227 14.51 31.53 -31.94
N TYR E 228 13.85 31.85 -30.79
CA TYR E 228 13.75 33.22 -30.36
C TYR E 228 15.10 33.73 -29.73
N VAL E 229 15.60 32.96 -28.76
CA VAL E 229 16.67 33.32 -27.90
C VAL E 229 17.95 33.67 -28.68
N LEU E 230 18.42 32.74 -29.64
CA LEU E 230 19.67 33.04 -30.36
C LEU E 230 19.41 33.06 -31.88
N ALA E 231 20.40 33.53 -32.67
CA ALA E 231 20.33 33.45 -34.07
C ALA E 231 21.78 33.30 -34.40
N ASP E 232 22.07 32.52 -35.43
CA ASP E 232 23.47 32.32 -35.85
C ASP E 232 23.72 33.03 -37.23
N PRO E 233 24.51 34.18 -37.27
CA PRO E 233 24.92 34.71 -38.58
C PRO E 233 26.14 33.92 -39.00
N GLU E 234 26.23 33.54 -40.28
CA GLU E 234 27.23 32.67 -40.74
C GLU E 234 27.93 33.53 -41.72
N PHE E 235 29.18 33.91 -41.50
CA PHE E 235 29.93 34.66 -42.48
C PHE E 235 30.27 33.62 -43.67
N VAL E 236 30.82 32.43 -43.38
CA VAL E 236 31.13 31.45 -44.43
C VAL E 236 30.75 30.12 -43.80
N GLY E 237 30.12 29.18 -44.48
CA GLY E 237 29.62 27.90 -44.16
C GLY E 237 30.81 26.93 -44.06
N VAL E 238 30.54 25.67 -43.58
CA VAL E 238 31.48 24.64 -43.22
C VAL E 238 32.23 24.15 -44.44
N MET E 239 33.55 23.93 -44.32
CA MET E 239 34.26 23.46 -45.44
C MET E 239 35.41 22.66 -44.99
N PRO E 240 35.87 21.58 -45.60
CA PRO E 240 37.16 20.93 -45.29
C PRO E 240 38.14 21.48 -46.22
N ILE E 241 39.41 21.58 -45.73
CA ILE E 241 40.63 22.03 -46.41
C ILE E 241 41.65 21.09 -45.90
N ARG E 242 42.68 20.74 -46.86
CA ARG E 242 43.73 19.82 -46.50
C ARG E 242 45.04 20.30 -46.99
N GLN E 243 46.08 20.19 -46.19
CA GLN E 243 47.35 20.69 -46.56
C GLN E 243 48.38 19.70 -46.12
N ASP E 244 49.21 19.28 -47.03
CA ASP E 244 50.41 18.45 -46.91
C ASP E 244 51.70 19.35 -46.76
N ILE E 245 51.59 20.69 -46.57
CA ILE E 245 52.72 21.52 -46.25
C ILE E 245 52.07 22.34 -45.23
N GLN E 246 52.30 22.05 -43.89
CA GLN E 246 51.75 22.80 -42.84
C GLN E 246 52.72 22.36 -41.81
N VAL E 247 52.48 22.81 -40.58
CA VAL E 247 53.33 22.79 -39.41
C VAL E 247 53.68 21.34 -39.12
N ILE E 248 52.64 20.51 -38.90
CA ILE E 248 52.72 19.06 -38.61
C ILE E 248 53.08 18.23 -39.83
N PRO E 249 52.62 18.44 -41.10
CA PRO E 249 52.99 17.57 -42.19
C PRO E 249 54.46 17.47 -42.51
N ALA E 250 55.27 18.57 -42.28
CA ALA E 250 56.67 18.69 -42.55
C ALA E 250 57.59 17.71 -41.74
N ASP E 251 57.33 17.62 -40.41
CA ASP E 251 58.09 16.79 -39.52
C ASP E 251 58.05 15.33 -39.87
N LYS E 252 56.82 14.79 -40.11
CA LYS E 252 56.65 13.39 -40.33
C LYS E 252 55.67 13.25 -41.42
N PRO E 253 55.80 12.28 -42.39
CA PRO E 253 54.87 11.95 -43.47
C PRO E 253 53.45 11.78 -42.96
N GLU E 254 52.74 12.89 -43.06
CA GLU E 254 51.40 13.09 -42.57
C GLU E 254 50.73 14.02 -43.57
N GLU E 255 49.38 14.05 -43.49
CA GLU E 255 48.49 14.93 -44.08
C GLU E 255 47.72 15.59 -42.97
N LEU E 256 47.36 16.89 -43.15
CA LEU E 256 46.64 17.61 -42.07
C LEU E 256 45.28 17.84 -42.66
N ARG E 257 44.17 17.51 -41.91
CA ARG E 257 42.82 17.70 -42.24
C ARG E 257 42.37 18.80 -41.35
N LEU E 258 41.87 19.95 -41.88
CA LEU E 258 41.34 21.10 -41.10
C LEU E 258 39.91 21.17 -41.50
N GLY E 259 39.00 21.44 -40.54
CA GLY E 259 37.60 21.56 -40.81
C GLY E 259 37.15 22.68 -39.97
N TRP E 260 36.61 23.74 -40.67
CA TRP E 260 36.34 25.00 -39.97
C TRP E 260 35.12 25.65 -40.46
N VAL E 261 34.76 26.70 -39.68
CA VAL E 261 33.62 27.42 -39.91
C VAL E 261 33.93 28.75 -39.20
N ILE E 262 33.29 29.84 -39.67
CA ILE E 262 33.42 31.18 -39.07
C ILE E 262 32.03 31.57 -38.78
N TYR E 263 31.86 31.88 -37.52
CA TYR E 263 30.56 32.09 -36.98
C TYR E 263 30.64 33.43 -36.26
N GLU E 264 29.43 33.80 -35.88
CA GLU E 264 29.07 34.70 -34.84
C GLU E 264 27.81 34.12 -34.16
N GLU E 265 27.47 34.41 -32.89
CA GLU E 265 26.20 33.87 -32.31
C GLU E 265 25.60 35.02 -31.53
N LEU E 266 24.31 35.45 -31.76
CA LEU E 266 23.73 36.65 -31.11
C LEU E 266 22.74 36.10 -30.08
N GLY E 267 22.63 36.70 -28.83
CA GLY E 267 21.74 36.29 -27.77
C GLY E 267 20.91 37.53 -27.47
N LEU E 268 19.67 37.52 -27.94
CA LEU E 268 18.71 38.53 -27.70
C LEU E 268 18.15 38.39 -26.34
N ALA E 269 18.23 39.49 -25.56
CA ALA E 269 17.65 39.53 -24.22
C ALA E 269 18.07 38.41 -23.25
N VAL E 270 17.44 38.47 -22.05
CA VAL E 270 17.73 37.63 -20.87
C VAL E 270 16.47 36.85 -20.67
N VAL E 271 15.40 37.17 -21.40
CA VAL E 271 14.07 36.62 -21.08
C VAL E 271 13.75 35.62 -22.16
N ASN E 272 12.78 34.70 -21.74
CA ASN E 272 12.23 33.68 -22.50
C ASN E 272 13.11 32.50 -22.45
N SER E 273 13.85 32.43 -21.34
CA SER E 273 14.82 31.44 -21.03
C SER E 273 15.06 31.40 -19.55
N LEU E 274 14.67 30.33 -18.91
CA LEU E 274 14.69 30.27 -17.39
C LEU E 274 15.49 29.04 -16.99
N ALA E 275 16.32 29.05 -15.93
CA ALA E 275 17.04 27.90 -15.41
C ALA E 275 16.56 27.67 -14.02
N ILE E 276 16.50 26.39 -13.57
CA ILE E 276 16.05 26.16 -12.21
C ILE E 276 17.13 25.09 -11.86
N ALA E 277 17.52 25.19 -10.56
CA ALA E 277 18.37 24.27 -9.89
C ALA E 277 17.52 23.56 -8.80
N LYS E 278 17.65 22.22 -8.77
CA LYS E 278 17.16 21.21 -7.82
C LYS E 278 17.02 21.61 -6.33
N ILE E 279 16.07 20.96 -5.59
CA ILE E 279 15.77 21.20 -4.20
C ILE E 279 16.87 21.16 -3.27
N SER E 280 16.82 21.86 -2.11
CA SER E 280 17.90 21.84 -1.17
C SER E 280 17.92 20.47 -0.55
N MET F 1 3.23 -54.75 -5.52
CA MET F 1 3.19 -56.29 -5.35
C MET F 1 2.46 -56.85 -6.60
N SER F 2 2.94 -58.01 -7.08
CA SER F 2 2.38 -58.56 -8.28
C SER F 2 1.52 -59.81 -7.96
N GLN F 3 1.46 -60.13 -6.67
CA GLN F 3 0.69 -61.18 -6.09
C GLN F 3 -0.24 -60.48 -5.09
N LEU F 4 -1.24 -61.31 -4.70
CA LEU F 4 -2.24 -60.95 -3.71
C LEU F 4 -1.80 -61.63 -2.52
N SER F 5 -0.84 -62.57 -2.61
CA SER F 5 -0.33 -63.49 -1.54
C SER F 5 0.97 -63.00 -0.97
N ASN F 6 1.45 -61.85 -1.56
CA ASN F 6 2.61 -61.11 -1.15
C ASN F 6 3.88 -61.74 -1.53
N GLN F 7 4.45 -61.18 -2.62
CA GLN F 7 5.78 -61.37 -2.98
C GLN F 7 5.98 -60.28 -3.99
N GLU F 8 7.27 -59.82 -4.15
CA GLU F 8 7.71 -58.88 -5.16
C GLU F 8 8.92 -59.35 -5.85
N LYS F 9 9.04 -58.91 -7.11
CA LYS F 9 10.15 -58.99 -7.91
C LYS F 9 10.28 -57.53 -8.27
N GLU F 10 11.55 -57.20 -8.69
CA GLU F 10 11.95 -55.87 -8.91
C GLU F 10 12.97 -55.85 -9.93
N TYR F 11 13.67 -57.01 -10.17
CA TYR F 11 14.81 -57.02 -11.10
C TYR F 11 14.46 -57.77 -12.36
N LEU F 12 13.38 -58.58 -12.36
CA LEU F 12 13.01 -59.31 -13.51
C LEU F 12 12.04 -58.52 -14.31
N ILE F 13 12.35 -58.17 -15.60
CA ILE F 13 11.61 -57.14 -16.32
C ILE F 13 11.29 -57.52 -17.71
N SER F 14 10.28 -56.85 -18.32
CA SER F 14 9.85 -57.09 -19.63
C SER F 14 9.09 -55.89 -20.13
N LYS F 15 9.08 -55.77 -21.51
CA LYS F 15 8.38 -54.74 -22.11
C LYS F 15 8.79 -53.34 -21.66
N ALA F 16 10.12 -53.07 -21.74
CA ALA F 16 10.63 -51.74 -21.62
C ALA F 16 10.28 -50.77 -22.72
N LEU F 17 9.91 -49.56 -22.30
CA LEU F 17 9.54 -48.59 -23.22
C LEU F 17 10.05 -47.41 -22.46
N GLU F 18 10.77 -46.48 -23.18
CA GLU F 18 11.32 -45.22 -22.73
C GLU F 18 12.38 -45.45 -21.67
N THR F 19 13.49 -45.96 -22.12
CA THR F 19 14.73 -46.29 -21.50
C THR F 19 15.72 -45.41 -22.19
N GLU F 20 16.60 -44.76 -21.45
CA GLU F 20 17.70 -43.95 -22.01
C GLU F 20 17.33 -42.79 -22.91
N GLU F 21 16.20 -42.14 -22.47
CA GLU F 21 15.56 -41.15 -23.28
C GLU F 21 15.44 -39.97 -22.31
N GLY F 22 16.15 -40.08 -21.17
CA GLY F 22 16.17 -39.06 -20.11
C GLY F 22 17.07 -37.90 -20.66
N ARG F 23 16.92 -36.76 -19.97
CA ARG F 23 17.86 -35.66 -20.20
C ARG F 23 18.11 -35.00 -18.85
N VAL F 24 19.05 -33.99 -18.83
CA VAL F 24 19.41 -33.05 -17.84
C VAL F 24 19.26 -31.68 -18.59
N ALA F 25 18.27 -30.84 -18.24
CA ALA F 25 17.94 -29.51 -18.89
C ALA F 25 19.03 -28.54 -18.40
N LEU F 26 19.52 -27.69 -19.35
CA LEU F 26 20.53 -26.68 -19.07
C LEU F 26 20.09 -25.29 -19.29
N ALA F 27 20.34 -24.41 -18.34
CA ALA F 27 20.00 -23.03 -18.37
C ALA F 27 20.85 -22.35 -19.35
N GLN F 28 20.25 -21.42 -20.18
CA GLN F 28 20.85 -20.56 -21.23
C GLN F 28 21.94 -19.70 -20.63
N ALA F 29 23.11 -19.56 -21.30
CA ALA F 29 24.25 -18.84 -20.84
C ALA F 29 25.09 -18.68 -22.10
N MET F 30 24.42 -18.18 -23.13
CA MET F 30 25.00 -17.95 -24.45
C MET F 30 25.33 -16.37 -24.46
N ALA F 31 26.10 -16.00 -25.48
CA ALA F 31 26.49 -14.61 -25.82
C ALA F 31 26.76 -14.56 -27.30
N ASN F 32 26.93 -15.67 -28.04
CA ASN F 32 27.20 -15.78 -29.45
C ASN F 32 26.00 -15.29 -30.25
N PRO F 33 24.74 -15.66 -29.93
CA PRO F 33 23.61 -15.11 -30.75
C PRO F 33 23.20 -13.67 -30.39
N ILE F 34 23.65 -13.15 -29.23
CA ILE F 34 23.27 -11.92 -28.69
C ILE F 34 24.05 -10.77 -29.33
N ARG F 35 25.32 -11.00 -29.87
CA ARG F 35 26.07 -10.02 -30.66
C ARG F 35 25.77 -10.25 -32.10
N VAL F 36 26.02 -9.30 -33.00
CA VAL F 36 25.80 -9.58 -34.42
C VAL F 36 26.95 -10.37 -35.01
N SER F 37 26.74 -11.24 -36.02
CA SER F 37 27.65 -12.12 -36.66
C SER F 37 27.57 -11.76 -38.11
N LEU F 38 28.76 -11.77 -38.81
CA LEU F 38 28.77 -11.54 -40.28
C LEU F 38 29.93 -12.44 -40.73
N ASP F 39 30.02 -12.87 -41.96
CA ASP F 39 31.12 -13.74 -42.39
C ASP F 39 32.20 -12.65 -42.75
N TYR F 40 33.45 -13.13 -42.79
CA TYR F 40 34.55 -12.23 -43.23
C TYR F 40 35.73 -13.06 -43.81
N GLN F 41 36.55 -12.43 -44.71
CA GLN F 41 37.76 -13.00 -45.19
C GLN F 41 38.98 -12.32 -44.54
N GLY F 42 39.91 -13.10 -43.96
CA GLY F 42 41.07 -12.68 -43.33
C GLY F 42 41.42 -13.69 -42.34
N VAL F 43 42.68 -13.62 -41.80
CA VAL F 43 43.25 -14.57 -40.82
C VAL F 43 43.51 -13.85 -39.58
N GLY F 44 43.19 -12.56 -39.42
CA GLY F 44 43.15 -11.89 -38.17
C GLY F 44 42.43 -10.62 -38.44
N ARG F 45 42.14 -9.92 -37.27
CA ARG F 45 41.34 -8.65 -37.24
C ARG F 45 42.22 -7.60 -36.74
N LYS F 46 41.98 -6.37 -37.29
CA LYS F 46 42.57 -5.12 -36.88
C LYS F 46 41.38 -4.27 -36.61
N LEU F 47 41.45 -3.61 -35.48
CA LEU F 47 40.30 -2.80 -35.08
C LEU F 47 40.86 -1.39 -34.77
N LEU F 48 40.05 -0.29 -34.95
CA LEU F 48 40.49 1.03 -34.54
C LEU F 48 39.37 1.38 -33.60
N VAL F 49 39.71 2.06 -32.42
CA VAL F 49 38.67 2.64 -31.66
C VAL F 49 39.02 4.04 -31.26
N VAL F 50 38.08 4.97 -31.16
CA VAL F 50 38.24 6.34 -30.72
C VAL F 50 38.37 6.39 -29.20
N ASP F 51 39.26 7.23 -28.70
CA ASP F 51 39.56 7.37 -27.31
C ASP F 51 38.76 8.54 -26.69
N PRO F 52 38.88 9.02 -25.44
CA PRO F 52 38.20 10.20 -25.02
C PRO F 52 38.59 11.36 -25.87
N LEU F 53 37.53 12.11 -26.38
CA LEU F 53 37.65 13.24 -27.21
C LEU F 53 37.95 14.32 -26.17
N PRO F 54 38.71 15.40 -26.44
CA PRO F 54 38.76 16.60 -25.58
C PRO F 54 37.46 17.32 -25.52
N GLN F 55 37.06 17.91 -24.34
CA GLN F 55 35.88 18.67 -24.15
C GLN F 55 36.16 19.75 -23.12
N GLY F 56 35.46 20.87 -23.28
CA GLY F 56 35.68 22.13 -22.59
C GLY F 56 36.78 22.83 -23.15
N ALA F 57 37.57 22.20 -24.08
CA ALA F 57 38.66 22.68 -24.83
C ALA F 57 38.37 23.89 -25.64
N LEU F 58 39.38 24.75 -25.86
CA LEU F 58 39.15 26.03 -26.53
C LEU F 58 39.57 25.78 -27.97
N PRO F 59 38.68 25.99 -29.03
CA PRO F 59 39.16 25.79 -30.33
C PRO F 59 39.93 27.06 -30.66
N VAL F 60 41.12 26.92 -31.32
CA VAL F 60 41.93 28.12 -31.71
C VAL F 60 41.16 29.04 -32.61
N TYR F 61 41.23 30.35 -32.23
CA TYR F 61 40.57 31.43 -32.88
C TYR F 61 41.53 32.08 -33.91
N ASP F 62 42.70 31.49 -34.09
CA ASP F 62 43.67 32.00 -35.00
C ASP F 62 43.77 30.80 -35.98
N LYS F 63 43.37 31.00 -37.26
CA LYS F 63 43.60 29.98 -38.26
C LYS F 63 45.05 29.99 -38.77
N ASP F 64 45.92 30.79 -38.09
CA ASP F 64 47.32 30.82 -38.41
C ASP F 64 47.97 29.82 -37.45
N VAL F 65 47.15 29.12 -36.59
CA VAL F 65 47.54 28.16 -35.57
C VAL F 65 46.62 26.97 -35.82
N ASP F 66 47.16 25.77 -35.95
CA ASP F 66 46.41 24.56 -36.21
C ASP F 66 45.85 24.17 -34.95
N ALA F 67 44.59 23.63 -34.99
CA ALA F 67 43.92 23.15 -33.81
C ALA F 67 44.71 22.17 -33.01
N LYS F 68 44.98 22.45 -31.74
CA LYS F 68 45.74 21.54 -30.86
C LYS F 68 44.72 20.70 -30.12
N ALA F 69 43.44 20.81 -30.51
CA ALA F 69 42.33 20.00 -30.11
C ALA F 69 41.97 19.09 -31.27
N PHE F 70 42.09 17.78 -31.08
CA PHE F 70 41.88 16.74 -32.05
C PHE F 70 41.54 15.45 -31.27
N VAL F 71 40.67 14.65 -31.92
CA VAL F 71 40.37 13.37 -31.44
C VAL F 71 41.53 12.44 -31.57
N ILE F 72 41.61 11.41 -30.67
CA ILE F 72 42.71 10.50 -30.49
C ILE F 72 42.07 9.18 -30.77
N SER F 73 42.92 8.35 -31.45
CA SER F 73 42.51 6.98 -31.76
C SER F 73 43.66 6.07 -31.44
N LYS F 74 43.34 4.75 -31.09
CA LYS F 74 44.30 3.68 -30.88
C LYS F 74 43.89 2.53 -31.72
N ARG F 75 44.95 1.76 -32.07
CA ARG F 75 44.82 0.48 -32.85
C ARG F 75 45.08 -0.67 -31.95
N GLY F 76 44.31 -1.76 -32.36
CA GLY F 76 44.32 -3.00 -31.64
C GLY F 76 44.53 -4.05 -32.62
N GLN F 77 45.05 -5.19 -32.16
CA GLN F 77 45.27 -6.35 -32.95
C GLN F 77 44.57 -7.46 -32.35
N VAL F 78 43.90 -8.33 -33.15
CA VAL F 78 43.19 -9.48 -32.62
C VAL F 78 43.62 -10.61 -33.46
N PRO F 79 44.15 -11.62 -32.92
CA PRO F 79 44.44 -12.84 -33.74
C PRO F 79 43.19 -13.70 -33.85
N ASP F 80 43.01 -14.55 -34.90
CA ASP F 80 41.95 -15.57 -34.99
C ASP F 80 42.08 -16.61 -33.94
N GLN F 81 40.97 -17.22 -33.54
CA GLN F 81 40.98 -18.26 -32.52
C GLN F 81 40.24 -19.45 -33.14
N VAL F 82 40.36 -20.64 -32.54
CA VAL F 82 39.78 -21.85 -32.94
C VAL F 82 39.12 -22.35 -31.71
N ILE F 83 37.84 -22.77 -31.83
CA ILE F 83 37.16 -23.41 -30.68
C ILE F 83 36.65 -24.70 -31.26
N GLU F 84 36.84 -25.82 -30.49
CA GLU F 84 36.33 -27.16 -30.89
C GLU F 84 36.28 -27.98 -29.69
N GLY F 85 35.59 -29.16 -29.88
CA GLY F 85 35.39 -30.20 -29.10
C GLY F 85 35.11 -31.26 -30.16
N ASP F 86 35.40 -32.52 -29.84
CA ASP F 86 35.13 -33.71 -30.63
C ASP F 86 34.45 -34.50 -29.56
N ARG F 87 33.48 -35.31 -30.00
CA ARG F 87 32.89 -36.27 -29.13
C ARG F 87 32.92 -37.56 -29.86
N ILE F 88 33.28 -38.72 -29.15
CA ILE F 88 33.41 -39.98 -29.79
C ILE F 88 32.27 -40.82 -29.23
N GLN F 89 31.55 -41.50 -30.12
CA GLN F 89 30.40 -42.27 -29.72
C GLN F 89 30.39 -43.54 -30.54
N VAL F 90 29.66 -44.56 -29.96
CA VAL F 90 29.47 -45.78 -30.59
C VAL F 90 28.11 -45.59 -31.22
N PRO F 91 27.78 -45.54 -32.55
CA PRO F 91 26.46 -45.34 -33.08
C PRO F 91 25.37 -46.33 -32.73
N THR F 92 25.60 -47.66 -32.59
CA THR F 92 24.51 -48.56 -32.39
C THR F 92 23.81 -48.26 -31.08
N PHE F 93 24.60 -47.99 -30.01
CA PHE F 93 24.02 -47.69 -28.69
C PHE F 93 23.05 -46.49 -28.72
N GLU F 94 23.53 -45.40 -29.42
CA GLU F 94 22.81 -44.18 -29.50
C GLU F 94 21.52 -44.39 -30.23
N ILE F 95 21.41 -45.11 -31.30
CA ILE F 95 20.33 -45.44 -32.19
C ILE F 95 19.29 -46.31 -31.43
N VAL F 96 19.70 -47.28 -30.64
CA VAL F 96 18.78 -48.06 -29.87
C VAL F 96 18.18 -47.21 -28.68
N SER F 97 19.03 -46.32 -27.98
CA SER F 97 18.56 -45.52 -26.89
C SER F 97 17.50 -44.47 -27.29
N TYR F 98 17.76 -43.92 -28.50
CA TYR F 98 16.90 -43.18 -29.35
C TYR F 98 17.15 -41.62 -29.54
N PRO F 99 16.94 -40.70 -28.59
CA PRO F 99 17.21 -39.30 -28.82
C PRO F 99 18.70 -39.01 -28.77
N GLN F 100 19.55 -40.02 -28.44
CA GLN F 100 20.97 -39.78 -28.21
C GLN F 100 21.77 -39.21 -29.36
N VAL F 101 21.53 -39.57 -30.66
CA VAL F 101 22.31 -39.05 -31.68
C VAL F 101 22.17 -37.48 -31.80
N ARG F 102 20.87 -37.09 -31.72
CA ARG F 102 20.49 -35.66 -31.72
C ARG F 102 21.04 -34.96 -30.49
N PHE F 103 21.02 -35.62 -29.33
CA PHE F 103 21.46 -34.96 -28.10
C PHE F 103 22.91 -34.65 -28.05
N SER F 104 23.73 -35.64 -28.50
CA SER F 104 25.17 -35.57 -28.43
C SER F 104 25.74 -34.30 -29.25
N GLN F 105 25.09 -34.02 -30.42
CA GLN F 105 25.47 -32.90 -31.31
C GLN F 105 25.14 -31.67 -30.62
N VAL F 106 23.93 -31.59 -29.96
CA VAL F 106 23.34 -30.39 -29.34
C VAL F 106 24.17 -30.01 -28.16
N LYS F 107 24.67 -31.06 -27.42
CA LYS F 107 25.52 -30.84 -26.22
C LYS F 107 26.88 -30.30 -26.61
N GLU F 108 27.45 -30.84 -27.75
CA GLU F 108 28.71 -30.51 -28.27
C GLU F 108 28.75 -29.02 -28.84
N ARG F 109 27.70 -28.65 -29.56
CA ARG F 109 27.34 -27.40 -30.21
C ARG F 109 27.16 -26.35 -29.15
N ARG F 110 26.42 -26.60 -28.03
CA ARG F 110 26.27 -25.75 -26.91
C ARG F 110 27.56 -25.59 -26.20
N PHE F 111 28.34 -26.62 -25.98
CA PHE F 111 29.65 -26.47 -25.27
C PHE F 111 30.54 -25.61 -25.98
N ASN F 112 30.68 -25.73 -27.34
CA ASN F 112 31.58 -24.97 -28.10
C ASN F 112 31.19 -23.50 -28.16
N VAL F 113 29.83 -23.26 -28.23
CA VAL F 113 29.24 -21.90 -28.18
C VAL F 113 29.50 -21.26 -26.81
N ILE F 114 29.40 -22.08 -25.72
CA ILE F 114 29.45 -21.63 -24.33
C ILE F 114 30.81 -21.06 -23.98
N ASP F 115 31.85 -21.77 -24.50
CA ASP F 115 33.29 -21.48 -24.25
C ASP F 115 33.59 -20.19 -24.83
N ARG F 116 32.95 -19.81 -25.98
CA ARG F 116 33.06 -18.59 -26.66
C ARG F 116 32.50 -17.50 -25.71
N ALA F 117 31.28 -17.84 -25.10
CA ALA F 117 30.54 -16.90 -24.19
C ALA F 117 31.33 -16.58 -22.99
N GLN F 118 32.01 -17.67 -22.49
CA GLN F 118 32.78 -17.68 -21.31
C GLN F 118 33.99 -16.73 -21.48
N GLN F 119 34.74 -16.72 -22.61
CA GLN F 119 35.84 -15.82 -22.92
C GLN F 119 35.31 -14.45 -23.10
N ARG F 120 34.26 -14.34 -23.93
CA ARG F 120 33.73 -13.14 -24.45
C ARG F 120 33.34 -12.20 -23.32
N ALA F 121 32.67 -12.80 -22.24
CA ALA F 121 32.31 -12.08 -21.09
C ALA F 121 33.54 -11.85 -20.18
N LYS F 122 34.33 -12.86 -19.71
CA LYS F 122 35.17 -12.73 -18.63
C LYS F 122 36.32 -13.72 -18.75
N ALA F 123 37.56 -13.42 -18.25
CA ALA F 123 38.71 -14.21 -18.38
C ALA F 123 39.97 -13.49 -17.89
N ASP F 124 39.85 -12.54 -16.87
CA ASP F 124 40.94 -11.79 -16.28
C ASP F 124 41.60 -10.77 -17.22
N ILE F 125 40.80 -10.05 -18.04
CA ILE F 125 41.08 -9.07 -19.06
C ILE F 125 41.63 -9.76 -20.31
N MET F 126 40.82 -9.80 -21.38
CA MET F 126 41.24 -10.48 -22.59
C MET F 126 40.90 -9.50 -23.68
N ALA F 127 41.80 -9.53 -24.68
CA ALA F 127 41.96 -8.75 -25.89
C ALA F 127 43.11 -9.13 -26.68
N VAL F 128 43.55 -10.40 -26.49
CA VAL F 128 44.60 -11.04 -27.29
C VAL F 128 43.91 -12.28 -27.91
N GLU F 129 42.56 -12.40 -27.78
CA GLU F 129 41.88 -13.59 -28.31
C GLU F 129 40.47 -13.01 -28.57
N ASP F 130 39.62 -12.86 -27.56
CA ASP F 130 38.22 -12.30 -27.71
C ASP F 130 38.14 -11.12 -26.90
N ALA F 131 37.68 -9.99 -27.53
CA ALA F 131 37.47 -8.72 -26.80
C ALA F 131 36.39 -8.87 -25.78
N GLU F 132 36.65 -8.52 -24.55
CA GLU F 132 35.62 -8.63 -23.52
C GLU F 132 35.26 -7.35 -22.86
N ILE F 133 33.99 -7.17 -22.38
CA ILE F 133 33.36 -5.90 -21.94
C ILE F 133 34.24 -5.18 -20.92
N PHE F 134 34.69 -5.97 -19.95
CA PHE F 134 35.40 -5.57 -18.79
C PHE F 134 36.77 -4.90 -19.14
N SER F 135 37.53 -5.39 -20.18
CA SER F 135 38.78 -4.93 -20.73
C SER F 135 38.39 -3.58 -21.34
N LEU F 136 37.37 -3.54 -22.21
CA LEU F 136 36.98 -2.47 -23.05
C LEU F 136 36.44 -1.25 -22.37
N LEU F 137 35.75 -1.50 -21.24
CA LEU F 137 34.87 -0.52 -20.41
C LEU F 137 35.45 0.81 -20.02
N GLU F 138 34.65 1.90 -20.23
CA GLU F 138 35.09 3.15 -19.76
C GLU F 138 33.85 3.80 -19.25
N GLY F 139 34.06 4.42 -18.05
CA GLY F 139 33.04 4.97 -17.19
C GLY F 139 32.09 3.89 -16.65
N ALA F 140 31.26 4.37 -15.71
CA ALA F 140 30.19 3.56 -15.15
C ALA F 140 29.82 4.37 -13.95
N ALA F 141 28.53 4.70 -13.84
CA ALA F 141 28.12 5.53 -12.69
C ALA F 141 26.79 4.98 -12.30
N THR F 142 26.84 4.40 -11.07
CA THR F 142 25.69 3.79 -10.43
C THR F 142 24.61 4.83 -10.04
N ALA F 143 25.06 6.05 -9.85
CA ALA F 143 24.28 7.21 -9.36
C ALA F 143 23.18 7.55 -10.31
N VAL F 144 23.44 7.35 -11.66
CA VAL F 144 22.51 7.69 -12.72
C VAL F 144 21.23 6.80 -12.70
N ASN F 145 21.35 5.54 -12.29
CA ASN F 145 20.32 4.51 -12.15
C ASN F 145 19.70 4.62 -10.87
N ALA F 146 20.14 5.58 -10.06
CA ALA F 146 19.66 5.89 -8.70
C ALA F 146 20.25 4.88 -7.80
N VAL F 147 19.74 4.74 -6.58
CA VAL F 147 20.07 3.76 -5.64
C VAL F 147 18.70 3.23 -5.23
N THR F 148 18.67 1.85 -5.10
CA THR F 148 17.50 0.99 -4.81
C THR F 148 17.92 -0.10 -3.86
N ILE F 149 16.90 -0.72 -3.21
CA ILE F 149 17.03 -1.83 -2.29
C ILE F 149 16.20 -2.93 -2.83
N SER F 150 15.67 -2.83 -4.06
CA SER F 150 14.93 -3.87 -4.78
C SER F 150 15.55 -4.15 -6.10
N SER F 151 15.66 -5.49 -6.45
CA SER F 151 16.39 -5.94 -7.66
C SER F 151 15.76 -5.32 -8.87
N GLY F 152 14.40 -5.19 -8.89
CA GLY F 152 13.54 -4.69 -9.97
C GLY F 152 13.76 -3.32 -10.25
N GLY F 153 13.98 -2.40 -9.24
CA GLY F 153 14.13 -0.99 -9.42
C GLY F 153 15.29 -0.65 -10.23
N LEU F 154 16.43 -1.34 -10.01
CA LEU F 154 17.72 -1.16 -10.72
C LEU F 154 17.54 -1.52 -12.16
N GLN F 155 16.86 -2.65 -12.37
CA GLN F 155 16.58 -3.17 -13.71
C GLN F 155 15.70 -2.18 -14.49
N ARG F 156 14.67 -1.57 -13.86
CA ARG F 156 13.86 -0.58 -14.54
C ARG F 156 14.69 0.64 -14.94
N ALA F 157 15.55 1.08 -13.98
CA ALA F 157 16.42 2.26 -14.07
C ALA F 157 17.39 2.09 -15.22
N ALA F 158 17.94 0.83 -15.39
CA ALA F 158 18.96 0.45 -16.33
C ALA F 158 18.73 0.58 -17.81
N LEU F 159 17.48 0.32 -18.29
CA LEU F 159 17.17 0.31 -19.68
C LEU F 159 17.45 1.59 -20.40
N THR F 160 17.27 2.67 -19.61
CA THR F 160 17.48 4.04 -20.07
C THR F 160 18.90 4.50 -20.34
N LYS F 161 19.83 3.89 -19.54
CA LYS F 161 21.23 4.27 -19.42
C LYS F 161 22.01 4.18 -20.70
N ALA F 162 21.78 3.23 -21.63
CA ALA F 162 22.46 3.14 -22.90
C ALA F 162 22.24 4.34 -23.78
N PHE F 163 21.01 4.95 -23.67
CA PHE F 163 20.60 6.10 -24.41
C PHE F 163 21.52 7.29 -24.05
N GLN F 164 22.05 7.50 -22.83
CA GLN F 164 22.96 8.63 -22.53
C GLN F 164 24.27 8.65 -23.35
N GLU F 165 24.93 7.45 -23.60
CA GLU F 165 26.16 7.17 -24.41
C GLU F 165 25.96 7.58 -25.85
N VAL F 166 24.72 7.55 -26.34
CA VAL F 166 24.23 7.70 -27.70
C VAL F 166 24.30 6.35 -28.38
N GLU F 167 23.77 5.34 -27.72
CA GLU F 167 23.59 3.96 -28.21
C GLU F 167 22.10 3.56 -28.03
N LYS F 168 21.50 2.80 -28.99
CA LYS F 168 20.11 2.45 -28.87
C LYS F 168 20.00 1.19 -28.06
N HIS F 169 19.34 1.28 -26.89
CA HIS F 169 19.19 0.07 -26.08
C HIS F 169 18.50 -1.08 -26.83
N ASP F 170 18.94 -2.35 -26.49
CA ASP F 170 18.37 -3.56 -27.05
C ASP F 170 17.89 -4.47 -25.91
N LEU F 171 18.75 -4.79 -24.94
CA LEU F 171 18.41 -5.81 -23.96
C LEU F 171 19.41 -5.56 -22.88
N VAL F 172 19.16 -6.09 -21.69
CA VAL F 172 20.05 -6.11 -20.57
C VAL F 172 20.51 -7.54 -20.30
N VAL F 173 21.84 -7.66 -20.22
CA VAL F 173 22.49 -8.92 -20.08
C VAL F 173 22.89 -8.91 -18.61
N THR F 174 22.06 -9.78 -17.86
CA THR F 174 22.11 -9.79 -16.39
C THR F 174 22.47 -11.18 -16.00
N LYS F 175 22.80 -11.36 -14.69
CA LYS F 175 23.04 -12.57 -13.99
C LYS F 175 21.70 -13.16 -13.70
N ILE F 176 21.64 -14.49 -13.76
CA ILE F 176 20.44 -15.26 -13.61
C ILE F 176 19.80 -15.08 -12.27
N VAL F 177 20.65 -15.09 -11.21
CA VAL F 177 20.26 -15.02 -9.82
C VAL F 177 19.55 -13.65 -9.49
N MET F 178 20.13 -12.51 -9.96
CA MET F 178 19.60 -11.19 -9.93
C MET F 178 18.31 -11.01 -10.75
N ASN F 179 18.20 -11.67 -11.96
CA ASN F 179 17.15 -11.55 -12.92
C ASN F 179 15.80 -12.05 -12.38
N ALA F 180 15.82 -13.23 -11.70
CA ALA F 180 14.73 -13.92 -11.09
C ALA F 180 14.18 -13.07 -9.95
N SER F 181 15.14 -12.51 -9.18
CA SER F 181 14.88 -11.57 -8.10
C SER F 181 14.33 -10.29 -8.56
N ALA F 182 14.76 -9.85 -9.75
CA ALA F 182 14.23 -8.67 -10.43
C ALA F 182 12.79 -8.85 -10.85
N PHE F 183 12.42 -10.00 -11.46
CA PHE F 183 11.01 -10.19 -11.82
C PHE F 183 10.14 -10.18 -10.62
N ALA F 184 10.56 -10.91 -9.56
CA ALA F 184 9.79 -11.09 -8.29
C ALA F 184 9.59 -9.91 -7.42
N ASP F 185 10.34 -8.84 -7.57
CA ASP F 185 10.52 -7.65 -6.78
C ASP F 185 9.39 -7.28 -5.79
N ILE F 186 9.87 -6.71 -4.66
CA ILE F 186 9.09 -6.09 -3.59
C ILE F 186 8.79 -4.68 -3.81
N ARG F 187 8.07 -4.00 -2.91
CA ARG F 187 7.80 -2.56 -3.06
C ARG F 187 7.72 -2.10 -1.65
N ALA F 188 6.63 -2.58 -0.95
CA ALA F 188 6.37 -2.30 0.47
C ALA F 188 5.22 -3.18 1.11
N TRP F 189 4.76 -4.13 0.25
CA TRP F 189 3.72 -5.09 0.60
C TRP F 189 3.89 -6.24 -0.37
N GLY F 190 4.97 -6.30 -1.15
CA GLY F 190 5.26 -7.46 -1.96
C GLY F 190 4.66 -7.32 -3.37
N GLN F 191 4.52 -6.02 -3.83
CA GLN F 191 3.92 -5.64 -5.09
C GLN F 191 5.07 -5.56 -6.08
N ASN F 192 4.85 -5.72 -7.41
CA ASN F 192 5.86 -5.66 -8.48
C ASN F 192 5.75 -4.29 -9.11
N GLU F 193 6.93 -3.66 -9.18
CA GLU F 193 7.16 -2.29 -9.56
C GLU F 193 8.23 -2.33 -10.63
N PHE F 194 8.05 -3.25 -11.58
CA PHE F 194 8.94 -3.48 -12.70
C PHE F 194 8.11 -4.26 -13.72
N ASP F 195 7.78 -5.47 -13.27
CA ASP F 195 6.75 -6.24 -13.96
C ASP F 195 5.45 -5.67 -13.55
N PRO F 196 4.37 -5.79 -14.36
CA PRO F 196 3.08 -5.22 -13.90
C PRO F 196 2.35 -6.07 -13.01
N VAL F 197 1.90 -5.60 -11.81
CA VAL F 197 1.53 -6.48 -10.75
C VAL F 197 0.17 -7.16 -11.03
N THR F 198 -0.76 -6.50 -11.79
CA THR F 198 -2.08 -7.07 -12.13
C THR F 198 -1.94 -8.32 -12.99
N GLN F 199 -1.02 -8.26 -14.03
CA GLN F 199 -0.80 -9.36 -14.97
C GLN F 199 0.22 -10.21 -14.36
N HIS F 200 0.32 -11.49 -14.81
CA HIS F 200 1.43 -12.34 -14.44
C HIS F 200 2.81 -11.78 -14.96
N GLU F 201 3.98 -12.14 -14.30
CA GLU F 201 5.31 -11.66 -14.59
C GLU F 201 5.70 -11.72 -16.03
N VAL F 202 6.34 -10.74 -16.65
CA VAL F 202 6.62 -10.53 -17.93
C VAL F 202 8.06 -10.86 -18.26
N LEU F 203 8.45 -11.10 -19.49
CA LEU F 203 9.83 -11.41 -19.85
C LEU F 203 10.31 -10.28 -20.71
N GLN F 204 9.52 -9.19 -20.68
CA GLN F 204 9.81 -7.96 -21.45
C GLN F 204 9.32 -6.86 -20.50
N THR F 205 10.20 -5.92 -20.38
CA THR F 205 9.91 -4.66 -19.70
C THR F 205 10.48 -3.58 -20.61
N GLY F 206 9.71 -2.45 -20.80
CA GLY F 206 10.20 -1.34 -21.60
C GLY F 206 10.54 -1.59 -23.03
N LEU F 207 10.01 -2.78 -23.49
CA LEU F 207 10.07 -3.28 -24.82
C LEU F 207 11.46 -3.77 -25.09
N PHE F 208 12.19 -4.23 -24.04
CA PHE F 208 13.55 -4.81 -24.24
C PHE F 208 13.72 -6.15 -23.60
N GLY F 209 14.69 -6.97 -24.21
CA GLY F 209 15.03 -8.37 -23.86
C GLY F 209 15.68 -8.54 -22.56
N HIS F 210 15.56 -9.74 -21.90
CA HIS F 210 16.29 -10.08 -20.68
C HIS F 210 17.06 -11.33 -21.10
N ILE F 211 18.37 -11.37 -20.97
CA ILE F 211 19.25 -12.45 -21.25
C ILE F 211 19.70 -12.65 -19.87
N TRP F 212 19.55 -13.93 -19.44
CA TRP F 212 19.99 -14.46 -18.24
C TRP F 212 21.10 -15.43 -18.57
N THR F 213 22.36 -15.04 -18.21
CA THR F 213 23.55 -15.77 -18.48
C THR F 213 24.36 -15.89 -17.19
N ALA F 214 25.02 -17.00 -16.99
CA ALA F 214 25.85 -17.40 -15.89
C ALA F 214 27.20 -16.75 -16.12
N ASP F 215 27.64 -16.56 -17.42
CA ASP F 215 28.99 -16.04 -17.76
C ASP F 215 29.25 -14.58 -17.47
N ILE F 216 28.24 -13.66 -17.32
CA ILE F 216 28.56 -12.23 -17.07
C ILE F 216 28.82 -11.99 -15.56
N LEU F 217 28.49 -13.03 -14.70
CA LEU F 217 28.81 -13.12 -13.33
C LEU F 217 27.92 -12.26 -12.51
N ILE F 218 27.96 -12.52 -11.16
CA ILE F 218 27.13 -12.00 -10.08
C ILE F 218 27.27 -10.48 -9.94
N SER F 219 26.09 -9.88 -9.76
CA SER F 219 25.95 -8.47 -9.53
C SER F 219 26.44 -7.60 -10.72
N LYS F 220 26.40 -8.02 -12.01
CA LYS F 220 26.76 -7.26 -13.20
C LYS F 220 25.52 -7.39 -14.03
N LYS F 221 25.18 -6.22 -14.56
CA LYS F 221 24.14 -6.02 -15.60
C LYS F 221 24.85 -5.19 -16.63
N VAL F 222 24.52 -5.44 -17.92
CA VAL F 222 25.12 -4.80 -19.04
C VAL F 222 23.98 -4.32 -19.97
N PRO F 223 23.64 -3.02 -20.01
CA PRO F 223 22.75 -2.46 -21.00
C PRO F 223 23.70 -2.02 -22.04
N GLN F 224 23.26 -1.88 -23.29
CA GLN F 224 24.16 -1.57 -24.40
C GLN F 224 23.45 -1.69 -25.68
N ASN F 225 24.08 -1.31 -26.75
CA ASN F 225 23.47 -1.57 -28.05
C ASN F 225 24.45 -2.68 -28.54
N THR F 226 23.93 -3.95 -28.52
CA THR F 226 24.70 -5.21 -28.71
C THR F 226 25.52 -5.27 -29.96
N VAL F 227 24.92 -4.78 -31.09
CA VAL F 227 25.48 -4.69 -32.48
C VAL F 227 26.76 -3.83 -32.54
N TYR F 228 26.72 -2.66 -31.88
CA TYR F 228 27.88 -1.71 -31.84
C TYR F 228 29.06 -2.13 -30.98
N VAL F 229 28.87 -2.59 -29.71
CA VAL F 229 29.92 -2.83 -28.72
C VAL F 229 30.84 -3.89 -29.21
N LEU F 230 30.31 -5.05 -29.68
CA LEU F 230 31.19 -6.10 -30.22
C LEU F 230 30.57 -6.45 -31.56
N ALA F 231 31.31 -7.23 -32.42
CA ALA F 231 30.88 -7.86 -33.60
C ALA F 231 31.62 -9.19 -33.66
N ASP F 232 31.06 -10.20 -34.30
CA ASP F 232 31.81 -11.53 -34.54
C ASP F 232 32.07 -11.69 -35.99
N PRO F 233 33.26 -11.49 -36.51
CA PRO F 233 33.64 -11.89 -37.86
C PRO F 233 33.88 -13.36 -37.75
N GLU F 234 33.54 -14.21 -38.80
CA GLU F 234 33.76 -15.61 -38.90
C GLU F 234 34.63 -15.83 -40.09
N PHE F 235 35.88 -16.38 -39.90
CA PHE F 235 36.73 -16.76 -40.96
C PHE F 235 36.13 -17.95 -41.59
N VAL F 236 35.79 -18.98 -40.81
CA VAL F 236 35.03 -20.07 -41.34
C VAL F 236 34.04 -20.27 -40.29
N GLY F 237 32.82 -20.51 -40.80
CA GLY F 237 31.59 -20.74 -40.02
C GLY F 237 31.53 -22.08 -39.43
N VAL F 238 30.69 -22.23 -38.42
CA VAL F 238 30.62 -23.37 -37.60
C VAL F 238 30.02 -24.54 -38.38
N MET F 239 30.63 -25.77 -38.27
CA MET F 239 30.20 -27.00 -38.85
C MET F 239 30.45 -28.24 -37.99
N PRO F 240 29.54 -29.22 -38.01
CA PRO F 240 29.87 -30.53 -37.47
C PRO F 240 30.38 -31.39 -38.63
N ILE F 241 31.32 -32.35 -38.37
CA ILE F 241 31.95 -33.14 -39.34
C ILE F 241 31.99 -34.47 -38.66
N ARG F 242 31.97 -35.64 -39.34
CA ARG F 242 32.13 -36.89 -38.71
C ARG F 242 32.81 -37.83 -39.65
N GLN F 243 33.84 -38.56 -39.08
CA GLN F 243 34.78 -39.40 -39.78
C GLN F 243 34.99 -40.73 -39.06
N ASP F 244 34.92 -41.92 -39.71
CA ASP F 244 35.22 -43.25 -39.08
C ASP F 244 36.61 -43.66 -39.60
N ILE F 245 37.11 -42.85 -40.63
CA ILE F 245 38.33 -43.06 -41.37
C ILE F 245 39.50 -42.55 -40.62
N GLN F 246 39.21 -41.65 -39.61
CA GLN F 246 40.30 -41.24 -38.70
C GLN F 246 40.72 -42.41 -37.93
N VAL F 247 41.97 -42.38 -37.49
CA VAL F 247 42.78 -43.42 -36.93
C VAL F 247 42.10 -44.01 -35.77
N ILE F 248 41.80 -43.30 -34.74
CA ILE F 248 41.26 -43.92 -33.47
C ILE F 248 39.88 -44.48 -33.61
N PRO F 249 38.94 -43.86 -34.38
CA PRO F 249 37.62 -44.51 -34.45
C PRO F 249 37.72 -45.83 -35.19
N ALA F 250 38.68 -46.08 -36.09
CA ALA F 250 38.76 -47.23 -36.91
C ALA F 250 38.93 -48.45 -36.12
N ASP F 251 39.74 -48.36 -35.02
CA ASP F 251 40.09 -49.53 -34.11
C ASP F 251 38.88 -50.02 -33.43
N LYS F 252 38.03 -49.07 -33.00
CA LYS F 252 36.86 -49.36 -32.27
C LYS F 252 35.62 -49.39 -33.28
N PRO F 253 34.42 -49.71 -32.98
CA PRO F 253 33.28 -49.49 -33.92
C PRO F 253 32.84 -48.09 -34.02
N GLU F 254 33.61 -47.15 -33.43
CA GLU F 254 33.17 -45.80 -33.02
C GLU F 254 33.13 -44.81 -34.22
N GLU F 255 32.44 -43.63 -33.98
CA GLU F 255 32.39 -42.54 -34.92
C GLU F 255 32.86 -41.42 -34.20
N LEU F 256 33.67 -40.56 -34.90
CA LEU F 256 34.20 -39.50 -34.14
C LEU F 256 33.47 -38.37 -34.79
N ARG F 257 32.77 -37.51 -33.98
CA ARG F 257 32.03 -36.33 -34.37
C ARG F 257 32.90 -35.22 -33.92
N LEU F 258 33.28 -34.38 -34.90
CA LEU F 258 34.13 -33.30 -34.64
C LEU F 258 33.25 -32.10 -34.89
N GLY F 259 33.39 -31.01 -34.04
CA GLY F 259 32.65 -29.82 -34.19
C GLY F 259 33.64 -28.66 -33.96
N TRP F 260 33.83 -27.77 -34.95
CA TRP F 260 34.87 -26.70 -34.85
C TRP F 260 34.39 -25.50 -35.63
N VAL F 261 35.03 -24.36 -35.41
CA VAL F 261 34.76 -23.10 -36.05
C VAL F 261 36.01 -22.28 -35.79
N ILE F 262 36.29 -21.33 -36.68
CA ILE F 262 37.47 -20.48 -36.56
C ILE F 262 36.83 -19.13 -36.66
N TYR F 263 37.05 -18.30 -35.62
CA TYR F 263 36.34 -17.06 -35.33
C TYR F 263 37.42 -16.04 -35.02
N GLU F 264 36.97 -14.73 -34.99
CA GLU F 264 37.70 -13.54 -34.53
C GLU F 264 36.66 -12.73 -33.79
N GLU F 265 37.03 -11.60 -33.19
CA GLU F 265 36.17 -10.73 -32.43
C GLU F 265 36.57 -9.34 -32.88
N LEU F 266 35.55 -8.48 -33.22
CA LEU F 266 35.79 -7.08 -33.56
C LEU F 266 35.31 -6.23 -32.43
N GLY F 267 35.94 -5.12 -32.11
CA GLY F 267 35.58 -4.19 -31.09
C GLY F 267 35.46 -2.89 -31.75
N LEU F 268 34.18 -2.43 -31.98
CA LEU F 268 33.86 -1.13 -32.53
C LEU F 268 33.38 -0.21 -31.47
N ALA F 269 33.70 -0.51 -30.18
CA ALA F 269 33.35 0.43 -29.10
C ALA F 269 34.32 0.29 -28.01
N VAL F 270 34.58 1.35 -27.25
CA VAL F 270 35.63 1.42 -26.25
C VAL F 270 35.32 2.51 -25.32
N VAL F 271 34.41 3.46 -25.67
CA VAL F 271 34.05 4.60 -24.88
C VAL F 271 32.50 4.69 -24.82
N ASN F 272 31.88 3.76 -25.52
CA ASN F 272 30.45 3.48 -25.42
C ASN F 272 30.28 2.03 -25.13
N SER F 273 31.38 1.49 -24.53
CA SER F 273 31.32 0.18 -23.84
C SER F 273 30.70 0.40 -22.49
N LEU F 274 29.90 -0.57 -22.02
CA LEU F 274 29.00 -0.48 -20.86
C LEU F 274 29.09 -1.74 -20.00
N ALA F 275 28.76 -1.56 -18.66
CA ALA F 275 28.67 -2.60 -17.62
C ALA F 275 28.61 -1.83 -16.35
N ILE F 276 27.61 -2.24 -15.44
CA ILE F 276 27.34 -1.55 -14.27
C ILE F 276 27.19 -2.68 -13.25
N ALA F 277 27.55 -2.36 -12.01
CA ALA F 277 27.67 -3.27 -10.82
C ALA F 277 26.51 -2.85 -9.87
N LYS F 278 25.62 -3.84 -9.50
CA LYS F 278 24.42 -3.59 -8.77
C LYS F 278 24.72 -3.49 -7.28
N ILE F 279 23.75 -2.91 -6.45
CA ILE F 279 23.71 -2.86 -4.98
C ILE F 279 22.68 -3.87 -4.44
N SER F 280 22.06 -4.54 -5.38
CA SER F 280 21.23 -5.70 -5.03
C SER F 280 21.84 -6.92 -5.80
N PRO G 1 -63.97 -19.27 51.57
CA PRO G 1 -63.03 -20.43 51.60
C PRO G 1 -63.25 -21.40 50.43
N TYR G 2 -62.12 -22.14 50.20
CA TYR G 2 -61.89 -23.20 49.25
C TYR G 2 -63.02 -24.19 49.09
N VAL G 3 -63.10 -24.76 47.87
CA VAL G 3 -64.16 -25.54 47.28
C VAL G 3 -63.69 -27.00 47.20
N ARG G 4 -62.63 -27.29 47.99
CA ARG G 4 -62.04 -28.60 48.12
C ARG G 4 -60.63 -28.52 48.52
N LEU G 5 -59.92 -29.65 48.46
CA LEU G 5 -58.53 -29.80 48.62
C LEU G 5 -57.98 -30.45 47.34
N GLY G 6 -56.87 -29.88 46.80
CA GLY G 6 -56.29 -30.09 45.44
C GLY G 6 -55.86 -31.48 45.18
N TYR G 7 -56.04 -31.91 43.88
CA TYR G 7 -55.81 -33.27 43.50
C TYR G 7 -54.72 -33.10 42.45
N GLU G 8 -53.77 -34.09 42.43
CA GLU G 8 -52.65 -34.11 41.60
C GLU G 8 -52.76 -35.37 40.68
N GLY G 9 -53.86 -35.27 39.88
CA GLY G 9 -54.22 -36.24 38.85
C GLY G 9 -54.70 -35.37 37.68
N ILE G 10 -54.24 -34.09 37.60
CA ILE G 10 -54.49 -33.17 36.54
C ILE G 10 -53.27 -33.31 35.62
N LEU G 11 -53.68 -33.90 34.46
CA LEU G 11 -52.88 -34.27 33.41
C LEU G 11 -52.08 -33.09 32.89
N ASN G 12 -50.89 -33.34 32.34
CA ASN G 12 -50.08 -32.50 31.57
C ASN G 12 -49.78 -31.10 32.22
N GLY G 13 -49.16 -31.12 33.47
CA GLY G 13 -49.00 -29.87 34.24
C GLY G 13 -50.18 -29.42 34.90
N ALA G 14 -50.01 -28.38 35.76
CA ALA G 14 -50.99 -27.51 36.36
C ALA G 14 -51.70 -28.12 37.58
N HIS G 15 -51.04 -27.92 38.74
CA HIS G 15 -51.32 -28.76 39.93
C HIS G 15 -51.24 -27.75 41.03
N ASP G 16 -51.80 -28.04 42.22
CA ASP G 16 -51.74 -27.35 43.49
C ASP G 16 -52.77 -26.23 43.55
N ILE G 17 -53.08 -25.87 44.79
CA ILE G 17 -53.95 -24.81 45.07
C ILE G 17 -52.98 -23.98 46.02
N ASP G 18 -53.17 -22.65 46.19
CA ASP G 18 -52.30 -21.85 46.97
C ASP G 18 -52.62 -22.05 48.44
N VAL G 19 -51.65 -21.87 49.34
CA VAL G 19 -51.87 -21.84 50.74
C VAL G 19 -52.74 -20.67 51.15
N ALA G 20 -52.56 -19.48 50.58
CA ALA G 20 -53.27 -18.33 50.76
C ALA G 20 -52.53 -17.43 49.80
N GLY G 21 -52.84 -17.47 48.45
CA GLY G 21 -52.20 -16.54 47.54
C GLY G 21 -52.79 -15.26 47.38
N LEU G 22 -51.95 -14.21 47.25
CA LEU G 22 -52.22 -12.99 46.53
C LEU G 22 -50.83 -12.46 46.15
N ASN G 23 -49.80 -13.03 46.77
CA ASN G 23 -48.39 -12.56 46.57
C ASN G 23 -47.35 -13.48 47.29
N GLY G 24 -47.87 -14.55 47.90
CA GLY G 24 -46.94 -15.45 48.55
C GLY G 24 -47.86 -16.53 49.09
N VAL G 25 -47.67 -16.90 50.31
CA VAL G 25 -48.38 -18.00 51.01
C VAL G 25 -49.10 -17.37 52.19
N GLU G 26 -49.15 -16.02 52.20
CA GLU G 26 -49.81 -15.36 53.25
C GLU G 26 -50.57 -14.19 52.63
N GLN G 27 -51.87 -14.15 52.96
CA GLN G 27 -52.92 -13.22 52.61
C GLN G 27 -53.59 -13.47 51.25
N LEU G 28 -54.91 -13.17 51.12
CA LEU G 28 -55.73 -13.67 50.00
C LEU G 28 -56.77 -12.74 49.73
N ALA G 29 -57.22 -12.64 48.47
CA ALA G 29 -58.45 -12.01 48.03
C ALA G 29 -59.07 -13.03 47.21
N GLY G 30 -60.45 -13.22 47.36
CA GLY G 30 -61.17 -14.00 46.33
C GLY G 30 -61.40 -13.20 45.11
N LYS G 31 -61.71 -13.80 43.95
CA LYS G 31 -62.08 -12.95 42.82
C LYS G 31 -62.58 -13.92 41.73
N PHE G 32 -63.41 -13.45 40.74
CA PHE G 32 -64.15 -14.37 39.92
C PHE G 32 -63.30 -14.64 38.67
N ALA G 33 -63.69 -15.83 38.00
CA ALA G 33 -63.02 -16.41 36.88
C ALA G 33 -63.98 -16.17 35.77
N THR G 34 -63.51 -15.40 34.72
CA THR G 34 -64.12 -15.19 33.47
C THR G 34 -62.99 -15.45 32.44
N ILE G 35 -62.08 -16.43 32.73
CA ILE G 35 -61.02 -17.05 31.90
C ILE G 35 -61.57 -17.62 30.59
N GLY G 36 -61.38 -16.95 29.42
CA GLY G 36 -61.97 -17.27 28.16
C GLY G 36 -63.44 -17.05 28.18
N ALA G 37 -63.99 -15.98 28.75
CA ALA G 37 -65.34 -15.59 28.75
C ALA G 37 -65.61 -14.85 27.45
N ASN G 38 -66.50 -15.56 26.57
CA ASN G 38 -66.65 -15.30 25.17
C ASN G 38 -65.60 -16.06 24.41
N GLY G 39 -65.95 -17.09 23.62
CA GLY G 39 -65.08 -18.10 23.16
C GLY G 39 -65.43 -19.38 23.99
N VAL G 40 -65.16 -20.49 23.42
CA VAL G 40 -65.08 -21.81 24.02
C VAL G 40 -63.87 -21.97 24.95
N LYS G 41 -64.12 -22.26 26.25
CA LYS G 41 -63.14 -22.76 27.13
C LYS G 41 -62.69 -24.21 26.83
N LEU G 42 -61.41 -24.60 27.05
CA LEU G 42 -60.87 -25.89 26.66
C LEU G 42 -61.08 -26.71 27.89
N ALA G 43 -61.69 -27.90 27.73
CA ALA G 43 -61.63 -28.91 28.71
C ALA G 43 -60.30 -29.34 29.15
N GLY G 44 -60.02 -29.26 30.45
CA GLY G 44 -58.79 -29.78 31.02
C GLY G 44 -58.96 -31.24 31.30
N ASP G 45 -57.79 -31.92 31.28
CA ASP G 45 -57.60 -33.35 31.41
C ASP G 45 -58.00 -33.87 29.94
N ASN G 46 -58.00 -33.01 28.91
CA ASN G 46 -58.26 -33.40 27.53
C ASN G 46 -57.18 -32.63 26.73
N GLY G 47 -57.26 -31.22 26.80
CA GLY G 47 -56.46 -30.37 25.96
C GLY G 47 -55.08 -30.42 26.44
N THR G 48 -54.25 -29.58 25.80
CA THR G 48 -52.84 -29.31 26.12
C THR G 48 -52.83 -28.16 27.13
N ASN G 49 -52.66 -28.49 28.41
CA ASN G 49 -52.72 -27.52 29.43
C ASN G 49 -51.36 -27.05 29.75
N ALA G 50 -51.33 -25.95 30.55
CA ALA G 50 -50.29 -25.37 31.32
C ALA G 50 -50.88 -24.18 31.94
N VAL G 51 -50.12 -23.56 32.94
CA VAL G 51 -50.50 -22.36 33.51
C VAL G 51 -49.88 -21.35 32.56
N GLY G 52 -50.76 -20.48 31.97
CA GLY G 52 -50.41 -19.48 30.96
C GLY G 52 -50.04 -18.14 31.72
N LEU G 53 -49.95 -17.00 30.98
CA LEU G 53 -50.03 -15.61 31.55
C LEU G 53 -51.52 -15.19 31.71
N PHE G 54 -51.85 -14.41 32.76
CA PHE G 54 -53.23 -14.01 33.00
C PHE G 54 -53.29 -12.51 33.17
N ARG G 55 -54.55 -11.99 33.17
CA ARG G 55 -54.80 -10.60 32.88
C ARG G 55 -55.91 -10.29 33.84
N GLU G 56 -55.74 -9.14 34.58
CA GLU G 56 -56.88 -8.43 35.18
C GLU G 56 -57.66 -7.60 34.18
N ASP G 57 -59.00 -7.55 34.35
CA ASP G 57 -59.87 -6.78 33.56
C ASP G 57 -61.00 -6.42 34.46
N LEU G 58 -61.65 -5.27 34.13
CA LEU G 58 -62.85 -4.75 34.76
C LEU G 58 -62.63 -4.59 36.24
N GLY G 59 -61.40 -4.15 36.58
CA GLY G 59 -60.86 -3.92 37.86
C GLY G 59 -60.07 -5.15 38.35
N ASP G 60 -60.44 -5.70 39.48
CA ASP G 60 -59.65 -6.71 40.11
C ASP G 60 -60.48 -7.91 39.96
N MET G 61 -60.72 -8.25 38.63
CA MET G 61 -61.35 -9.53 38.32
C MET G 61 -60.44 -10.05 37.19
N VAL G 62 -60.32 -11.36 37.08
CA VAL G 62 -59.39 -11.91 36.20
C VAL G 62 -60.00 -12.80 35.12
N ASN G 63 -59.29 -12.95 33.96
CA ASN G 63 -59.77 -13.59 32.77
C ASN G 63 -58.52 -14.06 32.08
N ALA G 64 -58.58 -14.73 30.88
CA ALA G 64 -57.40 -15.09 30.15
C ALA G 64 -56.75 -13.99 29.39
N SER G 65 -55.42 -14.07 29.20
CA SER G 65 -54.56 -13.09 28.40
C SER G 65 -54.82 -13.53 27.00
N GLU G 66 -55.65 -12.80 26.22
CA GLU G 66 -55.99 -13.28 24.92
C GLU G 66 -55.22 -12.41 23.97
N LYS G 67 -54.68 -13.02 22.90
CA LYS G 67 -53.72 -12.53 21.99
C LYS G 67 -53.71 -13.37 20.75
N ALA G 68 -54.59 -14.33 20.67
CA ALA G 68 -54.55 -15.26 19.57
C ALA G 68 -55.93 -15.52 19.00
N SER G 69 -56.87 -14.58 19.28
CA SER G 69 -58.23 -14.59 18.80
C SER G 69 -58.84 -13.36 19.30
N PHE G 70 -57.98 -12.47 19.82
CA PHE G 70 -58.40 -11.18 20.25
C PHE G 70 -57.21 -10.18 20.15
N TYR G 71 -57.55 -9.00 19.62
CA TYR G 71 -56.64 -8.03 19.12
C TYR G 71 -56.06 -7.20 20.26
N PHE G 72 -54.82 -7.55 20.65
CA PHE G 72 -53.99 -7.16 21.75
C PHE G 72 -54.79 -6.61 22.89
N ARG G 73 -55.22 -7.51 23.80
CA ARG G 73 -56.00 -7.21 24.96
C ARG G 73 -55.08 -7.07 26.15
N GLY G 74 -53.74 -7.10 25.92
CA GLY G 74 -52.65 -7.19 26.84
C GLY G 74 -52.60 -8.52 27.48
N GLY G 75 -51.64 -8.57 28.41
CA GLY G 75 -51.39 -9.69 29.26
C GLY G 75 -50.74 -9.21 30.56
N GLU G 76 -50.36 -10.06 31.51
CA GLU G 76 -49.66 -9.61 32.74
C GLU G 76 -48.87 -10.71 33.31
N TYR G 77 -48.17 -10.39 34.43
CA TYR G 77 -47.12 -11.23 35.03
C TYR G 77 -47.59 -11.67 36.43
N TYR G 78 -48.85 -11.34 36.66
CA TYR G 78 -49.65 -11.59 37.75
C TYR G 78 -50.61 -12.62 37.22
N VAL G 79 -50.66 -13.83 37.86
CA VAL G 79 -51.15 -15.07 37.22
C VAL G 79 -52.28 -15.49 38.06
N ASN G 80 -53.10 -16.35 37.46
CA ASN G 80 -54.24 -17.04 38.01
C ASN G 80 -53.77 -18.51 38.31
N ILE G 81 -54.09 -18.93 39.56
CA ILE G 81 -53.97 -20.26 39.93
C ILE G 81 -55.40 -20.60 40.23
N SER G 82 -55.82 -21.67 39.55
CA SER G 82 -57.21 -22.12 39.45
C SER G 82 -57.23 -23.39 40.32
N ARG G 83 -58.44 -23.78 40.76
CA ARG G 83 -58.61 -24.75 41.76
C ARG G 83 -58.51 -26.09 41.11
N THR G 84 -57.52 -26.92 41.54
CA THR G 84 -57.37 -28.32 41.13
C THR G 84 -58.26 -29.21 42.14
N SER G 85 -58.96 -28.54 43.13
CA SER G 85 -59.91 -29.11 44.09
C SER G 85 -60.89 -30.07 43.41
N LEU G 86 -61.25 -31.16 44.08
CA LEU G 86 -62.20 -32.22 43.69
C LEU G 86 -61.77 -32.76 42.36
N THR G 87 -62.75 -32.90 41.42
CA THR G 87 -62.53 -33.48 40.15
C THR G 87 -62.36 -32.47 39.02
N ALA G 88 -62.29 -31.13 39.33
CA ALA G 88 -61.95 -30.09 38.40
C ALA G 88 -60.52 -30.19 37.91
N ALA G 89 -60.24 -29.43 36.87
CA ALA G 89 -59.11 -29.76 36.02
C ALA G 89 -58.54 -28.51 35.47
N GLY G 90 -57.23 -28.53 35.20
CA GLY G 90 -56.36 -27.49 34.68
C GLY G 90 -56.75 -26.06 35.09
N ILE G 91 -56.93 -25.25 34.02
CA ILE G 91 -57.51 -23.94 34.18
C ILE G 91 -59.05 -24.15 34.19
N ALA G 92 -59.75 -23.34 35.03
CA ALA G 92 -61.18 -23.46 35.09
C ALA G 92 -61.79 -22.21 35.38
N ALA G 93 -62.97 -21.91 34.79
CA ALA G 93 -63.66 -20.69 35.01
C ALA G 93 -65.04 -21.00 35.55
N GLY G 94 -65.36 -20.47 36.70
CA GLY G 94 -66.43 -20.83 37.59
C GLY G 94 -65.94 -20.95 38.96
N ASP G 95 -64.65 -20.60 39.24
CA ASP G 95 -64.01 -20.81 40.50
C ASP G 95 -63.84 -19.49 41.23
N GLU G 96 -63.50 -19.61 42.50
CA GLU G 96 -62.80 -18.58 43.28
C GLU G 96 -61.32 -18.65 42.87
N ILE G 97 -60.68 -17.49 42.60
CA ILE G 97 -59.30 -17.54 42.21
C ILE G 97 -58.52 -16.81 43.32
N THR G 98 -57.40 -17.54 43.73
CA THR G 98 -56.32 -16.98 44.44
C THR G 98 -55.24 -16.81 43.39
N CYS G 99 -54.61 -15.64 43.46
CA CYS G 99 -53.72 -15.20 42.44
C CYS G 99 -52.30 -15.11 42.97
N ASP G 100 -51.30 -14.96 42.11
CA ASP G 100 -49.92 -14.78 42.51
C ASP G 100 -49.34 -13.75 41.57
N ALA G 101 -47.90 -13.70 41.61
CA ALA G 101 -47.04 -12.95 40.73
C ALA G 101 -45.61 -13.23 41.09
N ASP G 102 -45.34 -14.01 42.13
CA ASP G 102 -44.04 -14.57 42.45
C ASP G 102 -44.33 -15.50 43.56
N GLY G 103 -45.59 -15.67 43.99
CA GLY G 103 -45.87 -16.43 45.20
C GLY G 103 -46.06 -17.89 44.96
N LYS G 104 -46.59 -18.55 46.03
CA LYS G 104 -46.73 -20.04 45.95
C LYS G 104 -48.09 -20.44 46.41
N MET G 105 -48.61 -21.73 46.05
CA MET G 105 -47.98 -22.85 45.28
C MET G 105 -48.43 -22.64 43.86
N ILE G 106 -47.55 -22.10 43.03
CA ILE G 106 -47.83 -21.92 41.62
C ILE G 106 -47.30 -23.09 40.96
N LYS G 107 -47.91 -23.50 39.84
CA LYS G 107 -47.24 -24.42 38.93
C LYS G 107 -47.09 -23.60 37.75
N PHE G 108 -46.06 -23.96 36.93
CA PHE G 108 -45.65 -23.18 35.78
C PHE G 108 -44.93 -24.17 34.84
N THR G 109 -45.65 -25.20 34.39
CA THR G 109 -45.24 -26.21 33.51
C THR G 109 -46.39 -26.87 32.89
N GLY G 110 -46.17 -27.79 31.95
CA GLY G 110 -47.23 -28.52 31.33
C GLY G 110 -46.75 -28.51 29.95
N THR G 111 -47.52 -29.14 29.02
CA THR G 111 -47.32 -29.10 27.59
C THR G 111 -47.24 -27.73 26.95
N GLY G 112 -46.29 -27.67 25.99
CA GLY G 112 -45.91 -26.60 25.13
C GLY G 112 -45.10 -25.57 25.89
N LYS G 113 -44.65 -25.88 27.07
CA LYS G 113 -43.67 -25.13 27.90
C LYS G 113 -42.31 -25.02 27.17
N ALA G 114 -42.01 -23.76 26.67
CA ALA G 114 -40.82 -23.41 26.07
C ALA G 114 -40.66 -24.01 24.69
N LEU G 115 -40.43 -23.10 23.65
CA LEU G 115 -40.91 -23.37 22.26
C LEU G 115 -42.42 -23.56 22.32
N GLY G 116 -43.05 -22.50 22.90
CA GLY G 116 -44.52 -22.45 23.05
C GLY G 116 -45.01 -21.04 22.88
N VAL G 117 -46.34 -20.91 22.59
CA VAL G 117 -47.12 -19.67 22.41
C VAL G 117 -48.29 -19.68 23.32
N VAL G 118 -49.14 -18.70 23.34
CA VAL G 118 -50.23 -18.66 24.28
C VAL G 118 -51.51 -18.76 23.47
N THR G 119 -52.40 -19.63 24.09
CA THR G 119 -53.65 -19.91 23.50
C THR G 119 -54.60 -18.81 23.81
N HIS G 120 -55.82 -18.93 23.14
CA HIS G 120 -56.91 -18.08 23.46
C HIS G 120 -57.81 -18.74 24.51
N VAL G 121 -57.22 -19.45 25.43
CA VAL G 121 -57.87 -19.88 26.63
C VAL G 121 -56.96 -19.57 27.78
N GLY G 122 -55.74 -19.14 27.56
CA GLY G 122 -54.88 -18.61 28.64
C GLY G 122 -54.17 -19.77 29.20
N GLU G 123 -53.55 -20.56 28.23
CA GLU G 123 -52.85 -21.72 28.50
C GLU G 123 -51.69 -21.72 27.53
N TYR G 124 -50.66 -22.62 27.66
CA TYR G 124 -49.58 -22.71 26.70
C TYR G 124 -49.78 -23.98 25.88
N ARG G 125 -49.28 -23.93 24.68
CA ARG G 125 -49.37 -24.95 23.67
C ARG G 125 -48.06 -24.68 22.97
N ALA G 126 -47.59 -25.59 22.08
CA ALA G 126 -46.25 -25.47 21.53
C ALA G 126 -46.23 -24.56 20.32
N GLY G 127 -45.04 -24.24 19.74
CA GLY G 127 -44.83 -23.20 18.73
C GLY G 127 -43.38 -22.78 18.88
N ASN G 128 -43.18 -21.52 19.21
CA ASN G 128 -41.89 -20.93 19.31
C ASN G 128 -42.00 -19.88 20.35
N MET G 129 -40.99 -19.68 21.21
CA MET G 129 -41.17 -18.79 22.36
C MET G 129 -40.66 -17.41 22.18
N TYR G 130 -40.39 -16.90 20.97
CA TYR G 130 -39.84 -15.62 20.72
C TYR G 130 -40.88 -14.64 20.26
N GLU G 131 -42.06 -15.09 19.89
CA GLU G 131 -43.16 -14.23 19.66
C GLU G 131 -44.22 -14.84 20.60
N LYS G 132 -45.27 -14.11 20.83
CA LYS G 132 -46.50 -14.55 21.43
C LYS G 132 -46.40 -15.07 22.83
N ALA G 133 -46.06 -14.09 23.72
CA ALA G 133 -45.93 -14.30 25.16
C ALA G 133 -44.72 -15.19 25.57
N THR G 134 -43.82 -14.57 26.44
CA THR G 134 -42.57 -15.25 26.91
C THR G 134 -42.86 -16.48 27.75
N GLN G 135 -41.92 -17.50 27.91
CA GLN G 135 -42.15 -18.69 28.71
C GLN G 135 -41.38 -18.57 29.89
N GLY G 136 -40.84 -17.38 30.14
CA GLY G 136 -39.92 -16.98 31.16
C GLY G 136 -38.65 -16.68 30.53
N VAL G 137 -37.69 -16.16 31.31
CA VAL G 137 -36.41 -15.62 30.91
C VAL G 137 -35.44 -16.52 31.56
N THR G 138 -35.33 -16.36 32.95
CA THR G 138 -34.48 -17.14 33.81
C THR G 138 -35.47 -18.03 34.57
N ASP G 139 -36.73 -18.06 34.15
CA ASP G 139 -37.84 -18.59 34.83
C ASP G 139 -38.41 -19.63 33.88
N THR G 140 -37.57 -20.05 32.89
CA THR G 140 -37.87 -20.93 31.84
C THR G 140 -37.14 -22.24 32.23
N ASP G 141 -36.27 -22.25 33.28
CA ASP G 141 -35.35 -23.31 33.56
C ASP G 141 -35.94 -24.09 34.75
N THR G 142 -37.31 -23.91 35.03
CA THR G 142 -37.88 -24.49 36.29
C THR G 142 -38.79 -25.53 35.74
N PHE G 143 -38.48 -26.77 36.09
CA PHE G 143 -39.07 -28.05 35.76
C PHE G 143 -39.66 -28.51 36.99
N ILE G 144 -40.25 -29.72 36.86
CA ILE G 144 -40.94 -30.50 37.90
C ILE G 144 -39.91 -30.72 39.01
N GLY G 145 -40.32 -30.37 40.27
CA GLY G 145 -39.64 -30.78 41.46
C GLY G 145 -38.64 -29.75 41.88
N PHE G 146 -38.76 -28.56 41.27
CA PHE G 146 -37.91 -27.47 41.51
C PHE G 146 -38.96 -26.40 41.65
N ILE G 147 -38.56 -25.27 42.36
CA ILE G 147 -39.42 -24.18 42.71
C ILE G 147 -39.74 -23.34 41.54
N MET G 148 -40.96 -23.53 41.01
CA MET G 148 -41.46 -22.93 39.81
C MET G 148 -41.50 -21.44 39.84
N TYR G 149 -41.19 -20.74 38.68
CA TYR G 149 -41.23 -19.29 38.58
C TYR G 149 -41.88 -18.93 37.29
N VAL G 150 -42.39 -17.71 37.24
CA VAL G 150 -43.15 -17.12 36.20
C VAL G 150 -42.36 -16.69 35.01
N PRO H 1 -50.44 12.61 36.94
CA PRO H 1 -50.11 14.05 36.95
C PRO H 1 -50.09 14.45 35.51
N TYR H 2 -50.64 15.58 35.05
CA TYR H 2 -50.54 16.02 33.68
C TYR H 2 -51.96 15.91 33.11
N VAL H 3 -52.96 16.15 33.98
CA VAL H 3 -54.33 16.20 33.74
C VAL H 3 -54.63 17.72 33.68
N ARG H 4 -53.58 18.53 33.89
CA ARG H 4 -53.49 19.96 34.01
C ARG H 4 -52.88 20.42 32.65
N LEU H 5 -52.32 19.54 31.83
CA LEU H 5 -52.04 19.65 30.38
C LEU H 5 -53.04 18.80 29.66
N GLY H 6 -53.82 18.06 30.44
CA GLY H 6 -54.73 17.13 29.88
C GLY H 6 -56.15 17.76 29.96
N TYR H 7 -57.20 16.98 29.82
CA TYR H 7 -58.56 17.46 29.68
C TYR H 7 -58.74 17.66 28.18
N GLU H 8 -58.33 16.61 27.47
CA GLU H 8 -58.64 16.50 26.06
C GLU H 8 -57.50 17.13 25.21
N GLY H 9 -56.29 17.07 25.82
CA GLY H 9 -55.13 17.53 25.14
C GLY H 9 -54.06 16.64 25.68
N ILE H 10 -54.50 15.39 26.02
CA ILE H 10 -53.60 14.41 26.57
C ILE H 10 -52.51 14.05 25.60
N LEU H 11 -51.30 13.69 26.16
CA LEU H 11 -50.20 13.21 25.36
C LEU H 11 -49.52 14.48 24.79
N ASN H 12 -49.45 15.64 25.54
CA ASN H 12 -48.69 16.79 25.19
C ASN H 12 -47.97 17.20 26.51
N GLY H 13 -46.63 17.43 26.37
CA GLY H 13 -45.73 17.80 27.44
C GLY H 13 -45.38 16.58 28.26
N ALA H 14 -44.45 16.77 29.16
CA ALA H 14 -44.19 15.76 30.17
C ALA H 14 -45.41 15.40 30.99
N HIS H 15 -45.64 14.07 31.10
CA HIS H 15 -46.58 13.42 32.04
C HIS H 15 -45.85 12.25 32.62
N ASP H 16 -45.98 12.08 33.95
CA ASP H 16 -45.66 10.85 34.66
C ASP H 16 -46.99 10.26 34.91
N ILE H 17 -46.89 9.08 35.60
CA ILE H 17 -47.99 8.18 35.80
C ILE H 17 -48.00 8.08 37.34
N ASP H 18 -46.91 8.50 37.99
CA ASP H 18 -46.68 8.29 39.42
C ASP H 18 -46.72 9.61 40.22
N VAL H 19 -47.33 9.57 41.47
CA VAL H 19 -47.12 10.77 42.36
C VAL H 19 -46.54 10.28 43.63
N ALA H 20 -46.54 8.95 43.75
CA ALA H 20 -45.99 8.35 44.99
C ALA H 20 -45.30 7.04 44.59
N GLY H 21 -44.25 6.62 45.26
CA GLY H 21 -43.53 5.34 44.99
C GLY H 21 -44.49 4.14 44.96
N LEU H 22 -44.34 3.23 43.94
CA LEU H 22 -45.21 2.08 43.72
C LEU H 22 -45.07 1.08 44.87
N ASN H 23 -46.20 0.49 45.34
CA ASN H 23 -46.32 -0.72 46.12
C ASN H 23 -45.45 -1.87 45.75
N GLY H 24 -45.45 -2.85 46.70
CA GLY H 24 -44.70 -4.11 46.57
C GLY H 24 -45.10 -5.09 45.48
N VAL H 25 -44.62 -6.30 45.57
CA VAL H 25 -45.00 -7.31 44.67
C VAL H 25 -44.27 -7.18 43.28
N GLU H 26 -42.94 -7.59 43.15
CA GLU H 26 -42.34 -7.72 41.83
C GLU H 26 -43.07 -8.62 40.83
N GLN H 27 -42.88 -8.21 39.56
CA GLN H 27 -43.28 -8.93 38.43
C GLN H 27 -42.03 -9.66 38.00
N LEU H 28 -42.16 -10.90 37.59
CA LEU H 28 -41.04 -11.69 37.12
C LEU H 28 -41.16 -11.69 35.60
N ALA H 29 -40.03 -11.87 34.94
CA ALA H 29 -39.76 -11.67 33.50
C ALA H 29 -39.78 -10.17 33.15
N GLY H 30 -38.52 -9.77 32.87
CA GLY H 30 -38.05 -8.48 32.37
C GLY H 30 -38.38 -8.42 30.94
N LYS H 31 -38.43 -7.15 30.45
CA LYS H 31 -38.89 -6.81 29.12
C LYS H 31 -38.70 -5.33 28.97
N PHE H 32 -38.78 -4.73 27.79
CA PHE H 32 -38.54 -3.37 27.48
C PHE H 32 -39.83 -2.65 27.40
N ALA H 33 -39.73 -1.34 27.65
CA ALA H 33 -40.80 -0.38 27.44
C ALA H 33 -40.33 0.38 26.23
N THR H 34 -41.21 0.51 25.24
CA THR H 34 -41.07 1.55 24.16
C THR H 34 -42.42 1.92 23.59
N ILE H 35 -42.62 3.18 23.28
CA ILE H 35 -43.88 3.67 22.79
C ILE H 35 -43.73 4.08 21.38
N GLY H 36 -42.55 3.79 20.79
CA GLY H 36 -42.17 4.22 19.45
C GLY H 36 -42.74 3.19 18.52
N ALA H 37 -42.33 3.19 17.20
CA ALA H 37 -42.73 2.30 16.18
C ALA H 37 -41.41 1.98 15.49
N ASN H 38 -40.94 0.68 15.62
CA ASN H 38 -39.67 0.19 15.25
C ASN H 38 -38.49 0.94 15.74
N GLY H 39 -38.49 1.13 17.09
CA GLY H 39 -37.55 1.81 17.82
C GLY H 39 -38.14 3.14 18.18
N VAL H 40 -37.72 3.59 19.41
CA VAL H 40 -37.85 4.89 19.99
C VAL H 40 -36.60 5.57 19.58
N LYS H 41 -36.78 6.62 18.75
CA LYS H 41 -35.81 7.60 18.29
C LYS H 41 -36.38 9.01 18.33
N LEU H 42 -37.36 9.08 19.29
CA LEU H 42 -38.21 10.14 19.74
C LEU H 42 -37.30 10.60 20.86
N ALA H 43 -37.08 11.92 21.00
CA ALA H 43 -36.33 12.51 22.05
C ALA H 43 -37.08 13.80 22.24
N GLY H 44 -37.37 14.08 23.56
CA GLY H 44 -38.08 15.20 24.00
C GLY H 44 -39.54 14.98 24.14
N ASP H 45 -40.16 15.75 25.11
CA ASP H 45 -41.56 15.70 25.50
C ASP H 45 -42.53 16.14 24.34
N ASN H 46 -43.81 15.76 24.42
CA ASN H 46 -44.91 15.92 23.54
C ASN H 46 -44.82 14.79 22.50
N GLY H 47 -45.91 14.61 21.75
CA GLY H 47 -45.84 13.40 20.86
C GLY H 47 -46.45 12.23 21.64
N THR H 48 -46.16 10.95 21.24
CA THR H 48 -46.86 9.82 21.79
C THR H 48 -46.15 9.57 23.16
N ASN H 49 -46.89 9.39 24.25
CA ASN H 49 -46.26 9.11 25.50
C ASN H 49 -46.73 7.81 25.93
N ALA H 50 -46.05 7.19 26.92
CA ALA H 50 -46.35 5.83 27.42
C ALA H 50 -47.09 5.84 28.69
N VAL H 51 -47.80 6.99 28.99
CA VAL H 51 -48.77 7.18 29.97
C VAL H 51 -50.05 6.43 29.52
N GLY H 52 -50.91 6.15 30.49
CA GLY H 52 -51.95 5.17 30.38
C GLY H 52 -51.61 3.88 30.97
N LEU H 53 -52.61 2.92 31.10
CA LEU H 53 -52.29 1.51 31.39
C LEU H 53 -51.45 0.98 30.26
N PHE H 54 -51.06 -0.33 30.40
CA PHE H 54 -50.27 -1.02 29.38
C PHE H 54 -50.92 -2.28 28.95
N ARG H 55 -50.33 -2.83 27.83
CA ARG H 55 -50.64 -4.09 27.31
C ARG H 55 -49.35 -4.64 26.89
N GLU H 56 -49.20 -5.93 27.05
CA GLU H 56 -48.17 -6.84 26.59
C GLU H 56 -48.44 -7.01 25.15
N ASP H 57 -47.35 -7.09 24.31
CA ASP H 57 -47.42 -7.11 22.83
C ASP H 57 -47.03 -8.56 22.41
N LEU H 58 -45.77 -8.88 22.39
CA LEU H 58 -45.20 -10.22 22.05
C LEU H 58 -44.60 -10.80 23.30
N GLY H 59 -44.86 -10.06 24.38
CA GLY H 59 -44.53 -10.53 25.76
C GLY H 59 -43.13 -10.31 26.13
N ASP H 60 -42.48 -9.42 25.31
CA ASP H 60 -41.09 -9.03 25.17
C ASP H 60 -41.12 -7.55 25.09
N MET H 61 -42.31 -6.92 24.80
CA MET H 61 -42.51 -5.51 24.69
C MET H 61 -43.72 -5.34 25.49
N VAL H 62 -43.74 -4.20 26.23
CA VAL H 62 -44.89 -3.69 26.82
C VAL H 62 -44.98 -2.36 26.13
N ASN H 63 -46.19 -1.79 25.96
CA ASN H 63 -46.32 -0.45 25.43
C ASN H 63 -47.69 -0.03 26.01
N ALA H 64 -48.12 1.26 25.61
CA ALA H 64 -49.31 1.88 26.01
C ALA H 64 -50.44 1.10 25.32
N SER H 65 -51.57 1.05 26.04
CA SER H 65 -52.82 0.59 25.65
C SER H 65 -53.43 1.35 24.45
N GLU H 66 -53.29 0.75 23.24
CA GLU H 66 -53.71 1.37 21.98
C GLU H 66 -54.29 0.28 21.08
N LYS H 67 -55.35 -0.31 21.60
CA LYS H 67 -56.17 -1.27 20.94
C LYS H 67 -57.47 -0.64 20.35
N ALA H 68 -58.43 -1.50 19.95
CA ALA H 68 -59.71 -1.14 19.51
C ALA H 68 -60.69 -1.14 20.63
N SER H 69 -61.79 -0.43 20.43
CA SER H 69 -62.92 -0.34 21.27
C SER H 69 -63.63 -1.73 21.28
N PHE H 70 -64.37 -1.97 22.39
CA PHE H 70 -65.29 -3.15 22.51
C PHE H 70 -64.60 -4.45 22.83
N TYR H 71 -64.83 -5.02 24.07
CA TYR H 71 -63.91 -6.03 24.65
C TYR H 71 -62.71 -5.51 25.31
N PHE H 72 -62.80 -4.22 25.76
CA PHE H 72 -61.90 -3.50 26.56
C PHE H 72 -61.75 -4.18 27.91
N ARG H 73 -60.51 -4.06 28.48
CA ARG H 73 -60.05 -4.69 29.71
C ARG H 73 -59.63 -3.53 30.61
N GLY H 74 -60.23 -3.48 31.75
CA GLY H 74 -60.12 -2.50 32.79
C GLY H 74 -58.72 -2.66 33.45
N GLY H 75 -58.64 -2.52 34.79
CA GLY H 75 -57.52 -2.38 35.71
C GLY H 75 -56.37 -3.30 35.39
N GLU H 76 -55.14 -2.93 35.84
CA GLU H 76 -54.01 -3.77 35.69
C GLU H 76 -53.11 -3.48 36.82
N TYR H 77 -52.30 -4.52 37.13
CA TYR H 77 -51.60 -4.77 38.38
C TYR H 77 -50.31 -3.97 38.51
N TYR H 78 -49.98 -3.17 37.49
CA TYR H 78 -48.74 -2.34 37.57
C TYR H 78 -48.79 -1.31 36.50
N VAL H 79 -47.92 -0.25 36.73
CA VAL H 79 -47.58 0.79 35.80
C VAL H 79 -46.13 0.88 35.82
N ASN H 80 -45.57 1.30 34.70
CA ASN H 80 -44.19 1.27 34.44
C ASN H 80 -43.61 2.41 35.14
N ILE H 81 -42.35 2.10 35.72
CA ILE H 81 -41.52 3.04 36.39
C ILE H 81 -41.19 4.17 35.40
N SER H 82 -41.26 5.42 35.88
CA SER H 82 -41.03 6.51 34.99
C SER H 82 -39.61 6.69 34.48
N ARG H 83 -39.44 6.77 33.11
CA ARG H 83 -38.19 7.04 32.50
C ARG H 83 -38.44 8.36 31.72
N THR H 84 -39.49 9.07 32.14
CA THR H 84 -39.81 10.30 31.48
C THR H 84 -38.69 11.30 31.77
N SER H 85 -38.05 11.77 30.64
CA SER H 85 -36.94 12.61 30.59
C SER H 85 -37.15 13.34 29.24
N LEU H 86 -36.21 14.30 28.95
CA LEU H 86 -36.28 15.08 27.74
C LEU H 86 -35.40 14.39 26.75
N THR H 87 -35.07 13.12 26.91
CA THR H 87 -34.26 12.30 25.99
C THR H 87 -35.19 11.20 25.51
N ALA H 88 -36.52 11.51 25.68
CA ALA H 88 -37.54 10.55 25.48
C ALA H 88 -38.82 11.24 25.37
N ALA H 89 -39.77 10.59 24.78
CA ALA H 89 -41.15 10.95 24.83
C ALA H 89 -41.81 9.90 25.65
N GLY H 90 -42.19 10.32 26.86
CA GLY H 90 -42.55 9.55 28.02
C GLY H 90 -41.63 8.40 28.40
N ILE H 91 -42.21 7.36 28.99
CA ILE H 91 -41.52 6.22 29.52
C ILE H 91 -41.08 5.40 28.37
N ALA H 92 -39.83 4.94 28.31
CA ALA H 92 -39.32 4.09 27.31
C ALA H 92 -37.97 3.86 27.78
N ALA H 93 -37.75 2.57 28.15
CA ALA H 93 -36.59 2.00 28.75
C ALA H 93 -35.81 1.40 27.70
N GLY H 94 -34.51 1.60 27.81
CA GLY H 94 -33.52 1.25 26.73
C GLY H 94 -32.65 0.18 27.34
N ASP H 95 -33.11 -0.24 28.56
CA ASP H 95 -32.75 -1.45 29.28
C ASP H 95 -34.08 -2.22 29.51
N GLU H 96 -34.03 -3.39 30.18
CA GLU H 96 -35.24 -4.08 30.64
C GLU H 96 -35.73 -3.50 31.95
N ILE H 97 -37.11 -3.29 32.04
CA ILE H 97 -37.80 -2.60 33.07
C ILE H 97 -38.59 -3.69 33.70
N THR H 98 -38.60 -3.63 35.10
CA THR H 98 -39.36 -4.61 35.88
C THR H 98 -40.24 -3.84 36.79
N CYS H 99 -41.53 -4.32 36.85
CA CYS H 99 -42.61 -3.53 37.27
C CYS H 99 -43.09 -4.09 38.55
N ASP H 100 -44.05 -3.39 39.17
CA ASP H 100 -44.45 -3.73 40.48
C ASP H 100 -45.74 -2.97 40.71
N ALA H 101 -46.47 -3.21 41.82
CA ALA H 101 -47.59 -2.54 42.48
C ALA H 101 -48.57 -3.57 42.60
N ASP H 102 -49.66 -3.18 43.41
CA ASP H 102 -50.89 -3.81 43.61
C ASP H 102 -51.85 -3.24 42.63
N GLY H 103 -51.27 -2.41 41.71
CA GLY H 103 -51.91 -1.42 40.88
C GLY H 103 -51.69 -0.08 41.53
N LYS H 104 -51.65 1.04 40.73
CA LYS H 104 -51.23 2.31 41.23
C LYS H 104 -52.00 3.32 40.56
N MET H 105 -51.54 4.56 40.51
CA MET H 105 -52.30 5.73 39.97
C MET H 105 -52.11 5.65 38.50
N ILE H 106 -53.22 5.97 37.75
CA ILE H 106 -53.17 6.11 36.30
C ILE H 106 -53.90 7.37 35.94
N LYS H 107 -54.01 7.74 34.69
CA LYS H 107 -54.55 9.00 34.25
C LYS H 107 -55.73 8.55 33.36
N PHE H 108 -56.90 9.26 33.58
CA PHE H 108 -58.14 9.05 32.85
C PHE H 108 -58.59 10.36 32.45
N THR H 109 -59.00 10.50 31.15
CA THR H 109 -59.64 11.66 30.59
C THR H 109 -60.85 11.21 29.88
N GLY H 110 -61.77 12.22 29.59
CA GLY H 110 -63.04 11.93 29.04
C GLY H 110 -64.12 12.21 30.05
N THR H 111 -65.36 11.89 29.60
CA THR H 111 -66.62 12.22 30.23
C THR H 111 -67.20 10.87 30.80
N GLY H 112 -66.32 9.93 31.20
CA GLY H 112 -66.63 8.65 31.73
C GLY H 112 -66.29 8.85 33.15
N LYS H 113 -65.62 7.81 33.69
CA LYS H 113 -65.54 7.65 35.13
C LYS H 113 -64.08 7.45 35.48
N ALA H 114 -63.50 6.39 34.90
CA ALA H 114 -62.14 5.91 35.27
C ALA H 114 -61.96 4.88 34.23
N LEU H 115 -62.97 4.63 33.36
CA LEU H 115 -62.91 3.49 32.45
C LEU H 115 -63.62 3.96 31.22
N GLY H 116 -63.02 3.70 30.08
CA GLY H 116 -63.40 4.22 28.79
C GLY H 116 -63.25 3.04 27.90
N VAL H 117 -62.94 3.41 26.63
CA VAL H 117 -62.55 2.45 25.62
C VAL H 117 -61.23 3.01 25.08
N VAL H 118 -60.65 2.35 24.04
CA VAL H 118 -59.45 2.79 23.30
C VAL H 118 -59.82 3.09 21.84
N THR H 119 -59.34 4.21 21.27
CA THR H 119 -59.47 4.56 19.91
C THR H 119 -58.16 4.44 19.26
N HIS H 120 -57.18 3.69 19.84
CA HIS H 120 -55.89 3.37 19.27
C HIS H 120 -54.94 4.51 19.51
N VAL H 121 -55.29 5.39 20.48
CA VAL H 121 -54.54 6.53 20.91
C VAL H 121 -54.30 6.29 22.29
N GLY H 122 -53.15 6.70 22.80
CA GLY H 122 -52.79 6.59 24.18
C GLY H 122 -53.86 6.87 25.23
N GLU H 123 -53.92 6.10 26.38
CA GLU H 123 -54.80 6.28 27.49
C GLU H 123 -56.21 5.92 27.06
N TYR H 124 -57.19 6.03 27.97
CA TYR H 124 -58.59 5.81 27.67
C TYR H 124 -59.39 7.12 27.81
N ARG H 125 -60.44 7.18 26.96
CA ARG H 125 -61.52 8.12 27.11
C ARG H 125 -62.73 7.40 26.63
N ALA H 126 -63.90 8.09 26.87
CA ALA H 126 -65.28 7.84 26.49
C ALA H 126 -66.13 8.29 27.65
N GLY H 127 -67.30 8.89 27.16
CA GLY H 127 -68.54 9.21 27.80
C GLY H 127 -69.27 8.09 28.35
N ASN H 128 -70.39 8.49 29.06
CA ASN H 128 -71.38 7.57 29.72
C ASN H 128 -70.77 7.23 31.06
N MET H 129 -71.30 7.95 32.08
CA MET H 129 -70.80 7.75 33.41
C MET H 129 -71.66 6.79 34.15
N TYR H 130 -72.67 6.19 33.43
CA TYR H 130 -73.61 5.26 34.06
C TYR H 130 -73.51 3.91 33.42
N GLU H 131 -72.67 3.81 32.34
CA GLU H 131 -72.29 2.62 31.66
C GLU H 131 -70.86 2.40 31.84
N LYS H 132 -70.23 3.20 32.75
CA LYS H 132 -68.87 3.00 33.12
C LYS H 132 -68.73 3.12 34.68
N ALA H 133 -67.53 2.94 35.28
CA ALA H 133 -67.48 2.92 36.73
C ALA H 133 -66.10 3.25 37.16
N THR H 134 -65.97 3.80 38.33
CA THR H 134 -64.73 3.98 39.08
C THR H 134 -63.87 2.75 39.15
N GLN H 135 -62.49 2.90 39.13
CA GLN H 135 -61.60 1.84 39.46
C GLN H 135 -61.01 2.23 40.78
N GLY H 136 -60.85 1.25 41.74
CA GLY H 136 -60.43 1.63 43.05
C GLY H 136 -61.57 2.03 43.95
N VAL H 137 -61.26 2.28 45.17
CA VAL H 137 -62.20 2.56 46.29
C VAL H 137 -62.75 3.94 46.22
N THR H 138 -64.08 4.09 46.50
CA THR H 138 -64.93 5.23 46.44
C THR H 138 -65.25 5.82 45.15
N ASP H 139 -66.42 6.49 45.05
CA ASP H 139 -66.96 6.92 43.79
C ASP H 139 -66.13 8.18 43.47
N THR H 140 -65.59 8.39 42.21
CA THR H 140 -64.93 9.61 41.82
C THR H 140 -65.47 9.92 40.49
N ASP H 141 -65.84 11.22 40.28
CA ASP H 141 -66.48 11.62 39.00
C ASP H 141 -65.44 12.47 38.30
N THR H 142 -65.42 12.51 36.94
CA THR H 142 -64.40 13.05 36.09
C THR H 142 -64.97 14.25 35.46
N PHE H 143 -64.17 15.32 35.48
CA PHE H 143 -64.61 16.65 35.09
C PHE H 143 -63.45 17.45 34.47
N ILE H 144 -62.22 16.97 34.38
CA ILE H 144 -61.05 17.74 33.94
C ILE H 144 -59.78 16.89 34.07
N GLY H 145 -60.07 15.57 34.41
CA GLY H 145 -59.01 14.61 34.69
C GLY H 145 -58.61 14.54 36.21
N PHE H 146 -58.39 13.28 36.59
CA PHE H 146 -57.96 13.00 37.96
C PHE H 146 -57.17 11.72 37.90
N ILE H 147 -56.38 11.44 38.94
CA ILE H 147 -55.50 10.26 39.04
C ILE H 147 -56.25 9.24 39.81
N MET H 148 -56.60 8.15 39.07
CA MET H 148 -57.53 7.15 39.54
C MET H 148 -56.75 5.98 39.93
N TYR H 149 -57.18 5.39 41.04
CA TYR H 149 -56.38 4.40 41.69
C TYR H 149 -56.86 3.00 41.19
N VAL H 150 -55.94 2.11 40.75
CA VAL H 150 -56.42 0.75 40.40
C VAL H 150 -56.45 -0.01 41.67
N PRO I 1 -74.59 -24.78 56.48
CA PRO I 1 -76.03 -24.45 56.20
C PRO I 1 -76.56 -23.66 57.29
N TYR I 2 -77.22 -22.44 57.05
CA TYR I 2 -77.46 -21.40 58.00
C TYR I 2 -78.67 -20.56 57.56
N VAL I 3 -79.26 -19.85 58.56
CA VAL I 3 -80.51 -19.11 58.61
C VAL I 3 -80.36 -18.10 57.54
N ARG I 4 -81.42 -17.93 56.74
CA ARG I 4 -81.38 -17.13 55.55
C ARG I 4 -82.69 -16.57 55.25
N LEU I 5 -82.67 -15.29 54.85
CA LEU I 5 -83.87 -14.66 54.23
C LEU I 5 -83.27 -13.99 53.00
N GLY I 6 -82.36 -13.00 53.10
CA GLY I 6 -81.83 -12.40 51.92
C GLY I 6 -82.83 -11.44 51.30
N TYR I 7 -82.93 -11.39 49.98
CA TYR I 7 -83.88 -10.53 49.29
C TYR I 7 -83.76 -11.10 47.97
N GLU I 8 -84.86 -11.84 47.47
CA GLU I 8 -85.01 -12.38 46.15
C GLU I 8 -85.52 -11.30 45.19
N GLY I 9 -84.99 -11.32 43.93
CA GLY I 9 -85.69 -10.63 42.89
C GLY I 9 -86.15 -11.59 41.74
N ILE I 10 -85.48 -12.75 41.66
CA ILE I 10 -85.87 -13.76 40.69
C ILE I 10 -86.08 -14.88 41.58
N LEU I 11 -86.65 -15.98 41.07
CA LEU I 11 -87.05 -17.10 41.82
C LEU I 11 -85.79 -17.82 42.33
N ASN I 12 -85.87 -18.48 43.47
CA ASN I 12 -84.76 -19.07 44.26
C ASN I 12 -83.53 -18.21 44.42
N GLY I 13 -82.42 -18.72 45.04
CA GLY I 13 -81.23 -18.00 45.43
C GLY I 13 -81.53 -16.94 46.47
N ALA I 14 -80.57 -15.98 46.74
CA ALA I 14 -80.61 -15.01 47.82
C ALA I 14 -80.39 -15.69 49.17
N HIS I 15 -79.51 -15.22 50.01
CA HIS I 15 -79.46 -15.74 51.34
C HIS I 15 -78.76 -14.69 52.13
N ASP I 16 -78.90 -14.83 53.51
CA ASP I 16 -78.26 -14.03 54.59
C ASP I 16 -76.79 -14.19 54.54
N ILE I 17 -76.08 -13.11 54.97
CA ILE I 17 -74.68 -13.05 55.07
C ILE I 17 -74.39 -12.73 56.57
N ASP I 18 -75.45 -12.70 57.41
CA ASP I 18 -75.34 -12.69 58.83
C ASP I 18 -74.69 -13.85 59.38
N VAL I 19 -75.07 -15.10 58.90
CA VAL I 19 -74.33 -16.21 59.34
C VAL I 19 -73.91 -16.79 58.03
N ALA I 20 -72.63 -16.70 57.63
CA ALA I 20 -72.10 -17.32 56.39
C ALA I 20 -70.65 -17.48 56.59
N GLY I 21 -70.22 -17.86 57.87
CA GLY I 21 -68.85 -18.02 58.31
C GLY I 21 -67.82 -16.97 57.96
N LEU I 22 -66.51 -17.34 57.83
CA LEU I 22 -65.58 -16.35 57.35
C LEU I 22 -65.88 -15.86 55.95
N ASN I 23 -65.85 -14.49 55.86
CA ASN I 23 -66.19 -13.71 54.62
C ASN I 23 -64.89 -13.40 53.94
N GLY I 24 -64.92 -13.49 52.58
CA GLY I 24 -63.66 -13.31 51.85
C GLY I 24 -63.28 -11.84 51.82
N VAL I 25 -61.92 -11.63 51.69
CA VAL I 25 -61.19 -10.36 51.49
C VAL I 25 -61.63 -9.68 50.22
N GLU I 26 -61.85 -8.32 50.36
CA GLU I 26 -62.37 -7.48 49.30
C GLU I 26 -61.20 -6.91 48.51
N GLN I 27 -61.44 -6.67 47.23
CA GLN I 27 -60.49 -6.10 46.31
C GLN I 27 -60.90 -4.67 46.03
N LEU I 28 -59.89 -3.86 45.60
CA LEU I 28 -59.85 -2.38 45.55
C LEU I 28 -61.07 -1.76 44.79
N ALA I 29 -61.42 -2.39 43.70
CA ALA I 29 -62.25 -1.76 42.70
C ALA I 29 -63.72 -2.06 42.97
N GLY I 30 -64.40 -0.91 42.90
CA GLY I 30 -65.76 -0.69 42.93
C GLY I 30 -66.31 -0.82 41.59
N LYS I 31 -67.66 -0.83 41.54
CA LYS I 31 -68.47 -0.99 40.36
C LYS I 31 -69.90 -0.92 40.89
N PHE I 32 -70.86 -0.60 39.97
CA PHE I 32 -72.30 -0.32 40.22
C PHE I 32 -73.17 -1.57 40.05
N ALA I 33 -74.31 -1.43 40.75
CA ALA I 33 -75.43 -2.35 40.70
C ALA I 33 -76.33 -1.69 39.72
N THR I 34 -76.81 -2.49 38.74
CA THR I 34 -77.75 -2.03 37.73
C THR I 34 -79.15 -2.46 38.24
N ILE I 35 -79.78 -1.39 38.79
CA ILE I 35 -81.15 -1.09 39.07
C ILE I 35 -81.33 0.39 38.96
N GLY I 36 -82.44 0.88 38.37
CA GLY I 36 -82.73 2.29 38.22
C GLY I 36 -81.73 3.26 37.55
N ALA I 37 -81.93 4.58 37.77
CA ALA I 37 -81.08 5.48 37.09
C ALA I 37 -81.40 6.87 37.66
N ASN I 38 -81.61 7.00 38.99
CA ASN I 38 -81.79 8.27 39.61
C ASN I 38 -80.43 8.80 39.98
N GLY I 39 -80.11 10.06 39.58
CA GLY I 39 -78.83 10.66 39.52
C GLY I 39 -77.82 10.07 38.56
N VAL I 40 -76.54 10.51 38.55
CA VAL I 40 -75.47 10.02 37.74
C VAL I 40 -75.19 8.58 37.96
N LYS I 41 -75.11 8.16 39.26
CA LYS I 41 -75.11 6.77 39.64
C LYS I 41 -76.35 6.06 39.36
N LEU I 42 -76.32 4.73 39.41
CA LEU I 42 -77.59 3.95 39.15
C LEU I 42 -78.24 3.57 40.45
N ALA I 43 -79.43 4.13 40.74
CA ALA I 43 -79.96 3.99 42.11
C ALA I 43 -81.40 3.68 41.82
N GLY I 44 -81.93 2.51 42.30
CA GLY I 44 -83.28 2.21 42.05
C GLY I 44 -83.63 1.45 43.27
N ASP I 45 -84.72 0.59 43.14
CA ASP I 45 -85.28 -0.24 44.26
C ASP I 45 -84.87 -1.64 43.94
N ASN I 46 -84.56 -2.40 45.02
CA ASN I 46 -84.04 -3.77 44.99
C ASN I 46 -85.01 -4.72 44.44
N GLY I 47 -84.49 -5.81 43.81
CA GLY I 47 -85.21 -6.52 42.79
C GLY I 47 -84.18 -7.39 42.08
N THR I 48 -83.19 -7.80 42.90
CA THR I 48 -81.99 -8.48 42.54
C THR I 48 -81.70 -9.39 43.65
N ASN I 49 -81.10 -10.54 43.37
CA ASN I 49 -80.65 -11.43 44.43
C ASN I 49 -79.59 -10.82 45.31
N ALA I 50 -79.59 -11.08 46.65
CA ALA I 50 -78.64 -10.72 47.66
C ALA I 50 -77.28 -11.37 47.46
N VAL I 51 -77.39 -12.69 47.14
CA VAL I 51 -76.23 -13.63 47.17
C VAL I 51 -76.46 -14.63 46.04
N GLY I 52 -75.38 -14.82 45.17
CA GLY I 52 -75.29 -15.68 43.99
C GLY I 52 -76.30 -15.46 42.86
N LEU I 53 -75.93 -15.91 41.65
CA LEU I 53 -76.53 -15.76 40.34
C LEU I 53 -76.33 -14.38 39.80
N PHE I 54 -75.05 -13.94 39.59
CA PHE I 54 -74.73 -12.66 39.06
C PHE I 54 -73.79 -13.02 37.92
N ARG I 55 -73.66 -12.09 36.97
CA ARG I 55 -72.79 -12.09 35.81
C ARG I 55 -72.39 -10.68 35.48
N GLU I 56 -71.07 -10.54 35.23
CA GLU I 56 -70.32 -9.32 35.09
C GLU I 56 -70.73 -8.90 33.69
N ASP I 57 -70.96 -7.59 33.41
CA ASP I 57 -71.28 -7.13 32.10
C ASP I 57 -69.97 -6.59 31.50
N LEU I 58 -69.99 -5.92 30.33
CA LEU I 58 -69.00 -4.91 29.93
C LEU I 58 -69.42 -3.58 30.46
N GLY I 59 -68.41 -2.78 30.96
CA GLY I 59 -68.68 -1.45 31.52
C GLY I 59 -68.24 -1.44 32.93
N ASP I 60 -68.04 -2.68 33.57
CA ASP I 60 -67.58 -2.90 34.96
C ASP I 60 -68.77 -2.58 35.77
N MET I 61 -69.87 -3.39 35.53
CA MET I 61 -71.04 -3.29 36.27
C MET I 61 -71.30 -4.72 36.58
N VAL I 62 -72.07 -4.95 37.71
CA VAL I 62 -72.51 -6.32 38.15
C VAL I 62 -74.01 -6.25 38.30
N ASN I 63 -74.80 -7.34 37.99
CA ASN I 63 -76.20 -7.24 38.22
C ASN I 63 -76.56 -8.75 38.33
N ALA I 64 -77.87 -9.17 38.40
CA ALA I 64 -78.25 -10.52 38.41
C ALA I 64 -78.22 -11.12 36.98
N SER I 65 -77.96 -12.43 36.88
CA SER I 65 -78.13 -13.07 35.57
C SER I 65 -78.31 -14.47 35.93
N GLU I 66 -78.89 -15.27 34.97
CA GLU I 66 -78.92 -16.75 35.10
C GLU I 66 -78.21 -17.26 33.85
N LYS I 67 -77.43 -16.40 33.26
CA LYS I 67 -76.60 -16.62 32.06
C LYS I 67 -75.15 -16.69 32.38
N ALA I 68 -74.35 -17.36 31.55
CA ALA I 68 -72.95 -17.37 31.72
C ALA I 68 -72.36 -16.78 30.49
N SER I 69 -71.43 -15.81 30.78
CA SER I 69 -70.74 -15.21 29.73
C SER I 69 -69.87 -16.19 28.91
N PHE I 70 -69.08 -17.05 29.60
CA PHE I 70 -68.37 -18.16 28.96
C PHE I 70 -69.37 -19.23 28.50
N TYR I 71 -68.99 -20.01 27.46
CA TYR I 71 -69.72 -21.19 26.82
C TYR I 71 -69.43 -22.51 27.38
N PHE I 72 -68.28 -22.65 28.11
CA PHE I 72 -67.88 -23.94 28.58
C PHE I 72 -67.17 -23.68 29.92
N ARG I 73 -67.30 -24.72 30.78
CA ARG I 73 -66.74 -24.89 32.14
C ARG I 73 -67.64 -24.15 33.13
N GLY I 74 -68.24 -24.94 34.11
CA GLY I 74 -68.85 -24.48 35.35
C GLY I 74 -69.87 -23.47 35.06
N GLY I 75 -70.31 -22.61 36.08
CA GLY I 75 -71.32 -21.62 35.93
C GLY I 75 -70.91 -20.55 36.73
N GLU I 76 -71.96 -19.70 37.09
CA GLU I 76 -71.93 -18.59 38.02
C GLU I 76 -71.52 -19.12 39.41
N TYR I 77 -70.80 -18.27 40.17
CA TYR I 77 -70.39 -18.54 41.51
C TYR I 77 -69.88 -17.24 42.16
N TYR I 78 -69.93 -16.14 41.36
CA TYR I 78 -69.98 -14.72 41.68
C TYR I 78 -71.16 -14.50 42.66
N VAL I 79 -70.69 -14.09 43.82
CA VAL I 79 -71.48 -13.91 45.00
C VAL I 79 -71.07 -12.58 45.59
N ASN I 80 -71.99 -11.95 46.42
CA ASN I 80 -71.71 -10.58 46.97
C ASN I 80 -71.08 -10.71 48.33
N ILE I 81 -69.99 -10.02 48.63
CA ILE I 81 -69.43 -10.09 49.95
C ILE I 81 -69.29 -8.71 50.34
N SER I 82 -69.91 -8.38 51.44
CA SER I 82 -69.85 -7.06 52.01
C SER I 82 -69.99 -7.19 53.51
N ARG I 83 -69.71 -6.03 54.11
CA ARG I 83 -69.78 -5.89 55.50
C ARG I 83 -71.13 -5.29 55.88
N THR I 84 -71.90 -5.04 54.84
CA THR I 84 -73.25 -4.42 54.89
C THR I 84 -74.27 -5.59 54.98
N SER I 85 -75.23 -5.45 55.94
CA SER I 85 -76.26 -6.43 56.06
C SER I 85 -77.22 -6.58 54.81
N LEU I 86 -77.52 -7.81 54.39
CA LEU I 86 -78.33 -8.18 53.25
C LEU I 86 -79.26 -9.10 53.92
N THR I 87 -80.59 -8.81 53.98
CA THR I 87 -81.53 -9.34 54.93
C THR I 87 -82.77 -8.49 54.69
N ALA I 88 -82.84 -7.56 53.64
CA ALA I 88 -83.96 -6.74 53.38
C ALA I 88 -83.51 -5.86 52.15
N ALA I 89 -82.31 -6.08 51.60
CA ALA I 89 -81.69 -5.34 50.60
C ALA I 89 -80.82 -6.30 49.85
N GLY I 90 -80.55 -5.99 48.61
CA GLY I 90 -79.73 -6.80 47.70
C GLY I 90 -78.37 -6.20 47.49
N ILE I 91 -77.82 -6.11 46.22
CA ILE I 91 -76.79 -5.17 45.91
C ILE I 91 -77.18 -3.72 45.94
N ALA I 92 -76.36 -2.89 46.55
CA ALA I 92 -76.65 -1.54 46.95
C ALA I 92 -77.09 -0.60 45.86
N ALA I 93 -78.07 0.25 46.18
CA ALA I 93 -78.63 1.20 45.27
C ALA I 93 -77.80 2.41 45.44
N GLY I 94 -77.41 3.12 44.36
CA GLY I 94 -76.29 4.05 44.43
C GLY I 94 -74.96 3.43 44.79
N ASP I 95 -73.90 4.14 44.37
CA ASP I 95 -72.54 4.03 44.92
C ASP I 95 -71.90 2.65 44.66
N GLU I 96 -70.57 2.54 44.95
CA GLU I 96 -69.70 1.46 44.69
C GLU I 96 -70.03 0.33 45.69
N ILE I 97 -70.34 -0.93 45.22
CA ILE I 97 -70.45 -2.17 46.03
C ILE I 97 -69.41 -3.05 45.40
N THR I 98 -68.64 -3.78 46.31
CA THR I 98 -67.56 -4.68 46.06
C THR I 98 -68.10 -6.17 46.08
N CYS I 99 -67.66 -7.08 45.12
CA CYS I 99 -68.11 -8.41 45.03
C CYS I 99 -66.93 -9.31 45.31
N ASP I 100 -67.09 -10.60 45.45
CA ASP I 100 -65.99 -11.57 45.31
C ASP I 100 -66.61 -12.83 44.71
N ALA I 101 -66.00 -14.02 44.84
CA ALA I 101 -66.52 -15.27 44.26
C ALA I 101 -66.17 -16.45 45.16
N ASP I 102 -65.83 -16.16 46.42
CA ASP I 102 -65.37 -17.17 47.37
C ASP I 102 -66.34 -17.29 48.52
N GLY I 103 -66.52 -18.52 49.02
CA GLY I 103 -67.57 -18.79 50.06
C GLY I 103 -69.05 -18.41 49.83
N LYS I 104 -69.92 -18.29 50.89
CA LYS I 104 -71.33 -17.98 50.91
C LYS I 104 -72.06 -19.15 50.50
N MET I 105 -73.36 -19.24 50.96
CA MET I 105 -74.23 -20.26 50.61
C MET I 105 -74.75 -20.11 49.24
N ILE I 106 -74.94 -21.27 48.52
CA ILE I 106 -75.56 -21.41 47.25
C ILE I 106 -76.66 -22.48 47.43
N LYS I 107 -77.36 -22.81 46.39
CA LYS I 107 -78.32 -23.78 46.39
C LYS I 107 -77.81 -24.90 45.39
N PHE I 108 -77.87 -26.21 45.75
CA PHE I 108 -77.65 -27.30 44.87
C PHE I 108 -78.96 -28.03 44.94
N THR I 109 -79.18 -29.07 44.09
CA THR I 109 -80.45 -29.78 44.03
C THR I 109 -80.04 -30.97 43.22
N GLY I 110 -80.93 -32.01 43.36
CA GLY I 110 -80.68 -33.29 42.77
C GLY I 110 -79.33 -33.99 42.99
N THR I 111 -79.09 -34.97 42.18
CA THR I 111 -77.94 -35.88 42.28
C THR I 111 -76.65 -35.18 42.09
N GLY I 112 -75.62 -35.50 42.81
CA GLY I 112 -74.30 -34.86 42.74
C GLY I 112 -74.29 -33.41 43.22
N LYS I 113 -73.07 -32.89 43.52
CA LYS I 113 -73.07 -31.51 44.02
C LYS I 113 -71.60 -31.01 43.99
N ALA I 114 -70.69 -31.97 43.74
CA ALA I 114 -69.29 -31.82 43.85
C ALA I 114 -68.78 -30.77 42.96
N LEU I 115 -69.16 -30.76 41.70
CA LEU I 115 -68.86 -29.68 40.83
C LEU I 115 -70.22 -29.16 40.52
N GLY I 116 -70.26 -27.92 39.95
CA GLY I 116 -71.56 -27.34 39.69
C GLY I 116 -71.56 -26.64 38.41
N VAL I 117 -72.69 -26.45 37.83
CA VAL I 117 -72.95 -25.53 36.75
C VAL I 117 -74.10 -24.76 37.30
N VAL I 118 -74.69 -23.85 36.51
CA VAL I 118 -75.82 -23.03 36.78
C VAL I 118 -76.94 -23.46 35.97
N THR I 119 -78.18 -23.60 36.55
CA THR I 119 -79.37 -23.87 35.82
C THR I 119 -80.30 -22.66 36.04
N HIS I 120 -81.37 -22.59 35.28
CA HIS I 120 -82.27 -21.53 35.08
C HIS I 120 -83.53 -21.69 35.77
N VAL I 121 -83.43 -22.30 36.99
CA VAL I 121 -84.47 -22.47 38.03
C VAL I 121 -84.02 -21.80 39.26
N GLY I 122 -82.90 -21.03 39.18
CA GLY I 122 -82.42 -20.10 40.22
C GLY I 122 -81.61 -20.87 41.13
N GLU I 123 -81.02 -22.03 40.75
CA GLU I 123 -80.42 -23.05 41.54
C GLU I 123 -79.19 -23.50 40.75
N TYR I 124 -78.25 -24.19 41.41
CA TYR I 124 -77.08 -24.81 40.85
C TYR I 124 -77.29 -26.33 40.99
N ARG I 125 -76.59 -27.01 40.06
CA ARG I 125 -76.69 -28.46 40.09
C ARG I 125 -75.42 -28.98 39.48
N ALA I 126 -75.31 -30.37 39.51
CA ALA I 126 -74.03 -31.01 39.06
C ALA I 126 -73.77 -30.98 37.55
N GLY I 127 -72.53 -30.58 37.14
CA GLY I 127 -72.00 -30.67 35.82
C GLY I 127 -71.23 -31.95 35.77
N ASN I 128 -70.56 -32.16 34.60
CA ASN I 128 -69.93 -33.36 34.22
C ASN I 128 -68.61 -33.48 34.94
N MET I 129 -67.94 -34.69 35.02
CA MET I 129 -66.80 -35.02 35.84
C MET I 129 -65.63 -35.05 34.83
N TYR I 130 -64.64 -34.18 35.10
CA TYR I 130 -63.41 -33.94 34.36
C TYR I 130 -63.76 -33.09 33.12
N GLU I 131 -64.81 -32.30 33.14
CA GLU I 131 -65.19 -31.45 32.07
C GLU I 131 -65.59 -30.07 32.48
N LYS I 132 -65.77 -29.77 33.78
CA LYS I 132 -66.60 -28.62 34.17
C LYS I 132 -66.08 -28.24 35.53
N ALA I 133 -66.41 -27.04 35.92
CA ALA I 133 -65.75 -26.39 37.06
C ALA I 133 -66.55 -26.65 38.30
N THR I 134 -65.76 -26.55 39.39
CA THR I 134 -66.16 -26.89 40.76
C THR I 134 -66.52 -25.55 41.38
N GLN I 135 -67.37 -25.61 42.39
CA GLN I 135 -67.92 -24.42 43.09
C GLN I 135 -68.47 -24.96 44.36
N GLY I 136 -68.95 -26.25 44.22
CA GLY I 136 -69.48 -26.95 45.33
C GLY I 136 -68.41 -27.58 46.18
N VAL I 137 -68.89 -28.54 47.03
CA VAL I 137 -68.12 -29.28 48.03
C VAL I 137 -68.82 -30.62 48.12
N THR I 138 -68.04 -31.73 48.27
CA THR I 138 -68.47 -33.07 48.62
C THR I 138 -68.47 -33.30 50.14
N ASP I 139 -68.23 -32.27 51.06
CA ASP I 139 -68.25 -32.33 52.52
C ASP I 139 -69.63 -32.05 53.09
N THR I 140 -70.32 -31.03 52.57
CA THR I 140 -71.72 -30.81 52.91
C THR I 140 -72.51 -31.41 51.83
N ASP I 141 -73.72 -31.99 52.09
CA ASP I 141 -74.41 -32.71 51.05
C ASP I 141 -75.87 -32.33 51.12
N THR I 142 -76.60 -32.58 50.03
CA THR I 142 -77.91 -32.06 49.85
C THR I 142 -78.94 -33.05 50.24
N PHE I 143 -80.12 -32.52 50.68
CA PHE I 143 -81.25 -33.29 51.08
C PHE I 143 -82.38 -32.86 50.21
N ILE I 144 -82.04 -32.38 48.95
CA ILE I 144 -82.96 -32.31 47.81
C ILE I 144 -83.59 -30.88 47.92
N GLY I 145 -82.89 -29.88 47.37
CA GLY I 145 -83.21 -28.49 47.25
C GLY I 145 -82.53 -27.72 48.28
N PHE I 146 -81.46 -28.36 48.79
CA PHE I 146 -80.91 -28.00 50.05
C PHE I 146 -79.78 -27.08 49.87
N ILE I 147 -79.41 -26.31 50.92
CA ILE I 147 -78.63 -25.12 50.96
C ILE I 147 -77.30 -25.67 51.43
N MET I 148 -76.23 -25.48 50.68
CA MET I 148 -74.90 -25.87 51.07
C MET I 148 -74.15 -24.63 51.42
N TYR I 149 -73.38 -24.72 52.52
CA TYR I 149 -72.37 -23.71 52.87
C TYR I 149 -71.04 -24.12 52.38
N VAL I 150 -70.30 -23.23 51.56
CA VAL I 150 -69.07 -23.43 50.95
C VAL I 150 -68.10 -22.76 51.93
N PRO J 1 -47.30 41.70 37.48
CA PRO J 1 -46.82 40.69 36.47
C PRO J 1 -47.67 39.52 36.66
N TYR J 2 -48.02 38.83 35.56
CA TYR J 2 -48.87 37.67 35.69
C TYR J 2 -48.19 36.74 34.81
N VAL J 3 -47.98 35.57 35.37
CA VAL J 3 -47.30 34.52 34.69
C VAL J 3 -48.19 33.40 34.72
N ARG J 4 -48.38 32.71 33.53
CA ARG J 4 -49.09 31.47 33.30
C ARG J 4 -50.48 31.68 32.78
N LEU J 5 -50.61 32.82 32.04
CA LEU J 5 -51.69 33.05 31.17
C LEU J 5 -51.27 32.95 29.70
N GLY J 6 -50.00 32.44 29.44
CA GLY J 6 -49.45 32.16 28.14
C GLY J 6 -49.93 30.81 27.63
N TYR J 7 -49.38 30.39 26.46
CA TYR J 7 -49.68 29.22 25.60
C TYR J 7 -48.34 28.66 25.22
N GLU J 8 -48.37 27.37 24.76
CA GLU J 8 -47.26 26.48 24.45
C GLU J 8 -46.12 27.07 23.59
N GLY J 9 -44.84 26.84 23.98
CA GLY J 9 -43.73 27.70 23.53
C GLY J 9 -43.56 28.79 24.59
N ILE J 10 -42.45 29.50 24.42
CA ILE J 10 -41.90 30.43 25.44
C ILE J 10 -42.66 31.66 25.40
N LEU J 11 -43.58 31.83 26.41
CA LEU J 11 -44.47 32.94 26.42
C LEU J 11 -45.02 33.02 27.86
N ASN J 12 -45.35 34.24 28.25
CA ASN J 12 -45.78 34.52 29.58
C ASN J 12 -47.00 35.39 29.40
N GLY J 13 -48.00 35.31 30.35
CA GLY J 13 -49.15 36.18 30.36
C GLY J 13 -48.81 37.66 30.38
N ALA J 14 -49.80 38.56 30.27
CA ALA J 14 -49.46 39.94 30.22
C ALA J 14 -48.91 40.54 31.54
N HIS J 15 -48.04 41.55 31.44
CA HIS J 15 -47.28 42.12 32.54
C HIS J 15 -47.75 43.43 32.61
N ASP J 16 -48.18 43.87 33.83
CA ASP J 16 -48.66 45.19 34.13
C ASP J 16 -47.58 45.73 34.97
N ILE J 17 -47.15 46.92 34.59
CA ILE J 17 -46.03 47.54 35.25
C ILE J 17 -46.61 48.48 36.29
N ASP J 18 -46.61 48.02 37.59
CA ASP J 18 -47.16 48.65 38.81
C ASP J 18 -46.04 48.71 39.74
N VAL J 19 -45.01 47.94 39.44
CA VAL J 19 -43.82 47.66 40.15
C VAL J 19 -42.83 48.48 39.37
N ALA J 20 -42.09 49.32 40.12
CA ALA J 20 -40.97 50.13 39.57
C ALA J 20 -41.45 51.25 38.67
N GLY J 21 -42.55 51.99 39.18
CA GLY J 21 -43.12 53.08 38.39
C GLY J 21 -44.66 52.79 38.26
N LEU J 22 -45.57 53.79 38.23
CA LEU J 22 -47.01 53.60 38.19
C LEU J 22 -47.46 54.98 38.00
N ASN J 23 -47.97 55.27 36.79
CA ASN J 23 -48.58 56.51 36.41
C ASN J 23 -50.03 56.53 36.67
N GLY J 24 -50.52 57.55 37.44
CA GLY J 24 -51.78 57.71 37.99
C GLY J 24 -51.55 58.41 39.26
N VAL J 25 -50.31 58.35 39.85
CA VAL J 25 -49.94 59.10 41.10
C VAL J 25 -48.71 59.96 40.74
N GLU J 26 -48.36 60.06 39.40
CA GLU J 26 -47.26 60.87 38.89
C GLU J 26 -47.46 60.97 37.41
N GLN J 27 -46.96 62.09 36.79
CA GLN J 27 -47.09 62.16 35.31
C GLN J 27 -45.77 62.60 34.79
N LEU J 28 -45.23 61.92 33.72
CA LEU J 28 -43.97 62.22 33.10
C LEU J 28 -44.28 62.41 31.64
N ALA J 29 -43.42 61.92 30.73
CA ALA J 29 -43.22 62.55 29.44
C ALA J 29 -43.77 61.51 28.51
N GLY J 30 -44.89 61.99 27.88
CA GLY J 30 -45.60 61.18 26.94
C GLY J 30 -45.03 61.30 25.57
N LYS J 31 -45.41 60.31 24.68
CA LYS J 31 -44.79 60.12 23.44
C LYS J 31 -45.68 59.01 22.78
N PHE J 32 -45.68 58.87 21.45
CA PHE J 32 -46.65 58.07 20.73
C PHE J 32 -46.22 56.58 20.55
N ALA J 33 -47.24 55.73 20.34
CA ALA J 33 -47.08 54.30 20.09
C ALA J 33 -47.24 54.05 18.58
N THR J 34 -46.24 53.40 17.99
CA THR J 34 -46.18 53.27 16.59
C THR J 34 -46.37 51.79 16.33
N ILE J 35 -46.86 51.03 17.36
CA ILE J 35 -47.42 49.74 17.30
C ILE J 35 -48.74 49.95 18.07
N GLY J 36 -49.69 49.10 17.80
CA GLY J 36 -50.86 49.01 18.52
C GLY J 36 -51.88 50.13 18.18
N ALA J 37 -53.18 49.80 18.43
CA ALA J 37 -54.26 50.58 18.01
C ALA J 37 -55.48 49.72 18.13
N ASN J 38 -55.33 48.52 18.80
CA ASN J 38 -56.28 47.42 18.76
C ASN J 38 -56.20 47.01 20.21
N GLY J 39 -57.37 46.52 20.67
CA GLY J 39 -57.61 46.40 22.09
C GLY J 39 -58.64 47.42 22.47
N VAL J 40 -59.56 47.05 23.44
CA VAL J 40 -60.58 47.96 24.01
C VAL J 40 -60.23 48.16 25.47
N LYS J 41 -60.79 49.23 26.05
CA LYS J 41 -60.66 49.71 27.39
C LYS J 41 -59.18 50.10 27.57
N LEU J 42 -58.58 50.99 26.68
CA LEU J 42 -57.18 51.30 26.47
C LEU J 42 -56.64 50.24 25.62
N ALA J 43 -56.21 50.73 24.41
CA ALA J 43 -55.62 49.86 23.45
C ALA J 43 -54.23 49.62 23.85
N GLY J 44 -53.57 48.62 23.24
CA GLY J 44 -52.27 48.33 23.70
C GLY J 44 -52.13 46.86 23.88
N ASP J 45 -53.25 46.14 23.62
CA ASP J 45 -53.44 44.75 23.91
C ASP J 45 -52.79 43.85 22.82
N ASN J 46 -52.55 44.48 21.64
CA ASN J 46 -51.84 43.91 20.48
C ASN J 46 -50.84 44.90 20.09
N GLY J 47 -50.51 45.94 20.92
CA GLY J 47 -49.34 46.78 20.79
C GLY J 47 -48.25 46.10 21.48
N THR J 48 -48.47 45.39 22.57
CA THR J 48 -47.39 44.70 23.34
C THR J 48 -48.25 43.70 24.14
N ASN J 49 -47.73 42.56 24.63
CA ASN J 49 -48.44 41.74 25.59
C ASN J 49 -47.73 41.98 26.93
N ALA J 50 -46.45 41.58 27.15
CA ALA J 50 -45.87 41.67 28.47
C ALA J 50 -44.72 42.69 28.61
N VAL J 51 -44.68 43.69 27.76
CA VAL J 51 -43.81 44.86 27.86
C VAL J 51 -42.46 44.35 27.36
N GLY J 52 -42.12 44.65 26.05
CA GLY J 52 -40.76 44.37 25.47
C GLY J 52 -39.96 45.50 25.80
N LEU J 53 -39.26 45.97 24.76
CA LEU J 53 -38.30 47.08 24.85
C LEU J 53 -38.74 48.18 23.91
N PHE J 54 -38.66 49.44 24.35
CA PHE J 54 -39.27 50.58 23.74
C PHE J 54 -38.18 51.54 23.38
N ARG J 55 -38.14 51.90 22.11
CA ARG J 55 -37.09 52.75 21.61
C ARG J 55 -37.52 53.82 20.75
N GLU J 56 -37.01 55.01 21.01
CA GLU J 56 -37.46 56.19 20.34
C GLU J 56 -36.89 56.20 18.96
N ASP J 57 -37.81 56.62 18.07
CA ASP J 57 -37.71 56.89 16.67
C ASP J 57 -37.56 58.36 16.52
N LEU J 58 -37.70 58.77 15.28
CA LEU J 58 -37.80 60.08 14.77
C LEU J 58 -38.90 60.85 15.45
N GLY J 59 -38.42 61.96 16.08
CA GLY J 59 -39.23 62.71 16.93
C GLY J 59 -39.43 62.04 18.24
N ASP J 60 -40.62 62.19 18.86
CA ASP J 60 -40.91 61.51 20.10
C ASP J 60 -42.10 60.64 19.81
N MET J 61 -41.74 59.43 19.29
CA MET J 61 -42.48 58.21 19.29
C MET J 61 -41.62 57.10 19.72
N VAL J 62 -42.18 56.17 20.46
CA VAL J 62 -41.52 55.01 20.93
C VAL J 62 -42.27 53.82 20.30
N ASN J 63 -41.69 52.67 20.18
CA ASN J 63 -42.40 51.67 19.63
C ASN J 63 -41.72 50.42 20.09
N ALA J 64 -42.20 49.26 19.75
CA ALA J 64 -41.73 48.01 20.17
C ALA J 64 -40.64 47.52 19.24
N SER J 65 -40.17 46.29 19.56
CA SER J 65 -39.33 45.57 18.66
C SER J 65 -39.86 45.12 17.30
N GLU J 66 -39.19 45.39 16.22
CA GLU J 66 -39.57 45.34 14.80
C GLU J 66 -38.21 45.44 14.11
N LYS J 67 -38.19 45.37 12.74
CA LYS J 67 -36.96 45.53 12.00
C LYS J 67 -35.82 44.52 12.26
N ALA J 68 -34.73 44.47 11.43
CA ALA J 68 -33.44 43.90 11.69
C ALA J 68 -32.39 44.58 10.85
N SER J 69 -32.71 45.69 10.23
CA SER J 69 -31.87 46.60 9.54
C SER J 69 -32.49 47.97 9.50
N PHE J 70 -31.64 49.00 9.27
CA PHE J 70 -31.98 50.44 9.15
C PHE J 70 -32.78 50.93 10.34
N TYR J 71 -32.04 51.06 11.47
CA TYR J 71 -32.47 51.56 12.73
C TYR J 71 -33.33 50.53 13.37
N PHE J 72 -32.77 49.61 14.25
CA PHE J 72 -33.48 48.57 14.99
C PHE J 72 -34.47 49.21 15.81
N ARG J 73 -35.82 48.96 15.59
CA ARG J 73 -36.88 49.42 16.41
C ARG J 73 -36.82 48.48 17.56
N GLY J 74 -36.66 49.02 18.83
CA GLY J 74 -36.63 48.18 20.05
C GLY J 74 -35.25 48.44 20.59
N GLY J 75 -34.86 47.70 21.65
CA GLY J 75 -33.68 47.75 22.39
C GLY J 75 -33.74 48.86 23.42
N GLU J 76 -32.55 48.95 24.13
CA GLU J 76 -32.25 49.73 25.42
C GLU J 76 -33.13 49.23 26.60
N TYR J 77 -32.86 49.70 27.85
CA TYR J 77 -33.52 49.27 29.09
C TYR J 77 -34.55 50.30 29.47
N TYR J 78 -35.16 50.95 28.43
CA TYR J 78 -36.06 52.01 28.58
C TYR J 78 -37.29 51.35 28.17
N VAL J 79 -38.23 51.21 29.15
CA VAL J 79 -39.34 50.35 29.00
C VAL J 79 -40.55 51.14 29.21
N ASN J 80 -41.68 50.73 28.71
CA ASN J 80 -42.95 51.38 28.67
C ASN J 80 -43.69 50.91 29.88
N ILE J 81 -44.26 51.82 30.69
CA ILE J 81 -44.96 51.61 31.93
C ILE J 81 -46.37 51.45 31.42
N SER J 82 -47.01 50.28 31.77
CA SER J 82 -48.35 49.81 31.29
C SER J 82 -49.39 50.14 32.31
N ARG J 83 -48.99 50.74 33.45
CA ARG J 83 -49.78 51.10 34.59
C ARG J 83 -50.63 49.93 35.19
N THR J 84 -51.49 50.24 36.19
CA THR J 84 -52.52 49.24 36.63
C THR J 84 -53.75 49.49 35.81
N SER J 85 -54.23 48.38 35.15
CA SER J 85 -55.56 48.45 34.54
C SER J 85 -56.08 47.03 34.63
N LEU J 86 -56.36 46.41 33.51
CA LEU J 86 -56.91 45.14 33.29
C LEU J 86 -55.88 44.33 32.60
N THR J 87 -55.73 43.01 33.02
CA THR J 87 -54.63 42.17 32.47
C THR J 87 -55.15 41.62 31.14
N ALA J 88 -54.51 41.96 30.00
CA ALA J 88 -54.81 41.56 28.63
C ALA J 88 -56.18 42.12 28.21
N ALA J 89 -56.31 43.43 28.54
CA ALA J 89 -57.51 44.21 28.23
C ALA J 89 -57.31 45.65 28.51
N GLY J 90 -56.16 46.10 29.14
CA GLY J 90 -55.87 47.40 29.50
C GLY J 90 -54.39 47.66 29.49
N ILE J 91 -53.58 46.87 28.74
CA ILE J 91 -52.18 47.07 28.39
C ILE J 91 -52.06 48.27 27.55
N ALA J 92 -51.22 49.21 27.96
CA ALA J 92 -51.10 50.46 27.29
C ALA J 92 -49.86 50.36 26.35
N ALA J 93 -50.07 50.55 25.01
CA ALA J 93 -49.02 50.41 24.02
C ALA J 93 -49.55 50.70 22.64
N GLY J 94 -50.76 51.22 22.61
CA GLY J 94 -51.59 51.61 21.48
C GLY J 94 -52.15 52.97 21.62
N ASP J 95 -51.71 53.69 22.66
CA ASP J 95 -52.23 54.97 23.14
C ASP J 95 -51.02 55.83 23.14
N GLU J 96 -51.07 56.98 23.78
CA GLU J 96 -49.92 57.76 24.07
C GLU J 96 -49.32 57.24 25.36
N ILE J 97 -47.99 56.90 25.28
CA ILE J 97 -47.32 56.19 26.35
C ILE J 97 -46.28 56.91 27.05
N THR J 98 -46.24 56.79 28.40
CA THR J 98 -45.31 57.37 29.27
C THR J 98 -44.34 56.15 29.53
N CYS J 99 -43.04 56.44 29.42
CA CYS J 99 -42.05 55.43 29.65
C CYS J 99 -41.21 55.90 30.77
N ASP J 100 -40.29 55.04 31.41
CA ASP J 100 -39.30 55.36 32.35
C ASP J 100 -38.10 54.50 31.93
N ALA J 101 -37.08 54.38 32.80
CA ALA J 101 -36.01 53.44 32.56
C ALA J 101 -36.08 52.35 33.62
N ASP J 102 -37.20 52.17 34.34
CA ASP J 102 -37.34 51.26 35.40
C ASP J 102 -38.67 50.57 35.35
N GLY J 103 -38.75 49.21 35.66
CA GLY J 103 -39.97 48.50 35.40
C GLY J 103 -39.69 47.01 35.35
N LYS J 104 -40.73 46.24 35.81
CA LYS J 104 -40.80 44.83 35.83
C LYS J 104 -42.29 44.50 35.62
N MET J 105 -42.55 43.35 34.97
CA MET J 105 -41.60 42.38 34.45
C MET J 105 -41.48 42.68 33.02
N ILE J 106 -40.28 42.32 32.45
CA ILE J 106 -39.95 42.65 31.02
C ILE J 106 -39.65 41.26 30.42
N LYS J 107 -40.44 40.94 29.36
CA LYS J 107 -40.45 39.73 28.69
C LYS J 107 -39.67 40.06 27.50
N PHE J 108 -38.89 39.10 26.94
CA PHE J 108 -37.98 39.43 25.80
C PHE J 108 -37.65 38.16 25.04
N THR J 109 -38.48 37.10 25.15
CA THR J 109 -38.30 35.83 24.51
C THR J 109 -39.61 35.59 23.75
N GLY J 110 -39.44 35.17 22.45
CA GLY J 110 -40.57 34.90 21.58
C GLY J 110 -40.77 33.40 21.66
N THR J 111 -41.71 32.83 20.82
CA THR J 111 -42.08 31.43 20.87
C THR J 111 -40.99 30.61 20.11
N GLY J 112 -40.23 29.81 20.97
CA GLY J 112 -39.18 28.92 20.57
C GLY J 112 -37.86 29.67 20.87
N LYS J 113 -36.76 28.95 20.83
CA LYS J 113 -35.50 29.65 21.19
C LYS J 113 -34.91 30.74 20.29
N ALA J 114 -34.84 31.98 20.86
CA ALA J 114 -34.20 33.13 20.30
C ALA J 114 -34.84 34.39 20.89
N LEU J 115 -34.07 35.52 21.00
CA LEU J 115 -34.49 36.74 21.63
C LEU J 115 -35.61 37.22 20.63
N GLY J 116 -36.78 37.29 21.19
CA GLY J 116 -37.96 37.61 20.44
C GLY J 116 -38.04 39.04 19.96
N VAL J 117 -38.89 39.33 18.95
CA VAL J 117 -39.26 40.67 18.54
C VAL J 117 -40.84 40.64 18.58
N VAL J 118 -41.46 41.78 18.20
CA VAL J 118 -42.89 41.98 18.28
C VAL J 118 -43.38 42.22 16.87
N THR J 119 -44.53 41.62 16.38
CA THR J 119 -44.76 41.67 14.93
C THR J 119 -45.85 42.67 14.76
N HIS J 120 -47.03 42.24 14.26
CA HIS J 120 -48.17 43.12 14.34
C HIS J 120 -48.97 42.62 15.55
N VAL J 121 -48.64 41.38 16.02
CA VAL J 121 -49.22 40.82 17.18
C VAL J 121 -48.38 41.30 18.36
N GLY J 122 -49.09 41.67 19.44
CA GLY J 122 -48.55 42.21 20.69
C GLY J 122 -47.58 41.22 21.28
N GLU J 123 -47.91 39.90 21.17
CA GLU J 123 -47.16 38.74 21.62
C GLU J 123 -45.93 38.60 20.76
N TYR J 124 -44.98 37.71 21.16
CA TYR J 124 -43.57 37.69 20.75
C TYR J 124 -43.40 36.48 19.92
N ARG J 125 -42.51 36.60 18.86
CA ARG J 125 -42.26 35.57 17.95
C ARG J 125 -40.78 35.78 17.67
N ALA J 126 -40.10 34.83 17.06
CA ALA J 126 -38.68 34.46 17.46
C ALA J 126 -37.71 34.97 16.41
N GLY J 127 -36.77 35.86 16.90
CA GLY J 127 -35.72 36.50 16.13
C GLY J 127 -34.46 35.72 15.99
N ASN J 128 -33.38 36.33 16.64
CA ASN J 128 -32.03 35.75 16.74
C ASN J 128 -31.54 36.43 17.93
N MET J 129 -30.30 36.10 18.37
CA MET J 129 -29.78 36.63 19.55
C MET J 129 -28.37 37.17 19.26
N TYR J 130 -27.94 37.10 17.93
CA TYR J 130 -26.54 37.44 17.50
C TYR J 130 -26.66 38.00 16.16
N GLU J 131 -27.88 38.07 15.59
CA GLU J 131 -28.17 38.91 14.39
C GLU J 131 -29.35 39.81 14.67
N LYS J 132 -29.49 40.19 15.96
CA LYS J 132 -30.55 41.09 16.36
C LYS J 132 -29.95 41.71 17.61
N ALA J 133 -30.40 42.98 17.88
CA ALA J 133 -29.91 43.74 19.01
C ALA J 133 -30.10 43.04 20.33
N THR J 134 -28.99 42.95 21.04
CA THR J 134 -28.84 42.27 22.27
C THR J 134 -28.49 43.36 23.25
N GLN J 135 -28.96 43.19 24.50
CA GLN J 135 -28.88 44.12 25.56
C GLN J 135 -27.96 43.58 26.61
N GLY J 136 -27.18 42.49 26.33
CA GLY J 136 -26.32 41.90 27.35
C GLY J 136 -26.97 40.65 27.95
N VAL J 137 -28.22 40.22 27.49
CA VAL J 137 -29.01 39.17 28.08
C VAL J 137 -29.13 38.17 27.05
N THR J 138 -29.03 36.87 27.45
CA THR J 138 -29.38 35.78 26.50
C THR J 138 -30.46 35.02 27.30
N ASP J 139 -31.39 34.47 26.48
CA ASP J 139 -32.53 33.70 26.96
C ASP J 139 -31.88 32.35 27.26
N THR J 140 -32.11 31.80 28.41
CA THR J 140 -31.71 30.48 28.84
C THR J 140 -32.99 29.74 29.12
N ASP J 141 -34.20 30.29 28.80
CA ASP J 141 -35.48 29.56 28.91
C ASP J 141 -35.63 28.38 28.00
N THR J 142 -36.30 27.36 28.54
CA THR J 142 -36.52 26.18 27.73
C THR J 142 -37.98 26.31 27.22
N PHE J 143 -38.44 25.45 26.30
CA PHE J 143 -39.81 25.43 25.84
C PHE J 143 -40.84 25.37 26.93
N ILE J 144 -41.97 26.03 26.79
CA ILE J 144 -42.98 26.33 27.82
C ILE J 144 -42.45 27.36 28.78
N GLY J 145 -42.89 28.67 28.54
CA GLY J 145 -42.73 29.78 29.50
C GLY J 145 -41.47 29.81 30.35
N PHE J 146 -41.64 30.26 31.62
CA PHE J 146 -40.62 30.52 32.64
C PHE J 146 -39.93 31.86 32.43
N ILE J 147 -39.75 32.65 33.53
CA ILE J 147 -39.60 34.10 33.54
C ILE J 147 -38.31 34.45 32.90
N MET J 148 -38.45 35.63 32.22
CA MET J 148 -37.36 36.28 31.62
C MET J 148 -37.34 37.71 32.27
N TYR J 149 -36.10 38.32 32.44
CA TYR J 149 -36.01 39.60 33.01
C TYR J 149 -34.84 40.30 32.26
N VAL J 150 -35.11 41.54 31.80
CA VAL J 150 -34.09 42.37 31.19
C VAL J 150 -33.53 43.26 32.35
N PRO K 1 -31.76 61.11 25.67
CA PRO K 1 -31.24 62.03 24.62
C PRO K 1 -32.30 63.06 24.36
N TYR K 2 -31.92 64.11 23.51
CA TYR K 2 -32.84 65.18 23.32
C TYR K 2 -32.34 66.40 24.08
N VAL K 3 -31.03 66.45 24.40
CA VAL K 3 -30.48 67.36 25.29
C VAL K 3 -29.10 67.60 24.81
N ARG K 4 -28.66 68.77 25.11
CA ARG K 4 -27.29 69.10 24.89
C ARG K 4 -26.97 69.99 25.96
N LEU K 5 -25.85 69.76 26.60
CA LEU K 5 -25.28 70.59 27.61
C LEU K 5 -23.81 70.81 27.19
N GLY K 6 -23.46 72.04 26.77
CA GLY K 6 -22.17 72.42 26.31
C GLY K 6 -21.58 73.52 27.10
N TYR K 7 -20.69 74.25 26.46
CA TYR K 7 -19.80 75.21 27.05
C TYR K 7 -18.54 74.49 27.49
N GLU K 8 -18.11 73.43 26.79
CA GLU K 8 -16.96 72.59 27.18
C GLU K 8 -17.50 71.40 27.89
N GLY K 9 -18.76 70.97 27.63
CA GLY K 9 -19.41 69.76 28.19
C GLY K 9 -19.57 69.67 29.69
N ILE K 10 -20.11 68.58 30.22
CA ILE K 10 -20.27 68.45 31.59
C ILE K 10 -19.00 67.99 32.13
N LEU K 11 -18.13 67.39 31.19
CA LEU K 11 -16.76 66.98 31.50
C LEU K 11 -15.91 66.80 30.26
N ASN K 12 -14.57 67.04 30.32
CA ASN K 12 -13.67 67.11 29.17
C ASN K 12 -13.47 65.81 28.51
N GLY K 13 -13.32 65.81 27.15
CA GLY K 13 -13.03 64.60 26.40
C GLY K 13 -14.27 63.90 26.00
N ALA K 14 -14.11 62.65 25.42
CA ALA K 14 -15.21 61.92 24.86
C ALA K 14 -15.69 60.77 25.76
N HIS K 15 -15.77 61.10 27.09
CA HIS K 15 -15.93 60.22 28.22
C HIS K 15 -16.57 60.96 29.34
N ASP K 16 -17.47 60.33 30.11
CA ASP K 16 -18.13 61.10 31.12
C ASP K 16 -18.24 60.15 32.17
N ILE K 17 -17.74 60.44 33.36
CA ILE K 17 -17.82 59.56 34.53
C ILE K 17 -18.72 60.16 35.56
N ASP K 18 -19.30 61.39 35.41
CA ASP K 18 -20.23 61.92 36.38
C ASP K 18 -21.57 61.66 35.87
N VAL K 19 -21.74 61.02 34.65
CA VAL K 19 -23.03 60.74 34.11
C VAL K 19 -22.97 59.22 33.80
N ALA K 20 -24.13 58.59 33.63
CA ALA K 20 -24.20 57.17 33.52
C ALA K 20 -25.65 56.86 33.20
N GLY K 21 -25.92 56.50 31.92
CA GLY K 21 -27.26 56.33 31.40
C GLY K 21 -28.07 57.53 31.34
N LEU K 22 -29.33 57.50 30.82
CA LEU K 22 -30.12 58.73 30.68
C LEU K 22 -31.49 58.15 30.16
N ASN K 23 -31.37 57.35 29.07
CA ASN K 23 -32.40 56.44 28.60
C ASN K 23 -31.80 55.07 28.75
N GLY K 24 -32.40 54.22 29.67
CA GLY K 24 -31.91 52.92 30.05
C GLY K 24 -30.58 53.00 30.78
N VAL K 25 -29.79 51.85 30.93
CA VAL K 25 -28.54 51.85 31.62
C VAL K 25 -27.55 51.17 30.72
N GLU K 26 -26.28 51.51 30.93
CA GLU K 26 -25.06 51.21 30.11
C GLU K 26 -24.96 49.81 29.56
N GLN K 27 -24.20 49.72 28.47
CA GLN K 27 -23.90 48.52 27.73
C GLN K 27 -22.56 48.13 28.21
N LEU K 28 -22.39 46.77 28.20
CA LEU K 28 -21.21 46.11 28.66
C LEU K 28 -20.65 45.49 27.45
N ALA K 29 -19.39 45.81 27.21
CA ALA K 29 -18.48 45.40 26.22
C ALA K 29 -18.91 46.00 24.89
N GLY K 30 -17.88 46.09 23.97
CA GLY K 30 -17.99 46.87 22.77
C GLY K 30 -18.38 45.89 21.68
N LYS K 31 -17.97 46.10 20.39
CA LYS K 31 -18.60 45.45 19.22
C LYS K 31 -17.69 45.96 18.09
N PHE K 32 -17.71 45.24 16.99
CA PHE K 32 -16.88 45.50 15.79
C PHE K 32 -17.69 46.41 14.94
N ALA K 33 -16.97 47.26 14.20
CA ALA K 33 -17.54 48.21 13.29
C ALA K 33 -17.45 47.50 11.93
N THR K 34 -18.59 47.50 11.23
CA THR K 34 -18.80 47.10 9.90
C THR K 34 -19.66 48.10 9.30
N ILE K 35 -19.23 48.81 8.20
CA ILE K 35 -20.03 49.61 7.31
C ILE K 35 -21.38 49.02 6.92
N GLY K 36 -22.38 49.73 6.25
CA GLY K 36 -23.55 49.21 5.59
C GLY K 36 -24.57 48.94 6.63
N ALA K 37 -24.87 47.58 6.69
CA ALA K 37 -25.74 47.01 7.67
C ALA K 37 -25.10 45.71 8.14
N ASN K 38 -23.76 45.79 8.14
CA ASN K 38 -22.79 44.84 8.69
C ASN K 38 -22.45 43.86 7.69
N GLY K 39 -22.21 44.31 6.40
CA GLY K 39 -21.85 43.56 5.20
C GLY K 39 -20.65 42.68 5.31
N VAL K 40 -20.09 42.25 4.16
CA VAL K 40 -18.97 41.40 4.17
C VAL K 40 -17.86 42.15 3.59
N LYS K 41 -18.21 43.45 3.23
CA LYS K 41 -17.34 44.55 2.91
C LYS K 41 -17.08 45.39 4.20
N LEU K 42 -15.80 45.69 4.52
CA LEU K 42 -15.43 46.07 5.82
C LEU K 42 -14.87 47.49 5.76
N ALA K 43 -14.36 48.00 4.59
CA ALA K 43 -13.71 49.24 4.43
C ALA K 43 -14.25 49.94 3.11
N GLY K 44 -14.00 51.20 3.12
CA GLY K 44 -14.35 52.11 2.00
C GLY K 44 -15.86 52.47 2.03
N ASP K 45 -16.46 53.01 0.92
CA ASP K 45 -17.83 53.41 0.80
C ASP K 45 -18.33 54.37 1.88
N ASN K 46 -19.56 54.15 2.54
CA ASN K 46 -20.19 55.16 3.43
C ASN K 46 -20.61 54.36 4.67
N GLY K 47 -20.44 55.05 5.84
CA GLY K 47 -20.98 54.76 7.13
C GLY K 47 -19.87 54.65 8.09
N THR K 48 -20.20 54.64 9.43
CA THR K 48 -19.35 54.50 10.59
C THR K 48 -18.95 55.85 11.04
N ASN K 49 -19.33 56.22 12.26
CA ASN K 49 -18.98 57.51 12.84
C ASN K 49 -17.64 57.41 13.44
N ALA K 50 -16.83 58.44 13.47
CA ALA K 50 -15.55 58.40 14.05
C ALA K 50 -15.66 59.16 15.38
N VAL K 51 -16.57 58.53 16.14
CA VAL K 51 -17.03 58.85 17.44
C VAL K 51 -18.28 59.61 17.16
N GLY K 52 -19.39 58.80 17.22
CA GLY K 52 -20.78 59.24 17.00
C GLY K 52 -21.77 58.34 17.58
N LEU K 53 -23.10 58.36 17.07
CA LEU K 53 -24.15 57.57 17.56
C LEU K 53 -24.19 56.33 16.77
N PHE K 54 -24.58 55.19 17.35
CA PHE K 54 -24.49 53.92 16.71
C PHE K 54 -25.85 53.35 16.87
N ARG K 55 -26.22 52.44 15.92
CA ARG K 55 -27.32 51.57 15.98
C ARG K 55 -26.67 50.23 15.85
N GLU K 56 -27.36 49.17 16.15
CA GLU K 56 -26.90 47.87 15.95
C GLU K 56 -27.92 47.13 15.15
N ASP K 57 -27.50 46.19 14.26
CA ASP K 57 -28.37 45.55 13.31
C ASP K 57 -28.17 44.07 13.50
N LEU K 58 -27.03 43.72 14.10
CA LEU K 58 -26.70 42.35 14.37
C LEU K 58 -26.29 42.53 15.85
N GLY K 59 -26.21 41.38 16.56
CA GLY K 59 -26.15 41.39 18.02
C GLY K 59 -24.80 41.14 18.37
N ASP K 60 -23.83 41.82 17.72
CA ASP K 60 -22.37 41.70 18.01
C ASP K 60 -21.62 42.70 17.16
N MET K 61 -22.25 43.40 16.18
CA MET K 61 -21.61 44.42 15.35
C MET K 61 -22.54 45.64 15.50
N VAL K 62 -21.85 46.81 15.40
CA VAL K 62 -22.49 48.11 15.42
C VAL K 62 -22.23 48.86 14.17
N ASN K 63 -23.15 49.75 13.68
CA ASN K 63 -23.02 50.29 12.32
C ASN K 63 -23.67 51.67 12.48
N ALA K 64 -23.85 52.38 11.35
CA ALA K 64 -24.36 53.74 11.44
C ALA K 64 -25.03 54.07 10.12
N SER K 65 -25.68 55.22 10.08
CA SER K 65 -26.61 55.73 9.16
C SER K 65 -26.24 55.39 7.72
N GLU K 66 -27.26 55.03 6.91
CA GLU K 66 -27.16 54.69 5.52
C GLU K 66 -28.38 55.38 4.88
N LYS K 67 -29.57 55.21 5.53
CA LYS K 67 -30.78 55.74 5.19
C LYS K 67 -30.98 56.78 6.22
N ALA K 68 -31.36 57.95 5.65
CA ALA K 68 -31.68 59.25 6.24
C ALA K 68 -30.41 60.05 6.34
N SER K 69 -30.46 61.20 5.64
CA SER K 69 -29.32 62.12 5.49
C SER K 69 -30.00 63.49 5.63
N PHE K 70 -29.47 64.29 6.52
CA PHE K 70 -29.93 65.58 6.97
C PHE K 70 -31.23 65.52 7.75
N TYR K 71 -31.68 64.33 8.19
CA TYR K 71 -32.74 64.09 9.07
C TYR K 71 -32.13 63.30 10.11
N PHE K 72 -32.45 63.57 11.42
CA PHE K 72 -31.95 62.85 12.58
C PHE K 72 -32.35 61.39 12.49
N ARG K 73 -31.55 60.59 13.15
CA ARG K 73 -31.77 59.19 13.49
C ARG K 73 -33.16 58.77 13.88
N GLY K 74 -33.49 57.51 13.59
CA GLY K 74 -34.67 56.82 14.01
C GLY K 74 -34.29 56.14 15.29
N GLY K 75 -34.67 54.89 15.40
CA GLY K 75 -34.27 53.99 16.42
C GLY K 75 -32.83 53.89 16.76
N GLU K 76 -32.52 53.79 18.04
CA GLU K 76 -31.29 53.50 18.59
C GLU K 76 -30.19 54.61 18.46
N TYR K 77 -29.67 54.91 19.69
CA TYR K 77 -28.75 55.94 19.91
C TYR K 77 -27.78 55.25 20.80
N TYR K 78 -26.52 55.31 20.56
CA TYR K 78 -25.52 54.75 21.42
C TYR K 78 -24.25 55.60 21.32
N VAL K 79 -23.89 56.34 22.44
CA VAL K 79 -22.65 56.98 22.73
C VAL K 79 -21.57 56.05 22.90
N ASN K 80 -20.32 56.61 22.95
CA ASN K 80 -19.08 55.83 23.02
C ASN K 80 -18.32 56.28 24.14
N ILE K 81 -17.79 55.36 24.91
CA ILE K 81 -16.71 55.68 25.83
C ILE K 81 -15.49 55.41 25.08
N SER K 82 -14.40 56.15 25.44
CA SER K 82 -13.10 56.14 24.83
C SER K 82 -13.16 56.52 23.41
N ARG K 83 -12.14 56.02 22.69
CA ARG K 83 -11.84 56.49 21.42
C ARG K 83 -11.54 57.93 21.36
N THR K 84 -10.79 58.39 22.45
CA THR K 84 -10.47 59.74 22.79
C THR K 84 -9.49 60.42 21.74
N SER K 85 -10.00 61.59 21.19
CA SER K 85 -9.27 62.50 20.32
C SER K 85 -9.40 62.11 18.91
N LEU K 86 -10.66 61.76 18.54
CA LEU K 86 -11.01 61.51 17.20
C LEU K 86 -12.19 62.43 16.92
N THR K 87 -12.02 63.49 16.07
CA THR K 87 -13.10 64.25 15.39
C THR K 87 -13.91 63.36 14.46
N ALA K 88 -15.23 63.48 14.65
CA ALA K 88 -16.25 62.86 13.76
C ALA K 88 -16.23 63.43 12.36
N ALA K 89 -16.17 62.56 11.35
CA ALA K 89 -16.29 62.73 9.93
C ALA K 89 -15.54 61.55 9.28
N GLY K 90 -15.84 61.33 7.97
CA GLY K 90 -15.39 60.30 7.07
C GLY K 90 -16.02 59.01 7.53
N ILE K 91 -15.25 57.88 7.28
CA ILE K 91 -15.62 56.57 7.73
C ILE K 91 -14.66 56.23 8.83
N ALA K 92 -14.97 55.19 9.58
CA ALA K 92 -13.98 54.80 10.65
C ALA K 92 -14.21 53.29 10.97
N ALA K 93 -14.94 52.63 10.01
CA ALA K 93 -15.03 51.18 10.08
C ALA K 93 -13.77 50.31 10.09
N GLY K 94 -13.98 49.10 10.72
CA GLY K 94 -13.01 48.05 10.87
C GLY K 94 -12.33 48.38 12.17
N ASP K 95 -13.00 49.15 13.10
CA ASP K 95 -12.33 49.25 14.39
C ASP K 95 -13.25 48.59 15.32
N GLU K 96 -12.79 48.24 16.57
CA GLU K 96 -13.62 47.82 17.69
C GLU K 96 -13.98 49.15 18.36
N ILE K 97 -15.26 49.30 18.59
CA ILE K 97 -15.90 50.41 19.07
C ILE K 97 -16.43 49.96 20.43
N THR K 98 -16.29 50.78 21.46
CA THR K 98 -16.68 50.43 22.82
C THR K 98 -17.79 51.33 22.94
N CYS K 99 -18.90 50.74 23.42
CA CYS K 99 -20.24 51.31 23.41
C CYS K 99 -20.74 51.32 24.81
N ASP K 100 -21.35 52.47 25.19
CA ASP K 100 -22.12 52.49 26.44
C ASP K 100 -23.38 53.13 26.01
N ALA K 101 -24.40 53.14 26.92
CA ALA K 101 -25.69 53.69 26.70
C ALA K 101 -25.58 55.23 26.82
N ASP K 102 -26.37 55.97 26.07
CA ASP K 102 -26.48 57.47 26.09
C ASP K 102 -26.49 58.10 27.49
N GLY K 103 -25.67 59.20 27.63
CA GLY K 103 -25.21 59.70 28.88
C GLY K 103 -23.78 59.78 28.83
N LYS K 104 -23.14 59.80 27.64
CA LYS K 104 -21.65 60.05 27.63
C LYS K 104 -21.41 61.00 26.49
N MET K 105 -20.25 61.61 26.55
CA MET K 105 -19.85 62.63 25.60
C MET K 105 -19.47 61.93 24.35
N ILE K 106 -19.83 62.44 23.15
CA ILE K 106 -19.38 62.01 21.90
C ILE K 106 -18.79 63.23 21.22
N LYS K 107 -18.47 63.13 19.96
CA LYS K 107 -17.81 64.13 19.19
C LYS K 107 -18.64 64.50 18.07
N PHE K 108 -18.77 65.91 17.85
CA PHE K 108 -19.69 66.50 16.94
C PHE K 108 -18.79 67.10 15.89
N THR K 109 -19.29 67.63 14.68
CA THR K 109 -18.66 68.57 13.86
C THR K 109 -19.77 69.38 13.15
N GLY K 110 -19.57 70.71 13.06
CA GLY K 110 -20.39 71.56 12.29
C GLY K 110 -20.38 72.91 12.94
N THR K 111 -21.36 73.81 12.59
CA THR K 111 -21.33 75.13 13.08
C THR K 111 -21.96 75.17 14.46
N GLY K 112 -21.46 76.30 15.13
CA GLY K 112 -21.81 76.75 16.43
C GLY K 112 -23.10 77.49 16.42
N LYS K 113 -23.78 77.37 17.55
CA LYS K 113 -25.12 77.83 17.86
C LYS K 113 -26.05 77.47 16.75
N ALA K 114 -26.12 76.18 16.44
CA ALA K 114 -27.01 75.56 15.43
C ALA K 114 -27.30 74.16 15.82
N LEU K 115 -28.22 73.44 15.24
CA LEU K 115 -28.65 72.18 15.64
C LEU K 115 -28.20 71.27 14.51
N GLY K 116 -27.69 70.07 14.82
CA GLY K 116 -27.07 69.25 13.81
C GLY K 116 -27.74 67.90 13.63
N VAL K 117 -27.39 67.24 12.47
CA VAL K 117 -27.92 65.97 11.95
C VAL K 117 -26.83 65.07 11.55
N VAL K 118 -27.26 63.85 11.08
CA VAL K 118 -26.47 62.75 10.84
C VAL K 118 -26.63 62.59 9.44
N THR K 119 -25.49 62.33 8.78
CA THR K 119 -25.42 62.13 7.33
C THR K 119 -25.30 60.66 7.25
N HIS K 120 -25.60 60.05 6.12
CA HIS K 120 -25.38 58.64 5.82
C HIS K 120 -23.82 58.37 5.77
N VAL K 121 -23.03 59.33 5.29
CA VAL K 121 -21.61 59.32 5.10
C VAL K 121 -20.80 58.90 6.36
N GLY K 122 -21.13 59.48 7.52
CA GLY K 122 -20.60 59.19 8.85
C GLY K 122 -20.14 60.43 9.47
N GLU K 123 -20.46 61.59 8.84
CA GLU K 123 -20.14 62.93 9.30
C GLU K 123 -21.37 63.49 9.98
N TYR K 124 -21.13 64.60 10.71
CA TYR K 124 -22.20 65.43 11.19
C TYR K 124 -22.14 66.73 10.39
N ARG K 125 -23.29 67.46 10.28
CA ARG K 125 -23.40 68.79 9.74
C ARG K 125 -24.47 69.58 10.49
N ALA K 126 -24.56 70.91 10.32
CA ALA K 126 -25.31 71.81 11.16
C ALA K 126 -25.64 73.05 10.25
N GLY K 127 -26.61 73.87 10.68
CA GLY K 127 -27.03 75.05 10.01
C GLY K 127 -28.30 75.48 10.61
N ASN K 128 -28.80 76.57 10.02
CA ASN K 128 -29.95 77.20 10.45
C ASN K 128 -31.09 76.31 10.12
N MET K 129 -32.10 76.39 10.87
CA MET K 129 -33.18 75.44 10.81
C MET K 129 -34.21 75.60 9.68
N TYR K 130 -34.20 74.68 8.65
CA TYR K 130 -35.36 74.70 7.76
C TYR K 130 -35.78 73.29 7.56
N GLU K 131 -34.97 72.30 8.10
CA GLU K 131 -35.09 70.88 7.97
C GLU K 131 -34.10 70.28 8.93
N LYS K 132 -33.71 70.94 10.00
CA LYS K 132 -32.82 70.35 11.03
C LYS K 132 -33.73 70.39 12.31
N ALA K 133 -33.51 69.32 13.11
CA ALA K 133 -34.15 69.29 14.36
C ALA K 133 -33.31 68.49 15.40
N THR K 134 -33.96 68.21 16.55
CA THR K 134 -33.56 67.42 17.65
C THR K 134 -32.30 67.88 18.23
N GLN K 135 -31.88 67.40 19.42
CA GLN K 135 -30.91 68.03 20.32
C GLN K 135 -31.55 69.23 21.05
N GLY K 136 -31.19 69.29 22.36
CA GLY K 136 -31.58 70.39 23.22
C GLY K 136 -30.96 71.70 22.83
N VAL K 137 -31.00 72.69 23.78
CA VAL K 137 -30.52 74.00 23.72
C VAL K 137 -29.19 74.17 23.22
N THR K 138 -29.04 75.10 22.21
CA THR K 138 -27.85 75.40 21.41
C THR K 138 -26.81 76.06 22.34
N ASP K 139 -25.55 75.85 22.03
CA ASP K 139 -24.43 76.13 22.92
C ASP K 139 -23.26 75.55 22.23
N THR K 140 -23.40 75.18 20.91
CA THR K 140 -22.35 74.47 20.11
C THR K 140 -21.21 75.45 19.79
N ASP K 141 -19.94 74.95 19.66
CA ASP K 141 -18.77 75.78 19.19
C ASP K 141 -18.69 75.64 17.66
N THR K 142 -18.14 76.74 17.07
CA THR K 142 -17.79 76.82 15.65
C THR K 142 -16.59 76.02 15.42
N PHE K 143 -15.68 75.85 16.43
CA PHE K 143 -14.58 74.99 16.38
C PHE K 143 -15.12 73.58 16.50
N ILE K 144 -14.72 72.72 15.54
CA ILE K 144 -15.18 71.34 15.24
C ILE K 144 -14.35 70.42 16.03
N GLY K 145 -15.01 69.24 16.42
CA GLY K 145 -14.39 68.34 17.41
C GLY K 145 -14.83 68.71 18.79
N PHE K 146 -16.11 69.13 18.83
CA PHE K 146 -16.65 69.61 20.08
C PHE K 146 -17.32 68.52 20.78
N ILE K 147 -17.41 68.61 22.18
CA ILE K 147 -17.83 67.52 23.01
C ILE K 147 -19.27 67.83 23.29
N MET K 148 -20.06 66.96 22.66
CA MET K 148 -21.50 67.12 22.58
C MET K 148 -22.01 66.13 23.50
N TYR K 149 -23.06 66.60 24.27
CA TYR K 149 -23.73 65.70 25.21
C TYR K 149 -24.89 65.13 24.54
N VAL K 150 -25.01 63.85 24.54
CA VAL K 150 -26.19 63.18 24.10
C VAL K 150 -26.45 62.15 25.25
N PRO L 1 -38.79 83.17 17.94
CA PRO L 1 -38.16 83.55 19.24
C PRO L 1 -38.54 82.40 20.21
N TYR L 2 -37.76 82.17 21.26
CA TYR L 2 -37.86 81.11 22.23
C TYR L 2 -37.89 81.75 23.54
N VAL L 3 -39.14 81.71 24.17
CA VAL L 3 -39.31 82.12 25.52
C VAL L 3 -39.74 80.87 26.26
N ARG L 4 -39.53 80.74 27.57
CA ARG L 4 -39.98 79.62 28.44
C ARG L 4 -41.15 80.16 29.20
N LEU L 5 -42.27 79.42 29.16
CA LEU L 5 -43.64 79.91 29.35
C LEU L 5 -44.43 79.06 28.32
N GLY L 6 -45.67 78.62 28.65
CA GLY L 6 -46.44 77.70 27.87
C GLY L 6 -47.58 78.47 27.26
N TYR L 7 -48.13 78.15 26.10
CA TYR L 7 -48.73 79.07 25.31
C TYR L 7 -48.88 78.37 24.00
N GLU L 8 -50.17 78.29 23.60
CA GLU L 8 -50.61 77.71 22.30
C GLU L 8 -52.15 77.62 22.50
N GLY L 9 -52.70 78.44 23.45
CA GLY L 9 -54.09 78.71 23.64
C GLY L 9 -54.30 79.91 24.54
N ILE L 10 -55.34 79.88 25.40
CA ILE L 10 -55.72 80.94 26.31
C ILE L 10 -55.08 80.60 27.62
N LEU L 11 -54.24 81.51 28.07
CA LEU L 11 -53.42 81.41 29.23
C LEU L 11 -54.36 81.64 30.41
N ASN L 12 -54.27 80.69 31.36
CA ASN L 12 -55.18 80.46 32.50
C ASN L 12 -54.73 79.13 32.99
N GLY L 13 -54.82 78.96 34.33
CA GLY L 13 -54.27 77.80 35.08
C GLY L 13 -52.81 77.61 34.90
N ALA L 14 -52.35 76.46 34.40
CA ALA L 14 -50.97 76.12 34.40
C ALA L 14 -50.57 75.84 33.05
N HIS L 15 -49.36 76.15 32.70
CA HIS L 15 -48.84 75.97 31.41
C HIS L 15 -47.37 76.19 31.43
N ASP L 16 -46.94 76.62 32.66
CA ASP L 16 -45.57 77.04 33.03
C ASP L 16 -44.49 76.02 32.68
N ILE L 17 -43.40 76.50 32.01
CA ILE L 17 -42.18 75.81 31.83
C ILE L 17 -41.21 76.81 32.36
N ASP L 18 -40.36 76.49 33.38
CA ASP L 18 -39.36 77.28 34.03
C ASP L 18 -38.09 76.46 33.78
N VAL L 19 -38.13 75.13 34.06
CA VAL L 19 -37.06 74.14 33.60
C VAL L 19 -37.75 73.21 32.65
N ALA L 20 -37.25 73.19 31.39
CA ALA L 20 -37.75 72.36 30.24
C ALA L 20 -37.86 70.88 30.54
N GLY L 21 -38.88 70.17 29.95
CA GLY L 21 -38.95 68.73 30.06
C GLY L 21 -39.23 68.06 31.42
N LEU L 22 -39.73 66.80 31.35
CA LEU L 22 -39.96 65.91 32.51
C LEU L 22 -39.29 64.61 32.12
N ASN L 23 -38.54 64.63 31.04
CA ASN L 23 -37.66 63.47 30.74
C ASN L 23 -36.30 63.62 31.37
N GLY L 24 -35.78 64.82 31.57
CA GLY L 24 -34.51 65.13 32.09
C GLY L 24 -33.80 66.06 31.12
N VAL L 25 -34.43 66.41 29.93
CA VAL L 25 -33.95 67.22 28.84
C VAL L 25 -34.07 68.67 29.21
N GLU L 26 -33.29 69.48 28.38
CA GLU L 26 -33.38 70.86 28.28
C GLU L 26 -33.64 70.90 26.77
N GLN L 27 -34.84 71.32 26.25
CA GLN L 27 -35.26 71.02 24.92
C GLN L 27 -35.35 72.40 24.27
N LEU L 28 -34.63 72.69 23.12
CA LEU L 28 -34.91 73.63 22.07
C LEU L 28 -34.64 72.94 20.72
N ALA L 29 -35.66 72.62 19.89
CA ALA L 29 -35.51 72.22 18.52
C ALA L 29 -36.28 73.23 17.68
N GLY L 30 -35.52 74.08 16.90
CA GLY L 30 -36.30 74.92 16.03
C GLY L 30 -36.57 74.21 14.69
N LYS L 31 -37.51 74.72 13.83
CA LYS L 31 -37.81 74.18 12.49
C LYS L 31 -38.94 75.00 11.95
N PHE L 32 -39.21 74.81 10.61
CA PHE L 32 -40.14 75.61 9.81
C PHE L 32 -41.50 74.90 9.94
N ALA L 33 -42.54 75.68 9.72
CA ALA L 33 -43.86 75.26 9.55
C ALA L 33 -43.97 75.38 8.10
N THR L 34 -44.57 74.41 7.43
CA THR L 34 -44.71 74.28 5.96
C THR L 34 -46.15 74.60 5.66
N ILE L 35 -46.85 75.34 6.51
CA ILE L 35 -48.12 75.99 6.31
C ILE L 35 -47.74 77.42 6.22
N GLY L 36 -48.10 78.14 5.04
CA GLY L 36 -47.67 79.54 4.91
C GLY L 36 -48.74 80.42 5.57
N ALA L 37 -48.68 81.72 5.26
CA ALA L 37 -49.69 82.64 5.66
C ALA L 37 -51.10 82.40 5.07
N ASN L 38 -52.03 82.74 5.99
CA ASN L 38 -53.48 82.58 5.93
C ASN L 38 -54.06 81.87 7.15
N GLY L 39 -54.39 82.62 8.25
CA GLY L 39 -54.95 81.93 9.38
C GLY L 39 -55.59 83.04 10.26
N VAL L 40 -55.98 82.54 11.47
CA VAL L 40 -56.35 83.34 12.56
C VAL L 40 -55.25 83.17 13.59
N LYS L 41 -54.24 82.53 13.18
CA LYS L 41 -53.06 82.09 13.99
C LYS L 41 -51.96 83.11 13.74
N LEU L 42 -52.23 84.07 12.83
CA LEU L 42 -51.34 85.13 12.39
C LEU L 42 -51.23 86.08 13.52
N ALA L 43 -52.18 85.98 14.43
CA ALA L 43 -52.17 86.84 15.60
C ALA L 43 -51.78 86.09 16.82
N GLY L 44 -51.40 84.79 16.68
CA GLY L 44 -51.01 83.86 17.68
C GLY L 44 -52.05 82.82 17.95
N ASP L 45 -51.49 81.67 18.38
CA ASP L 45 -52.33 80.53 18.67
C ASP L 45 -53.07 80.80 19.94
N ASN L 46 -54.33 81.06 19.86
CA ASN L 46 -55.19 81.31 20.93
C ASN L 46 -56.64 81.03 20.51
N GLY L 47 -57.49 80.96 21.56
CA GLY L 47 -58.88 80.65 21.54
C GLY L 47 -59.07 79.28 21.04
N THR L 48 -60.40 78.96 20.92
CA THR L 48 -60.87 77.59 20.68
C THR L 48 -60.46 77.15 19.35
N ASN L 49 -60.36 75.80 19.05
CA ASN L 49 -60.04 75.16 17.76
C ASN L 49 -58.63 75.45 17.32
N ALA L 50 -57.65 75.98 18.16
CA ALA L 50 -56.37 76.27 17.73
C ALA L 50 -55.54 74.92 17.73
N VAL L 51 -54.26 74.98 17.25
CA VAL L 51 -53.34 73.86 17.30
C VAL L 51 -52.58 73.76 18.59
N GLY L 52 -51.89 72.65 18.87
CA GLY L 52 -50.92 72.71 19.94
C GLY L 52 -50.21 71.36 19.94
N LEU L 53 -50.84 70.28 19.35
CA LEU L 53 -50.11 69.15 18.91
C LEU L 53 -49.65 69.45 17.44
N PHE L 54 -48.43 69.09 17.12
CA PHE L 54 -47.92 69.07 15.75
C PHE L 54 -47.22 67.75 15.68
N ARG L 55 -46.98 67.36 14.38
CA ARG L 55 -46.48 66.09 14.07
C ARG L 55 -45.61 66.33 12.85
N GLU L 56 -44.37 65.78 12.84
CA GLU L 56 -43.51 65.90 11.66
C GLU L 56 -44.00 64.93 10.70
N ASP L 57 -43.88 65.28 9.40
CA ASP L 57 -44.47 64.58 8.31
C ASP L 57 -43.43 63.51 7.93
N LEU L 58 -42.55 63.09 8.86
CA LEU L 58 -41.48 62.17 8.73
C LEU L 58 -40.16 62.82 8.24
N GLY L 59 -40.16 64.15 8.27
CA GLY L 59 -38.98 65.00 8.06
C GLY L 59 -38.52 65.53 9.37
N ASP L 60 -38.31 66.86 9.54
CA ASP L 60 -37.76 67.57 10.71
C ASP L 60 -38.50 68.86 10.71
N MET L 61 -39.68 68.86 10.04
CA MET L 61 -40.54 70.08 9.80
C MET L 61 -41.91 69.65 10.14
N VAL L 62 -42.75 70.66 10.42
CA VAL L 62 -44.06 70.51 11.08
C VAL L 62 -45.19 71.10 10.36
N ASN L 63 -46.33 70.46 10.61
CA ASN L 63 -47.64 70.85 10.07
C ASN L 63 -48.59 70.12 11.03
N ALA L 64 -49.92 70.22 10.82
CA ALA L 64 -50.96 69.51 11.47
C ALA L 64 -50.95 68.12 10.86
N SER L 65 -51.43 67.15 11.71
CA SER L 65 -51.68 65.71 11.45
C SER L 65 -52.06 65.41 10.00
N GLU L 66 -51.40 64.47 9.30
CA GLU L 66 -51.77 63.84 8.03
C GLU L 66 -52.40 62.60 8.35
N LYS L 67 -52.79 62.43 9.62
CA LYS L 67 -53.05 61.12 10.26
C LYS L 67 -54.56 61.08 10.24
N ALA L 68 -55.18 59.85 10.02
CA ALA L 68 -56.65 59.55 10.04
C ALA L 68 -57.07 59.82 11.43
N SER L 69 -58.34 60.29 11.45
CA SER L 69 -58.92 60.85 12.66
C SER L 69 -59.90 59.92 13.33
N PHE L 70 -60.22 58.80 12.68
CA PHE L 70 -61.18 57.79 13.18
C PHE L 70 -60.48 56.45 13.44
N TYR L 71 -59.14 56.41 13.33
CA TYR L 71 -58.28 55.25 13.68
C TYR L 71 -57.02 55.93 14.22
N PHE L 72 -56.33 55.32 15.28
CA PHE L 72 -55.29 55.85 15.97
C PHE L 72 -54.00 55.64 15.18
N ARG L 73 -53.04 56.58 15.30
CA ARG L 73 -51.77 56.44 14.58
C ARG L 73 -50.70 57.25 15.18
N GLY L 74 -49.49 56.71 14.92
CA GLY L 74 -48.33 57.12 15.67
C GLY L 74 -47.85 58.43 15.15
N GLY L 75 -48.01 59.42 16.07
CA GLY L 75 -47.57 60.79 15.88
C GLY L 75 -46.19 60.99 16.28
N GLU L 76 -45.75 62.23 16.31
CA GLU L 76 -44.49 62.61 16.76
C GLU L 76 -44.83 63.70 17.69
N TYR L 77 -44.56 63.61 19.00
CA TYR L 77 -45.07 64.47 19.99
C TYR L 77 -44.12 65.67 20.05
N TYR L 78 -44.51 66.81 19.48
CA TYR L 78 -44.11 68.22 19.52
C TYR L 78 -45.30 69.07 20.01
N VAL L 79 -45.03 70.11 20.80
CA VAL L 79 -45.96 71.17 20.97
C VAL L 79 -45.07 72.41 20.61
N ASN L 80 -45.69 73.53 20.16
CA ASN L 80 -44.99 74.79 19.89
C ASN L 80 -45.01 75.57 21.16
N ILE L 81 -43.87 75.99 21.68
CA ILE L 81 -43.57 76.73 22.89
C ILE L 81 -43.91 78.16 22.60
N SER L 82 -43.91 78.97 23.63
CA SER L 82 -44.11 80.45 23.63
C SER L 82 -43.16 81.11 22.59
N ARG L 83 -43.64 82.09 21.85
CA ARG L 83 -42.91 82.79 20.78
C ARG L 83 -43.27 84.21 20.92
N THR L 84 -43.57 84.60 22.19
CA THR L 84 -44.08 85.88 22.58
C THR L 84 -45.56 85.96 22.28
N SER L 85 -46.32 86.33 23.31
CA SER L 85 -47.78 86.38 23.31
C SER L 85 -48.22 87.34 22.27
N LEU L 86 -49.34 87.02 21.56
CA LEU L 86 -50.04 88.07 20.69
C LEU L 86 -49.07 88.42 19.60
N THR L 87 -48.53 87.43 18.91
CA THR L 87 -47.55 87.51 17.87
C THR L 87 -47.70 86.10 17.41
N ALA L 88 -47.58 85.91 16.08
CA ALA L 88 -47.63 84.56 15.47
C ALA L 88 -47.08 83.43 16.23
N ALA L 89 -47.76 82.23 16.14
CA ALA L 89 -47.34 80.99 16.75
C ALA L 89 -47.84 79.85 15.90
N GLY L 90 -47.03 78.69 15.95
CA GLY L 90 -47.40 77.41 15.39
C GLY L 90 -47.39 77.50 13.89
N ILE L 91 -48.26 76.71 13.21
CA ILE L 91 -48.51 76.79 11.83
C ILE L 91 -49.13 78.06 11.43
N ALA L 92 -48.98 78.38 10.07
CA ALA L 92 -49.66 79.38 9.33
C ALA L 92 -48.71 80.52 9.26
N ALA L 93 -47.46 80.50 9.79
CA ALA L 93 -46.53 81.53 9.83
C ALA L 93 -45.40 81.11 8.98
N GLY L 94 -44.94 81.96 8.08
CA GLY L 94 -43.97 81.72 7.08
C GLY L 94 -42.61 82.11 7.62
N ASP L 95 -42.22 81.70 8.89
CA ASP L 95 -40.89 81.91 9.35
C ASP L 95 -40.62 80.70 10.21
N GLU L 96 -39.42 80.73 10.87
CA GLU L 96 -38.95 79.65 11.76
C GLU L 96 -39.60 79.70 13.07
N ILE L 97 -40.20 78.50 13.54
CA ILE L 97 -41.03 78.50 14.69
C ILE L 97 -40.29 77.57 15.60
N THR L 98 -40.34 77.90 16.89
CA THR L 98 -39.67 77.07 17.93
C THR L 98 -40.71 76.18 18.51
N CYS L 99 -40.35 74.88 18.53
CA CYS L 99 -41.08 73.82 19.19
C CYS L 99 -40.19 73.32 20.34
N ASP L 100 -40.85 72.49 21.13
CA ASP L 100 -40.26 71.76 22.27
C ASP L 100 -41.06 70.48 22.22
N ALA L 101 -40.96 69.65 23.27
CA ALA L 101 -41.48 68.31 23.29
C ALA L 101 -40.85 67.74 24.51
N ASP L 102 -41.63 66.80 25.10
CA ASP L 102 -41.32 65.90 26.26
C ASP L 102 -42.16 66.33 27.45
N GLY L 103 -43.40 65.76 27.56
CA GLY L 103 -44.27 66.11 28.64
C GLY L 103 -44.72 67.52 28.82
N LYS L 104 -44.92 68.22 27.67
CA LYS L 104 -45.24 69.62 27.57
C LYS L 104 -46.71 69.90 27.75
N MET L 105 -47.02 71.16 27.82
CA MET L 105 -48.41 71.53 28.02
C MET L 105 -49.11 71.39 26.67
N ILE L 106 -50.37 70.97 26.74
CA ILE L 106 -51.14 70.66 25.54
C ILE L 106 -52.38 71.48 25.53
N LYS L 107 -53.19 71.35 24.44
CA LYS L 107 -54.36 72.11 24.16
C LYS L 107 -55.53 71.18 24.02
N PHE L 108 -56.67 71.49 24.72
CA PHE L 108 -57.88 70.77 24.82
C PHE L 108 -59.02 71.64 24.24
N THR L 109 -60.24 70.95 24.16
CA THR L 109 -61.42 71.64 23.75
C THR L 109 -62.50 70.85 24.53
N GLY L 110 -63.62 71.48 24.79
CA GLY L 110 -64.78 70.92 25.42
C GLY L 110 -64.55 70.63 26.85
N THR L 111 -65.67 70.80 27.67
CA THR L 111 -65.65 70.63 29.12
C THR L 111 -65.93 69.13 29.34
N GLY L 112 -65.34 68.56 30.40
CA GLY L 112 -65.70 67.20 30.77
C GLY L 112 -64.99 66.80 32.01
N LYS L 113 -64.12 67.74 32.52
CA LYS L 113 -63.36 67.65 33.74
C LYS L 113 -62.09 66.87 33.58
N ALA L 114 -62.25 65.67 32.98
CA ALA L 114 -61.12 64.78 32.70
C ALA L 114 -61.66 63.86 31.74
N LEU L 115 -60.80 63.13 31.02
CA LEU L 115 -61.05 62.03 30.17
C LEU L 115 -61.23 62.57 28.76
N GLY L 116 -60.14 62.48 27.98
CA GLY L 116 -60.01 63.23 26.80
C GLY L 116 -59.25 62.35 25.90
N VAL L 117 -59.40 62.63 24.56
CA VAL L 117 -58.79 61.79 23.53
C VAL L 117 -57.96 62.72 22.68
N VAL L 118 -57.29 62.16 21.62
CA VAL L 118 -56.64 62.88 20.62
C VAL L 118 -57.42 62.56 19.36
N THR L 119 -57.83 63.54 18.56
CA THR L 119 -58.67 63.47 17.46
C THR L 119 -58.01 63.56 16.17
N HIS L 120 -56.66 63.63 16.11
CA HIS L 120 -55.83 63.71 14.88
C HIS L 120 -56.13 64.83 13.92
N VAL L 121 -56.57 65.99 14.54
CA VAL L 121 -56.85 67.21 13.89
C VAL L 121 -55.96 68.29 14.35
N GLY L 122 -55.08 67.95 15.31
CA GLY L 122 -53.95 68.76 15.79
C GLY L 122 -54.25 69.39 17.11
N GLU L 123 -55.02 68.70 17.93
CA GLU L 123 -55.47 69.18 19.23
C GLU L 123 -56.16 68.02 19.88
N TYR L 124 -56.31 68.13 21.21
CA TYR L 124 -56.84 67.11 22.05
C TYR L 124 -58.25 67.65 22.38
N ARG L 125 -59.26 66.84 22.71
CA ARG L 125 -60.58 67.33 23.00
C ARG L 125 -61.19 66.30 23.91
N ALA L 126 -62.42 66.59 24.44
CA ALA L 126 -63.30 65.80 25.31
C ALA L 126 -63.78 64.63 24.52
N GLY L 127 -63.76 63.42 25.08
CA GLY L 127 -63.97 62.16 24.40
C GLY L 127 -63.80 61.02 25.36
N ASN L 128 -63.89 59.77 24.91
CA ASN L 128 -63.80 58.58 25.72
C ASN L 128 -62.75 57.76 25.11
N MET L 129 -61.54 57.75 25.80
CA MET L 129 -60.38 56.90 25.41
C MET L 129 -60.68 55.41 25.47
N TYR L 130 -60.23 54.64 24.50
CA TYR L 130 -60.21 53.17 24.53
C TYR L 130 -59.22 52.71 23.54
N GLU L 131 -58.60 53.73 22.87
CA GLU L 131 -57.56 53.42 21.95
C GLU L 131 -56.76 54.67 21.75
N LYS L 132 -57.14 55.71 22.46
CA LYS L 132 -56.80 57.10 22.33
C LYS L 132 -56.00 57.48 23.57
N ALA L 133 -55.53 58.75 23.62
CA ALA L 133 -54.65 59.37 24.58
C ALA L 133 -55.06 58.98 26.01
N THR L 134 -54.03 59.02 26.88
CA THR L 134 -54.07 58.73 28.32
C THR L 134 -52.70 58.88 28.73
N GLN L 135 -52.45 59.49 29.87
CA GLN L 135 -51.09 59.80 30.32
C GLN L 135 -50.90 59.02 31.58
N GLY L 136 -51.87 58.18 31.91
CA GLY L 136 -51.87 57.52 33.19
C GLY L 136 -52.90 56.44 33.10
N VAL L 137 -53.68 56.31 34.20
CA VAL L 137 -54.93 55.58 34.18
C VAL L 137 -56.10 56.40 33.60
N THR L 138 -55.96 57.77 33.62
CA THR L 138 -56.82 58.67 32.98
C THR L 138 -55.84 59.74 32.52
N ASP L 139 -56.32 60.52 31.57
CA ASP L 139 -55.66 61.68 30.94
C ASP L 139 -55.99 62.95 31.77
N THR L 140 -55.06 63.93 31.87
CA THR L 140 -55.16 65.19 32.53
C THR L 140 -56.30 66.01 31.88
N ASP L 141 -56.93 66.82 32.76
CA ASP L 141 -58.12 67.60 32.53
C ASP L 141 -58.39 68.18 31.13
N THR L 142 -59.68 68.30 30.77
CA THR L 142 -60.20 68.87 29.54
C THR L 142 -61.23 69.97 29.79
N PHE L 143 -60.88 71.20 29.44
CA PHE L 143 -61.62 72.41 29.49
C PHE L 143 -61.48 73.09 28.18
N ILE L 144 -62.52 73.96 27.86
CA ILE L 144 -62.72 74.49 26.53
C ILE L 144 -61.83 75.64 26.19
N GLY L 145 -60.76 75.36 25.34
CA GLY L 145 -59.81 76.27 24.79
C GLY L 145 -58.61 76.59 25.64
N PHE L 146 -58.44 76.06 26.85
CA PHE L 146 -57.38 76.45 27.77
C PHE L 146 -56.20 75.47 27.60
N ILE L 147 -54.98 75.94 28.04
CA ILE L 147 -53.75 75.13 27.91
C ILE L 147 -53.55 74.60 29.33
N MET L 148 -53.59 73.26 29.36
CA MET L 148 -53.36 72.63 30.63
C MET L 148 -52.02 72.00 30.49
N TYR L 149 -51.18 72.12 31.57
CA TYR L 149 -49.84 71.66 31.62
C TYR L 149 -50.00 70.21 32.19
N VAL L 150 -49.34 69.26 31.56
CA VAL L 150 -49.30 67.89 32.00
C VAL L 150 -48.42 67.74 33.23
N PRO M 1 10.86 75.39 9.46
CA PRO M 1 10.36 76.77 9.36
C PRO M 1 10.22 77.01 7.90
N TYR M 2 9.65 78.23 7.49
CA TYR M 2 9.51 78.67 6.10
C TYR M 2 10.86 78.66 5.29
N VAL M 3 11.98 79.22 5.94
CA VAL M 3 13.21 79.34 5.26
C VAL M 3 14.26 79.25 6.26
N ARG M 4 15.20 78.36 6.01
CA ARG M 4 16.21 77.85 6.92
C ARG M 4 15.72 76.81 7.77
N LEU M 5 16.44 75.66 7.86
CA LEU M 5 16.17 74.61 8.77
C LEU M 5 14.88 73.81 8.32
N GLY M 6 14.57 73.95 7.02
CA GLY M 6 13.36 73.50 6.47
C GLY M 6 12.95 74.50 5.45
N TYR M 7 11.92 74.04 4.66
CA TYR M 7 11.21 74.81 3.77
C TYR M 7 9.85 74.18 3.85
N GLU M 8 8.78 75.03 3.69
CA GLU M 8 7.43 74.79 3.93
C GLU M 8 6.70 75.62 2.97
N GLY M 9 5.40 75.16 2.64
CA GLY M 9 4.50 75.74 1.70
C GLY M 9 4.96 75.29 0.35
N ILE M 10 5.30 73.96 0.23
CA ILE M 10 5.73 73.39 -0.99
C ILE M 10 5.13 72.05 -1.08
N LEU M 11 4.90 71.64 -2.35
CA LEU M 11 4.16 70.43 -2.59
C LEU M 11 5.09 69.60 -3.32
N ASN M 12 6.26 70.07 -3.82
CA ASN M 12 7.17 69.21 -4.52
C ASN M 12 8.41 69.34 -3.79
N GLY M 13 8.86 68.31 -3.04
CA GLY M 13 9.87 68.43 -2.10
C GLY M 13 9.36 68.94 -0.74
N ALA M 14 10.28 69.02 0.30
CA ALA M 14 10.00 69.48 1.65
C ALA M 14 11.35 69.98 2.15
N HIS M 15 11.49 70.16 3.53
CA HIS M 15 12.65 70.52 4.29
C HIS M 15 14.02 70.17 3.75
N ASP M 16 14.90 71.25 3.64
CA ASP M 16 16.24 70.96 3.23
C ASP M 16 17.02 72.11 3.75
N ILE M 17 18.36 71.97 3.82
CA ILE M 17 19.40 72.81 4.32
C ILE M 17 19.09 72.92 5.82
N ASP M 18 19.11 71.75 6.52
CA ASP M 18 18.94 71.59 7.91
C ASP M 18 20.27 71.52 8.62
N VAL M 19 21.42 71.43 7.88
CA VAL M 19 22.78 71.74 8.43
C VAL M 19 22.98 73.15 8.83
N ALA M 20 22.31 74.08 8.06
CA ALA M 20 22.31 75.45 8.25
C ALA M 20 23.57 76.01 7.62
N GLY M 21 23.36 77.01 6.72
CA GLY M 21 24.27 77.65 5.86
C GLY M 21 24.73 76.68 4.78
N LEU M 22 25.28 77.26 3.65
CA LEU M 22 25.63 76.64 2.33
C LEU M 22 26.97 76.02 2.59
N ASN M 23 27.35 75.05 1.72
CA ASN M 23 28.54 74.27 1.78
C ASN M 23 28.83 73.59 0.51
N GLY M 24 27.94 73.70 -0.44
CA GLY M 24 28.11 73.14 -1.77
C GLY M 24 29.32 73.57 -2.50
N VAL M 25 29.90 72.71 -3.35
CA VAL M 25 31.17 72.92 -4.01
C VAL M 25 30.83 73.54 -5.28
N GLU M 26 31.49 74.64 -5.80
CA GLU M 26 31.11 75.27 -7.04
C GLU M 26 29.76 75.86 -7.07
N GLN M 27 29.35 76.44 -5.93
CA GLN M 27 28.05 77.07 -5.79
C GLN M 27 28.29 78.53 -5.45
N LEU M 28 27.32 79.33 -5.98
CA LEU M 28 27.29 80.71 -5.81
C LEU M 28 26.07 81.07 -4.97
N ALA M 29 24.90 80.93 -5.56
CA ALA M 29 23.60 81.10 -4.92
C ALA M 29 22.70 80.27 -5.69
N GLY M 30 23.25 79.32 -6.52
CA GLY M 30 22.53 78.35 -7.47
C GLY M 30 21.64 78.99 -8.51
N LYS M 31 20.70 78.19 -9.06
CA LYS M 31 20.06 78.45 -10.28
C LYS M 31 18.85 77.55 -10.31
N PHE M 32 17.80 77.91 -11.04
CA PHE M 32 16.54 77.17 -11.04
C PHE M 32 16.74 75.75 -11.55
N ALA M 33 16.34 74.74 -10.75
CA ALA M 33 15.94 73.43 -11.13
C ALA M 33 14.45 73.44 -11.17
N THR M 34 13.77 72.88 -12.22
CA THR M 34 12.40 73.17 -12.58
C THR M 34 11.66 71.86 -12.81
N ILE M 35 10.48 71.70 -12.13
CA ILE M 35 9.46 70.74 -12.48
C ILE M 35 8.08 71.31 -12.04
N GLY M 36 8.14 72.36 -11.16
CA GLY M 36 7.02 72.97 -10.53
C GLY M 36 6.97 74.39 -11.13
N ALA M 37 7.87 74.72 -12.09
CA ALA M 37 7.84 75.87 -12.99
C ALA M 37 7.82 75.29 -14.37
N ASN M 38 7.58 73.95 -14.41
CA ASN M 38 7.51 73.14 -15.52
C ASN M 38 8.86 72.93 -16.16
N GLY M 39 9.37 71.70 -15.89
CA GLY M 39 10.49 71.09 -16.64
C GLY M 39 10.11 70.75 -18.04
N VAL M 40 10.90 69.78 -18.53
CA VAL M 40 10.97 69.34 -19.93
C VAL M 40 10.33 68.02 -20.04
N LYS M 41 9.91 67.43 -18.95
CA LYS M 41 9.25 66.13 -18.81
C LYS M 41 9.88 65.58 -17.52
N LEU M 42 9.30 64.54 -16.92
CA LEU M 42 9.77 63.87 -15.80
C LEU M 42 9.52 62.37 -16.19
N ALA M 43 10.49 61.47 -15.91
CA ALA M 43 10.35 60.04 -16.26
C ALA M 43 9.88 59.27 -15.10
N GLY M 44 8.97 58.26 -15.29
CA GLY M 44 8.35 57.47 -14.24
C GLY M 44 7.23 58.10 -13.47
N ASP M 45 6.94 57.38 -12.34
CA ASP M 45 6.09 57.77 -11.19
C ASP M 45 5.03 56.66 -11.30
N ASN M 46 5.15 55.66 -10.42
CA ASN M 46 4.36 54.42 -10.59
C ASN M 46 3.18 54.60 -9.65
N GLY M 47 3.26 55.63 -8.75
CA GLY M 47 2.19 56.08 -7.94
C GLY M 47 2.30 57.60 -7.87
N THR M 48 1.69 58.18 -6.82
CA THR M 48 1.83 59.60 -6.61
C THR M 48 3.27 59.96 -6.34
N ASN M 49 3.90 60.75 -7.18
CA ASN M 49 5.31 61.03 -7.02
C ASN M 49 5.59 62.32 -7.72
N ALA M 50 6.75 62.88 -7.41
CA ALA M 50 7.21 64.03 -8.21
C ALA M 50 8.78 63.94 -8.10
N VAL M 51 9.28 62.73 -7.87
CA VAL M 51 10.65 62.43 -7.92
C VAL M 51 10.61 61.60 -9.16
N GLY M 52 11.49 61.88 -10.06
CA GLY M 52 11.78 61.20 -11.32
C GLY M 52 13.22 61.18 -11.51
N LEU M 53 13.51 61.01 -12.78
CA LEU M 53 14.80 60.99 -13.25
C LEU M 53 15.07 62.43 -13.71
N PHE M 54 16.27 62.89 -13.39
CA PHE M 54 16.56 64.29 -13.52
C PHE M 54 17.84 64.28 -14.37
N ARG M 55 18.19 65.45 -14.93
CA ARG M 55 19.23 65.56 -15.97
C ARG M 55 19.89 66.87 -15.73
N GLU M 56 21.18 66.82 -16.10
CA GLU M 56 22.05 67.99 -16.32
C GLU M 56 21.61 68.62 -17.66
N ASP M 57 21.60 70.01 -17.71
CA ASP M 57 21.44 70.89 -18.87
C ASP M 57 22.83 71.35 -19.35
N LEU M 58 23.86 70.49 -19.04
CA LEU M 58 25.22 70.65 -19.55
C LEU M 58 25.91 71.77 -18.92
N GLY M 59 26.07 71.56 -17.60
CA GLY M 59 26.82 72.39 -16.78
C GLY M 59 26.43 72.04 -15.40
N ASP M 60 26.48 73.09 -14.57
CA ASP M 60 25.86 73.06 -13.22
C ASP M 60 24.37 73.43 -13.16
N MET M 61 23.77 73.85 -14.35
CA MET M 61 22.34 74.12 -14.48
C MET M 61 21.74 72.69 -14.54
N VAL M 62 20.80 72.41 -13.60
CA VAL M 62 20.22 71.13 -13.40
C VAL M 62 18.68 71.34 -13.54
N ASN M 63 17.94 70.35 -14.01
CA ASN M 63 16.52 70.47 -14.23
C ASN M 63 16.03 69.04 -14.16
N ALA M 64 14.71 68.85 -14.38
CA ALA M 64 14.22 67.49 -14.50
C ALA M 64 14.50 66.97 -15.98
N SER M 65 14.52 65.61 -16.12
CA SER M 65 14.93 64.92 -17.38
C SER M 65 14.60 65.65 -18.71
N GLU M 66 15.65 65.63 -19.59
CA GLU M 66 15.68 66.31 -20.84
C GLU M 66 16.22 65.39 -21.86
N LYS M 67 16.49 64.11 -21.45
CA LYS M 67 17.08 63.10 -22.28
C LYS M 67 16.36 61.79 -21.91
N ALA M 68 16.11 60.97 -22.95
CA ALA M 68 15.26 59.85 -22.90
C ALA M 68 16.02 58.66 -22.31
N SER M 69 15.27 57.58 -21.75
CA SER M 69 15.99 56.35 -21.49
C SER M 69 16.89 56.53 -20.27
N PHE M 70 17.93 55.75 -20.07
CA PHE M 70 18.62 55.83 -18.85
C PHE M 70 19.95 55.23 -18.96
N TYR M 71 20.85 56.04 -19.64
CA TYR M 71 22.14 55.60 -20.04
C TYR M 71 23.23 56.47 -19.35
N PHE M 72 24.50 56.05 -19.51
CA PHE M 72 25.67 56.56 -18.85
C PHE M 72 25.84 57.94 -19.20
N ARG M 73 26.12 58.82 -18.19
CA ARG M 73 26.58 60.16 -18.33
C ARG M 73 27.09 60.55 -17.05
N GLY M 74 28.05 61.53 -17.08
CA GLY M 74 28.78 61.92 -15.86
C GLY M 74 28.02 62.51 -14.81
N GLY M 75 28.61 62.76 -13.60
CA GLY M 75 28.03 63.64 -12.55
C GLY M 75 27.86 62.86 -11.29
N GLU M 76 27.64 63.63 -10.18
CA GLU M 76 27.43 63.06 -8.86
C GLU M 76 26.07 63.13 -8.46
N TYR M 77 25.61 62.16 -7.62
CA TYR M 77 24.34 62.05 -6.99
C TYR M 77 24.36 63.08 -5.88
N TYR M 78 23.73 64.28 -6.18
CA TYR M 78 23.36 65.28 -5.25
C TYR M 78 22.35 64.87 -4.20
N VAL M 79 22.46 65.35 -2.95
CA VAL M 79 21.43 65.60 -2.00
C VAL M 79 20.52 66.61 -2.63
N ASN M 80 19.19 66.39 -2.63
CA ASN M 80 18.20 67.19 -3.37
C ASN M 80 17.64 68.23 -2.44
N ILE M 81 17.80 69.50 -2.90
CA ILE M 81 17.40 70.68 -2.16
C ILE M 81 16.20 71.21 -2.85
N SER M 82 15.22 71.84 -2.15
CA SER M 82 13.95 72.29 -2.78
C SER M 82 13.73 73.50 -1.91
N ARG M 83 13.57 74.70 -2.54
CA ARG M 83 13.43 75.89 -1.75
C ARG M 83 11.96 76.26 -1.92
N THR M 84 11.45 76.97 -0.88
CA THR M 84 10.16 77.52 -0.79
C THR M 84 9.81 78.52 -1.94
N SER M 85 8.54 78.50 -2.37
CA SER M 85 7.90 79.30 -3.33
C SER M 85 7.59 80.62 -2.63
N LEU M 86 7.39 81.66 -3.40
CA LEU M 86 7.06 82.99 -2.84
C LEU M 86 5.62 83.21 -3.10
N THR M 87 4.84 82.14 -3.41
CA THR M 87 3.36 82.08 -3.44
C THR M 87 3.06 81.52 -2.08
N ALA M 88 1.78 81.47 -1.67
CA ALA M 88 1.33 80.97 -0.39
C ALA M 88 1.73 79.62 -0.08
N ALA M 89 1.30 78.55 -0.86
CA ALA M 89 1.67 77.19 -0.53
C ALA M 89 1.64 76.43 -1.76
N GLY M 90 1.35 77.07 -2.94
CA GLY M 90 1.53 76.56 -4.33
C GLY M 90 3.01 76.37 -4.64
N ILE M 91 3.31 75.99 -5.93
CA ILE M 91 4.62 75.73 -6.48
C ILE M 91 4.87 76.90 -7.47
N ALA M 92 6.14 77.08 -7.99
CA ALA M 92 6.60 78.12 -8.89
C ALA M 92 6.79 79.39 -8.20
N ALA M 93 7.95 80.01 -8.43
CA ALA M 93 8.38 81.30 -7.76
C ALA M 93 9.35 80.90 -6.66
N GLY M 94 9.88 79.64 -6.93
CA GLY M 94 10.81 78.96 -6.06
C GLY M 94 12.10 79.68 -6.26
N ASP M 95 12.94 79.58 -5.25
CA ASP M 95 14.18 80.38 -5.02
C ASP M 95 15.34 79.67 -5.69
N GLU M 96 16.42 80.39 -6.21
CA GLU M 96 17.56 79.83 -6.87
C GLU M 96 18.18 78.81 -5.99
N ILE M 97 18.44 77.59 -6.49
CA ILE M 97 18.45 76.40 -5.71
C ILE M 97 19.88 76.04 -5.78
N THR M 98 20.50 76.10 -4.58
CA THR M 98 21.90 75.68 -4.43
C THR M 98 21.94 74.20 -4.29
N CYS M 99 22.86 73.43 -4.99
CA CYS M 99 22.92 71.98 -5.04
C CYS M 99 23.97 71.63 -4.10
N ASP M 100 23.55 71.04 -2.89
CA ASP M 100 24.48 70.57 -1.95
C ASP M 100 24.90 69.18 -2.32
N ALA M 101 26.16 68.81 -1.91
CA ALA M 101 26.73 67.52 -2.31
C ALA M 101 26.53 66.48 -1.30
N ASP M 102 26.09 66.81 -0.10
CA ASP M 102 26.29 65.90 1.06
C ASP M 102 25.58 66.49 2.25
N GLY M 103 24.65 67.50 1.92
CA GLY M 103 23.80 68.14 2.90
C GLY M 103 22.76 67.21 3.47
N LYS M 104 21.79 67.85 4.11
CA LYS M 104 20.62 67.27 4.79
C LYS M 104 19.36 67.82 4.23
N MET M 105 18.31 66.98 3.91
CA MET M 105 18.25 65.56 4.05
C MET M 105 17.28 65.15 2.97
N ILE M 106 17.39 63.92 2.43
CA ILE M 106 16.36 63.43 1.54
C ILE M 106 16.01 62.04 2.08
N LYS M 107 14.85 61.59 1.65
CA LYS M 107 14.42 60.19 1.86
C LYS M 107 15.31 59.18 1.16
N PHE M 108 15.22 57.95 1.72
CA PHE M 108 16.08 56.82 1.16
C PHE M 108 15.14 55.75 0.76
N THR M 109 15.33 55.17 -0.44
CA THR M 109 14.46 54.13 -0.96
C THR M 109 15.17 53.15 -1.88
N GLY M 110 16.53 53.04 -1.73
CA GLY M 110 17.30 52.00 -2.45
C GLY M 110 17.64 50.93 -1.48
N THR M 111 18.53 49.95 -1.85
CA THR M 111 19.32 49.08 -1.02
C THR M 111 20.45 49.84 -0.34
N GLY M 112 20.53 49.69 0.98
CA GLY M 112 21.23 50.61 1.89
C GLY M 112 20.41 51.87 2.26
N LYS M 113 21.09 52.71 3.06
CA LYS M 113 20.46 53.87 3.68
C LYS M 113 21.39 55.06 3.52
N ALA M 114 22.43 54.93 2.72
CA ALA M 114 23.44 55.97 2.56
C ALA M 114 23.88 55.87 1.11
N LEU M 115 23.12 55.06 0.36
CA LEU M 115 23.36 54.62 -0.90
C LEU M 115 22.05 54.61 -1.57
N GLY M 116 22.08 54.95 -2.87
CA GLY M 116 20.93 54.93 -3.69
C GLY M 116 21.22 55.84 -4.81
N VAL M 117 20.65 55.53 -6.01
CA VAL M 117 20.97 56.29 -7.18
C VAL M 117 19.61 56.67 -7.71
N VAL M 118 19.41 57.36 -8.88
CA VAL M 118 18.14 57.75 -9.39
C VAL M 118 17.93 57.03 -10.75
N THR M 119 16.75 56.53 -11.04
CA THR M 119 16.37 55.48 -12.00
C THR M 119 15.07 56.07 -12.68
N HIS M 120 14.58 55.32 -13.74
CA HIS M 120 13.61 55.86 -14.64
C HIS M 120 12.19 55.42 -14.35
N VAL M 121 12.06 54.65 -13.21
CA VAL M 121 10.82 54.23 -12.76
C VAL M 121 10.39 55.13 -11.59
N GLY M 122 11.14 56.13 -11.24
CA GLY M 122 10.83 57.06 -10.17
C GLY M 122 11.32 56.58 -8.77
N GLU M 123 11.33 57.53 -7.86
CA GLU M 123 12.10 57.44 -6.62
C GLU M 123 13.55 57.19 -6.95
N TYR M 124 14.21 56.67 -5.90
CA TYR M 124 15.61 56.32 -5.85
C TYR M 124 15.49 54.86 -5.81
N ARG M 125 16.43 54.14 -6.38
CA ARG M 125 16.38 52.73 -6.33
C ARG M 125 17.80 52.24 -6.22
N ALA M 126 17.97 50.96 -5.84
CA ALA M 126 19.22 50.19 -6.03
C ALA M 126 19.45 49.95 -7.47
N GLY M 127 20.66 49.44 -7.79
CA GLY M 127 21.23 49.35 -9.12
C GLY M 127 20.60 48.18 -9.91
N ASN M 128 21.43 47.84 -10.93
CA ASN M 128 21.15 46.72 -11.83
C ASN M 128 22.46 45.96 -12.06
N MET M 129 22.47 44.59 -12.29
CA MET M 129 23.68 43.85 -12.60
C MET M 129 24.09 44.05 -14.00
N TYR M 130 23.48 44.96 -14.78
CA TYR M 130 23.76 45.15 -16.22
C TYR M 130 24.36 46.50 -16.38
N GLU M 131 23.68 47.59 -15.94
CA GLU M 131 24.17 48.92 -15.93
C GLU M 131 24.20 49.53 -14.50
N LYS M 132 25.00 50.55 -14.12
CA LYS M 132 24.97 51.22 -12.84
C LYS M 132 25.11 50.31 -11.68
N ALA M 133 25.10 50.96 -10.48
CA ALA M 133 25.39 50.42 -9.19
C ALA M 133 24.87 51.41 -8.26
N THR M 134 24.81 51.01 -6.95
CA THR M 134 24.26 51.80 -5.89
C THR M 134 25.33 52.34 -5.06
N GLN M 135 25.26 53.69 -4.82
CA GLN M 135 26.23 54.43 -4.06
C GLN M 135 25.69 55.79 -4.23
N GLY M 136 25.32 56.44 -3.08
CA GLY M 136 24.67 57.74 -3.20
C GLY M 136 25.29 58.51 -2.01
N VAL M 137 24.39 59.28 -1.35
CA VAL M 137 24.50 59.92 -0.03
C VAL M 137 23.09 60.24 0.19
N THR M 138 22.17 59.21 0.17
CA THR M 138 20.84 59.43 0.84
C THR M 138 21.11 59.62 2.35
N ASP M 139 20.32 60.50 2.97
CA ASP M 139 20.54 60.88 4.29
C ASP M 139 19.55 60.22 5.18
N THR M 140 19.36 60.77 6.39
CA THR M 140 18.36 60.28 7.34
C THR M 140 16.95 60.46 6.88
N ASP M 141 16.06 59.74 7.61
CA ASP M 141 14.69 59.84 7.42
C ASP M 141 14.16 59.10 6.18
N THR M 142 12.82 58.98 6.18
CA THR M 142 12.08 58.19 5.15
C THR M 142 10.71 58.87 5.03
N PHE M 143 10.17 59.11 3.82
CA PHE M 143 8.76 59.48 3.61
C PHE M 143 8.49 59.48 2.10
N ILE M 144 7.55 58.52 1.68
CA ILE M 144 7.17 58.32 0.27
C ILE M 144 5.89 59.06 -0.05
N GLY M 145 6.01 60.21 -0.80
CA GLY M 145 4.80 60.96 -1.16
C GLY M 145 5.06 61.89 -2.35
N PHE M 146 4.02 62.67 -2.76
CA PHE M 146 4.19 63.78 -3.70
C PHE M 146 4.86 64.94 -2.99
N ILE M 147 4.76 64.90 -1.61
CA ILE M 147 5.60 65.58 -0.65
C ILE M 147 6.66 64.67 -0.19
N MET M 148 7.96 64.99 -0.08
CA MET M 148 8.99 64.05 0.15
C MET M 148 10.22 64.84 0.61
N TYR M 149 11.09 64.30 1.39
CA TYR M 149 12.40 64.79 1.78
C TYR M 149 12.30 65.03 3.34
N VAL M 150 11.22 64.41 3.95
CA VAL M 150 11.08 64.30 5.36
C VAL M 150 11.01 62.82 5.71
N PRO N 1 49.04 65.03 -26.38
CA PRO N 1 49.55 64.38 -25.15
C PRO N 1 48.41 63.59 -24.59
N TYR N 2 48.76 62.52 -23.88
CA TYR N 2 47.72 61.63 -23.36
C TYR N 2 48.24 60.21 -23.72
N VAL N 3 49.16 59.57 -22.93
CA VAL N 3 49.44 58.12 -22.92
C VAL N 3 49.34 57.80 -21.42
N ARG N 4 49.01 56.57 -20.98
CA ARG N 4 48.94 56.22 -19.59
C ARG N 4 50.28 56.31 -18.90
N LEU N 5 50.30 56.54 -17.60
CA LEU N 5 51.59 56.68 -16.86
C LEU N 5 51.43 55.84 -15.60
N GLY N 6 52.54 55.29 -15.11
CA GLY N 6 52.57 54.59 -13.84
C GLY N 6 52.72 55.60 -12.67
N TYR N 7 53.18 55.16 -11.52
CA TYR N 7 53.76 56.06 -10.58
C TYR N 7 52.77 56.11 -9.35
N GLU N 8 51.90 55.11 -9.36
CA GLU N 8 50.90 54.89 -8.34
C GLU N 8 49.61 55.40 -8.86
N GLY N 9 49.51 55.16 -10.20
CA GLY N 9 48.41 55.44 -11.10
C GLY N 9 48.00 54.09 -11.59
N ILE N 10 49.00 53.24 -11.80
CA ILE N 10 48.85 51.92 -12.33
C ILE N 10 49.22 50.84 -11.34
N LEU N 11 48.24 49.97 -10.98
CA LEU N 11 48.12 49.26 -9.69
C LEU N 11 47.71 50.27 -8.61
N ASN N 12 46.78 49.83 -7.68
CA ASN N 12 46.30 50.61 -6.55
C ASN N 12 47.36 50.77 -5.49
N GLY N 13 47.26 51.94 -4.73
CA GLY N 13 48.28 52.46 -3.91
C GLY N 13 48.04 52.03 -2.51
N ALA N 14 47.91 53.08 -1.59
CA ALA N 14 47.76 52.92 -0.19
C ALA N 14 46.40 53.48 0.21
N HIS N 15 45.93 53.25 1.44
CA HIS N 15 44.55 53.23 1.81
C HIS N 15 44.20 54.61 2.26
N ASP N 16 43.27 55.21 1.46
CA ASP N 16 42.65 56.48 1.95
C ASP N 16 41.22 56.16 2.23
N ILE N 17 40.54 57.12 2.89
CA ILE N 17 39.09 57.09 2.87
C ILE N 17 38.63 57.96 1.61
N ASP N 18 37.95 57.27 0.61
CA ASP N 18 37.53 57.78 -0.63
C ASP N 18 36.10 57.35 -0.82
N VAL N 19 35.38 57.00 0.30
CA VAL N 19 34.04 56.58 0.09
C VAL N 19 33.21 57.21 1.13
N ALA N 20 32.25 57.98 0.65
CA ALA N 20 31.14 58.51 1.41
C ALA N 20 29.93 57.72 0.94
N GLY N 21 29.25 57.22 1.98
CA GLY N 21 28.31 56.10 1.94
C GLY N 21 29.04 54.88 2.48
N LEU N 22 28.46 53.68 2.56
CA LEU N 22 29.18 52.51 2.95
C LEU N 22 29.95 51.88 1.89
N ASN N 23 31.18 51.50 2.19
CA ASN N 23 32.10 50.83 1.29
C ASN N 23 31.70 49.45 0.80
N GLY N 24 31.94 49.14 -0.53
CA GLY N 24 31.61 47.85 -1.13
C GLY N 24 30.18 47.76 -1.45
N VAL N 25 29.89 47.58 -2.82
CA VAL N 25 28.63 47.02 -3.25
C VAL N 25 28.83 46.00 -4.32
N GLU N 26 28.06 44.86 -4.36
CA GLU N 26 28.39 43.80 -5.26
C GLU N 26 27.54 43.93 -6.49
N GLN N 27 26.94 45.05 -6.79
CA GLN N 27 26.27 45.48 -7.97
C GLN N 27 27.15 45.51 -9.21
N LEU N 28 26.56 45.06 -10.33
CA LEU N 28 27.19 45.09 -11.66
C LEU N 28 27.92 43.77 -11.86
N ALA N 29 27.79 42.80 -10.93
CA ALA N 29 28.45 41.60 -10.91
C ALA N 29 28.17 40.84 -12.21
N GLY N 30 29.25 40.32 -12.83
CA GLY N 30 29.23 39.47 -13.97
C GLY N 30 29.96 40.21 -15.16
N LYS N 31 30.58 41.36 -14.89
CA LYS N 31 31.41 42.04 -15.74
C LYS N 31 32.81 41.89 -15.23
N PHE N 32 33.73 41.33 -16.09
CA PHE N 32 35.06 41.01 -15.71
C PHE N 32 36.01 42.16 -15.98
N ALA N 33 37.15 42.23 -15.28
CA ALA N 33 38.11 43.29 -15.52
C ALA N 33 39.23 42.70 -16.26
N THR N 34 39.56 43.30 -17.46
CA THR N 34 40.63 43.09 -18.38
C THR N 34 42.00 43.07 -17.71
N ILE N 35 43.05 42.64 -18.57
CA ILE N 35 44.40 42.46 -18.14
C ILE N 35 44.91 43.42 -19.12
N GLY N 36 45.44 44.54 -18.67
CA GLY N 36 46.14 45.45 -19.52
C GLY N 36 45.18 46.28 -20.36
N ALA N 37 45.67 47.34 -21.03
CA ALA N 37 44.79 48.37 -21.53
C ALA N 37 45.67 49.20 -22.45
N ASN N 38 45.08 50.35 -22.92
CA ASN N 38 45.59 51.32 -23.92
C ASN N 38 46.79 51.89 -23.24
N GLY N 39 47.83 52.29 -24.04
CA GLY N 39 48.95 53.00 -23.58
C GLY N 39 50.00 52.10 -22.88
N VAL N 40 50.89 52.76 -22.19
CA VAL N 40 52.00 52.05 -21.57
C VAL N 40 51.66 51.72 -20.16
N LYS N 41 51.60 50.41 -19.83
CA LYS N 41 51.52 49.82 -18.49
C LYS N 41 52.84 49.78 -17.84
N LEU N 42 52.88 50.48 -16.70
CA LEU N 42 54.04 50.79 -16.04
C LEU N 42 53.84 50.45 -14.57
N ALA N 43 54.67 49.50 -14.01
CA ALA N 43 54.52 49.04 -12.64
C ALA N 43 53.19 48.30 -12.44
N GLY N 44 53.01 47.19 -13.15
CA GLY N 44 51.81 46.33 -13.10
C GLY N 44 50.94 46.54 -14.31
N ASP N 45 50.07 45.55 -14.58
CA ASP N 45 49.14 45.48 -15.64
C ASP N 45 47.80 45.43 -14.99
N ASN N 46 46.99 46.43 -15.39
CA ASN N 46 45.62 46.50 -14.78
C ASN N 46 44.84 47.01 -15.94
N GLY N 47 43.65 46.42 -16.10
CA GLY N 47 42.70 46.77 -17.12
C GLY N 47 41.76 47.79 -16.74
N THR N 48 41.69 47.99 -15.35
CA THR N 48 40.70 48.84 -14.77
C THR N 48 41.54 49.70 -13.77
N ASN N 49 41.02 50.90 -13.49
CA ASN N 49 41.65 51.89 -12.64
C ASN N 49 40.42 52.56 -12.02
N ALA N 50 40.64 53.30 -10.87
CA ALA N 50 39.56 53.97 -10.16
C ALA N 50 39.67 55.38 -10.81
N VAL N 51 38.51 56.16 -10.96
CA VAL N 51 38.37 57.51 -11.48
C VAL N 51 38.74 57.61 -12.96
N GLY N 52 37.74 57.93 -13.85
CA GLY N 52 37.91 57.91 -15.31
C GLY N 52 36.70 57.47 -16.10
N LEU N 53 36.92 57.45 -17.44
CA LEU N 53 35.98 56.97 -18.39
C LEU N 53 36.16 55.54 -18.56
N PHE N 54 35.10 54.65 -18.36
CA PHE N 54 35.18 53.22 -18.43
C PHE N 54 34.12 52.85 -19.42
N ARG N 55 34.22 51.68 -20.09
CA ARG N 55 33.31 51.33 -21.11
C ARG N 55 33.13 49.84 -21.04
N GLU N 56 31.89 49.23 -21.21
CA GLU N 56 31.71 47.82 -21.55
C GLU N 56 32.02 47.74 -23.03
N ASP N 57 32.81 46.71 -23.44
CA ASP N 57 32.98 46.40 -24.78
C ASP N 57 33.18 44.95 -24.72
N LEU N 58 32.73 44.25 -25.75
CA LEU N 58 32.97 42.88 -26.08
C LEU N 58 32.02 41.93 -25.38
N GLY N 59 31.10 42.49 -24.62
CA GLY N 59 30.05 41.92 -23.86
C GLY N 59 30.58 41.13 -22.76
N ASP N 60 30.13 41.47 -21.52
CA ASP N 60 30.64 41.00 -20.21
C ASP N 60 32.12 41.14 -19.99
N MET N 61 32.70 42.20 -20.69
CA MET N 61 33.99 42.76 -20.38
C MET N 61 33.84 44.23 -20.19
N VAL N 62 34.63 44.77 -19.15
CA VAL N 62 34.68 46.21 -18.83
C VAL N 62 36.17 46.60 -18.92
N ASN N 63 36.48 47.87 -19.26
CA ASN N 63 37.84 48.25 -19.34
C ASN N 63 38.04 49.78 -19.11
N ALA N 64 39.36 50.20 -19.20
CA ALA N 64 39.61 51.60 -19.23
C ALA N 64 39.56 52.13 -20.62
N SER N 65 39.13 53.43 -20.63
CA SER N 65 38.88 54.20 -21.84
C SER N 65 39.28 55.60 -21.68
N GLU N 66 39.93 56.18 -22.67
CA GLU N 66 40.49 57.49 -22.56
C GLU N 66 39.44 58.54 -22.99
N LYS N 67 39.32 59.62 -22.18
CA LYS N 67 38.31 60.64 -22.41
C LYS N 67 38.80 61.89 -23.07
N ALA N 68 40.09 61.86 -23.54
CA ALA N 68 40.92 62.84 -24.16
C ALA N 68 40.95 64.23 -23.45
N SER N 69 41.01 65.32 -24.30
CA SER N 69 41.22 66.71 -23.94
C SER N 69 39.83 67.29 -23.88
N PHE N 70 38.82 66.64 -24.57
CA PHE N 70 37.42 67.02 -24.34
C PHE N 70 36.60 65.77 -24.50
N TYR N 71 35.27 65.92 -24.06
CA TYR N 71 34.27 64.93 -23.82
C TYR N 71 34.43 64.26 -22.47
N PHE N 72 33.26 64.22 -21.83
CA PHE N 72 32.88 63.54 -20.67
C PHE N 72 31.50 64.16 -20.27
N ARG N 73 30.74 64.65 -21.34
CA ARG N 73 29.31 64.85 -21.34
C ARG N 73 28.55 63.55 -21.14
N GLY N 74 28.88 62.58 -21.99
CA GLY N 74 28.49 61.23 -21.68
C GLY N 74 29.61 60.50 -21.06
N GLY N 75 29.83 60.81 -19.79
CA GLY N 75 30.78 60.14 -18.89
C GLY N 75 30.04 58.93 -18.50
N GLU N 76 30.30 58.63 -17.26
CA GLU N 76 29.81 57.51 -16.54
C GLU N 76 29.19 57.91 -15.26
N TYR N 77 28.27 57.09 -14.74
CA TYR N 77 27.61 57.30 -13.49
C TYR N 77 27.92 56.10 -12.60
N TYR N 78 28.74 55.10 -13.03
CA TYR N 78 29.29 54.09 -12.25
C TYR N 78 30.75 54.32 -12.34
N VAL N 79 31.50 54.12 -11.19
CA VAL N 79 32.94 54.21 -11.18
C VAL N 79 33.35 52.89 -10.60
N ASN N 80 34.62 52.63 -10.81
CA ASN N 80 35.27 51.40 -10.40
C ASN N 80 35.93 51.82 -9.09
N ILE N 81 35.64 51.11 -7.99
CA ILE N 81 35.88 51.49 -6.54
C ILE N 81 37.27 52.18 -6.27
N SER N 82 37.33 53.15 -5.31
CA SER N 82 38.51 53.89 -5.11
C SER N 82 39.08 53.69 -3.75
N ARG N 83 38.67 52.63 -3.08
CA ARG N 83 39.25 52.11 -1.87
C ARG N 83 40.67 51.51 -2.21
N THR N 84 41.66 51.63 -1.31
CA THR N 84 42.98 51.10 -1.53
C THR N 84 43.89 51.89 -2.46
N SER N 85 43.50 53.13 -2.84
CA SER N 85 44.23 53.86 -3.84
C SER N 85 44.63 55.19 -3.29
N LEU N 86 45.90 55.55 -3.36
CA LEU N 86 46.48 56.77 -2.84
C LEU N 86 46.02 58.04 -3.53
N THR N 87 45.95 58.00 -4.85
CA THR N 87 45.67 59.10 -5.76
C THR N 87 44.29 58.90 -6.34
N ALA N 88 43.47 57.90 -5.90
CA ALA N 88 42.16 57.52 -6.49
C ALA N 88 42.24 57.04 -7.95
N ALA N 89 43.33 56.30 -8.23
CA ALA N 89 43.57 55.67 -9.51
C ALA N 89 44.35 54.33 -9.33
N GLY N 90 43.91 53.22 -9.99
CA GLY N 90 44.41 51.90 -9.79
C GLY N 90 43.36 51.14 -9.14
N ILE N 91 43.08 49.99 -9.67
CA ILE N 91 42.23 49.03 -8.97
C ILE N 91 42.63 47.72 -9.66
N ALA N 92 42.67 46.65 -8.88
CA ALA N 92 43.18 45.36 -9.13
C ALA N 92 42.55 44.73 -10.29
N ALA N 93 43.31 43.94 -11.09
CA ALA N 93 42.96 43.25 -12.36
C ALA N 93 42.15 42.08 -11.97
N GLY N 94 41.57 41.35 -12.97
CA GLY N 94 40.98 40.08 -12.67
C GLY N 94 39.66 39.99 -11.93
N ASP N 95 38.86 38.90 -12.21
CA ASP N 95 37.57 38.53 -11.59
C ASP N 95 36.52 39.52 -11.92
N GLU N 96 35.29 39.28 -11.45
CA GLU N 96 34.12 40.23 -11.50
C GLU N 96 34.37 41.27 -10.42
N ILE N 97 34.63 42.48 -10.92
CA ILE N 97 35.04 43.62 -10.10
C ILE N 97 33.91 44.14 -9.22
N THR N 98 34.27 44.91 -8.19
CA THR N 98 33.34 45.47 -7.25
C THR N 98 33.32 46.90 -7.75
N CYS N 99 32.15 47.55 -7.94
CA CYS N 99 31.97 48.81 -8.55
C CYS N 99 31.44 49.61 -7.41
N ASP N 100 31.26 50.94 -7.61
CA ASP N 100 30.53 51.85 -6.75
C ASP N 100 29.87 52.65 -7.80
N ALA N 101 29.43 53.85 -7.43
CA ALA N 101 28.80 54.71 -8.41
C ALA N 101 29.24 56.10 -7.79
N ASP N 102 28.55 57.19 -8.08
CA ASP N 102 28.94 58.54 -7.79
C ASP N 102 27.98 59.04 -6.75
N GLY N 103 28.34 60.18 -6.15
CA GLY N 103 27.74 60.48 -4.84
C GLY N 103 28.81 60.39 -3.80
N LYS N 104 30.12 60.25 -4.14
CA LYS N 104 31.12 60.11 -3.05
C LYS N 104 32.34 60.93 -3.32
N MET N 105 33.08 61.41 -2.30
CA MET N 105 34.29 62.09 -2.38
C MET N 105 35.45 61.16 -2.69
N ILE N 106 36.46 61.72 -3.48
CA ILE N 106 37.65 60.92 -3.78
C ILE N 106 38.72 61.84 -3.36
N LYS N 107 40.02 61.41 -3.42
CA LYS N 107 41.22 62.26 -3.17
C LYS N 107 42.14 62.08 -4.36
N PHE N 108 42.60 63.18 -4.89
CA PHE N 108 43.81 63.25 -5.69
C PHE N 108 44.78 64.04 -4.87
N THR N 109 46.04 63.58 -4.86
CA THR N 109 47.17 64.05 -4.18
C THR N 109 48.19 64.44 -5.16
N GLY N 110 48.71 65.71 -5.25
CA GLY N 110 49.60 66.25 -6.26
C GLY N 110 49.38 67.75 -6.57
N THR N 111 49.78 68.26 -7.75
CA THR N 111 49.86 69.69 -8.05
C THR N 111 48.85 69.87 -9.17
N GLY N 112 48.16 71.08 -9.09
CA GLY N 112 47.02 71.45 -9.82
C GLY N 112 45.76 70.63 -9.51
N LYS N 113 44.55 71.26 -9.54
CA LYS N 113 43.24 70.59 -9.43
C LYS N 113 42.36 71.29 -10.42
N ALA N 114 41.68 70.39 -11.19
CA ALA N 114 40.66 70.75 -12.16
C ALA N 114 41.05 71.79 -13.23
N LEU N 115 42.26 71.55 -13.87
CA LEU N 115 42.85 72.44 -14.85
C LEU N 115 43.77 71.59 -15.67
N GLY N 116 43.99 72.03 -16.93
CA GLY N 116 44.77 71.31 -17.96
C GLY N 116 44.05 70.02 -18.44
N VAL N 117 44.81 69.36 -19.31
CA VAL N 117 44.60 67.93 -19.79
C VAL N 117 45.09 66.97 -18.70
N VAL N 118 44.36 65.83 -18.64
CA VAL N 118 44.81 64.59 -18.02
C VAL N 118 46.14 64.17 -18.55
N THR N 119 47.06 63.59 -17.67
CA THR N 119 48.34 62.98 -18.04
C THR N 119 48.21 61.47 -17.72
N HIS N 120 47.01 61.08 -17.15
CA HIS N 120 46.62 59.79 -16.61
C HIS N 120 45.29 60.07 -15.92
N VAL N 121 44.24 59.24 -16.19
CA VAL N 121 42.91 59.27 -15.58
C VAL N 121 42.98 59.46 -14.13
N GLY N 122 42.07 60.31 -13.57
CA GLY N 122 42.06 60.77 -12.19
C GLY N 122 43.17 61.75 -11.78
N GLU N 123 43.88 62.35 -12.75
CA GLU N 123 44.89 63.27 -12.44
C GLU N 123 44.61 64.56 -13.13
N TYR N 124 45.06 65.73 -12.60
CA TYR N 124 44.84 67.07 -13.28
C TYR N 124 46.10 67.84 -12.94
N ARG N 125 46.83 68.28 -14.00
CA ARG N 125 48.20 68.86 -13.80
C ARG N 125 48.06 70.27 -14.25
N ALA N 126 48.77 71.23 -13.56
CA ALA N 126 48.71 72.64 -13.97
C ALA N 126 49.91 73.37 -13.42
N GLY N 127 50.14 74.63 -13.96
CA GLY N 127 51.01 75.57 -13.45
C GLY N 127 50.43 76.91 -13.28
N ASN N 128 49.19 77.07 -13.87
CA ASN N 128 48.60 78.41 -14.07
C ASN N 128 49.38 79.13 -15.19
N MET N 129 49.64 78.43 -16.28
CA MET N 129 50.17 79.02 -17.49
C MET N 129 49.58 78.16 -18.56
N TYR N 130 49.16 78.76 -19.71
CA TYR N 130 48.79 78.07 -20.98
C TYR N 130 47.47 77.50 -20.98
N GLU N 131 46.70 77.70 -22.01
CA GLU N 131 45.32 77.35 -22.16
C GLU N 131 45.19 75.92 -22.72
N LYS N 132 44.87 75.01 -21.79
CA LYS N 132 44.75 73.61 -22.17
C LYS N 132 43.36 73.13 -21.64
N ALA N 133 42.56 72.54 -22.61
CA ALA N 133 41.24 72.02 -22.39
C ALA N 133 41.08 71.14 -21.18
N THR N 134 40.06 71.36 -20.39
CA THR N 134 39.65 70.58 -19.17
C THR N 134 38.35 69.79 -19.49
N GLN N 135 38.21 68.69 -18.81
CA GLN N 135 37.18 67.74 -19.10
C GLN N 135 37.07 67.10 -17.77
N GLY N 136 35.94 66.34 -17.55
CA GLY N 136 35.51 65.75 -16.26
C GLY N 136 34.57 66.74 -15.57
N VAL N 137 34.08 66.39 -14.31
CA VAL N 137 33.11 67.15 -13.68
C VAL N 137 33.66 67.81 -12.44
N THR N 138 34.98 67.55 -12.18
CA THR N 138 35.77 67.98 -11.05
C THR N 138 35.62 69.45 -10.54
N ASP N 139 36.10 69.65 -9.28
CA ASP N 139 35.68 70.80 -8.49
C ASP N 139 36.92 71.56 -8.12
N THR N 140 36.77 72.90 -8.02
CA THR N 140 37.56 73.69 -7.12
C THR N 140 38.98 73.92 -7.78
N ASP N 141 39.15 75.09 -8.34
CA ASP N 141 40.37 75.61 -8.95
C ASP N 141 41.22 76.26 -7.96
N THR N 142 40.66 76.57 -6.77
CA THR N 142 41.13 77.53 -5.82
C THR N 142 42.12 76.97 -4.89
N PHE N 143 41.88 75.70 -4.55
CA PHE N 143 42.54 74.97 -3.48
C PHE N 143 43.02 73.73 -4.26
N ILE N 144 44.39 73.61 -4.25
CA ILE N 144 45.12 72.37 -4.64
C ILE N 144 45.03 71.40 -3.58
N GLY N 145 45.08 70.06 -3.84
CA GLY N 145 45.07 68.97 -2.88
C GLY N 145 43.72 68.78 -2.23
N PHE N 146 42.76 69.44 -2.84
CA PHE N 146 41.37 69.39 -2.55
C PHE N 146 40.76 67.96 -2.80
N ILE N 147 39.65 67.62 -1.99
CA ILE N 147 38.90 66.38 -2.04
C ILE N 147 37.80 66.64 -3.05
N MET N 148 37.96 66.15 -4.32
CA MET N 148 37.14 66.44 -5.47
C MET N 148 36.20 65.31 -5.65
N TYR N 149 34.94 65.65 -6.04
CA TYR N 149 33.78 64.72 -6.14
C TYR N 149 33.70 64.40 -7.62
N VAL N 150 33.70 63.06 -7.84
CA VAL N 150 33.03 62.50 -8.98
C VAL N 150 31.52 62.37 -8.56
N PRO O 1 34.96 86.42 -8.64
CA PRO O 1 33.76 86.64 -9.47
C PRO O 1 33.93 87.90 -10.18
N TYR O 2 33.51 87.99 -11.43
CA TYR O 2 33.40 89.24 -12.23
C TYR O 2 32.23 88.98 -13.15
N VAL O 3 31.25 89.94 -13.40
CA VAL O 3 30.08 89.73 -14.20
C VAL O 3 29.98 90.98 -14.96
N ARG O 4 30.03 90.96 -16.36
CA ARG O 4 29.96 92.16 -17.24
C ARG O 4 28.52 92.59 -17.38
N LEU O 5 28.40 93.99 -17.55
CA LEU O 5 27.13 94.65 -17.51
C LEU O 5 26.89 95.24 -18.80
N GLY O 6 27.43 94.58 -19.89
CA GLY O 6 27.64 95.26 -21.16
C GLY O 6 26.45 94.89 -22.02
N TYR O 7 26.45 95.30 -23.32
CA TYR O 7 25.51 94.94 -24.32
C TYR O 7 26.07 95.25 -25.66
N GLU O 8 27.31 95.84 -25.74
CA GLU O 8 28.06 95.89 -26.95
C GLU O 8 29.08 94.82 -26.75
N GLY O 9 29.48 94.15 -27.85
CA GLY O 9 30.23 92.93 -27.87
C GLY O 9 29.13 91.79 -28.06
N ILE O 10 29.50 90.51 -28.46
CA ILE O 10 28.58 89.37 -28.44
C ILE O 10 29.24 88.21 -27.68
N LEU O 11 30.43 88.50 -27.05
CA LEU O 11 31.14 87.48 -26.25
C LEU O 11 31.31 88.15 -24.91
N ASN O 12 30.84 89.40 -24.78
CA ASN O 12 30.81 90.25 -23.58
C ASN O 12 29.38 90.79 -23.53
N GLY O 13 28.86 90.78 -22.34
CA GLY O 13 27.58 91.37 -21.95
C GLY O 13 26.68 90.30 -21.39
N ALA O 14 25.97 90.67 -20.27
CA ALA O 14 25.03 89.81 -19.58
C ALA O 14 24.24 90.72 -18.74
N HIS O 15 22.95 90.28 -18.38
CA HIS O 15 22.18 91.03 -17.37
C HIS O 15 21.43 89.89 -16.71
N ASP O 16 21.37 88.67 -17.25
CA ASP O 16 20.72 87.51 -16.61
C ASP O 16 21.74 86.45 -16.69
N ILE O 17 22.10 85.87 -15.50
CA ILE O 17 23.22 85.03 -15.24
C ILE O 17 22.75 83.80 -14.51
N ASP O 18 21.68 83.92 -13.72
CA ASP O 18 21.14 82.86 -12.93
C ASP O 18 19.66 83.20 -12.89
N VAL O 19 18.78 82.15 -13.05
CA VAL O 19 17.37 82.45 -13.19
C VAL O 19 16.78 81.18 -12.61
N ALA O 20 15.68 81.38 -11.83
CA ALA O 20 13.18 80.22 -10.77
C ALA O 20 12.42 78.77 -10.92
N GLY O 21 12.46 77.93 -9.89
CA GLY O 21 11.68 76.72 -9.88
C GLY O 21 11.91 75.90 -8.59
N LEU O 22 11.39 74.65 -8.56
CA LEU O 22 11.34 73.88 -7.34
C LEU O 22 11.65 72.52 -7.80
N ASN O 23 12.73 71.87 -7.30
CA ASN O 23 13.11 70.44 -7.41
C ASN O 23 13.70 70.12 -8.80
N GLY O 24 14.61 69.10 -8.90
CA GLY O 24 15.18 68.76 -10.20
C GLY O 24 16.69 68.75 -10.00
N VAL O 25 17.22 68.82 -8.75
CA VAL O 25 18.60 68.64 -8.36
C VAL O 25 19.03 67.25 -8.72
N GLU O 26 20.25 67.17 -9.33
CA GLU O 26 21.01 65.94 -9.47
C GLU O 26 21.74 66.12 -10.75
N GLN O 27 22.98 65.53 -10.85
CA GLN O 27 23.83 65.53 -12.03
C GLN O 27 24.64 66.85 -12.20
N LEU O 28 25.93 66.65 -12.55
CA LEU O 28 26.97 67.65 -12.58
C LEU O 28 27.78 67.46 -13.80
N ALA O 29 28.21 68.55 -14.51
CA ALA O 29 29.21 68.55 -15.58
C ALA O 29 29.97 69.93 -15.32
N GLY O 30 31.20 70.08 -15.83
CA GLY O 30 31.81 71.35 -16.08
C GLY O 30 32.46 71.22 -17.38
N LYS O 31 33.38 72.20 -17.72
CA LYS O 31 33.91 72.23 -19.05
C LYS O 31 34.78 73.49 -19.12
N PHE O 32 35.65 73.54 -20.19
CA PHE O 32 36.61 74.56 -20.38
C PHE O 32 35.93 75.70 -21.20
N ALA O 33 36.53 76.93 -21.09
CA ALA O 33 36.18 78.13 -21.85
C ALA O 33 37.26 78.27 -22.80
N THR O 34 36.92 79.09 -23.85
CA THR O 34 37.69 79.44 -25.00
C THR O 34 37.89 78.13 -25.76
N ILE O 35 38.79 78.11 -26.81
CA ILE O 35 39.26 76.99 -27.63
C ILE O 35 40.37 76.26 -26.89
N GLY O 36 40.24 74.88 -26.67
CA GLY O 36 41.34 74.02 -26.10
C GLY O 36 41.91 73.11 -27.09
N ALA O 37 42.69 72.15 -26.43
CA ALA O 37 43.50 71.16 -27.06
C ALA O 37 44.45 71.78 -28.01
N ASN O 38 45.22 72.65 -27.44
CA ASN O 38 46.10 73.58 -28.13
C ASN O 38 47.43 73.17 -27.52
N GLY O 39 48.42 73.13 -28.45
CA GLY O 39 49.74 72.48 -28.34
C GLY O 39 49.69 71.12 -27.72
N VAL O 40 50.87 70.74 -27.21
CA VAL O 40 51.20 69.53 -26.57
C VAL O 40 51.45 69.97 -25.12
N LYS O 41 51.04 71.27 -24.75
CA LYS O 41 51.00 71.86 -23.43
C LYS O 41 50.18 71.10 -22.44
N LEU O 42 50.38 71.25 -21.12
CA LEU O 42 49.78 70.19 -20.22
C LEU O 42 49.01 70.96 -19.20
N ALA O 43 49.48 72.21 -18.92
CA ALA O 43 48.98 72.99 -17.85
C ALA O 43 47.79 73.84 -18.37
N GLY O 44 46.83 74.15 -17.46
CA GLY O 44 45.74 75.02 -17.68
C GLY O 44 46.09 76.24 -16.94
N ASP O 45 45.20 77.24 -16.97
CA ASP O 45 45.38 78.55 -16.40
C ASP O 45 44.03 79.06 -15.94
N ASN O 46 43.88 80.35 -15.62
CA ASN O 46 42.79 81.00 -15.00
C ASN O 46 42.78 82.37 -15.64
N GLY O 47 41.69 83.18 -15.52
CA GLY O 47 41.85 84.55 -15.97
C GLY O 47 40.72 85.28 -15.55
N THR O 48 40.23 86.12 -16.52
CA THR O 48 39.27 87.10 -16.35
C THR O 48 37.99 86.58 -16.92
N ASN O 49 36.83 86.86 -16.29
CA ASN O 49 35.58 86.29 -16.75
C ASN O 49 34.87 87.13 -17.74
N ALA O 50 34.34 86.48 -18.78
CA ALA O 50 33.46 86.96 -19.81
C ALA O 50 32.26 86.09 -19.87
N VAL O 51 31.04 86.68 -19.91
CA VAL O 51 29.77 86.03 -19.92
C VAL O 51 29.17 86.67 -21.15
N GLY O 52 28.90 85.82 -22.11
CA GLY O 52 28.29 86.10 -23.37
C GLY O 52 27.63 84.86 -23.87
N LEU O 53 27.28 84.83 -25.18
CA LEU O 53 26.77 83.63 -25.82
C LEU O 53 27.98 82.85 -26.16
N PHE O 54 27.85 81.52 -25.92
CA PHE O 54 28.80 80.45 -26.08
C PHE O 54 28.05 79.28 -26.79
N ARG O 55 28.81 78.39 -27.35
CA ARG O 55 28.41 77.23 -28.06
C ARG O 55 29.49 76.19 -27.84
N GLU O 56 29.02 74.94 -27.55
CA GLU O 56 29.82 73.73 -27.61
C GLU O 56 30.06 73.38 -29.12
N ASP O 57 31.26 72.82 -29.43
CA ASP O 57 31.66 72.27 -30.71
C ASP O 57 31.58 70.77 -30.59
N LEU O 58 30.86 70.38 -29.49
CA LEU O 58 30.69 69.07 -29.06
C LEU O 58 31.86 68.72 -28.17
N GLY O 59 31.56 68.21 -26.90
CA GLY O 59 32.47 67.86 -25.91
C GLY O 59 32.49 68.93 -24.84
N ASP O 60 33.59 68.98 -24.10
CA ASP O 60 33.66 69.84 -22.94
C ASP O 60 34.56 71.03 -23.30
N MET O 61 34.06 71.93 -24.13
CA MET O 61 34.60 73.21 -24.31
C MET O 61 33.42 74.03 -24.83
N VAL O 62 33.33 75.35 -24.49
CA VAL O 62 32.42 76.30 -25.07
C VAL O 62 33.22 77.50 -25.51
N ASN O 63 32.83 78.21 -26.57
CA ASN O 63 33.68 79.10 -27.35
C ASN O 63 32.66 80.00 -28.06
N ALA O 64 33.21 80.91 -28.97
CA ALA O 64 32.64 82.05 -29.65
C ALA O 64 31.45 81.62 -30.37
N SER O 65 30.26 82.32 -30.16
CA SER O 65 29.00 81.77 -30.68
C SER O 65 28.70 82.64 -31.91
N GLU O 66 28.75 81.99 -33.09
CA GLU O 66 28.55 82.48 -34.45
C GLU O 66 27.21 81.98 -34.84
N LYS O 67 26.68 80.84 -34.32
CA LYS O 67 25.36 80.32 -34.73
C LYS O 67 24.91 79.49 -33.59
N ALA O 68 23.63 79.01 -33.65
CA ALA O 68 23.03 78.11 -32.76
C ALA O 68 22.63 76.97 -33.60
N SER O 69 22.70 75.79 -33.01
CA SER O 69 22.26 74.55 -33.51
C SER O 69 21.57 73.80 -32.47
N PHE O 70 20.86 72.74 -32.81
CA PHE O 70 20.18 71.88 -31.93
C PHE O 70 18.90 72.47 -31.45
N TYR O 71 17.90 71.59 -31.18
CA TYR O 71 16.54 71.95 -30.76
C TYR O 71 16.46 71.19 -29.42
N PHE O 72 17.55 70.48 -29.02
CA PHE O 72 17.53 69.62 -27.91
C PHE O 72 18.50 70.29 -26.92
N ARG O 73 18.31 70.03 -25.58
CA ARG O 73 19.07 70.35 -24.31
C ARG O 73 19.78 71.69 -24.26
N GLY O 74 21.08 71.64 -23.97
CA GLY O 74 21.84 72.85 -23.70
C GLY O 74 22.16 73.67 -24.98
N GLY O 75 22.28 72.94 -26.15
CA GLY O 75 22.24 73.36 -27.55
C GLY O 75 23.60 73.92 -27.91
N GLU O 76 23.54 75.19 -28.38
CA GLU O 76 24.74 75.93 -28.67
C GLU O 76 24.41 77.27 -28.09
N TYR O 77 24.03 77.26 -26.83
CA TYR O 77 23.35 78.31 -26.06
C TYR O 77 23.77 78.09 -24.65
N TYR O 78 25.04 78.48 -24.38
CA TYR O 78 25.71 78.27 -23.14
C TYR O 78 26.14 79.64 -22.63
N VAL O 79 25.88 79.87 -21.32
CA VAL O 79 26.39 81.08 -20.66
C VAL O 79 27.14 80.68 -19.40
N ASN O 80 28.14 81.58 -19.00
CA ASN O 80 29.11 81.42 -17.91
C ASN O 80 28.56 81.96 -16.73
N ILE O 81 28.46 81.09 -15.68
CA ILE O 81 28.13 81.45 -14.34
C ILE O 81 29.37 81.39 -13.41
N SER O 82 29.64 82.56 -12.86
CA SER O 82 30.55 82.75 -11.75
C SER O 82 30.13 82.06 -10.50
N ARG O 83 31.18 81.45 -9.82
CA ARG O 83 31.15 80.84 -8.58
C ARG O 83 32.32 81.30 -7.79
N THR O 84 32.35 80.92 -6.50
CA THR O 84 33.26 81.49 -5.55
C THR O 84 34.30 80.38 -5.24
N SER O 85 34.35 79.33 -6.07
CA SER O 85 35.25 78.23 -5.82
C SER O 85 35.98 78.15 -7.12
N LEU O 86 35.94 79.24 -7.94
CA LEU O 86 36.55 79.32 -9.17
C LEU O 86 37.18 80.65 -9.12
N THR O 87 38.17 80.97 -10.04
CA THR O 87 38.58 82.29 -10.32
C THR O 87 37.78 83.01 -11.43
N ALA O 88 37.14 82.27 -12.39
CA ALA O 88 36.07 82.59 -13.33
C ALA O 88 36.81 83.08 -14.63
N ALA O 89 36.50 82.48 -15.81
CA ALA O 89 37.22 82.93 -16.93
C ALA O 89 36.37 82.70 -18.15
N GLY O 90 36.46 83.63 -19.10
CA GLY O 90 35.73 83.51 -20.30
C GLY O 90 36.64 83.31 -21.45
N ILE O 91 36.33 83.97 -22.61
CA ILE O 91 37.20 84.15 -23.83
C ILE O 91 38.43 84.77 -23.30
N ALA O 92 39.53 84.21 -23.68
CA ALA O 92 40.90 84.48 -23.28
C ALA O 92 41.23 84.12 -21.83
N ALA O 93 42.14 83.11 -21.67
CA ALA O 93 42.67 82.63 -20.46
C ALA O 93 41.67 81.88 -19.69
N GLY O 94 41.00 80.95 -20.42
CA GLY O 94 39.95 80.04 -19.91
C GLY O 94 40.42 79.25 -18.73
N ASP O 95 39.47 78.57 -17.98
CA ASP O 95 39.66 77.81 -16.73
C ASP O 95 38.51 76.88 -16.73
N GLU O 96 38.33 75.94 -15.70
CA GLU O 96 37.11 75.13 -15.75
C GLU O 96 36.05 75.97 -15.11
N ILE O 97 35.01 76.20 -15.97
CA ILE O 97 33.91 77.10 -15.70
C ILE O 97 32.75 76.16 -15.57
N THR O 98 31.85 76.36 -14.57
CA THR O 98 30.45 75.90 -14.59
C THR O 98 29.64 76.76 -15.53
N CYS O 99 28.78 76.15 -16.41
CA CYS O 99 27.90 76.86 -17.29
C CYS O 99 26.55 76.72 -16.82
N ASP O 100 25.59 77.38 -17.58
CA ASP O 100 24.17 77.27 -17.51
C ASP O 100 23.69 77.38 -18.91
N ALA O 101 22.36 77.61 -19.17
CA ALA O 101 21.78 77.41 -20.51
C ALA O 101 20.33 77.65 -20.13
N ASP O 102 19.69 78.62 -20.84
CA ASP O 102 18.27 78.72 -20.98
C ASP O 102 17.68 79.60 -19.92
N GLY O 103 16.95 80.67 -20.39
CA GLY O 103 16.37 81.76 -19.62
C GLY O 103 17.35 82.87 -19.23
N LYS O 104 18.42 83.09 -20.11
CA LYS O 104 19.50 84.04 -19.98
C LYS O 104 19.29 85.08 -20.98
N MET O 105 20.25 85.93 -21.25
CA MET O 105 20.14 86.88 -22.35
C MET O 105 20.31 86.27 -23.66
N ILE O 106 19.62 86.81 -24.71
CA ILE O 106 19.90 86.35 -26.04
C ILE O 106 20.24 87.46 -26.91
N LYS O 107 20.44 87.27 -28.25
CA LYS O 107 20.88 88.32 -29.16
C LYS O 107 19.84 88.43 -30.21
N PHE O 108 19.34 89.70 -30.50
CA PHE O 108 18.47 90.00 -31.64
C PHE O 108 19.11 90.95 -32.67
N THR O 109 18.44 91.09 -33.86
CA THR O 109 19.00 91.92 -34.92
C THR O 109 17.83 92.60 -35.52
N GLY O 110 16.62 92.30 -34.98
CA GLY O 110 15.31 92.66 -35.50
C GLY O 110 14.69 91.56 -36.17
N THR O 111 15.08 90.28 -35.92
CA THR O 111 14.53 89.06 -36.52
C THR O 111 14.08 88.35 -35.19
N GLY O 112 12.78 87.94 -35.12
CA GLY O 112 12.01 87.17 -34.19
C GLY O 112 11.71 87.96 -32.90
N LYS O 113 10.85 87.43 -31.97
CA LYS O 113 10.67 88.00 -30.66
C LYS O 113 10.51 86.75 -29.80
N ALA O 114 10.67 86.98 -28.43
CA ALA O 114 10.43 86.03 -27.39
C ALA O 114 11.18 84.68 -27.38
N LEU O 115 11.45 84.15 -26.16
CA LEU O 115 11.87 82.84 -25.76
C LEU O 115 13.20 82.48 -26.23
N GLY O 116 14.06 82.38 -25.22
CA GLY O 116 15.46 81.95 -25.34
C GLY O 116 15.40 80.44 -25.25
N VAL O 117 15.42 79.77 -26.36
CA VAL O 117 15.18 78.32 -26.50
C VAL O 117 16.19 77.93 -27.45
N VAL O 118 16.67 76.67 -27.35
CA VAL O 118 17.51 76.04 -28.26
C VAL O 118 16.88 75.78 -29.57
N THR O 119 17.52 76.34 -30.63
CA THR O 119 16.99 76.38 -32.01
C THR O 119 18.21 76.47 -32.83
N HIS O 120 18.01 76.25 -34.15
CA HIS O 120 18.98 75.99 -35.17
C HIS O 120 19.19 77.25 -35.96
N VAL O 121 18.68 78.38 -35.44
CA VAL O 121 18.89 79.69 -36.00
C VAL O 121 19.48 80.60 -34.93
N GLY O 122 20.67 81.26 -35.23
CA GLY O 122 21.53 81.97 -34.28
C GLY O 122 20.81 82.99 -33.45
N GLU O 123 20.06 83.84 -34.21
CA GLU O 123 19.20 84.94 -33.61
C GLU O 123 17.94 84.23 -33.11
N TYR O 124 17.80 84.10 -31.80
CA TYR O 124 17.06 83.17 -31.09
C TYR O 124 15.65 83.50 -31.09
N ARG O 125 14.79 82.58 -31.56
CA ARG O 125 13.34 82.91 -31.75
C ARG O 125 12.55 81.73 -31.20
N ALA O 126 11.29 81.95 -30.92
CA ALA O 126 10.41 80.95 -30.44
C ALA O 126 10.17 79.84 -31.46
N GLY O 127 10.04 78.59 -30.99
CA GLY O 127 9.53 77.55 -31.87
C GLY O 127 9.41 76.34 -31.05
N ASN O 128 9.96 76.37 -29.83
CA ASN O 128 9.61 75.36 -28.86
C ASN O 128 8.93 76.15 -27.79
N MET O 129 7.68 75.80 -27.37
CA MET O 129 6.89 76.61 -26.47
C MET O 129 6.94 75.95 -25.09
N TYR O 130 6.55 76.79 -24.10
CA TYR O 130 6.56 76.52 -22.74
C TYR O 130 8.00 76.53 -22.19
N GLU O 131 8.16 76.63 -20.78
CA GLU O 131 9.34 76.59 -19.89
C GLU O 131 10.13 75.33 -20.20
N LYS O 132 11.40 75.36 -19.80
CA LYS O 132 12.25 74.24 -19.90
C LYS O 132 13.46 74.44 -19.00
N ALA O 133 13.36 75.58 -18.24
CA ALA O 133 14.37 76.35 -17.58
C ALA O 133 14.05 77.82 -17.81
N THR O 134 13.64 78.15 -19.09
CA THR O 134 13.36 79.46 -19.52
C THR O 134 12.06 80.10 -18.97
N GLN O 135 12.23 81.29 -18.43
CA GLN O 135 11.12 82.01 -17.86
C GLN O 135 11.16 83.32 -18.54
N GLY O 136 11.94 83.57 -19.57
CA GLY O 136 12.16 84.86 -20.18
C GLY O 136 11.10 85.01 -21.27
N VAL O 137 10.74 86.32 -21.60
CA VAL O 137 9.86 86.72 -22.60
C VAL O 137 10.24 88.13 -22.95
N THR O 138 10.89 88.21 -24.13
CA THR O 138 11.25 89.43 -24.80
C THR O 138 10.24 89.84 -25.86
N ASP O 139 9.90 91.11 -25.95
CA ASP O 139 8.95 91.56 -26.96
C ASP O 139 9.62 92.67 -27.68
N THR O 140 10.93 92.86 -27.58
CA THR O 140 11.63 94.03 -28.07
C THR O 140 12.98 93.45 -28.59
N ASP O 141 13.51 94.17 -29.66
CA ASP O 141 14.69 93.67 -30.42
C ASP O 141 15.52 94.96 -30.55
N THR O 142 16.76 94.84 -31.03
CA THR O 142 17.71 95.94 -31.31
C THR O 142 18.46 95.38 -32.51
N PHE O 143 19.07 96.20 -33.39
CA PHE O 143 19.82 95.81 -34.60
C PHE O 143 21.11 95.42 -34.12
N ILE O 144 21.82 94.66 -34.98
CA ILE O 144 23.20 94.35 -34.94
C ILE O 144 23.66 93.64 -33.71
N GLY O 145 23.01 92.45 -33.36
CA GLY O 145 23.64 91.49 -32.52
C GLY O 145 23.76 91.93 -31.09
N PHE O 146 22.89 92.89 -30.71
CA PHE O 146 23.04 93.44 -29.41
C PHE O 146 22.22 92.63 -28.41
N ILE O 147 22.65 92.71 -27.14
CA ILE O 147 22.31 91.76 -26.13
C ILE O 147 21.16 92.30 -25.44
N MET O 148 20.00 91.50 -25.45
CA MET O 148 18.75 91.95 -24.90
C MET O 148 18.52 91.13 -23.60
N TYR O 149 17.95 91.80 -22.57
CA TYR O 149 17.54 91.24 -21.27
C TYR O 149 16.14 90.66 -21.29
N VAL O 150 16.06 89.37 -20.91
CA VAL O 150 14.83 88.66 -20.73
C VAL O 150 14.21 89.02 -19.29
N PRO P 1 82.88 27.19 -34.30
CA PRO P 1 82.54 28.00 -33.09
C PRO P 1 83.04 27.29 -31.85
N TYR P 2 83.45 28.11 -30.84
CA TYR P 2 83.84 27.56 -29.50
C TYR P 2 82.87 28.14 -28.49
N VAL P 3 81.91 28.99 -28.95
CA VAL P 3 80.99 29.65 -28.10
C VAL P 3 80.06 28.69 -27.43
N ARG P 4 79.67 29.06 -26.21
CA ARG P 4 78.61 28.47 -25.42
C ARG P 4 79.20 27.78 -24.20
N LEU P 5 80.44 28.22 -23.97
CA LEU P 5 81.33 27.91 -22.87
C LEU P 5 80.57 28.26 -21.58
N GLY P 6 80.91 27.56 -20.47
CA GLY P 6 80.23 27.73 -19.22
C GLY P 6 78.80 27.23 -19.35
N TYR P 7 78.04 27.19 -18.19
CA TYR P 7 76.91 26.30 -17.94
C TYR P 7 75.71 27.08 -18.36
N GLU P 8 75.29 26.84 -19.65
CA GLU P 8 74.29 27.57 -20.43
C GLU P 8 73.30 26.41 -20.90
N GLY P 9 71.98 26.61 -20.72
CA GLY P 9 70.86 25.85 -21.22
C GLY P 9 69.94 26.88 -21.81
N ILE P 10 70.21 28.23 -21.55
CA ILE P 10 69.33 29.36 -21.86
C ILE P 10 69.75 29.99 -23.20
N LEU P 11 70.97 29.71 -23.66
CA LEU P 11 71.43 30.20 -24.96
C LEU P 11 71.75 28.92 -25.76
N ASN P 12 71.79 27.74 -25.13
CA ASN P 12 72.07 26.46 -25.75
C ASN P 12 70.74 25.95 -26.17
N GLY P 13 70.63 25.12 -27.25
CA GLY P 13 69.38 24.69 -27.84
C GLY P 13 68.77 25.87 -28.54
N ALA P 14 67.65 25.64 -29.23
CA ALA P 14 66.88 26.70 -29.92
C ALA P 14 65.84 27.10 -28.96
N HIS P 15 65.52 26.21 -28.04
CA HIS P 15 64.61 26.32 -26.94
C HIS P 15 65.31 25.84 -25.71
N ASP P 16 64.82 26.32 -24.58
CA ASP P 16 65.35 25.98 -23.26
C ASP P 16 65.53 24.53 -23.08
N ILE P 17 66.69 24.14 -22.47
CA ILE P 17 66.91 22.79 -22.05
C ILE P 17 66.61 22.70 -20.57
N ASP P 18 66.68 23.91 -19.90
CA ASP P 18 66.41 24.07 -18.49
C ASP P 18 66.80 25.53 -18.16
N VAL P 19 66.15 26.11 -17.13
CA VAL P 19 66.41 27.52 -16.86
C VAL P 19 66.60 27.60 -15.41
N ALA P 20 66.28 26.50 -14.68
CA ALA P 20 66.46 26.55 -13.22
C ALA P 20 67.26 25.36 -12.82
N GLY P 21 67.59 24.45 -13.81
CA GLY P 21 68.27 23.26 -13.68
C GLY P 21 69.70 23.53 -13.45
N LEU P 22 70.45 22.47 -13.53
CA LEU P 22 71.88 22.48 -13.49
C LEU P 22 72.31 21.10 -13.75
N ASN P 23 73.42 20.95 -14.54
CA ASN P 23 74.24 19.84 -14.52
C ASN P 23 75.64 20.24 -14.77
N GLY P 24 76.65 19.53 -14.14
CA GLY P 24 78.05 19.70 -14.49
C GLY P 24 78.60 19.08 -15.69
N VAL P 25 79.93 18.83 -15.66
CA VAL P 25 80.69 18.19 -16.72
C VAL P 25 80.66 16.61 -16.32
N GLU P 26 79.90 16.27 -15.23
CA GLU P 26 79.63 14.98 -14.68
C GLU P 26 78.75 14.23 -15.70
N GLN P 27 79.18 13.00 -16.13
CA GLN P 27 78.43 12.23 -17.11
C GLN P 27 77.73 11.29 -16.19
N LEU P 28 76.43 11.47 -16.09
CA LEU P 28 75.55 10.43 -15.56
C LEU P 28 74.83 9.86 -16.79
N ALA P 29 75.35 10.12 -17.97
CA ALA P 29 74.76 9.67 -19.27
C ALA P 29 75.62 10.29 -20.25
N GLY P 30 76.29 9.51 -21.03
CA GLY P 30 77.15 9.99 -22.10
C GLY P 30 76.49 10.00 -23.56
N LYS P 31 75.15 9.80 -23.63
CA LYS P 31 74.38 9.60 -24.82
C LYS P 31 74.26 10.89 -25.66
N PHE P 32 74.08 10.78 -27.05
CA PHE P 32 74.11 11.95 -27.95
C PHE P 32 72.70 12.32 -28.22
N ALA P 33 72.52 13.57 -28.72
CA ALA P 33 71.33 14.07 -29.32
C ALA P 33 71.45 14.10 -30.75
N THR P 34 70.45 13.40 -31.35
CA THR P 34 70.12 13.17 -32.68
C THR P 34 68.85 13.83 -33.00
N ILE P 35 68.47 14.74 -32.04
CA ILE P 35 67.41 15.73 -32.04
C ILE P 35 68.17 17.02 -32.07
N GLY P 36 67.66 17.93 -32.98
CA GLY P 36 68.21 19.29 -33.20
C GLY P 36 69.40 19.06 -34.15
N ALA P 37 69.31 19.67 -35.40
CA ALA P 37 70.25 19.63 -36.47
C ALA P 37 71.33 20.67 -36.10
N ASN P 38 72.58 20.40 -36.62
CA ASN P 38 73.71 21.24 -36.63
C ASN P 38 74.09 21.06 -38.01
N GLY P 39 74.75 22.07 -38.58
CA GLY P 39 75.38 21.99 -39.91
C GLY P 39 74.77 23.18 -40.66
N VAL P 40 73.89 23.90 -39.89
CA VAL P 40 73.20 25.13 -40.39
C VAL P 40 72.94 25.94 -39.13
N LYS P 41 73.59 25.48 -38.00
CA LYS P 41 73.55 26.22 -36.75
C LYS P 41 74.96 26.41 -36.16
N LEU P 42 75.08 27.30 -35.12
CA LEU P 42 76.15 27.48 -34.17
C LEU P 42 76.41 26.15 -33.42
N ALA P 43 77.61 26.03 -32.88
CA ALA P 43 77.95 24.81 -32.11
C ALA P 43 77.74 25.09 -30.63
N GLY P 44 77.13 26.26 -30.26
CA GLY P 44 76.59 26.56 -28.95
C GLY P 44 75.12 26.13 -28.87
N ASP P 45 74.45 26.09 -30.03
CA ASP P 45 73.11 25.61 -30.25
C ASP P 45 73.15 24.12 -30.50
N ASN P 46 71.99 23.46 -30.27
CA ASN P 46 71.85 22.08 -30.57
C ASN P 46 70.68 22.14 -31.64
N GLY P 47 69.66 22.97 -31.29
CA GLY P 47 68.58 23.30 -32.15
C GLY P 47 67.42 22.51 -31.82
N THR P 48 67.39 22.01 -30.56
CA THR P 48 66.41 21.13 -30.00
C THR P 48 64.97 21.65 -30.00
N ASN P 49 64.08 20.87 -30.54
CA ASN P 49 62.64 21.17 -30.70
C ASN P 49 61.92 20.43 -29.61
N ALA P 50 62.59 19.53 -28.81
CA ALA P 50 62.09 18.98 -27.58
C ALA P 50 63.27 18.36 -26.79
N VAL P 51 63.16 18.58 -25.49
CA VAL P 51 64.16 18.27 -24.48
C VAL P 51 63.45 17.37 -23.40
N GLY P 52 62.12 17.16 -23.64
CA GLY P 52 61.27 16.44 -22.79
C GLY P 52 61.51 14.96 -22.84
N LEU P 53 60.46 14.16 -22.84
CA LEU P 53 60.49 12.74 -23.01
C LEU P 53 61.06 12.28 -24.28
N PHE P 54 61.81 11.24 -24.26
CA PHE P 54 62.65 10.73 -25.39
C PHE P 54 62.43 9.27 -25.53
N ARG P 55 62.88 8.76 -26.70
CA ARG P 55 62.91 7.40 -27.05
C ARG P 55 64.14 7.21 -27.88
N GLU P 56 64.74 6.10 -27.57
CA GLU P 56 66.03 5.58 -28.04
C GLU P 56 65.95 5.08 -29.47
N ASP P 57 67.01 5.33 -30.34
CA ASP P 57 67.14 4.83 -31.70
C ASP P 57 68.05 3.61 -31.54
N LEU P 58 68.42 2.97 -32.71
CA LEU P 58 69.40 1.95 -32.87
C LEU P 58 70.80 2.54 -32.70
N GLY P 59 71.71 1.99 -31.89
CA GLY P 59 72.76 2.76 -31.36
C GLY P 59 72.32 3.37 -30.09
N ASP P 60 73.12 4.34 -29.58
CA ASP P 60 73.00 4.84 -28.16
C ASP P 60 72.82 6.34 -28.17
N MET P 61 71.66 6.69 -28.81
CA MET P 61 71.31 8.08 -28.97
C MET P 61 69.86 8.24 -28.70
N VAL P 62 69.55 9.36 -28.19
CA VAL P 62 68.21 9.68 -27.78
C VAL P 62 67.74 10.83 -28.71
N ASN P 63 66.40 10.89 -28.97
CA ASN P 63 65.92 12.03 -29.72
C ASN P 63 64.52 12.06 -29.33
N ALA P 64 63.77 13.04 -30.00
CA ALA P 64 62.37 13.33 -29.77
C ALA P 64 61.54 12.29 -30.42
N SER P 65 60.25 12.06 -29.82
CA SER P 65 59.24 11.19 -30.33
C SER P 65 58.61 11.86 -31.47
N GLU P 66 58.70 11.21 -32.64
CA GLU P 66 58.11 11.64 -33.90
C GLU P 66 57.02 10.62 -34.11
N LYS P 67 55.89 10.93 -33.52
CA LYS P 67 54.83 9.86 -33.36
C LYS P 67 53.66 10.60 -33.84
N ALA P 68 52.70 9.89 -34.41
CA ALA P 68 51.43 10.41 -34.89
C ALA P 68 50.31 10.48 -33.84
N SER P 69 49.06 10.38 -34.27
CA SER P 69 47.82 10.50 -33.58
C SER P 69 47.31 9.08 -33.26
N PHE P 70 48.11 7.99 -33.48
CA PHE P 70 47.79 6.60 -33.32
C PHE P 70 49.06 5.84 -33.20
N TYR P 71 50.07 6.54 -32.60
CA TYR P 71 51.40 6.05 -32.24
C TYR P 71 51.82 6.87 -31.09
N PHE P 72 52.76 6.27 -30.27
CA PHE P 72 53.22 6.86 -29.11
C PHE P 72 54.33 5.98 -28.68
N ARG P 73 55.34 6.70 -28.05
CA ARG P 73 56.40 6.18 -27.22
C ARG P 73 55.87 5.38 -26.05
N GLY P 74 56.60 4.28 -25.66
CA GLY P 74 56.23 3.45 -24.52
C GLY P 74 57.01 4.01 -23.36
N GLY P 75 58.09 3.29 -22.95
CA GLY P 75 58.84 3.63 -21.78
C GLY P 75 59.95 4.69 -22.12
N GLU P 76 61.18 4.47 -21.50
CA GLU P 76 62.35 5.20 -21.90
C GLU P 76 62.22 6.65 -21.56
N TYR P 77 61.78 6.92 -20.30
CA TYR P 77 61.41 8.21 -19.89
C TYR P 77 62.77 8.84 -19.48
N TYR P 78 63.16 9.96 -20.12
CA TYR P 78 64.35 10.73 -19.77
C TYR P 78 63.91 12.06 -20.01
N VAL P 79 64.45 12.95 -19.17
CA VAL P 79 64.32 14.35 -19.50
C VAL P 79 65.75 14.96 -19.61
N ASN P 80 65.99 16.00 -20.41
CA ASN P 80 67.26 16.48 -20.79
C ASN P 80 67.52 17.52 -19.84
N ILE P 81 68.70 17.46 -19.21
CA ILE P 81 68.96 18.46 -18.16
C ILE P 81 70.49 18.92 -18.31
N SER P 82 71.07 18.67 -19.47
CA SER P 82 72.44 19.02 -19.67
C SER P 82 72.71 20.52 -19.59
N ARG P 83 73.90 20.99 -19.15
CA ARG P 83 74.27 22.45 -19.34
C ARG P 83 75.42 22.60 -20.31
N THR P 84 76.65 22.31 -19.92
CA THR P 84 77.66 21.75 -20.85
C THR P 84 78.02 20.44 -20.19
N SER P 85 78.00 19.31 -20.92
CA SER P 85 78.25 17.96 -20.47
C SER P 85 79.45 17.33 -21.16
N LEU P 86 80.63 17.87 -20.88
CA LEU P 86 81.93 17.38 -21.06
C LEU P 86 82.42 17.64 -22.46
N THR P 87 82.40 18.99 -22.75
CA THR P 87 82.73 19.65 -23.99
C THR P 87 83.62 20.86 -23.64
N ALA P 88 84.06 21.56 -24.70
CA ALA P 88 85.10 22.62 -24.67
C ALA P 88 84.86 23.42 -25.91
N ALA P 89 83.61 23.60 -26.32
CA ALA P 89 83.20 24.34 -27.43
C ALA P 89 81.74 24.59 -27.26
N GLY P 90 81.10 24.17 -26.08
CA GLY P 90 79.69 24.21 -25.87
C GLY P 90 78.98 23.09 -26.58
N ILE P 91 78.09 22.34 -25.84
CA ILE P 91 77.37 21.19 -26.39
C ILE P 91 76.55 21.56 -27.55
N ALA P 92 76.69 20.60 -28.51
CA ALA P 92 75.98 20.61 -29.79
C ALA P 92 75.55 19.22 -29.96
N ALA P 93 74.53 19.03 -30.79
CA ALA P 93 73.91 17.73 -31.00
C ALA P 93 74.80 16.90 -31.86
N GLY P 94 75.11 15.69 -31.28
CA GLY P 94 76.12 14.78 -31.76
C GLY P 94 77.25 14.75 -30.81
N ASP P 95 77.26 15.70 -29.88
CA ASP P 95 78.17 15.73 -28.73
C ASP P 95 77.40 15.34 -27.49
N GLU P 96 78.12 15.04 -26.38
CA GLU P 96 77.63 14.39 -25.19
C GLU P 96 76.55 15.25 -24.52
N ILE P 97 75.39 14.58 -24.00
CA ILE P 97 74.49 15.18 -23.10
C ILE P 97 74.31 14.25 -21.98
N THR P 98 74.12 14.87 -20.80
CA THR P 98 73.76 14.20 -19.61
C THR P 98 72.29 14.41 -19.40
N CYS P 99 71.55 13.28 -19.31
CA CYS P 99 70.04 13.20 -19.13
C CYS P 99 69.85 12.68 -17.73
N ASP P 100 68.57 12.76 -17.22
CA ASP P 100 68.09 12.36 -15.87
C ASP P 100 66.78 11.76 -16.22
N ALA P 101 65.79 11.56 -15.31
CA ALA P 101 64.49 11.04 -15.61
C ALA P 101 63.46 11.66 -14.74
N ASP P 102 63.72 12.93 -14.44
CA ASP P 102 62.98 13.61 -13.38
C ASP P 102 63.29 15.08 -13.57
N GLY P 103 64.25 15.40 -14.47
CA GLY P 103 64.62 16.69 -14.89
C GLY P 103 63.48 17.45 -15.60
N LYS P 104 63.95 18.55 -16.27
CA LYS P 104 63.12 19.54 -16.64
C LYS P 104 63.75 20.05 -17.84
N MET P 105 63.09 20.75 -18.74
CA MET P 105 61.65 20.95 -18.74
C MET P 105 60.99 19.83 -19.50
N ILE P 106 59.65 19.81 -19.46
CA ILE P 106 58.71 18.99 -20.22
C ILE P 106 57.90 19.97 -21.10
N LYS P 107 58.13 19.91 -22.41
CA LYS P 107 57.55 20.81 -23.39
C LYS P 107 56.07 20.53 -23.49
N PHE P 108 55.29 21.59 -23.71
CA PHE P 108 53.94 21.40 -23.90
C PHE P 108 53.56 22.71 -24.61
N THR P 109 52.55 22.60 -25.50
CA THR P 109 51.86 23.62 -26.17
C THR P 109 50.52 23.66 -25.49
N GLY P 110 49.60 22.78 -25.97
CA GLY P 110 48.26 22.80 -25.55
C GLY P 110 47.64 24.17 -25.44
N THR P 111 46.95 24.42 -24.36
CA THR P 111 46.64 25.69 -23.78
C THR P 111 47.35 25.89 -22.49
N GLY P 112 48.23 24.92 -22.11
CA GLY P 112 49.03 24.96 -20.95
C GLY P 112 48.35 24.78 -19.61
N LYS P 113 49.15 25.05 -18.54
CA LYS P 113 48.77 24.84 -17.14
C LYS P 113 48.19 23.43 -16.78
N ALA P 114 48.81 22.40 -17.45
CA ALA P 114 48.18 21.10 -17.38
C ALA P 114 49.31 20.17 -17.66
N LEU P 115 49.12 18.83 -17.56
CA LEU P 115 50.17 17.89 -17.86
C LEU P 115 50.39 17.85 -19.35
N GLY P 116 51.56 17.42 -19.85
CA GLY P 116 51.75 17.26 -21.28
C GLY P 116 52.67 16.06 -21.44
N VAL P 117 52.55 15.47 -22.65
CA VAL P 117 53.44 14.39 -22.98
C VAL P 117 54.09 14.91 -24.24
N VAL P 118 54.96 14.09 -24.85
CA VAL P 118 55.64 14.48 -26.09
C VAL P 118 55.18 13.39 -27.08
N THR P 119 54.82 13.83 -28.28
CA THR P 119 54.43 13.10 -29.45
C THR P 119 54.93 13.96 -30.58
N HIS P 120 55.92 14.87 -30.31
CA HIS P 120 56.30 16.05 -31.13
C HIS P 120 56.68 15.83 -32.62
N VAL P 121 55.63 16.07 -33.44
CA VAL P 121 55.67 16.17 -34.88
C VAL P 121 55.07 17.58 -35.13
N GLY P 122 54.86 18.44 -34.08
CA GLY P 122 54.00 19.64 -34.01
C GLY P 122 52.77 19.35 -33.25
N GLU P 123 52.54 18.03 -32.96
CA GLU P 123 51.43 17.53 -32.20
C GLU P 123 51.82 17.43 -30.74
N TYR P 124 51.11 18.18 -29.88
CA TYR P 124 51.17 18.07 -28.48
C TYR P 124 49.82 17.62 -28.06
N ARG P 125 49.75 16.76 -27.01
CA ARG P 125 48.54 16.47 -26.35
C ARG P 125 48.84 16.34 -24.89
N ALA P 126 47.78 16.36 -24.04
CA ALA P 126 47.93 16.37 -22.63
C ALA P 126 48.24 15.03 -22.10
N GLY P 127 48.52 15.01 -20.79
CA GLY P 127 48.62 13.83 -19.96
C GLY P 127 47.28 13.31 -19.48
N ASN P 128 47.33 12.07 -18.90
CA ASN P 128 46.27 11.47 -18.16
C ASN P 128 47.11 10.78 -17.14
N MET P 129 46.93 9.41 -16.92
CA MET P 129 47.46 8.64 -15.80
C MET P 129 47.00 7.24 -15.94
N TYR P 130 46.19 6.99 -16.99
CA TYR P 130 45.94 5.64 -17.38
C TYR P 130 45.88 5.61 -18.88
N GLU P 131 45.79 6.73 -19.59
CA GLU P 131 45.67 6.74 -21.07
C GLU P 131 46.98 7.05 -21.70
N LYS P 132 47.73 7.97 -21.08
CA LYS P 132 48.94 8.55 -21.55
C LYS P 132 49.74 8.71 -20.33
N ALA P 133 51.04 9.02 -20.56
CA ALA P 133 51.98 8.90 -19.50
C ALA P 133 51.75 9.71 -18.24
N THR P 134 52.12 9.18 -17.05
CA THR P 134 51.86 9.75 -15.75
C THR P 134 53.07 10.74 -15.43
N GLN P 135 52.90 12.08 -15.65
CA GLN P 135 53.90 13.10 -15.42
C GLN P 135 54.03 13.32 -13.93
N GLY P 136 53.00 13.04 -13.11
CA GLY P 136 53.12 13.00 -11.67
C GLY P 136 52.35 14.10 -11.07
N VAL P 137 51.64 14.93 -11.97
CA VAL P 137 50.95 16.12 -11.65
C VAL P 137 51.97 17.24 -11.75
N THR P 138 51.85 18.14 -12.76
CA THR P 138 52.65 19.28 -12.89
C THR P 138 51.87 20.21 -13.80
N ASP P 139 52.34 21.44 -13.82
CA ASP P 139 51.79 22.54 -14.60
C ASP P 139 53.03 22.84 -15.48
N THR P 140 52.87 22.93 -16.83
CA THR P 140 53.76 23.12 -17.86
C THR P 140 53.06 24.10 -18.74
N ASP P 141 53.80 25.21 -19.00
CA ASP P 141 53.26 26.40 -19.66
C ASP P 141 52.86 26.22 -21.13
N THR P 142 52.18 27.26 -21.77
CA THR P 142 51.59 27.26 -23.14
C THR P 142 52.67 27.75 -24.06
N PHE P 143 52.77 27.08 -25.18
CA PHE P 143 53.64 27.38 -26.22
C PHE P 143 55.10 27.19 -25.80
N ILE P 144 55.84 26.33 -26.66
CA ILE P 144 57.15 25.90 -26.41
C ILE P 144 58.12 27.05 -26.75
N GLY P 145 59.10 27.21 -25.86
CA GLY P 145 60.08 28.28 -25.97
C GLY P 145 60.27 28.79 -24.58
N PHE P 146 59.21 28.65 -23.69
CA PHE P 146 59.34 29.12 -22.36
C PHE P 146 58.34 28.21 -21.62
N ILE P 147 58.85 27.46 -20.66
CA ILE P 147 58.13 26.49 -19.93
C ILE P 147 58.64 26.62 -18.51
N MET P 148 57.69 26.91 -17.59
CA MET P 148 58.10 26.80 -16.19
C MET P 148 57.41 25.59 -15.71
N TYR P 149 58.22 24.73 -15.08
CA TYR P 149 57.84 23.36 -14.75
C TYR P 149 57.67 23.39 -13.20
N VAL P 150 56.74 22.69 -12.63
CA VAL P 150 56.55 22.74 -11.14
C VAL P 150 57.35 21.65 -10.45
N PRO Q 1 69.31 2.86 -13.23
CA PRO Q 1 69.75 1.41 -13.30
C PRO Q 1 71.21 1.52 -13.32
N TYR Q 2 71.93 0.38 -13.07
CA TYR Q 2 73.36 0.23 -13.15
C TYR Q 2 73.77 -0.16 -11.71
N VAL Q 3 72.88 -0.84 -10.94
CA VAL Q 3 73.31 -1.33 -9.59
C VAL Q 3 73.02 -2.78 -9.58
N ARG Q 4 73.89 -3.65 -9.01
CA ARG Q 4 73.74 -5.06 -9.19
C ARG Q 4 72.99 -5.55 -7.91
N LEU Q 5 71.81 -6.15 -8.14
CA LEU Q 5 70.86 -6.46 -7.11
C LEU Q 5 69.65 -7.29 -7.57
N GLY Q 6 69.78 -7.61 -8.92
CA GLY Q 6 68.69 -8.36 -9.57
C GLY Q 6 68.42 -9.69 -8.98
N TYR Q 7 67.24 -10.24 -9.35
CA TYR Q 7 66.80 -11.51 -8.98
C TYR Q 7 65.43 -11.15 -8.39
N GLU Q 8 64.42 -11.92 -8.83
CA GLU Q 8 63.06 -11.89 -8.33
C GLU Q 8 62.26 -11.59 -9.50
N GLY Q 9 60.91 -12.00 -9.41
CA GLY Q 9 59.87 -11.65 -10.23
C GLY Q 9 59.35 -10.23 -10.02
N ILE Q 10 59.44 -9.68 -8.77
CA ILE Q 10 59.17 -8.30 -8.52
C ILE Q 10 60.01 -7.93 -7.36
N LEU Q 11 61.04 -7.05 -7.57
CA LEU Q 11 61.85 -6.42 -6.57
C LEU Q 11 61.22 -5.11 -6.39
N ASN Q 12 61.40 -4.52 -5.17
CA ASN Q 12 60.77 -3.26 -4.70
C ASN Q 12 61.86 -2.20 -4.68
N GLY Q 13 63.08 -2.64 -5.18
CA GLY Q 13 64.22 -1.84 -5.11
C GLY Q 13 64.13 -0.67 -6.10
N ALA Q 14 65.24 0.02 -6.32
CA ALA Q 14 65.33 1.23 -7.04
C ALA Q 14 65.82 0.95 -8.40
N HIS Q 15 65.00 1.45 -9.36
CA HIS Q 15 65.19 1.34 -10.84
C HIS Q 15 64.66 -0.04 -11.30
N ASP Q 16 63.91 -0.69 -10.40
CA ASP Q 16 63.29 -1.97 -10.66
C ASP Q 16 61.84 -1.72 -10.61
N ILE Q 17 61.40 -0.57 -10.05
CA ILE Q 17 60.01 -0.18 -10.02
C ILE Q 17 60.10 1.30 -10.08
N ASP Q 18 59.11 1.82 -10.81
CA ASP Q 18 59.11 3.14 -11.26
C ASP Q 18 57.89 3.79 -10.60
N VAL Q 19 56.65 3.63 -11.22
CA VAL Q 19 55.48 4.32 -10.83
C VAL Q 19 55.67 5.85 -11.02
N ALA Q 20 56.11 6.22 -12.25
CA ALA Q 20 56.25 7.58 -12.68
C ALA Q 20 57.66 7.79 -12.69
N GLY Q 21 58.25 8.12 -13.90
CA GLY Q 21 59.61 8.46 -13.99
C GLY Q 21 60.61 7.35 -13.65
N LEU Q 22 61.91 7.73 -13.66
CA LEU Q 22 63.00 6.81 -13.20
C LEU Q 22 63.39 5.80 -14.27
N ASN Q 23 63.74 6.23 -15.51
CA ASN Q 23 64.09 5.48 -16.73
C ASN Q 23 62.97 4.50 -17.19
N GLY Q 24 61.81 5.08 -17.55
CA GLY Q 24 60.56 4.38 -17.77
C GLY Q 24 59.46 5.07 -17.06
N VAL Q 25 58.18 4.69 -17.38
CA VAL Q 25 56.90 5.27 -16.89
C VAL Q 25 56.01 4.08 -16.45
N GLU Q 26 55.16 4.25 -15.41
CA GLU Q 26 54.13 3.34 -15.09
C GLU Q 26 52.88 4.11 -14.80
N GLN Q 27 51.75 3.61 -15.37
CA GLN Q 27 50.46 4.12 -15.03
C GLN Q 27 50.00 3.60 -13.68
N LEU Q 28 48.91 4.21 -13.23
CA LEU Q 28 48.38 4.00 -11.87
C LEU Q 28 47.25 3.00 -11.99
N ALA Q 29 47.18 2.19 -13.12
CA ALA Q 29 46.22 1.10 -13.25
C ALA Q 29 46.59 0.17 -14.37
N GLY Q 30 47.71 0.46 -15.02
CA GLY Q 30 48.19 -0.13 -16.26
C GLY Q 30 47.37 0.22 -17.52
N LYS Q 31 47.88 -0.29 -18.64
CA LYS Q 31 47.08 -0.41 -19.87
C LYS Q 31 47.21 -1.89 -20.21
N PHE Q 32 46.16 -2.45 -20.97
CA PHE Q 32 46.15 -3.94 -21.26
C PHE Q 32 46.84 -4.06 -22.57
N ALA Q 33 47.45 -5.27 -22.76
CA ALA Q 33 48.30 -5.66 -23.85
C ALA Q 33 47.38 -6.35 -24.73
N THR Q 34 47.40 -6.04 -26.06
CA THR Q 34 46.70 -6.76 -27.07
C THR Q 34 47.81 -7.65 -27.74
N ILE Q 35 49.10 -7.51 -27.45
CA ILE Q 35 50.09 -8.44 -27.86
C ILE Q 35 50.75 -8.81 -26.52
N GLY Q 36 50.78 -10.16 -26.21
CA GLY Q 36 51.66 -10.74 -25.28
C GLY Q 36 50.76 -11.16 -24.23
N ALA Q 37 51.22 -11.42 -23.05
CA ALA Q 37 50.42 -12.01 -21.96
C ALA Q 37 49.61 -10.90 -21.38
N ASN Q 38 48.22 -11.18 -21.27
CA ASN Q 38 47.23 -10.28 -20.81
C ASN Q 38 46.05 -11.14 -20.80
N GLY Q 39 45.68 -11.60 -19.57
CA GLY Q 39 44.88 -12.77 -19.35
C GLY Q 39 45.74 -13.95 -19.37
N VAL Q 40 45.21 -15.11 -18.94
CA VAL Q 40 46.06 -16.26 -18.78
C VAL Q 40 45.97 -17.15 -20.00
N LYS Q 41 47.18 -17.31 -20.63
CA LYS Q 41 47.33 -18.27 -21.71
C LYS Q 41 47.77 -19.50 -21.06
N LEU Q 42 47.27 -20.63 -21.67
CA LEU Q 42 47.55 -21.99 -21.27
C LEU Q 42 48.26 -22.74 -22.41
N ALA Q 43 48.51 -22.00 -23.51
CA ALA Q 43 49.30 -22.36 -24.63
C ALA Q 43 49.47 -21.19 -25.52
N GLY Q 44 50.20 -21.37 -26.58
CA GLY Q 44 50.45 -20.37 -27.59
C GLY Q 44 51.71 -19.56 -27.33
N ASP Q 45 52.28 -19.05 -28.41
CA ASP Q 45 53.46 -18.28 -28.56
C ASP Q 45 53.04 -16.81 -28.67
N ASN Q 46 51.74 -16.44 -28.94
CA ASN Q 46 51.14 -15.07 -28.72
C ASN Q 46 51.65 -14.07 -29.76
N GLY Q 47 51.99 -14.58 -30.95
CA GLY Q 47 52.78 -13.79 -31.91
C GLY Q 47 54.19 -13.73 -31.44
N THR Q 48 54.96 -13.00 -32.27
CA THR Q 48 56.31 -12.50 -32.08
C THR Q 48 56.41 -11.67 -30.79
N ASN Q 49 57.53 -11.79 -30.09
CA ASN Q 49 57.91 -11.15 -28.82
C ASN Q 49 57.54 -12.04 -27.68
N ALA Q 50 58.54 -12.28 -26.83
CA ALA Q 50 58.49 -12.98 -25.60
C ALA Q 50 59.75 -12.59 -24.85
N VAL Q 51 60.48 -11.53 -25.24
CA VAL Q 51 61.77 -11.21 -24.58
C VAL Q 51 61.69 -9.76 -24.10
N GLY Q 52 60.43 -9.25 -23.89
CA GLY Q 52 60.25 -7.81 -23.69
C GLY Q 52 60.21 -7.07 -24.97
N LEU Q 53 60.32 -5.73 -24.92
CA LEU Q 53 60.54 -4.94 -26.12
C LEU Q 53 59.18 -4.68 -26.65
N PHE Q 54 58.39 -3.79 -25.93
CA PHE Q 54 57.05 -3.46 -26.28
C PHE Q 54 57.02 -1.95 -26.30
N ARG Q 55 55.97 -1.30 -26.73
CA ARG Q 55 55.71 0.19 -26.57
C ARG Q 55 54.29 0.27 -26.29
N GLU Q 56 54.00 1.11 -25.24
CA GLU Q 56 52.66 1.49 -24.92
C GLU Q 56 52.20 2.46 -25.92
N ASP Q 57 50.97 2.30 -26.41
CA ASP Q 57 50.25 3.17 -27.33
C ASP Q 57 49.04 3.73 -26.70
N LEU Q 58 48.39 4.60 -27.47
CA LEU Q 58 47.37 5.60 -26.93
C LEU Q 58 46.15 4.81 -26.45
N GLY Q 59 45.38 5.41 -25.47
CA GLY Q 59 44.35 4.75 -24.72
C GLY Q 59 44.90 3.63 -23.97
N ASP Q 60 44.15 2.54 -23.83
CA ASP Q 60 44.56 1.38 -23.09
C ASP Q 60 45.07 0.31 -24.00
N MET Q 61 46.19 0.60 -24.68
CA MET Q 61 46.72 -0.31 -25.70
C MET Q 61 48.20 -0.36 -25.37
N VAL Q 62 48.87 -1.59 -25.50
CA VAL Q 62 50.23 -1.81 -25.52
C VAL Q 62 50.31 -2.53 -26.84
N ASN Q 63 51.50 -2.50 -27.54
CA ASN Q 63 51.57 -2.97 -28.93
C ASN Q 63 53.00 -3.37 -29.14
N ALA Q 64 53.33 -3.84 -30.38
CA ALA Q 64 54.66 -4.29 -30.78
C ALA Q 64 55.76 -3.21 -30.88
N SER Q 65 57.03 -3.61 -30.73
CA SER Q 65 58.20 -2.84 -31.02
C SER Q 65 59.27 -3.86 -31.16
N GLU Q 66 60.23 -3.48 -32.01
CA GLU Q 66 61.26 -4.37 -32.43
C GLU Q 66 62.28 -3.50 -33.10
N LYS Q 67 63.44 -4.18 -33.29
CA LYS Q 67 64.74 -3.80 -33.90
C LYS Q 67 64.89 -4.29 -35.24
N ALA Q 68 65.30 -3.37 -36.20
CA ALA Q 68 65.65 -3.66 -37.60
C ALA Q 68 66.82 -4.65 -37.73
N SER Q 69 66.83 -5.44 -38.86
CA SER Q 69 67.82 -6.49 -39.30
C SER Q 69 69.21 -6.00 -39.47
N PHE Q 70 70.02 -6.61 -38.65
CA PHE Q 70 71.47 -6.38 -38.67
C PHE Q 70 71.89 -5.31 -37.68
N TYR Q 71 71.17 -5.14 -36.53
CA TYR Q 71 71.37 -4.01 -35.62
C TYR Q 71 70.88 -4.48 -34.27
N PHE Q 72 71.31 -3.72 -33.23
CA PHE Q 72 70.96 -3.95 -31.93
C PHE Q 72 71.16 -2.61 -31.32
N ARG Q 73 70.36 -2.24 -30.36
CA ARG Q 73 70.49 -1.02 -29.69
C ARG Q 73 71.72 -0.96 -28.83
N GLY Q 74 72.49 0.21 -28.82
CA GLY Q 74 73.64 0.33 -27.97
C GLY Q 74 73.08 0.97 -26.71
N GLY Q 75 71.95 1.68 -26.92
CA GLY Q 75 71.14 2.21 -25.89
C GLY Q 75 70.34 1.18 -25.11
N GLU Q 76 69.33 1.62 -24.33
CA GLU Q 76 68.56 0.78 -23.52
C GLU Q 76 67.37 0.46 -24.34
N TYR Q 77 67.13 -0.92 -24.47
CA TYR Q 77 66.01 -1.37 -25.22
C TYR Q 77 64.83 -1.52 -24.28
N TYR Q 78 63.57 -1.41 -24.81
CA TYR Q 78 62.37 -1.53 -23.99
C TYR Q 78 62.31 -2.91 -23.30
N VAL Q 79 61.84 -2.99 -22.06
CA VAL Q 79 61.41 -4.21 -21.49
C VAL Q 79 60.11 -3.81 -20.75
N ASN Q 80 59.22 -4.80 -20.41
CA ASN Q 80 58.16 -4.65 -19.51
C ASN Q 80 58.69 -4.65 -18.10
N ILE Q 81 57.80 -4.07 -17.23
CA ILE Q 81 57.68 -4.18 -15.77
C ILE Q 81 57.71 -5.64 -15.33
N SER Q 82 58.45 -5.96 -14.24
CA SER Q 82 59.01 -7.28 -14.00
C SER Q 82 57.96 -8.09 -13.33
N ARG Q 83 57.62 -9.19 -13.93
CA ARG Q 83 56.45 -10.06 -13.69
C ARG Q 83 56.92 -11.40 -13.63
N THR Q 84 56.08 -12.24 -12.97
CA THR Q 84 56.26 -13.68 -13.13
C THR Q 84 55.54 -14.09 -14.46
N SER Q 85 55.59 -15.35 -14.96
CA SER Q 85 54.81 -15.85 -16.09
C SER Q 85 54.44 -17.25 -15.82
N LEU Q 86 53.11 -17.45 -15.60
CA LEU Q 86 52.44 -18.64 -15.31
C LEU Q 86 51.70 -18.97 -16.64
N THR Q 87 52.13 -18.24 -17.73
CA THR Q 87 51.56 -18.24 -19.08
C THR Q 87 52.58 -18.56 -20.11
N ALA Q 88 52.05 -19.14 -21.21
CA ALA Q 88 52.99 -19.51 -22.26
C ALA Q 88 53.20 -18.29 -23.10
N ALA Q 89 54.51 -17.85 -23.23
CA ALA Q 89 54.93 -16.58 -23.77
C ALA Q 89 54.36 -15.42 -22.99
N GLY Q 90 54.80 -14.25 -23.41
CA GLY Q 90 54.54 -12.92 -22.86
C GLY Q 90 55.32 -12.67 -21.58
N ILE Q 91 55.58 -11.40 -21.22
CA ILE Q 91 55.98 -11.13 -19.88
C ILE Q 91 54.85 -10.57 -19.13
N ALA Q 92 54.25 -11.34 -18.22
CA ALA Q 92 53.00 -11.09 -17.49
C ALA Q 92 52.55 -12.39 -17.14
N ALA Q 93 51.68 -12.50 -16.05
CA ALA Q 93 51.14 -13.76 -15.71
C ALA Q 93 49.64 -13.65 -15.95
N GLY Q 94 49.26 -12.60 -16.70
CA GLY Q 94 47.89 -12.31 -17.16
C GLY Q 94 47.60 -10.88 -16.61
N ASP Q 95 48.69 -10.11 -16.25
CA ASP Q 95 48.52 -8.81 -15.75
C ASP Q 95 48.53 -7.86 -16.86
N GLU Q 96 48.07 -6.60 -16.42
CA GLU Q 96 48.04 -5.52 -17.35
C GLU Q 96 49.31 -4.70 -17.09
N ILE Q 97 50.18 -4.61 -18.22
CA ILE Q 97 51.56 -4.28 -18.12
C ILE Q 97 51.79 -2.93 -18.73
N THR Q 98 52.90 -2.29 -18.21
CA THR Q 98 53.40 -1.10 -18.84
C THR Q 98 54.90 -1.31 -19.06
N CYS Q 99 55.37 -0.57 -20.08
CA CYS Q 99 56.69 -0.48 -20.64
C CYS Q 99 57.57 0.35 -19.86
N ASP Q 100 58.88 0.00 -19.89
CA ASP Q 100 59.85 0.74 -19.10
C ASP Q 100 61.04 0.88 -19.95
N ALA Q 101 62.21 1.11 -19.31
CA ALA Q 101 63.51 0.86 -19.91
C ALA Q 101 64.21 -0.14 -19.05
N ASP Q 102 65.39 -0.73 -19.51
CA ASP Q 102 66.32 -1.49 -18.71
C ASP Q 102 66.30 -1.24 -17.16
N GLY Q 103 66.41 -2.34 -16.44
CA GLY Q 103 66.56 -2.33 -15.02
C GLY Q 103 65.55 -3.26 -14.50
N LYS Q 104 64.74 -3.93 -15.38
CA LYS Q 104 63.63 -4.79 -15.03
C LYS Q 104 63.91 -6.17 -15.59
N MET Q 105 63.45 -7.21 -14.83
CA MET Q 105 63.67 -8.55 -15.07
C MET Q 105 62.70 -9.12 -15.97
N ILE Q 106 63.20 -10.04 -16.90
CA ILE Q 106 62.44 -10.62 -17.96
C ILE Q 106 62.69 -12.11 -17.90
N LYS Q 107 62.05 -12.86 -18.83
CA LYS Q 107 62.28 -14.26 -19.07
C LYS Q 107 62.84 -14.18 -20.41
N PHE Q 108 63.92 -15.03 -20.61
CA PHE Q 108 64.53 -15.38 -21.91
C PHE Q 108 64.23 -16.85 -22.27
N THR Q 109 64.50 -17.29 -23.50
CA THR Q 109 64.02 -18.55 -24.10
C THR Q 109 64.87 -18.82 -25.31
N GLY Q 110 64.97 -20.09 -25.70
CA GLY Q 110 65.76 -20.49 -26.88
C GLY Q 110 66.19 -21.83 -26.70
N THR Q 111 67.25 -22.22 -27.52
CA THR Q 111 67.71 -23.57 -27.77
C THR Q 111 69.09 -23.75 -27.12
N GLY Q 112 69.66 -22.65 -26.51
CA GLY Q 112 70.97 -22.69 -25.84
C GLY Q 112 70.78 -22.55 -24.32
N LYS Q 113 71.91 -22.33 -23.62
CA LYS Q 113 71.86 -22.16 -22.19
C LYS Q 113 73.17 -21.62 -21.82
N ALA Q 114 73.75 -20.93 -22.81
CA ALA Q 114 74.95 -20.11 -22.61
C ALA Q 114 74.62 -18.70 -22.86
N LEU Q 115 75.58 -17.80 -23.09
CA LEU Q 115 75.43 -16.32 -23.14
C LEU Q 115 74.57 -15.87 -24.40
N GLY Q 116 73.81 -14.80 -24.26
CA GLY Q 116 72.74 -14.35 -25.16
C GLY Q 116 73.25 -14.02 -26.51
N VAL Q 117 72.40 -14.12 -27.55
CA VAL Q 117 72.66 -13.81 -28.94
C VAL Q 117 71.49 -12.92 -29.40
N VAL Q 118 71.52 -12.43 -30.67
CA VAL Q 118 70.49 -11.58 -31.19
C VAL Q 118 69.78 -12.29 -32.35
N THR Q 119 68.52 -12.30 -32.42
CA THR Q 119 67.88 -12.99 -33.50
C THR Q 119 67.05 -11.84 -34.14
N HIS Q 120 66.73 -12.13 -35.43
CA HIS Q 120 66.07 -11.25 -36.34
C HIS Q 120 64.84 -12.03 -36.69
N VAL Q 121 64.27 -12.72 -35.62
CA VAL Q 121 62.85 -13.22 -35.72
C VAL Q 121 62.09 -12.20 -34.83
N GLY Q 122 62.72 -11.08 -34.45
CA GLY Q 122 62.01 -10.05 -33.69
C GLY Q 122 62.04 -10.41 -32.17
N GLU Q 123 63.00 -11.31 -31.81
CA GLU Q 123 63.26 -11.76 -30.49
C GLU Q 123 64.77 -11.71 -30.32
N TYR Q 124 65.14 -11.97 -28.99
CA TYR Q 124 66.52 -12.25 -28.69
C TYR Q 124 66.44 -13.69 -28.21
N ARG Q 125 67.53 -14.48 -28.40
CA ARG Q 125 67.52 -15.87 -27.94
C ARG Q 125 68.76 -16.23 -27.18
N ALA Q 126 68.68 -17.42 -26.56
CA ALA Q 126 69.78 -17.97 -25.79
C ALA Q 126 70.65 -18.74 -26.83
N GLY Q 127 71.96 -18.54 -26.84
CA GLY Q 127 72.89 -19.13 -27.83
C GLY Q 127 74.20 -19.32 -27.13
N ASN Q 128 75.23 -18.65 -27.64
CA ASN Q 128 76.52 -18.52 -27.15
C ASN Q 128 77.05 -17.30 -27.98
N MET Q 129 77.57 -16.24 -27.33
CA MET Q 129 78.09 -15.07 -28.03
C MET Q 129 79.32 -15.37 -28.85
N TYR Q 130 79.57 -14.73 -30.03
CA TYR Q 130 80.83 -15.01 -30.74
C TYR Q 130 80.91 -13.88 -31.81
N GLU Q 131 79.76 -13.17 -32.05
CA GLU Q 131 79.64 -12.18 -33.09
C GLU Q 131 78.26 -11.65 -32.90
N LYS Q 132 77.42 -12.13 -31.90
CA LYS Q 132 76.06 -11.66 -31.75
C LYS Q 132 75.95 -11.27 -30.26
N ALA Q 133 75.35 -10.10 -29.99
CA ALA Q 133 75.31 -9.42 -28.70
C ALA Q 133 74.59 -10.16 -27.57
N THR Q 134 75.10 -10.04 -26.34
CA THR Q 134 74.46 -10.64 -25.15
C THR Q 134 73.42 -9.64 -24.61
N GLN Q 135 72.52 -10.13 -23.79
CA GLN Q 135 71.36 -9.51 -23.42
C GLN Q 135 71.41 -9.55 -21.90
N GLY Q 136 71.35 -8.29 -21.23
CA GLY Q 136 71.23 -8.05 -19.84
C GLY Q 136 72.61 -7.92 -19.36
N VAL Q 137 72.78 -7.32 -18.23
CA VAL Q 137 74.09 -7.13 -17.60
C VAL Q 137 74.54 -8.29 -16.88
N THR Q 138 73.65 -9.24 -16.50
CA THR Q 138 74.09 -10.45 -15.84
C THR Q 138 74.05 -11.57 -16.93
N ASP Q 139 74.17 -11.23 -18.27
CA ASP Q 139 74.20 -12.12 -19.37
C ASP Q 139 72.94 -13.03 -19.44
N THR Q 140 73.04 -14.17 -20.13
CA THR Q 140 71.94 -15.08 -20.23
C THR Q 140 72.36 -16.43 -19.76
N ASP Q 141 71.72 -16.91 -18.62
CA ASP Q 141 72.01 -18.19 -17.96
C ASP Q 141 70.79 -19.07 -17.98
N THR Q 142 69.76 -18.66 -18.80
CA THR Q 142 68.39 -19.20 -18.87
C THR Q 142 68.39 -20.67 -19.11
N PHE Q 143 67.45 -21.33 -18.36
CA PHE Q 143 67.06 -22.73 -18.52
C PHE Q 143 65.65 -22.79 -19.06
N ILE Q 144 65.19 -21.60 -19.69
CA ILE Q 144 63.88 -21.24 -20.27
C ILE Q 144 62.99 -20.94 -19.10
N GLY Q 145 62.73 -19.62 -18.89
CA GLY Q 145 61.76 -19.04 -18.07
C GLY Q 145 62.29 -18.90 -16.73
N PHE Q 146 63.61 -18.64 -16.76
CA PHE Q 146 64.44 -18.18 -15.61
C PHE Q 146 64.44 -16.64 -15.52
N ILE Q 147 64.67 -15.99 -14.35
CA ILE Q 147 64.50 -14.58 -14.20
C ILE Q 147 65.89 -14.04 -14.33
N MET Q 148 66.11 -13.33 -15.50
CA MET Q 148 67.33 -12.75 -15.82
C MET Q 148 67.22 -11.26 -15.66
N TYR Q 149 68.27 -10.57 -15.15
CA TYR Q 149 68.39 -9.19 -14.83
C TYR Q 149 69.01 -8.41 -16.06
N VAL Q 150 68.33 -7.34 -16.40
CA VAL Q 150 68.64 -6.56 -17.58
C VAL Q 150 69.44 -5.37 -17.18
N PRO R 1 77.54 -1.64 -10.31
CA PRO R 1 77.95 -0.92 -11.56
C PRO R 1 78.86 -1.92 -12.22
N TYR R 2 79.09 -1.59 -13.52
CA TYR R 2 79.90 -2.38 -14.39
C TYR R 2 81.38 -2.25 -13.98
N VAL R 3 82.12 -3.35 -14.02
CA VAL R 3 83.43 -3.51 -13.46
C VAL R 3 84.14 -4.20 -14.50
N ARG R 4 85.47 -3.97 -14.57
CA ARG R 4 86.27 -4.44 -15.70
C ARG R 4 87.61 -4.85 -15.07
N LEU R 5 88.23 -5.94 -15.51
CA LEU R 5 89.52 -6.32 -15.06
C LEU R 5 90.60 -5.88 -16.00
N GLY R 6 90.21 -5.53 -17.24
CA GLY R 6 91.09 -5.13 -18.33
C GLY R 6 91.66 -3.73 -18.17
N TYR R 7 92.58 -3.41 -19.10
CA TYR R 7 93.11 -2.08 -19.35
C TYR R 7 93.35 -1.90 -20.84
N GLU R 8 92.98 -0.73 -21.38
CA GLU R 8 93.33 -0.37 -22.79
C GLU R 8 94.12 0.91 -22.62
N GLY R 9 95.43 0.76 -22.83
CA GLY R 9 96.41 1.87 -22.85
C GLY R 9 96.14 2.78 -24.03
N ILE R 10 96.25 4.10 -23.77
CA ILE R 10 96.03 5.09 -24.80
C ILE R 10 97.04 6.23 -24.69
N LEU R 11 97.78 6.64 -25.71
CA LEU R 11 98.72 7.75 -25.72
C LEU R 11 98.09 9.04 -25.37
N ASN R 12 98.38 9.58 -24.15
CA ASN R 12 97.71 10.69 -23.56
C ASN R 12 96.45 10.19 -22.85
N GLY R 13 96.33 10.69 -21.54
CA GLY R 13 95.34 10.24 -20.65
C GLY R 13 95.46 8.86 -20.31
N ALA R 14 94.61 8.40 -19.40
CA ALA R 14 94.30 7.04 -19.35
C ALA R 14 92.83 6.72 -19.38
N HIS R 15 92.39 5.59 -19.98
CA HIS R 15 90.98 5.15 -19.91
C HIS R 15 90.97 3.82 -19.15
N ASP R 16 90.06 3.69 -18.25
CA ASP R 16 90.06 2.66 -17.25
C ASP R 16 88.80 2.98 -16.48
N ILE R 17 87.74 3.41 -17.22
CA ILE R 17 86.47 3.52 -16.63
C ILE R 17 85.33 3.17 -17.52
N ASP R 18 84.18 2.76 -16.87
CA ASP R 18 83.10 2.18 -17.60
C ASP R 18 81.80 2.31 -16.78
N VAL R 19 81.79 3.28 -15.83
CA VAL R 19 80.75 3.44 -14.81
C VAL R 19 80.28 4.79 -15.27
N ALA R 20 78.90 4.85 -15.58
CA ALA R 20 78.28 5.95 -16.16
C ALA R 20 77.29 6.53 -15.17
N GLY R 21 77.33 6.03 -13.91
CA GLY R 21 76.38 6.47 -12.93
C GLY R 21 75.05 5.86 -13.31
N LEU R 22 73.94 6.39 -12.68
CA LEU R 22 72.58 6.01 -12.82
C LEU R 22 71.94 7.00 -13.76
N ASN R 23 71.10 6.48 -14.69
CA ASN R 23 70.34 7.12 -15.77
C ASN R 23 71.31 6.95 -16.98
N GLY R 24 72.46 6.33 -16.85
CA GLY R 24 73.43 6.11 -17.93
C GLY R 24 73.23 4.72 -18.52
N VAL R 25 74.06 4.42 -19.53
CA VAL R 25 74.06 3.07 -20.08
C VAL R 25 75.29 2.29 -19.74
N GLU R 26 75.12 1.08 -19.15
CA GLU R 26 76.15 0.14 -18.72
C GLU R 26 75.81 -1.18 -19.23
N GLN R 27 75.43 -1.30 -20.59
CA GLN R 27 74.76 -2.46 -21.14
C GLN R 27 75.77 -3.23 -22.00
N LEU R 28 75.83 -4.52 -21.62
CA LEU R 28 76.82 -5.44 -22.19
C LEU R 28 76.31 -5.68 -23.67
N ALA R 29 77.09 -5.18 -24.72
CA ALA R 29 76.66 -5.39 -26.08
C ALA R 29 77.79 -6.06 -26.77
N GLY R 30 77.60 -7.35 -27.15
CA GLY R 30 78.74 -8.10 -27.81
C GLY R 30 78.73 -7.79 -29.26
N LYS R 31 79.82 -8.05 -30.02
CA LYS R 31 80.00 -7.63 -31.37
C LYS R 31 81.20 -8.28 -31.77
N PHE R 32 81.40 -8.38 -33.13
CA PHE R 32 82.59 -8.99 -33.69
C PHE R 32 83.61 -7.89 -33.81
N ALA R 33 84.95 -8.27 -33.76
CA ALA R 33 86.03 -7.43 -34.16
C ALA R 33 86.42 -7.67 -35.61
N THR R 34 86.58 -6.54 -36.35
CA THR R 34 86.87 -6.49 -37.81
C THR R 34 87.89 -5.44 -37.95
N ILE R 35 88.82 -5.63 -38.89
CA ILE R 35 89.85 -4.61 -39.02
C ILE R 35 89.47 -3.80 -40.25
N GLY R 36 88.52 -4.11 -41.15
CA GLY R 36 88.18 -3.34 -42.37
C GLY R 36 89.28 -2.99 -43.25
N ALA R 37 89.42 -1.71 -43.80
CA ALA R 37 90.45 -1.54 -44.83
C ALA R 37 91.75 -1.11 -44.24
N ASN R 38 91.72 -0.79 -42.88
CA ASN R 38 92.80 -0.38 -42.11
C ASN R 38 93.75 -1.53 -41.82
N GLY R 39 94.93 -1.07 -41.46
CA GLY R 39 96.06 -1.99 -41.14
C GLY R 39 95.72 -3.06 -40.13
N VAL R 40 96.12 -4.27 -40.46
CA VAL R 40 95.76 -5.53 -39.71
C VAL R 40 96.30 -5.42 -38.31
N LYS R 41 95.51 -5.85 -37.29
CA LYS R 41 95.89 -5.88 -35.93
C LYS R 41 95.84 -7.26 -35.44
N LEU R 42 96.60 -7.57 -34.40
CA LEU R 42 96.31 -8.66 -33.51
C LEU R 42 96.39 -7.95 -32.18
N ALA R 43 95.43 -8.16 -31.31
CA ALA R 43 95.09 -7.66 -30.01
C ALA R 43 95.40 -6.27 -29.88
N GLY R 44 96.25 -5.86 -28.83
CA GLY R 44 96.69 -4.51 -28.53
C GLY R 44 95.59 -3.55 -28.11
N ASP R 45 95.89 -2.24 -28.14
CA ASP R 45 95.04 -1.25 -27.57
C ASP R 45 95.54 0.08 -28.08
N ASN R 46 96.47 0.13 -29.04
CA ASN R 46 96.61 1.40 -29.74
C ASN R 46 96.79 1.14 -31.22
N GLY R 47 96.30 1.98 -32.12
CA GLY R 47 96.32 1.73 -33.56
C GLY R 47 95.34 2.59 -34.22
N THR R 48 95.13 2.21 -35.49
CA THR R 48 94.25 2.81 -36.42
C THR R 48 92.77 2.76 -35.94
N ASN R 49 92.29 1.51 -35.70
CA ASN R 49 90.84 1.31 -35.45
C ASN R 49 90.73 0.90 -33.98
N ALA R 50 91.84 0.33 -33.36
CA ALA R 50 91.88 -0.17 -32.03
C ALA R 50 91.43 0.89 -31.02
N VAL R 51 90.52 0.35 -30.18
CA VAL R 51 89.81 0.97 -29.10
C VAL R 51 89.09 2.23 -29.66
N GLY R 52 88.72 3.14 -28.79
CA GLY R 52 87.97 4.38 -29.10
C GLY R 52 86.67 4.35 -29.74
N LEU R 53 86.50 5.25 -30.76
CA LEU R 53 85.39 5.49 -31.68
C LEU R 53 85.09 4.15 -32.43
N PHE R 54 83.75 3.96 -32.64
CA PHE R 54 83.14 2.87 -33.37
C PHE R 54 81.77 3.32 -33.88
N ARG R 55 81.36 2.62 -34.99
CA ARG R 55 79.98 2.73 -35.49
C ARG R 55 79.74 1.31 -36.03
N GLU R 56 78.57 0.72 -35.66
CA GLU R 56 78.25 -0.66 -36.02
C GLU R 56 77.85 -0.76 -37.51
N ASP R 57 78.29 -1.87 -38.09
CA ASP R 57 78.15 -2.35 -39.44
C ASP R 57 77.02 -3.28 -39.28
N LEU R 58 76.82 -4.09 -40.32
CA LEU R 58 75.81 -5.12 -40.44
C LEU R 58 76.39 -6.31 -39.82
N GLY R 59 75.51 -7.16 -39.26
CA GLY R 59 75.90 -8.45 -38.71
C GLY R 59 76.32 -8.35 -37.25
N ASP R 60 76.16 -7.13 -36.59
CA ASP R 60 76.50 -6.83 -35.18
C ASP R 60 77.98 -6.95 -35.05
N MET R 61 78.72 -6.11 -35.84
CA MET R 61 80.15 -6.22 -35.80
C MET R 61 80.52 -4.67 -35.69
N VAL R 62 81.65 -4.28 -35.14
CA VAL R 62 82.01 -2.91 -35.07
C VAL R 62 83.41 -2.88 -35.70
N ASN R 63 83.67 -1.71 -36.36
CA ASN R 63 84.99 -1.34 -36.81
C ASN R 63 84.93 0.19 -37.04
N ALA R 64 85.95 0.87 -37.67
CA ALA R 64 85.73 2.22 -37.89
C ALA R 64 86.27 2.46 -39.28
N SER R 65 85.54 3.33 -40.04
CA SER R 65 85.78 3.69 -41.44
C SER R 65 85.01 4.87 -41.77
N GLU R 66 83.73 4.63 -42.07
CA GLU R 66 82.86 5.67 -42.53
C GLU R 66 81.56 5.45 -41.77
N LYS R 67 80.83 6.57 -41.47
CA LYS R 67 79.56 6.66 -40.81
C LYS R 67 78.48 5.88 -41.50
N ALA R 68 77.82 5.08 -40.63
CA ALA R 68 76.55 4.40 -40.87
C ALA R 68 75.35 5.17 -40.47
N SER R 69 75.55 6.45 -40.07
CA SER R 69 74.55 7.19 -39.41
C SER R 69 73.29 7.48 -40.17
N PHE R 70 72.25 7.61 -39.39
CA PHE R 70 70.87 7.68 -39.78
C PHE R 70 70.37 9.09 -39.51
N TYR R 71 71.36 9.95 -39.36
CA TYR R 71 71.10 11.31 -39.02
C TYR R 71 72.25 12.08 -39.55
N PHE R 72 71.99 13.38 -39.68
CA PHE R 72 72.86 14.28 -40.30
C PHE R 72 73.85 14.91 -39.26
N ARG R 73 73.37 14.86 -37.95
CA ARG R 73 74.16 15.02 -36.75
C ARG R 73 74.08 13.85 -35.77
N GLY R 74 75.06 13.56 -35.00
CA GLY R 74 75.21 12.35 -34.28
C GLY R 74 75.25 11.12 -35.32
N GLY R 75 75.09 9.95 -34.71
CA GLY R 75 75.37 8.60 -35.21
C GLY R 75 75.66 7.65 -34.06
N GLU R 76 75.83 6.36 -34.44
CA GLU R 76 76.02 5.30 -33.54
C GLU R 76 77.40 5.38 -32.88
N TYR R 77 77.47 5.19 -31.56
CA TYR R 77 78.69 5.12 -30.87
C TYR R 77 78.64 3.75 -30.18
N TYR R 78 79.72 3.02 -30.38
CA TYR R 78 80.22 2.08 -29.39
C TYR R 78 81.58 2.42 -28.90
N VAL R 79 81.97 1.86 -27.70
CA VAL R 79 83.34 1.72 -27.27
C VAL R 79 83.59 0.32 -26.89
N ASN R 80 84.87 -0.14 -26.95
CA ASN R 80 85.39 -1.43 -26.51
C ASN R 80 85.87 -1.19 -25.10
N ILE R 81 85.33 -1.98 -24.13
CA ILE R 81 85.62 -1.99 -22.70
C ILE R 81 86.08 -3.43 -22.57
N SER R 82 87.34 -3.68 -22.22
CA SER R 82 87.85 -4.92 -22.12
C SER R 82 87.82 -5.32 -20.68
N ARG R 83 87.40 -6.54 -20.36
CA ARG R 83 87.14 -6.99 -19.03
C ARG R 83 87.87 -8.32 -18.87
N THR R 84 88.66 -8.70 -19.89
CA THR R 84 89.58 -9.82 -20.04
C THR R 84 88.98 -11.13 -20.38
N SER R 85 87.92 -11.54 -19.57
CA SER R 85 86.98 -12.60 -19.92
C SER R 85 86.00 -12.12 -20.92
N LEU R 86 85.75 -12.98 -22.05
CA LEU R 86 84.72 -12.73 -23.04
C LEU R 86 85.09 -11.61 -23.97
N THR R 87 86.30 -11.01 -23.94
CA THR R 87 86.63 -9.82 -24.68
C THR R 87 88.11 -10.01 -25.02
N ALA R 88 88.55 -9.64 -26.25
CA ALA R 88 89.91 -9.74 -26.70
C ALA R 88 90.26 -8.44 -27.21
N ALA R 89 91.32 -7.89 -26.51
CA ALA R 89 91.46 -6.45 -26.30
C ALA R 89 91.77 -5.79 -27.60
N GLY R 90 91.15 -4.58 -27.82
CA GLY R 90 91.32 -3.81 -28.98
C GLY R 90 90.80 -4.57 -30.23
N ILE R 91 91.07 -3.91 -31.40
CA ILE R 91 90.73 -4.40 -32.68
C ILE R 91 91.83 -5.26 -33.12
N ALA R 92 91.38 -6.36 -33.68
CA ALA R 92 92.17 -7.46 -34.01
C ALA R 92 91.45 -8.18 -35.07
N ALA R 93 92.12 -8.96 -35.86
CA ALA R 93 91.72 -9.92 -36.79
C ALA R 93 91.01 -11.04 -36.04
N GLY R 94 89.70 -10.99 -36.28
CA GLY R 94 88.62 -11.65 -35.67
C GLY R 94 88.55 -11.54 -34.17
N ASP R 95 87.73 -12.40 -33.48
CA ASP R 95 87.76 -12.52 -32.02
C ASP R 95 86.54 -11.75 -31.52
N GLU R 96 85.81 -12.32 -30.52
CA GLU R 96 84.58 -11.80 -29.90
C GLU R 96 84.90 -10.73 -28.90
N ILE R 97 84.36 -9.55 -29.05
CA ILE R 97 84.58 -8.44 -28.13
C ILE R 97 83.26 -8.07 -27.49
N THR R 98 83.31 -7.70 -26.23
CA THR R 98 82.14 -7.01 -25.60
C THR R 98 82.39 -5.58 -25.62
N CYS R 99 81.39 -4.84 -26.06
CA CYS R 99 81.40 -3.45 -26.07
C CYS R 99 80.33 -2.86 -25.19
N ASP R 100 80.26 -1.48 -25.05
CA ASP R 100 79.37 -0.78 -24.18
C ASP R 100 78.98 0.47 -24.99
N ALA R 101 78.36 1.40 -24.28
CA ALA R 101 77.84 2.67 -24.76
C ALA R 101 78.56 3.77 -23.97
N ASP R 102 78.22 5.04 -24.20
CA ASP R 102 78.79 6.28 -23.67
C ASP R 102 80.13 6.62 -24.30
N GLY R 103 80.20 7.84 -24.92
CA GLY R 103 81.35 8.58 -25.38
C GLY R 103 82.49 8.56 -24.31
N LYS R 104 83.66 8.10 -24.71
CA LYS R 104 84.84 8.09 -23.85
C LYS R 104 85.92 8.70 -24.70
N MET R 105 87.07 7.95 -24.82
CA MET R 105 88.07 8.28 -25.74
C MET R 105 87.64 7.97 -27.14
N ILE R 106 87.96 8.93 -28.03
CA ILE R 106 87.55 8.91 -29.41
C ILE R 106 88.89 9.03 -30.12
N LYS R 107 88.91 9.12 -31.44
CA LYS R 107 90.15 9.58 -32.10
C LYS R 107 89.82 10.84 -32.86
N PHE R 108 90.72 11.85 -32.74
CA PHE R 108 90.72 13.05 -33.46
C PHE R 108 91.97 13.05 -34.27
N THR R 109 92.12 14.00 -35.27
CA THR R 109 93.34 14.20 -36.05
C THR R 109 93.27 15.64 -36.69
N GLY R 110 94.33 16.24 -37.17
CA GLY R 110 94.58 17.58 -37.64
C GLY R 110 94.28 18.57 -36.50
N THR R 111 93.26 19.39 -36.72
CA THR R 111 92.67 20.35 -35.74
C THR R 111 91.41 19.59 -35.31
N GLY R 112 91.26 19.30 -34.00
CA GLY R 112 90.08 18.59 -33.54
C GLY R 112 89.04 19.55 -33.07
N LYS R 113 88.18 19.12 -32.11
CA LYS R 113 87.14 19.94 -31.56
C LYS R 113 86.00 20.34 -32.53
N ALA R 114 84.89 20.77 -31.84
CA ALA R 114 83.68 21.29 -32.35
C ALA R 114 83.00 20.35 -33.34
N LEU R 115 82.23 20.84 -34.40
CA LEU R 115 81.44 20.13 -35.36
C LEU R 115 82.39 19.47 -36.34
N GLY R 116 82.02 18.20 -36.74
CA GLY R 116 82.99 17.33 -37.37
C GLY R 116 82.35 16.52 -38.41
N VAL R 117 83.19 15.98 -39.24
CA VAL R 117 82.84 15.10 -40.30
C VAL R 117 83.80 13.97 -40.04
N VAL R 118 83.99 12.94 -40.94
CA VAL R 118 84.85 11.78 -40.80
C VAL R 118 86.00 11.78 -41.88
N THR R 119 87.20 11.45 -41.46
CA THR R 119 88.43 11.35 -42.19
C THR R 119 88.33 10.39 -43.29
N HIS R 120 87.78 9.21 -42.96
CA HIS R 120 87.38 8.07 -43.70
C HIS R 120 88.39 6.96 -43.49
N VAL R 121 89.27 7.07 -42.43
CA VAL R 121 90.13 5.96 -41.98
C VAL R 121 89.50 5.55 -40.71
N GLY R 122 88.50 6.36 -40.23
CA GLY R 122 87.72 5.89 -39.16
C GLY R 122 87.74 6.89 -38.10
N GLU R 123 88.89 7.61 -37.99
CA GLU R 123 89.14 8.84 -37.26
C GLU R 123 88.11 10.00 -37.63
N TYR R 124 87.91 10.87 -36.61
CA TYR R 124 86.93 11.94 -36.74
C TYR R 124 87.79 13.18 -36.88
N ARG R 125 87.23 14.20 -37.53
CA ARG R 125 87.95 15.41 -37.61
C ARG R 125 87.02 16.67 -37.80
N ALA R 126 87.53 17.88 -37.79
CA ALA R 126 86.79 19.02 -37.99
C ALA R 126 86.20 19.11 -39.37
N GLY R 127 84.91 19.50 -39.39
CA GLY R 127 84.37 20.05 -40.63
C GLY R 127 83.03 20.66 -40.27
N ASN R 128 82.00 20.32 -41.03
CA ASN R 128 80.70 20.79 -40.63
C ASN R 128 79.85 19.69 -40.91
N MET R 129 78.89 19.34 -40.01
CA MET R 129 78.00 18.18 -40.00
C MET R 129 77.23 18.26 -41.29
N TYR R 130 77.06 17.05 -41.89
CA TYR R 130 76.62 16.85 -43.24
C TYR R 130 76.87 15.46 -43.53
N GLU R 131 75.80 14.71 -43.26
CA GLU R 131 75.79 13.22 -43.20
C GLU R 131 76.55 12.68 -41.99
N LYS R 132 77.93 12.82 -42.19
CA LYS R 132 79.01 12.51 -41.26
C LYS R 132 78.88 13.29 -39.99
N ALA R 133 79.48 12.79 -38.90
CA ALA R 133 79.53 13.47 -37.66
C ALA R 133 80.54 12.83 -36.73
N THR R 134 80.89 13.70 -35.72
CA THR R 134 81.77 13.37 -34.63
C THR R 134 80.96 13.14 -33.38
N GLN R 135 81.62 12.49 -32.39
CA GLN R 135 80.99 12.02 -31.13
C GLN R 135 81.86 12.53 -30.00
N GLY R 136 81.25 13.50 -29.25
CA GLY R 136 82.03 14.26 -28.29
C GLY R 136 83.00 15.28 -28.88
N VAL R 137 83.64 16.08 -27.95
CA VAL R 137 84.56 17.13 -28.23
C VAL R 137 85.58 16.93 -27.21
N THR R 138 86.88 16.82 -27.67
CA THR R 138 88.00 16.82 -26.85
C THR R 138 88.15 18.09 -26.04
N ASP R 139 88.58 17.91 -24.75
CA ASP R 139 88.82 19.00 -23.85
C ASP R 139 90.28 19.29 -23.77
N THR R 140 91.05 18.47 -24.52
CA THR R 140 92.50 18.44 -24.32
C THR R 140 93.07 18.74 -25.71
N ASP R 141 94.34 19.12 -25.82
CA ASP R 141 95.03 19.38 -27.02
C ASP R 141 95.07 18.21 -27.95
N THR R 142 94.63 18.45 -29.23
CA THR R 142 94.56 17.32 -30.25
C THR R 142 95.83 17.30 -31.07
N PHE R 143 96.39 16.14 -31.29
CA PHE R 143 97.52 15.89 -32.13
C PHE R 143 97.11 14.78 -33.02
N ILE R 144 98.04 14.55 -34.00
CA ILE R 144 97.96 13.72 -35.21
C ILE R 144 98.18 12.28 -34.76
N GLY R 145 97.23 11.39 -35.22
CA GLY R 145 97.30 9.95 -35.11
C GLY R 145 97.08 9.40 -33.74
N PHE R 146 96.87 10.21 -32.68
CA PHE R 146 96.80 9.66 -31.34
C PHE R 146 95.32 9.42 -30.97
N ILE R 147 95.10 8.51 -29.93
CA ILE R 147 93.79 8.18 -29.46
C ILE R 147 93.63 9.09 -28.22
N MET R 148 92.58 9.94 -28.35
CA MET R 148 92.57 11.16 -27.60
C MET R 148 91.63 10.99 -26.58
N TYR R 149 91.98 11.48 -25.34
CA TYR R 149 91.03 11.38 -24.25
C TYR R 149 90.14 12.65 -24.20
N VAL R 150 88.85 12.43 -24.27
CA VAL R 150 87.86 13.43 -23.95
C VAL R 150 87.61 13.57 -22.47
N PRO S 1 52.86 -23.19 -17.65
CA PRO S 1 53.18 -22.53 -18.98
C PRO S 1 54.29 -21.49 -18.75
N TYR S 2 55.30 -21.48 -19.62
CA TYR S 2 56.47 -20.68 -19.59
C TYR S 2 56.80 -20.33 -20.94
N VAL S 3 57.59 -19.17 -21.06
CA VAL S 3 58.04 -18.66 -22.33
C VAL S 3 58.36 -19.57 -23.39
N ARG S 4 57.85 -19.41 -24.63
CA ARG S 4 58.12 -20.16 -25.86
C ARG S 4 57.42 -21.49 -25.93
N LEU S 5 56.26 -21.52 -25.33
CA LEU S 5 55.22 -22.58 -25.50
C LEU S 5 55.11 -23.34 -24.17
N GLY S 6 53.83 -23.66 -23.77
CA GLY S 6 53.59 -24.40 -22.53
C GLY S 6 53.86 -25.83 -22.66
N TYR S 7 53.09 -26.65 -21.89
CA TYR S 7 53.18 -28.10 -21.88
C TYR S 7 52.86 -28.80 -23.17
N GLU S 8 53.58 -29.83 -23.51
CA GLU S 8 53.45 -30.69 -24.63
C GLU S 8 53.96 -32.07 -24.28
N GLY S 9 53.42 -33.16 -24.95
CA GLY S 9 53.83 -34.53 -24.84
C GLY S 9 53.53 -35.05 -23.50
N ILE S 10 54.11 -36.17 -23.10
CA ILE S 10 53.90 -36.76 -21.81
C ILE S 10 54.67 -36.02 -20.68
N LEU S 11 54.16 -36.14 -19.43
CA LEU S 11 54.58 -35.35 -18.34
C LEU S 11 54.61 -36.31 -17.12
N ASN S 12 55.62 -36.11 -16.18
CA ASN S 12 56.14 -37.06 -15.24
C ASN S 12 55.27 -37.05 -14.05
N GLY S 13 54.99 -38.34 -13.56
CA GLY S 13 54.24 -38.75 -12.42
C GLY S 13 55.17 -38.81 -11.19
N ALA S 14 54.87 -39.70 -10.22
CA ALA S 14 55.59 -39.92 -9.12
C ALA S 14 56.05 -41.27 -9.21
N HIS S 15 57.30 -41.50 -8.77
CA HIS S 15 57.95 -42.75 -9.07
C HIS S 15 58.29 -43.43 -7.79
N ASP S 16 58.23 -44.74 -7.79
CA ASP S 16 58.59 -45.56 -6.65
C ASP S 16 57.74 -45.33 -5.41
N ILE S 17 56.46 -44.98 -5.58
CA ILE S 17 55.48 -44.87 -4.49
C ILE S 17 55.05 -46.24 -4.06
N ASP S 18 55.51 -46.64 -2.84
CA ASP S 18 55.46 -47.99 -2.40
C ASP S 18 54.51 -48.00 -1.29
N VAL S 19 53.42 -48.74 -1.42
CA VAL S 19 52.44 -48.92 -0.45
C VAL S 19 52.33 -50.32 -0.28
N ALA S 20 52.34 -50.84 0.99
CA ALA S 20 52.38 -52.22 1.26
C ALA S 20 51.78 -52.49 2.66
N GLY S 21 51.20 -53.69 2.81
CA GLY S 21 50.70 -54.21 4.11
C GLY S 21 49.35 -53.73 4.55
N LEU S 22 48.45 -53.47 3.63
CA LEU S 22 47.19 -52.91 3.94
C LEU S 22 46.21 -53.99 4.23
N ASN S 23 45.21 -53.74 5.12
CA ASN S 23 44.35 -54.70 5.49
C ASN S 23 43.06 -54.86 4.66
N GLY S 24 42.68 -53.79 3.87
CA GLY S 24 41.36 -53.60 3.15
C GLY S 24 41.42 -54.11 1.71
N VAL S 25 40.68 -53.39 0.80
CA VAL S 25 40.44 -53.87 -0.52
C VAL S 25 41.16 -53.01 -1.50
N GLU S 26 41.97 -52.02 -1.01
CA GLU S 26 42.62 -51.05 -1.92
C GLU S 26 43.59 -51.69 -2.89
N GLN S 27 43.66 -51.05 -4.04
CA GLN S 27 44.53 -51.29 -5.18
C GLN S 27 46.00 -50.80 -4.95
N LEU S 28 46.18 -49.89 -3.94
CA LEU S 28 47.38 -49.24 -3.47
C LEU S 28 48.32 -50.32 -3.04
N ALA S 29 47.81 -51.36 -2.33
CA ALA S 29 48.63 -52.44 -1.86
C ALA S 29 49.11 -53.27 -3.00
N GLY S 30 50.41 -53.72 -2.88
CA GLY S 30 51.18 -54.40 -3.88
C GLY S 30 50.46 -55.64 -4.31
N LYS S 31 50.06 -55.53 -5.61
CA LYS S 31 49.12 -56.52 -6.14
C LYS S 31 49.00 -56.30 -7.62
N PHE S 32 48.48 -57.40 -8.27
CA PHE S 32 48.79 -57.77 -9.60
C PHE S 32 47.77 -57.25 -10.56
N ALA S 33 48.15 -57.08 -11.87
CA ALA S 33 47.20 -56.95 -12.97
C ALA S 33 47.25 -58.30 -13.64
N THR S 34 46.08 -58.96 -13.76
CA THR S 34 46.01 -60.32 -14.12
C THR S 34 45.05 -60.35 -15.33
N ILE S 35 45.49 -61.16 -16.36
CA ILE S 35 44.71 -61.47 -17.53
C ILE S 35 44.83 -62.97 -17.64
N GLY S 36 45.95 -63.55 -17.14
CA GLY S 36 46.22 -64.88 -17.06
C GLY S 36 47.68 -64.92 -17.51
N ALA S 37 48.47 -65.89 -16.87
CA ALA S 37 49.76 -66.54 -17.20
C ALA S 37 50.55 -66.24 -16.00
N ASN S 38 51.84 -65.85 -16.16
CA ASN S 38 52.81 -65.58 -15.16
C ASN S 38 53.42 -64.32 -15.63
N GLY S 39 53.62 -63.36 -14.67
CA GLY S 39 53.94 -61.94 -14.90
C GLY S 39 55.05 -61.71 -15.82
N VAL S 40 55.37 -60.37 -15.98
CA VAL S 40 56.17 -59.71 -16.94
C VAL S 40 57.54 -59.30 -16.52
N LYS S 41 58.27 -58.94 -17.60
CA LYS S 41 59.65 -58.49 -17.58
C LYS S 41 60.68 -59.49 -17.15
N LEU S 42 62.00 -59.34 -17.65
CA LEU S 42 63.16 -60.08 -17.13
C LEU S 42 63.86 -59.02 -16.34
N ALA S 43 64.97 -59.37 -15.70
CA ALA S 43 65.85 -58.39 -15.05
C ALA S 43 66.30 -57.33 -16.02
N GLY S 44 66.42 -56.07 -15.55
CA GLY S 44 66.95 -54.96 -16.28
C GLY S 44 66.07 -54.44 -17.44
N ASP S 45 64.80 -54.85 -17.45
CA ASP S 45 63.76 -54.42 -18.41
C ASP S 45 62.95 -53.51 -17.63
N ASN S 46 62.54 -52.42 -18.37
CA ASN S 46 61.78 -51.35 -17.80
C ASN S 46 60.31 -51.43 -18.32
N GLY S 47 59.35 -51.18 -17.38
CA GLY S 47 57.94 -51.22 -17.80
C GLY S 47 57.52 -50.33 -18.98
N THR S 48 56.21 -50.40 -19.27
CA THR S 48 55.56 -49.37 -20.10
C THR S 48 54.67 -48.60 -19.16
N ASN S 49 53.78 -47.88 -19.75
CA ASN S 49 52.78 -47.09 -19.07
C ASN S 49 51.53 -47.49 -19.81
N ALA S 50 50.49 -47.45 -18.94
CA ALA S 50 49.08 -47.67 -19.25
C ALA S 50 48.24 -46.94 -18.26
N VAL S 51 47.38 -45.96 -18.70
CA VAL S 51 46.45 -45.24 -17.90
C VAL S 51 45.09 -45.64 -18.35
N GLY S 52 44.14 -45.65 -17.37
CA GLY S 52 42.72 -45.94 -17.62
C GLY S 52 42.15 -46.23 -16.23
N LEU S 53 40.91 -46.88 -16.11
CA LEU S 53 40.33 -47.25 -14.87
C LEU S 53 40.29 -48.80 -14.88
N PHE S 54 40.62 -49.32 -13.70
CA PHE S 54 40.82 -50.74 -13.42
C PHE S 54 39.94 -50.98 -12.29
N ARG S 55 39.66 -52.29 -12.07
CA ARG S 55 38.61 -52.74 -11.23
C ARG S 55 39.21 -53.97 -10.53
N GLU S 56 38.97 -54.18 -9.21
CA GLU S 56 39.42 -55.27 -8.51
C GLU S 56 38.59 -56.54 -8.79
N ASP S 57 39.27 -57.67 -8.99
CA ASP S 57 38.70 -58.92 -9.27
C ASP S 57 38.73 -59.78 -8.11
N LEU S 58 38.46 -61.14 -8.20
CA LEU S 58 38.67 -62.19 -7.19
C LEU S 58 40.15 -62.20 -6.86
N GLY S 59 40.41 -62.59 -5.60
CA GLY S 59 41.67 -62.56 -4.94
C GLY S 59 42.26 -61.14 -4.95
N ASP S 60 43.62 -61.03 -5.10
CA ASP S 60 44.26 -59.77 -5.01
C ASP S 60 44.81 -59.44 -6.40
N MET S 61 43.87 -59.32 -7.38
CA MET S 61 44.02 -59.05 -8.79
C MET S 61 43.21 -57.81 -9.18
N VAL S 62 43.63 -57.01 -10.24
CA VAL S 62 42.97 -55.94 -10.88
C VAL S 62 42.90 -56.30 -12.43
N ASN S 63 41.93 -55.73 -13.18
CA ASN S 63 41.91 -55.97 -14.69
C ASN S 63 41.14 -54.65 -15.10
N ALA S 64 40.92 -54.49 -16.39
CA ALA S 64 40.34 -53.30 -16.98
C ALA S 64 38.87 -53.20 -16.83
N SER S 65 38.26 -51.99 -16.83
CA SER S 65 36.85 -51.77 -16.73
C SER S 65 36.19 -52.01 -18.07
N GLU S 66 35.08 -52.76 -18.02
CA GLU S 66 34.38 -53.21 -19.16
C GLU S 66 32.91 -53.20 -19.00
N LYS S 67 32.16 -52.73 -20.04
CA LYS S 67 30.74 -52.57 -20.07
C LYS S 67 30.06 -51.89 -18.91
N ALA S 68 28.72 -51.91 -18.90
CA ALA S 68 27.87 -51.55 -17.84
C ALA S 68 26.56 -52.27 -17.99
N SER S 69 26.63 -53.27 -18.88
CA SER S 69 25.58 -54.20 -19.36
C SER S 69 26.01 -55.59 -18.84
N PHE S 70 27.11 -55.55 -17.98
CA PHE S 70 27.65 -56.49 -17.06
C PHE S 70 27.77 -55.69 -15.78
N TYR S 71 27.69 -56.46 -14.62
CA TYR S 71 27.90 -56.08 -13.19
C TYR S 71 29.13 -55.26 -12.90
N PHE S 72 28.99 -54.37 -11.89
CA PHE S 72 30.07 -53.52 -11.39
C PHE S 72 30.76 -54.44 -10.36
N ARG S 73 32.11 -54.32 -10.36
CA ARG S 73 32.96 -55.25 -9.55
C ARG S 73 34.01 -54.47 -8.84
N GLY S 74 34.33 -54.97 -7.59
CA GLY S 74 35.38 -54.42 -6.70
C GLY S 74 35.05 -53.03 -6.24
N GLY S 75 35.93 -52.53 -5.33
CA GLY S 75 35.76 -51.23 -4.79
C GLY S 75 35.90 -50.10 -5.80
N GLU S 76 36.55 -49.01 -5.35
CA GLU S 76 36.77 -47.77 -6.15
C GLU S 76 37.54 -48.01 -7.38
N TYR S 77 37.31 -47.20 -8.44
CA TYR S 77 38.16 -47.19 -9.63
C TYR S 77 39.25 -46.22 -9.45
N TYR S 78 40.47 -46.66 -9.95
CA TYR S 78 41.68 -45.96 -9.71
C TYR S 78 42.52 -45.95 -10.92
N VAL S 79 43.63 -45.12 -11.02
CA VAL S 79 44.52 -45.06 -12.18
C VAL S 79 45.95 -45.32 -11.73
N ASN S 80 46.85 -45.77 -12.57
CA ASN S 80 48.02 -46.49 -12.08
C ASN S 80 49.22 -45.51 -11.90
N ILE S 81 49.94 -45.57 -10.76
CA ILE S 81 51.11 -44.74 -10.60
C ILE S 81 52.34 -45.63 -10.96
N SER S 82 53.65 -45.23 -10.80
CA SER S 82 54.74 -46.24 -11.06
C SER S 82 55.37 -46.66 -9.81
N ARG S 83 56.11 -47.82 -9.84
CA ARG S 83 57.05 -48.28 -8.88
C ARG S 83 57.99 -49.36 -9.41
N THR S 84 57.87 -49.77 -10.69
CA THR S 84 58.71 -50.74 -11.38
C THR S 84 59.27 -49.99 -12.61
N SER S 85 58.39 -49.18 -13.34
CA SER S 85 58.66 -48.30 -14.44
C SER S 85 59.45 -47.12 -13.87
N LEU S 86 60.37 -46.62 -14.72
CA LEU S 86 61.26 -45.54 -14.29
C LEU S 86 60.76 -44.21 -14.86
N THR S 87 59.75 -44.34 -15.75
CA THR S 87 59.12 -43.43 -16.62
C THR S 87 57.77 -43.15 -16.14
N ALA S 88 57.45 -41.84 -15.91
CA ALA S 88 56.19 -41.19 -15.62
C ALA S 88 55.34 -42.01 -14.62
N ALA S 89 53.95 -41.75 -14.67
CA ALA S 89 52.93 -42.45 -14.02
C ALA S 89 52.43 -43.56 -14.94
N GLY S 90 52.38 -44.76 -14.40
CA GLY S 90 51.92 -45.91 -15.10
C GLY S 90 52.72 -47.10 -14.70
N ILE S 91 52.30 -48.31 -15.21
CA ILE S 91 52.84 -49.54 -14.76
C ILE S 91 52.56 -50.47 -15.89
N ALA S 92 53.24 -51.60 -15.89
CA ALA S 92 53.12 -52.64 -16.90
C ALA S 92 52.41 -53.80 -16.18
N ALA S 93 51.50 -54.50 -16.85
CA ALA S 93 50.51 -55.41 -16.19
C ALA S 93 51.25 -56.68 -15.84
N GLY S 94 51.18 -57.11 -14.56
CA GLY S 94 51.75 -58.39 -14.13
C GLY S 94 52.90 -58.09 -13.18
N ASP S 95 52.77 -56.90 -12.53
CA ASP S 95 53.65 -56.36 -11.53
C ASP S 95 52.91 -56.15 -10.30
N GLU S 96 53.65 -55.81 -9.18
CA GLU S 96 52.96 -55.28 -8.02
C GLU S 96 52.67 -53.81 -8.42
N ILE S 97 51.39 -53.43 -8.21
CA ILE S 97 50.94 -52.10 -8.58
C ILE S 97 50.51 -51.39 -7.29
N THR S 98 50.97 -50.15 -7.21
CA THR S 98 50.38 -49.12 -6.36
C THR S 98 49.55 -48.34 -7.38
N CYS S 99 48.31 -47.95 -7.06
CA CYS S 99 47.53 -46.99 -7.82
C CYS S 99 47.37 -45.80 -6.90
N ASP S 100 46.92 -44.69 -7.53
CA ASP S 100 46.59 -43.47 -6.86
C ASP S 100 45.35 -42.88 -7.50
N ALA S 101 45.04 -41.63 -7.20
CA ALA S 101 44.12 -40.86 -7.94
C ALA S 101 44.79 -39.81 -8.75
N ASP S 102 46.12 -39.91 -8.73
CA ASP S 102 47.05 -39.20 -9.52
C ASP S 102 47.56 -40.13 -10.58
N GLY S 103 47.60 -39.66 -11.84
CA GLY S 103 48.09 -40.45 -12.99
C GLY S 103 48.79 -39.60 -13.97
N LYS S 104 49.22 -38.42 -13.51
CA LYS S 104 49.71 -37.34 -14.34
C LYS S 104 50.92 -37.58 -15.24
N MET S 105 50.87 -37.31 -16.59
CA MET S 105 49.73 -37.06 -17.41
C MET S 105 50.08 -37.75 -18.68
N ILE S 106 49.26 -38.73 -19.04
CA ILE S 106 49.28 -39.43 -20.33
C ILE S 106 47.99 -39.39 -20.89
N LYS S 107 47.73 -38.74 -22.07
CA LYS S 107 46.45 -38.54 -22.66
C LYS S 107 45.77 -39.85 -23.08
N PHE S 108 44.42 -39.83 -22.92
CA PHE S 108 43.57 -40.95 -23.42
C PHE S 108 42.25 -40.32 -23.33
N THR S 109 41.31 -40.72 -24.26
CA THR S 109 39.96 -40.25 -24.60
C THR S 109 39.13 -39.79 -23.40
N GLY S 110 38.42 -38.63 -23.50
CA GLY S 110 37.70 -37.97 -22.43
C GLY S 110 38.58 -37.59 -21.23
N THR S 111 38.04 -37.31 -20.05
CA THR S 111 38.69 -36.79 -18.82
C THR S 111 38.11 -37.61 -17.67
N GLY S 112 38.59 -37.38 -16.39
CA GLY S 112 38.47 -38.18 -15.21
C GLY S 112 38.03 -37.34 -14.07
N LYS S 113 37.69 -36.06 -14.26
CA LYS S 113 37.33 -35.13 -13.17
C LYS S 113 36.09 -35.52 -12.47
N ALA S 114 36.05 -35.34 -11.10
CA ALA S 114 34.85 -35.69 -10.32
C ALA S 114 34.46 -37.12 -10.55
N LEU S 115 35.34 -38.03 -9.99
CA LEU S 115 35.16 -39.45 -9.98
C LEU S 115 35.23 -39.94 -11.40
N GLY S 116 35.22 -41.27 -11.61
CA GLY S 116 35.15 -41.78 -12.97
C GLY S 116 34.18 -42.96 -12.85
N VAL S 117 33.58 -43.38 -13.96
CA VAL S 117 32.67 -44.48 -14.09
C VAL S 117 33.15 -45.34 -15.22
N VAL S 118 32.45 -46.46 -15.47
CA VAL S 118 32.55 -47.18 -16.69
C VAL S 118 31.29 -47.12 -17.50
N THR S 119 31.48 -46.87 -18.81
CA THR S 119 30.41 -46.53 -19.75
C THR S 119 29.83 -47.82 -20.22
N HIS S 120 28.76 -47.83 -21.03
CA HIS S 120 28.13 -49.12 -21.33
C HIS S 120 28.81 -50.01 -22.38
N VAL S 121 29.96 -49.54 -23.00
CA VAL S 121 30.80 -50.24 -23.92
C VAL S 121 32.13 -50.52 -23.36
N GLY S 122 32.58 -49.65 -22.36
CA GLY S 122 33.74 -50.06 -21.60
C GLY S 122 34.84 -49.13 -21.55
N GLU S 123 34.65 -47.94 -22.16
CA GLU S 123 35.52 -46.86 -22.08
C GLU S 123 35.50 -46.34 -20.69
N TYR S 124 36.43 -45.43 -20.42
CA TYR S 124 36.52 -44.84 -19.15
C TYR S 124 36.11 -43.44 -19.35
N ARG S 125 35.39 -42.94 -18.32
CA ARG S 125 34.90 -41.60 -18.40
C ARG S 125 34.83 -40.99 -16.97
N ALA S 126 34.60 -39.70 -16.86
CA ALA S 126 34.40 -39.01 -15.66
C ALA S 126 32.98 -39.14 -15.24
N GLY S 127 32.63 -38.71 -13.96
CA GLY S 127 31.27 -38.40 -13.45
C GLY S 127 30.60 -37.30 -14.24
N ASN S 128 29.49 -36.81 -13.68
CA ASN S 128 28.68 -37.44 -12.61
C ASN S 128 27.82 -38.42 -13.25
N MET S 129 27.78 -39.69 -12.87
CA MET S 129 26.81 -40.59 -13.33
C MET S 129 25.73 -40.60 -12.27
N TYR S 130 25.67 -41.55 -11.26
CA TYR S 130 24.82 -41.51 -10.18
C TYR S 130 24.97 -40.29 -9.35
N GLU S 131 23.88 -39.72 -8.82
CA GLU S 131 23.97 -38.65 -7.88
C GLU S 131 23.53 -39.22 -6.56
N LYS S 132 23.16 -40.54 -6.55
CA LYS S 132 22.51 -41.13 -5.39
C LYS S 132 23.54 -42.17 -4.97
N ALA S 133 24.77 -42.14 -5.44
CA ALA S 133 25.78 -43.13 -5.08
C ALA S 133 27.15 -42.57 -5.25
N THR S 134 28.21 -43.26 -4.68
CA THR S 134 29.59 -42.74 -4.77
C THR S 134 30.33 -43.78 -5.53
N GLN S 135 30.93 -43.34 -6.65
CA GLN S 135 31.68 -44.09 -7.58
C GLN S 135 33.10 -43.98 -7.21
N GLY S 136 33.97 -44.81 -7.85
CA GLY S 136 35.44 -44.93 -7.70
C GLY S 136 36.02 -43.61 -7.58
N VAL S 137 36.88 -43.31 -6.57
CA VAL S 137 37.47 -42.04 -6.36
C VAL S 137 38.76 -41.85 -7.14
N THR S 138 38.68 -41.02 -8.20
CA THR S 138 39.81 -40.61 -9.02
C THR S 138 39.40 -39.21 -9.11
N ASP S 139 40.09 -38.37 -8.38
CA ASP S 139 39.92 -36.95 -8.36
C ASP S 139 41.19 -36.53 -9.02
N THR S 140 41.07 -35.88 -10.19
CA THR S 140 42.28 -35.54 -10.98
C THR S 140 42.79 -34.20 -10.60
N ASP S 141 44.09 -34.02 -10.88
CA ASP S 141 44.84 -32.79 -10.79
C ASP S 141 44.24 -31.88 -11.81
N THR S 142 44.51 -30.56 -11.64
CA THR S 142 43.99 -29.62 -12.60
C THR S 142 44.78 -29.88 -13.89
N PHE S 143 44.03 -29.92 -14.97
CA PHE S 143 44.51 -30.10 -16.31
C PHE S 143 43.31 -29.89 -17.33
N ILE S 144 42.16 -29.44 -16.94
CA ILE S 144 40.93 -29.48 -17.78
C ILE S 144 40.90 -28.73 -19.06
N GLY S 145 39.83 -29.03 -19.83
CA GLY S 145 39.66 -28.55 -21.23
C GLY S 145 40.71 -28.98 -22.20
N PHE S 146 41.26 -30.21 -21.95
CA PHE S 146 42.29 -30.71 -22.88
C PHE S 146 42.43 -32.18 -22.41
N ILE S 147 42.73 -33.06 -23.31
CA ILE S 147 42.88 -34.49 -23.32
C ILE S 147 43.94 -34.87 -22.30
N MET S 148 43.78 -36.03 -21.60
CA MET S 148 44.51 -36.22 -20.35
C MET S 148 44.28 -37.57 -19.82
N TYR S 149 44.88 -37.93 -18.67
CA TYR S 149 44.79 -39.16 -18.06
C TYR S 149 43.38 -39.26 -17.40
N VAL S 150 42.55 -40.44 -17.69
CA VAL S 150 41.24 -40.56 -16.96
C VAL S 150 41.42 -41.19 -15.58
N PRO T 1 -4.50 -64.33 7.04
CA PRO T 1 -3.49 -64.74 6.04
C PRO T 1 -2.73 -63.54 5.61
N TYR T 2 -1.55 -63.74 5.01
CA TYR T 2 -0.85 -62.72 4.21
C TYR T 2 0.48 -62.37 4.98
N VAL T 3 1.64 -62.80 4.50
CA VAL T 3 2.90 -62.64 5.22
C VAL T 3 3.98 -62.18 4.33
N ARG T 4 4.47 -60.96 4.71
CA ARG T 4 5.68 -60.38 4.01
C ARG T 4 6.90 -61.16 4.23
N LEU T 5 7.84 -61.15 3.27
CA LEU T 5 9.07 -61.84 3.35
C LEU T 5 9.95 -60.93 2.62
N GLY T 6 11.09 -60.44 3.18
CA GLY T 6 12.01 -59.50 2.56
C GLY T 6 11.36 -58.13 2.37
N TYR T 7 12.16 -57.18 1.82
CA TYR T 7 11.67 -55.88 1.34
C TYR T 7 11.41 -54.90 2.46
N GLU T 8 11.83 -55.25 3.62
CA GLU T 8 11.82 -54.36 4.79
C GLU T 8 10.65 -54.59 5.65
N GLY T 9 10.17 -55.90 5.77
CA GLY T 9 8.96 -56.22 6.54
C GLY T 9 9.45 -57.32 7.40
N ILE T 10 10.70 -57.83 7.25
CA ILE T 10 11.18 -58.85 8.13
C ILE T 10 12.19 -58.19 8.99
N LEU T 11 12.24 -58.60 10.33
CA LEU T 11 13.21 -58.03 11.29
C LEU T 11 14.21 -59.10 11.49
N ASN T 12 15.57 -58.86 11.32
CA ASN T 12 16.56 -59.90 11.32
C ASN T 12 17.53 -59.52 12.46
N GLY T 13 17.23 -58.51 13.25
CA GLY T 13 18.04 -57.90 14.23
C GLY T 13 19.26 -57.34 13.71
N ALA T 14 20.42 -57.48 14.45
CA ALA T 14 21.65 -56.82 14.28
C ALA T 14 22.64 -57.89 14.78
N HIS T 15 23.86 -57.85 14.30
CA HIS T 15 24.87 -58.78 14.62
C HIS T 15 26.17 -58.00 14.49
N ASP T 16 27.25 -58.42 15.22
CA ASP T 16 28.50 -57.68 15.28
C ASP T 16 29.51 -58.32 14.31
N ILE T 17 30.18 -57.40 13.55
CA ILE T 17 31.02 -57.68 12.40
C ILE T 17 32.46 -57.52 12.71
N ASP T 18 32.72 -57.20 14.02
CA ASP T 18 34.06 -57.00 14.52
C ASP T 18 34.31 -58.19 15.44
N VAL T 19 33.48 -59.31 15.33
CA VAL T 19 33.46 -60.48 16.15
C VAL T 19 33.92 -61.57 15.21
N ALA T 20 34.86 -62.44 15.60
CA ALA T 20 35.59 -63.39 14.85
C ALA T 20 36.65 -62.72 14.02
N GLY T 21 37.78 -63.44 13.85
CA GLY T 21 38.79 -63.18 12.88
C GLY T 21 39.66 -61.95 13.25
N LEU T 22 40.51 -61.55 12.17
CA LEU T 22 41.26 -60.36 12.17
C LEU T 22 40.40 -59.30 11.72
N ASN T 23 40.71 -58.11 12.19
CA ASN T 23 39.91 -56.96 11.97
C ASN T 23 40.86 -55.95 11.35
N GLY T 24 40.57 -55.38 10.16
CA GLY T 24 41.44 -54.49 9.44
C GLY T 24 41.27 -53.13 10.05
N VAL T 25 41.30 -52.10 9.15
CA VAL T 25 41.34 -50.72 9.57
C VAL T 25 40.52 -50.02 8.50
N GLU T 26 40.22 -48.72 8.77
CA GLU T 26 39.43 -47.81 7.90
C GLU T 26 40.20 -47.20 6.84
N GLN T 27 39.75 -47.51 5.59
CA GLN T 27 40.38 -47.10 4.33
C GLN T 27 39.35 -47.19 3.14
N LEU T 28 39.84 -46.69 2.01
CA LEU T 28 39.02 -46.53 0.82
C LEU T 28 38.98 -47.86 0.01
N ALA T 29 38.37 -47.72 -1.22
CA ALA T 29 38.01 -48.77 -2.15
C ALA T 29 36.75 -49.45 -1.65
N GLY T 30 35.80 -48.60 -1.22
CA GLY T 30 34.60 -48.93 -0.60
C GLY T 30 33.46 -48.78 -1.60
N LYS T 31 32.33 -48.29 -1.16
CA LYS T 31 31.10 -48.25 -2.00
C LYS T 31 29.96 -47.73 -1.10
N PHE T 32 28.86 -47.35 -1.78
CA PHE T 32 27.87 -46.57 -1.03
C PHE T 32 26.76 -47.47 -0.50
N ALA T 33 26.09 -47.01 0.61
CA ALA T 33 25.04 -47.74 1.35
C ALA T 33 23.74 -47.09 0.98
N THR T 34 22.79 -47.85 0.46
CA THR T 34 21.48 -47.30 0.01
C THR T 34 20.50 -48.52 -0.03
N ILE T 35 19.17 -48.34 -0.23
CA ILE T 35 18.16 -49.41 -0.42
C ILE T 35 18.04 -49.42 -1.92
N GLY T 36 18.12 -50.65 -2.46
CA GLY T 36 18.31 -51.01 -3.81
C GLY T 36 19.79 -51.22 -4.05
N ALA T 37 20.14 -52.11 -5.01
CA ALA T 37 21.50 -52.51 -5.25
C ALA T 37 21.92 -51.96 -6.53
N ASN T 38 20.95 -51.48 -7.33
CA ASN T 38 21.16 -50.55 -8.40
C ASN T 38 20.02 -49.56 -8.34
N GLY T 39 19.15 -49.69 -7.33
CA GLY T 39 17.89 -48.94 -7.21
C GLY T 39 18.17 -47.59 -6.69
N VAL T 40 17.16 -47.02 -5.93
CA VAL T 40 17.09 -45.74 -5.35
C VAL T 40 16.32 -45.94 -4.08
N LYS T 41 16.45 -44.99 -3.17
CA LYS T 41 15.84 -45.00 -1.88
C LYS T 41 14.33 -45.24 -1.87
N LEU T 42 13.97 -46.24 -0.99
CA LEU T 42 12.70 -46.82 -0.84
C LEU T 42 12.22 -47.63 -2.06
N ALA T 43 13.06 -48.64 -2.38
CA ALA T 43 12.92 -49.54 -3.56
C ALA T 43 14.19 -50.43 -3.62
N GLY T 44 14.15 -51.65 -3.05
CA GLY T 44 15.20 -52.58 -2.92
C GLY T 44 14.72 -53.94 -2.40
N ASP T 45 15.19 -55.05 -3.03
CA ASP T 45 14.93 -56.35 -2.52
C ASP T 45 15.93 -56.51 -1.32
N ASN T 46 15.67 -57.57 -0.53
CA ASN T 46 16.39 -57.70 0.74
C ASN T 46 16.19 -59.14 1.10
N GLY T 47 17.32 -59.69 1.63
CA GLY T 47 17.39 -61.06 2.03
C GLY T 47 17.01 -61.08 3.51
N THR T 48 17.66 -62.04 4.18
CA THR T 48 17.46 -62.36 5.60
C THR T 48 18.76 -61.93 6.27
N ASN T 49 19.50 -61.11 5.50
CA ASN T 49 20.66 -60.30 5.79
C ASN T 49 20.29 -59.26 6.80
N ALA T 50 21.30 -58.86 7.59
CA ALA T 50 21.14 -57.89 8.65
C ALA T 50 22.30 -57.05 8.72
N VAL T 51 23.40 -57.70 9.13
CA VAL T 51 24.71 -57.21 9.08
C VAL T 51 25.61 -58.29 8.57
N GLY T 52 26.35 -57.94 7.50
CA GLY T 52 27.05 -58.87 6.70
C GLY T 52 26.33 -59.27 5.44
N LEU T 53 27.03 -59.02 4.31
CA LEU T 53 26.69 -59.52 2.92
C LEU T 53 25.75 -58.63 2.16
N PHE T 54 26.14 -58.27 0.88
CA PHE T 54 25.69 -57.23 0.05
C PHE T 54 26.60 -57.30 -1.10
N ARG T 55 26.03 -57.23 -2.29
CA ARG T 55 26.74 -57.57 -3.57
C ARG T 55 26.20 -56.51 -4.47
N GLU T 56 27.16 -55.89 -5.24
CA GLU T 56 26.85 -54.79 -6.21
C GLU T 56 26.16 -55.42 -7.33
N ASP T 57 25.03 -54.77 -7.82
CA ASP T 57 24.60 -55.20 -9.14
C ASP T 57 25.14 -54.06 -9.99
N LEU T 58 24.41 -53.00 -10.40
CA LEU T 58 25.00 -51.93 -11.16
C LEU T 58 25.29 -50.88 -10.16
N GLY T 59 26.11 -49.86 -10.56
CA GLY T 59 26.81 -48.91 -9.80
C GLY T 59 27.63 -49.44 -8.63
N ASP T 60 28.30 -48.48 -7.99
CA ASP T 60 29.20 -48.76 -6.86
C ASP T 60 28.44 -48.44 -5.58
N MET T 61 27.31 -49.19 -5.46
CA MET T 61 26.39 -49.09 -4.41
C MET T 61 26.13 -50.50 -4.02
N VAL T 62 25.81 -50.68 -2.74
CA VAL T 62 25.51 -51.94 -2.16
C VAL T 62 24.07 -51.85 -1.46
N ASN T 63 23.49 -53.03 -1.50
CA ASN T 63 22.43 -53.47 -0.60
C ASN T 63 22.44 -54.96 -0.78
N ALA T 64 21.59 -55.74 -0.12
CA ALA T 64 21.79 -57.20 -0.03
C ALA T 64 21.56 -57.82 -1.30
N SER T 65 22.41 -58.89 -1.54
CA SER T 65 22.39 -59.87 -2.65
C SER T 65 22.52 -59.25 -4.05
N GLU T 66 22.18 -60.04 -5.07
CA GLU T 66 21.99 -59.63 -6.46
C GLU T 66 23.34 -59.48 -7.18
N LYS T 67 23.71 -60.59 -7.94
CA LYS T 67 24.95 -60.62 -8.70
C LYS T 67 25.09 -62.10 -8.89
N ALA T 68 25.55 -62.51 -10.12
CA ALA T 68 25.58 -63.87 -10.58
C ALA T 68 26.56 -64.59 -9.70
N SER T 69 26.16 -65.84 -9.37
CA SER T 69 26.79 -66.53 -8.25
C SER T 69 27.69 -67.67 -8.78
N PHE T 70 27.79 -67.74 -10.17
CA PHE T 70 28.74 -68.49 -10.93
C PHE T 70 30.13 -68.01 -10.57
N TYR T 71 30.29 -66.70 -10.42
CA TYR T 71 31.61 -66.07 -10.21
C TYR T 71 31.36 -64.93 -9.24
N PHE T 72 32.05 -65.07 -8.10
CA PHE T 72 32.15 -64.02 -7.14
C PHE T 72 33.55 -63.45 -7.18
N ARG T 73 33.60 -62.14 -7.19
CA ARG T 73 34.74 -61.31 -7.46
C ARG T 73 34.44 -59.96 -6.93
N GLY T 74 35.60 -59.29 -6.58
CA GLY T 74 35.63 -57.96 -6.05
C GLY T 74 36.56 -57.92 -4.79
N GLY T 75 37.03 -59.02 -4.20
CA GLY T 75 37.72 -59.19 -2.98
C GLY T 75 36.67 -59.43 -1.92
N GLU T 76 36.77 -60.67 -1.34
CA GLU T 76 35.72 -61.30 -0.52
C GLU T 76 34.27 -60.98 -1.02
N TYR T 77 33.30 -60.89 -0.14
CA TYR T 77 31.90 -60.55 -0.48
C TYR T 77 31.64 -59.15 0.07
N TYR T 78 32.77 -58.44 0.51
CA TYR T 78 32.76 -57.14 1.14
C TYR T 78 32.26 -57.27 2.54
N VAL T 79 33.01 -56.71 3.48
CA VAL T 79 32.63 -56.58 4.92
C VAL T 79 32.88 -55.20 5.43
N ASN T 80 32.24 -54.79 6.54
CA ASN T 80 32.24 -53.49 7.19
C ASN T 80 33.25 -53.38 8.30
N ILE T 81 34.17 -52.32 8.25
CA ILE T 81 35.13 -52.13 9.26
C ILE T 81 34.81 -50.93 10.12
N SER T 82 34.27 -51.17 11.36
CA SER T 82 34.22 -50.27 12.45
C SER T 82 32.94 -49.44 12.45
N ARG T 83 31.92 -49.84 11.66
CA ARG T 83 30.55 -49.34 11.71
C ARG T 83 29.75 -50.63 11.67
N THR T 84 28.61 -50.62 12.48
CA THR T 84 27.87 -51.82 12.50
C THR T 84 26.54 -51.30 11.95
N SER T 85 25.87 -52.06 11.01
CA SER T 85 24.71 -51.57 10.22
C SER T 85 23.63 -51.60 11.19
N LEU T 86 22.76 -50.61 11.13
CA LEU T 86 21.69 -50.34 12.02
C LEU T 86 20.41 -50.55 11.29
N THR T 87 20.45 -51.30 10.13
CA THR T 87 19.26 -51.61 9.39
C THR T 87 19.36 -53.09 9.20
N ALA T 88 18.32 -53.67 8.57
CA ALA T 88 18.13 -55.07 8.39
C ALA T 88 17.72 -55.24 6.96
N ALA T 89 18.19 -54.26 6.12
CA ALA T 89 18.15 -54.33 4.67
C ALA T 89 19.44 -55.06 4.14
N GLY T 90 20.29 -55.50 5.09
CA GLY T 90 21.64 -56.02 4.87
C GLY T 90 22.74 -55.00 5.08
N ILE T 91 22.71 -53.86 4.30
CA ILE T 91 23.40 -52.65 4.60
C ILE T 91 22.53 -51.58 3.87
N ALA T 92 22.36 -50.38 4.48
CA ALA T 92 21.64 -49.30 3.78
C ALA T 92 21.68 -48.08 4.76
N ALA T 93 22.86 -47.84 5.34
CA ALA T 93 23.20 -46.90 6.42
C ALA T 93 23.01 -45.44 5.97
N GLY T 94 23.20 -45.19 4.68
CA GLY T 94 23.01 -43.97 3.98
C GLY T 94 24.21 -43.13 3.90
N ASP T 95 25.37 -43.76 4.15
CA ASP T 95 26.67 -43.16 4.09
C ASP T 95 27.45 -43.94 3.06
N GLU T 96 28.62 -43.34 2.74
CA GLU T 96 29.68 -44.03 1.99
C GLU T 96 30.39 -44.92 2.92
N ILE T 97 30.55 -46.22 2.55
CA ILE T 97 31.06 -47.16 3.48
C ILE T 97 32.39 -47.54 3.02
N THR T 98 33.35 -47.56 4.00
CA THR T 98 34.68 -48.07 3.85
C THR T 98 34.58 -49.45 4.30
N CYS T 99 35.08 -50.41 3.46
CA CYS T 99 34.93 -51.80 3.47
C CYS T 99 36.23 -52.37 3.71
N ASP T 100 36.39 -53.65 3.89
CA ASP T 100 37.62 -54.37 4.21
C ASP T 100 37.67 -55.60 3.46
N ALA T 101 38.54 -56.60 3.94
CA ALA T 101 38.62 -57.92 3.29
C ALA T 101 39.33 -58.85 4.20
N ASP T 102 39.30 -58.66 5.61
CA ASP T 102 39.88 -59.66 6.52
C ASP T 102 38.70 -60.64 6.74
N GLY T 103 38.97 -61.84 7.31
CA GLY T 103 38.08 -62.82 7.76
C GLY T 103 37.13 -62.16 8.75
N LYS T 104 35.77 -62.32 8.54
CA LYS T 104 34.83 -61.40 9.21
C LYS T 104 33.54 -62.12 9.06
N MET T 105 32.67 -62.16 10.16
CA MET T 105 31.45 -62.94 10.16
C MET T 105 30.37 -62.26 9.32
N ILE T 106 29.52 -63.01 8.57
CA ILE T 106 28.54 -62.45 7.63
C ILE T 106 27.26 -63.13 7.97
N LYS T 107 26.22 -62.67 7.29
CA LYS T 107 24.88 -63.19 7.37
C LYS T 107 24.72 -63.59 5.92
N PHE T 108 24.09 -64.78 5.78
CA PHE T 108 23.73 -65.33 4.54
C PHE T 108 22.24 -65.26 4.42
N THR T 109 21.77 -65.66 3.19
CA THR T 109 20.37 -65.67 2.70
C THR T 109 20.27 -66.74 1.68
N GLY T 110 19.03 -67.40 1.59
CA GLY T 110 18.60 -68.25 0.59
C GLY T 110 18.90 -69.65 1.03
N THR T 111 18.11 -70.68 0.53
CA THR T 111 18.35 -72.04 0.89
C THR T 111 19.54 -72.55 0.03
N GLY T 112 20.22 -73.60 0.47
CA GLY T 112 21.19 -74.37 -0.26
C GLY T 112 22.48 -73.49 -0.48
N LYS T 113 23.50 -74.11 -1.07
CA LYS T 113 24.76 -73.47 -1.43
C LYS T 113 24.55 -72.41 -2.48
N ALA T 114 25.35 -71.29 -2.33
CA ALA T 114 25.40 -70.28 -3.38
C ALA T 114 26.40 -70.78 -4.31
N LEU T 115 25.81 -71.12 -5.51
CA LEU T 115 26.64 -71.61 -6.63
C LEU T 115 25.76 -71.60 -7.77
N GLY T 116 24.69 -70.81 -7.67
CA GLY T 116 23.58 -70.92 -8.57
C GLY T 116 23.38 -69.57 -9.21
N VAL T 117 22.11 -69.10 -9.18
CA VAL T 117 21.64 -67.88 -9.74
C VAL T 117 20.86 -67.14 -8.65
N VAL T 118 20.29 -65.97 -9.07
CA VAL T 118 19.68 -65.02 -8.14
C VAL T 118 18.16 -64.86 -8.49
N THR T 119 17.36 -64.76 -7.35
CA THR T 119 16.03 -65.13 -7.30
C THR T 119 15.14 -63.92 -7.40
N HIS T 120 15.81 -62.72 -7.28
CA HIS T 120 15.11 -61.41 -7.41
C HIS T 120 14.19 -61.09 -6.23
N VAL T 121 14.32 -61.77 -5.09
CA VAL T 121 13.77 -61.44 -3.86
C VAL T 121 14.91 -61.11 -2.95
N GLY T 122 16.11 -61.40 -3.44
CA GLY T 122 17.33 -61.13 -2.73
C GLY T 122 17.91 -62.41 -2.21
N GLU T 123 17.83 -63.55 -2.93
CA GLU T 123 18.23 -64.86 -2.41
C GLU T 123 19.02 -65.56 -3.43
N TYR T 124 19.70 -66.67 -2.98
CA TYR T 124 20.44 -67.64 -3.79
C TYR T 124 19.60 -68.85 -3.74
N ARG T 125 19.57 -69.52 -4.91
CA ARG T 125 19.00 -70.85 -5.13
C ARG T 125 19.88 -71.48 -6.19
N ALA T 126 19.75 -72.84 -6.41
CA ALA T 126 20.55 -73.64 -7.33
C ALA T 126 20.00 -73.29 -8.70
N GLY T 127 21.03 -73.07 -9.61
CA GLY T 127 20.90 -72.86 -11.06
C GLY T 127 21.35 -74.07 -11.82
N ASN T 128 21.44 -73.99 -13.12
CA ASN T 128 21.93 -75.00 -14.05
C ASN T 128 23.41 -75.23 -13.97
N MET T 129 24.13 -74.23 -13.45
CA MET T 129 25.57 -74.42 -13.17
C MET T 129 25.79 -74.90 -11.72
N TYR T 130 26.67 -75.92 -11.48
CA TYR T 130 26.97 -76.55 -10.23
C TYR T 130 28.47 -76.46 -10.18
N GLU T 131 28.96 -76.71 -8.90
CA GLU T 131 30.45 -76.71 -8.66
C GLU T 131 31.10 -75.46 -8.99
N LYS T 132 30.32 -74.38 -8.75
CA LYS T 132 30.68 -73.01 -8.91
C LYS T 132 31.04 -72.73 -7.50
N ALA T 133 31.82 -71.64 -7.37
CA ALA T 133 32.38 -70.97 -6.22
C ALA T 133 31.33 -70.84 -5.14
N THR T 134 31.77 -71.12 -3.90
CA THR T 134 30.80 -71.07 -2.84
C THR T 134 31.23 -69.88 -2.08
N GLN T 135 30.47 -69.57 -1.02
CA GLN T 135 30.69 -68.49 -0.08
C GLN T 135 30.89 -69.22 1.25
N GLY T 136 31.78 -68.52 2.10
CA GLY T 136 32.13 -68.79 3.53
C GLY T 136 32.34 -70.27 3.76
N VAL T 137 31.50 -70.80 4.73
CA VAL T 137 31.70 -72.09 5.34
C VAL T 137 31.39 -73.09 4.27
N THR T 138 32.21 -74.17 4.19
CA THR T 138 32.14 -75.22 3.16
C THR T 138 32.16 -76.49 3.93
N ASP T 139 31.60 -77.55 3.29
CA ASP T 139 31.65 -78.88 3.72
C ASP T 139 30.42 -79.16 4.53
N THR T 140 29.49 -78.20 4.53
CA THR T 140 28.52 -77.98 5.51
C THR T 140 27.38 -77.48 4.68
N ASP T 141 26.13 -78.02 4.82
CA ASP T 141 25.05 -77.54 4.04
C ASP T 141 24.45 -76.32 4.74
N THR T 142 24.55 -75.20 4.02
CA THR T 142 24.10 -73.86 4.36
C THR T 142 22.62 -73.80 4.11
N PHE T 143 21.87 -73.06 4.94
CA PHE T 143 20.44 -72.79 4.63
C PHE T 143 20.19 -71.28 4.80
N ILE T 144 19.01 -70.88 4.45
CA ILE T 144 18.49 -69.50 4.51
C ILE T 144 18.69 -68.80 5.86
N GLY T 145 19.55 -67.71 5.94
CA GLY T 145 19.83 -67.01 7.16
C GLY T 145 20.77 -67.76 8.08
N PHE T 146 21.86 -68.40 7.50
CA PHE T 146 22.89 -69.07 8.30
C PHE T 146 23.96 -68.04 8.63
N ILE T 147 24.66 -68.26 9.74
CA ILE T 147 25.75 -67.45 10.07
C ILE T 147 26.95 -68.16 9.65
N MET T 148 27.75 -67.58 8.66
CA MET T 148 28.97 -68.12 8.16
C MET T 148 30.09 -67.22 8.64
N TYR T 149 31.24 -67.78 8.99
CA TYR T 149 32.55 -67.13 8.97
C TYR T 149 33.28 -67.29 7.65
N VAL T 150 33.64 -66.21 7.06
CA VAL T 150 34.33 -66.20 5.71
C VAL T 150 35.74 -66.81 5.99
N PRO U 1 61.26 -74.39 -14.81
CA PRO U 1 59.86 -74.44 -15.02
C PRO U 1 59.27 -75.84 -14.72
N TYR U 2 58.05 -75.99 -14.19
CA TYR U 2 57.44 -77.30 -14.00
C TYR U 2 58.09 -78.13 -12.88
N VAL U 3 58.88 -77.47 -11.95
CA VAL U 3 59.62 -78.08 -10.89
C VAL U 3 58.81 -78.27 -9.63
N ARG U 4 59.28 -78.95 -8.56
CA ARG U 4 58.57 -79.25 -7.37
C ARG U 4 58.00 -80.71 -7.59
N LEU U 5 58.64 -81.67 -6.86
CA LEU U 5 58.28 -83.05 -6.66
C LEU U 5 57.60 -83.11 -5.37
N GLY U 6 56.26 -83.53 -5.46
CA GLY U 6 55.55 -83.97 -4.30
C GLY U 6 55.28 -82.89 -3.29
N TYR U 7 55.01 -83.27 -2.04
CA TYR U 7 54.68 -82.38 -1.04
C TYR U 7 55.71 -81.38 -0.70
N GLU U 8 55.16 -80.21 -0.23
CA GLU U 8 55.91 -79.15 0.38
C GLU U 8 56.49 -79.36 1.76
N GLY U 9 57.52 -78.63 2.09
CA GLY U 9 58.24 -78.66 3.33
C GLY U 9 57.82 -77.61 4.28
N ILE U 10 58.61 -77.55 5.34
CA ILE U 10 58.31 -76.71 6.52
C ILE U 10 59.61 -76.02 6.67
N LEU U 11 59.66 -74.67 6.46
CA LEU U 11 60.83 -73.90 6.48
C LEU U 11 60.49 -72.45 6.60
N ASN U 12 60.66 -71.86 7.83
CA ASN U 12 60.50 -70.51 8.25
C ASN U 12 59.01 -70.17 8.23
N GLY U 13 58.16 -71.05 8.85
CA GLY U 13 56.72 -71.08 8.65
C GLY U 13 56.48 -71.88 7.45
N ALA U 14 55.19 -72.09 7.14
CA ALA U 14 54.85 -72.69 5.89
C ALA U 14 53.34 -72.79 5.80
N HIS U 15 52.69 -72.06 6.65
CA HIS U 15 51.27 -72.02 6.79
C HIS U 15 50.90 -70.64 6.69
N ASP U 16 49.95 -70.30 5.78
CA ASP U 16 49.51 -69.01 5.22
C ASP U 16 50.62 -68.49 4.39
N ILE U 17 51.28 -69.43 3.65
CA ILE U 17 52.43 -69.32 2.77
C ILE U 17 53.56 -68.62 3.48
N ASP U 18 54.04 -69.11 4.69
CA ASP U 18 54.79 -68.54 5.78
C ASP U 18 53.99 -67.63 6.60
N VAL U 19 53.94 -67.93 7.95
CA VAL U 19 53.23 -67.25 9.12
C VAL U 19 52.95 -65.74 8.87
N ALA U 20 51.71 -65.21 9.16
CA ALA U 20 51.41 -63.81 9.01
C ALA U 20 49.96 -63.46 9.29
N GLY U 21 49.13 -64.52 9.50
CA GLY U 21 47.66 -64.40 9.62
C GLY U 21 46.96 -64.00 8.33
N LEU U 22 45.73 -63.58 8.50
CA LEU U 22 44.85 -63.27 7.43
C LEU U 22 44.89 -61.82 7.18
N ASN U 23 45.62 -61.37 6.17
CA ASN U 23 45.77 -59.94 5.94
C ASN U 23 45.59 -59.80 4.43
N GLY U 24 45.82 -58.55 3.85
CA GLY U 24 45.67 -58.29 2.46
C GLY U 24 44.35 -58.42 1.90
N VAL U 25 44.26 -58.63 0.58
CA VAL U 25 42.97 -58.82 -0.03
C VAL U 25 42.75 -60.31 -0.15
N GLU U 26 41.56 -60.87 0.10
CA GLU U 26 41.25 -62.30 0.15
C GLU U 26 40.04 -62.50 -0.71
N GLN U 27 39.45 -63.71 -0.60
CA GLN U 27 38.33 -63.97 -1.41
C GLN U 27 37.59 -64.97 -0.66
N LEU U 28 38.24 -66.18 -0.50
CA LEU U 28 37.88 -67.34 0.26
C LEU U 28 36.61 -67.90 -0.30
N ALA U 29 36.78 -68.46 -1.46
CA ALA U 29 35.79 -69.12 -2.27
C ALA U 29 36.32 -70.55 -2.41
N GLY U 30 35.58 -71.52 -1.85
CA GLY U 30 35.91 -72.88 -1.86
C GLY U 30 35.33 -73.52 -3.08
N LYS U 31 35.75 -74.75 -3.39
CA LYS U 31 35.40 -75.30 -4.65
C LYS U 31 36.21 -76.54 -4.59
N PHE U 32 35.92 -77.63 -5.45
CA PHE U 32 36.40 -78.92 -5.31
C PHE U 32 37.79 -79.06 -5.95
N ALA U 33 38.52 -80.16 -5.44
CA ALA U 33 39.83 -80.53 -5.81
C ALA U 33 39.82 -81.75 -6.65
N THR U 34 40.52 -81.60 -7.83
CA THR U 34 40.93 -82.65 -8.76
C THR U 34 42.39 -82.96 -8.33
N ILE U 35 42.95 -84.06 -8.93
CA ILE U 35 44.33 -84.38 -8.61
C ILE U 35 45.38 -83.41 -9.19
N GLY U 36 46.55 -83.27 -8.52
CA GLY U 36 47.57 -82.36 -8.83
C GLY U 36 48.20 -82.85 -10.02
N ALA U 37 49.21 -82.06 -10.47
CA ALA U 37 50.07 -82.35 -11.56
C ALA U 37 51.42 -81.65 -11.39
N ASN U 38 52.55 -82.21 -12.07
CA ASN U 38 53.74 -81.50 -12.33
C ASN U 38 54.79 -81.68 -11.22
N GLY U 39 54.60 -82.63 -10.34
CA GLY U 39 55.46 -83.10 -9.37
C GLY U 39 54.98 -84.48 -9.43
N VAL U 40 55.38 -85.30 -8.32
CA VAL U 40 55.01 -86.69 -8.15
C VAL U 40 53.70 -86.68 -7.39
N LYS U 41 52.95 -87.79 -7.67
CA LYS U 41 51.61 -88.05 -7.13
C LYS U 41 50.55 -87.47 -8.07
N LEU U 42 50.87 -87.51 -9.40
CA LEU U 42 50.01 -87.06 -10.43
C LEU U 42 48.63 -87.59 -10.35
N ALA U 43 48.38 -88.84 -9.84
CA ALA U 43 47.20 -89.58 -9.86
C ALA U 43 47.41 -90.40 -8.61
N GLY U 44 46.28 -90.57 -7.85
CA GLY U 44 46.13 -91.43 -6.75
C GLY U 44 46.43 -90.63 -5.58
N ASP U 45 45.44 -90.80 -4.64
CA ASP U 45 45.35 -90.17 -3.32
C ASP U 45 45.52 -88.71 -3.35
N ASN U 46 46.35 -88.17 -2.51
CA ASN U 46 46.81 -86.81 -2.32
C ASN U 46 47.55 -86.38 -3.44
N GLY U 47 47.60 -85.06 -3.47
CA GLY U 47 48.03 -84.28 -4.61
C GLY U 47 49.47 -83.95 -4.73
N THR U 48 49.77 -82.83 -5.48
CA THR U 48 51.12 -82.35 -5.75
C THR U 48 51.13 -81.02 -5.07
N ASN U 49 52.15 -80.86 -4.16
CA ASN U 49 52.26 -79.63 -3.39
C ASN U 49 51.20 -79.77 -2.26
N ALA U 50 51.51 -79.13 -1.10
CA ALA U 50 50.72 -79.19 0.06
C ALA U 50 50.36 -77.80 0.61
N VAL U 51 51.05 -76.75 0.12
CA VAL U 51 50.57 -75.47 0.46
C VAL U 51 51.10 -74.53 -0.61
N GLY U 52 51.84 -75.11 -1.64
CA GLY U 52 52.34 -74.34 -2.65
C GLY U 52 51.40 -73.69 -3.60
N LEU U 53 51.90 -73.38 -4.82
CA LEU U 53 51.06 -72.87 -5.85
C LEU U 53 50.08 -73.89 -6.35
N PHE U 54 48.82 -73.38 -6.46
CA PHE U 54 47.62 -74.04 -6.96
C PHE U 54 47.04 -73.13 -8.00
N ARG U 55 46.12 -73.62 -8.90
CA ARG U 55 45.72 -72.78 -9.99
C ARG U 55 44.31 -73.20 -10.15
N GLU U 56 43.48 -72.16 -10.28
CA GLU U 56 42.08 -72.29 -10.63
C GLU U 56 41.93 -72.66 -12.04
N ASP U 57 40.91 -73.51 -12.30
CA ASP U 57 40.47 -74.03 -13.63
C ASP U 57 39.41 -73.10 -14.00
N LEU U 58 38.63 -73.38 -15.09
CA LEU U 58 37.62 -72.54 -15.70
C LEU U 58 36.21 -73.14 -15.58
N GLY U 59 36.15 -74.26 -14.72
CA GLY U 59 34.92 -74.73 -14.24
C GLY U 59 34.78 -74.57 -12.79
N ASP U 60 35.84 -74.01 -12.12
CA ASP U 60 35.92 -73.67 -10.72
C ASP U 60 36.20 -74.94 -10.02
N MET U 61 37.37 -75.51 -10.40
CA MET U 61 37.93 -76.66 -9.74
C MET U 61 39.33 -76.26 -9.53
N VAL U 62 39.97 -76.92 -8.51
CA VAL U 62 41.35 -76.54 -8.08
C VAL U 62 42.21 -77.70 -8.11
N ASN U 63 43.50 -77.54 -8.52
CA ASN U 63 44.47 -78.63 -8.73
C ASN U 63 45.82 -77.82 -8.64
N ALA U 64 46.94 -78.51 -8.87
CA ALA U 64 48.28 -77.99 -8.87
C ALA U 64 48.41 -77.14 -10.08
N SER U 65 49.30 -76.10 -9.99
CA SER U 65 49.44 -75.15 -11.15
C SER U 65 50.01 -75.83 -12.35
N GLU U 66 49.38 -75.42 -13.54
CA GLU U 66 49.56 -76.04 -14.82
C GLU U 66 50.38 -75.07 -15.63
N LYS U 67 50.86 -73.95 -14.96
CA LYS U 67 51.45 -72.80 -15.68
C LYS U 67 52.83 -72.66 -15.07
N ALA U 68 53.81 -72.34 -15.90
CA ALA U 68 55.15 -72.07 -15.41
C ALA U 68 55.98 -71.29 -16.42
N SER U 69 56.80 -70.28 -15.86
CA SER U 69 57.78 -69.40 -16.46
C SER U 69 57.43 -68.78 -17.80
N PHE U 70 56.16 -68.22 -17.89
CA PHE U 70 55.63 -67.51 -18.97
C PHE U 70 56.01 -66.10 -18.67
N TYR U 71 56.45 -65.36 -19.69
CA TYR U 71 56.89 -63.96 -19.62
C TYR U 71 56.13 -63.13 -20.60
N PHE U 72 55.87 -61.81 -20.24
CA PHE U 72 55.28 -60.87 -21.12
C PHE U 72 53.78 -61.04 -21.27
N ARG U 73 53.14 -61.69 -20.25
CA ARG U 73 51.75 -61.84 -20.22
C ARG U 73 51.46 -61.58 -18.80
N GLY U 74 50.17 -61.50 -18.39
CA GLY U 74 49.69 -61.10 -17.06
C GLY U 74 50.15 -62.01 -15.98
N GLY U 75 50.21 -61.43 -14.73
CA GLY U 75 50.21 -62.16 -13.49
C GLY U 75 49.10 -63.18 -13.31
N GLU U 76 49.11 -63.94 -12.20
CA GLU U 76 48.12 -64.91 -11.64
C GLU U 76 48.87 -65.84 -10.71
N TYR U 77 48.55 -65.80 -9.35
CA TYR U 77 49.14 -66.60 -8.30
C TYR U 77 48.03 -66.87 -7.39
N TYR U 78 47.72 -68.25 -7.31
CA TYR U 78 46.63 -68.72 -6.41
C TYR U 78 47.17 -69.70 -5.41
N VAL U 79 46.77 -69.58 -4.08
CA VAL U 79 47.20 -70.51 -3.07
C VAL U 79 46.01 -70.97 -2.42
N ASN U 80 46.05 -72.09 -1.74
CA ASN U 80 44.93 -72.71 -1.13
C ASN U 80 45.33 -72.58 0.33
N ILE U 81 44.51 -71.70 1.00
CA ILE U 81 44.62 -71.36 2.35
C ILE U 81 43.30 -71.47 2.98
N SER U 82 43.19 -72.34 4.05
CA SER U 82 42.01 -72.68 4.77
C SER U 82 41.44 -71.45 5.57
N ARG U 83 40.24 -71.57 6.19
CA ARG U 83 39.62 -70.43 6.79
C ARG U 83 40.26 -69.90 7.98
N THR U 84 40.94 -70.76 8.75
CA THR U 84 41.32 -70.39 10.13
C THR U 84 42.70 -69.68 10.10
N SER U 85 43.03 -68.74 10.93
CA SER U 85 44.32 -67.99 10.92
C SER U 85 45.43 -68.93 11.36
N LEU U 86 46.50 -68.97 10.54
CA LEU U 86 47.63 -69.82 10.79
C LEU U 86 47.38 -71.26 10.41
N THR U 87 46.36 -71.51 9.58
CA THR U 87 46.17 -72.77 8.94
C THR U 87 46.09 -72.49 7.45
N ALA U 88 46.67 -73.46 6.59
CA ALA U 88 46.66 -73.53 5.13
C ALA U 88 46.72 -75.01 5.02
N ALA U 89 45.96 -75.56 4.01
CA ALA U 89 45.82 -76.92 3.70
C ALA U 89 45.83 -77.14 2.11
N GLY U 90 46.15 -78.31 1.55
CA GLY U 90 46.33 -78.60 0.12
C GLY U 90 45.11 -79.42 -0.31
N ILE U 91 45.09 -79.75 -1.64
CA ILE U 91 44.17 -80.66 -2.31
C ILE U 91 44.22 -82.03 -1.67
N ALA U 92 43.10 -82.72 -1.75
CA ALA U 92 42.82 -84.08 -1.36
C ALA U 92 41.97 -84.59 -2.41
N ALA U 93 41.60 -85.94 -2.36
CA ALA U 93 40.56 -86.56 -3.18
C ALA U 93 39.28 -86.03 -2.74
N GLY U 94 38.47 -85.55 -3.71
CA GLY U 94 37.14 -84.94 -3.42
C GLY U 94 37.11 -83.78 -2.49
N ASP U 95 35.94 -83.55 -1.82
CA ASP U 95 35.73 -82.57 -0.84
C ASP U 95 35.91 -81.15 -1.30
N GLU U 96 35.11 -80.18 -0.72
CA GLU U 96 35.24 -78.71 -0.98
C GLU U 96 36.30 -78.13 -0.19
N ILE U 97 37.28 -77.47 -0.74
CA ILE U 97 38.44 -76.94 -0.05
C ILE U 97 38.38 -75.44 -0.29
N THR U 98 38.68 -74.68 0.74
CA THR U 98 38.46 -73.20 0.65
C THR U 98 39.80 -72.79 0.13
N CYS U 99 39.82 -71.93 -0.88
CA CYS U 99 41.06 -71.46 -1.44
C CYS U 99 41.18 -70.02 -1.16
N ASP U 100 42.33 -69.40 -1.55
CA ASP U 100 42.51 -67.96 -1.41
C ASP U 100 43.30 -67.60 -2.62
N ALA U 101 43.91 -66.41 -2.71
CA ALA U 101 44.85 -65.93 -3.66
C ALA U 101 45.95 -65.41 -2.76
N ASP U 102 47.00 -64.57 -3.23
CA ASP U 102 47.95 -63.94 -2.38
C ASP U 102 47.24 -62.66 -1.75
N GLY U 103 48.03 -61.94 -0.96
CA GLY U 103 47.66 -60.94 0.04
C GLY U 103 48.26 -61.43 1.36
N LYS U 104 49.15 -62.46 1.35
CA LYS U 104 49.93 -62.96 2.50
C LYS U 104 51.38 -62.44 2.27
N MET U 105 52.17 -62.31 3.40
CA MET U 105 53.58 -62.06 3.34
C MET U 105 54.33 -63.39 3.07
N ILE U 106 55.44 -63.23 2.27
CA ILE U 106 56.36 -64.28 1.92
C ILE U 106 57.74 -63.70 2.30
N LYS U 107 58.82 -64.49 1.98
CA LYS U 107 60.15 -64.27 2.37
C LYS U 107 60.81 -64.11 1.00
N PHE U 108 61.76 -63.15 0.89
CA PHE U 108 62.55 -62.92 -0.34
C PHE U 108 63.97 -63.36 0.07
N THR U 109 64.79 -63.50 -0.99
CA THR U 109 66.17 -63.81 -0.99
C THR U 109 66.77 -63.15 -2.18
N GLY U 110 68.03 -62.72 -2.07
CA GLY U 110 68.77 -61.99 -3.04
C GLY U 110 68.70 -60.55 -2.75
N THR U 111 69.12 -59.74 -3.73
CA THR U 111 69.33 -58.34 -3.63
C THR U 111 68.46 -57.67 -4.64
N GLY U 112 67.70 -58.50 -5.47
CA GLY U 112 66.79 -58.07 -6.58
C GLY U 112 65.53 -57.42 -6.08
N LYS U 113 64.42 -57.61 -6.76
CA LYS U 113 63.16 -57.22 -6.22
C LYS U 113 62.26 -58.34 -6.60
N ALA U 114 61.34 -58.77 -5.62
CA ALA U 114 60.16 -59.61 -5.88
C ALA U 114 59.14 -58.69 -6.41
N LEU U 115 58.49 -59.17 -7.50
CA LEU U 115 57.36 -58.58 -8.12
C LEU U 115 56.28 -59.58 -7.94
N GLY U 116 56.54 -60.67 -7.14
CA GLY U 116 55.56 -61.69 -6.91
C GLY U 116 56.33 -62.95 -6.57
N VAL U 117 55.63 -64.10 -6.42
CA VAL U 117 56.18 -65.39 -6.01
C VAL U 117 56.55 -66.09 -7.28
N VAL U 118 57.41 -67.11 -7.18
CA VAL U 118 57.87 -67.89 -8.34
C VAL U 118 56.85 -68.22 -9.41
N THR U 119 57.24 -67.97 -10.70
CA THR U 119 56.41 -68.21 -11.88
C THR U 119 56.06 -69.72 -12.01
N HIS U 120 57.00 -70.60 -11.72
CA HIS U 120 56.88 -72.03 -11.77
C HIS U 120 55.99 -72.58 -10.75
N VAL U 121 55.86 -73.97 -10.80
CA VAL U 121 54.86 -74.61 -9.98
C VAL U 121 55.37 -74.82 -8.58
N GLY U 122 54.54 -74.52 -7.57
CA GLY U 122 54.88 -75.01 -6.24
C GLY U 122 55.37 -73.80 -5.49
N GLU U 123 55.90 -74.02 -4.27
CA GLU U 123 56.60 -73.11 -3.37
C GLU U 123 55.63 -72.19 -2.77
N TYR U 124 56.03 -71.84 -1.51
CA TYR U 124 55.28 -70.93 -0.69
C TYR U 124 56.10 -69.79 -0.34
N ARG U 125 57.16 -69.44 -1.14
CA ARG U 125 57.82 -68.11 -1.11
C ARG U 125 58.25 -67.74 -2.47
N ALA U 126 58.56 -66.40 -2.71
CA ALA U 126 59.42 -65.93 -3.74
C ALA U 126 60.82 -66.45 -3.54
N GLY U 127 61.46 -66.72 -4.73
CA GLY U 127 62.86 -67.04 -4.85
C GLY U 127 63.63 -65.76 -4.96
N ASN U 128 64.87 -65.87 -5.59
CA ASN U 128 65.52 -64.67 -6.01
C ASN U 128 65.03 -64.46 -7.39
N MET U 129 64.15 -63.45 -7.57
CA MET U 129 63.48 -63.26 -8.86
C MET U 129 64.34 -62.45 -9.69
N TYR U 130 65.21 -63.07 -10.57
CA TYR U 130 65.95 -62.39 -11.69
C TYR U 130 65.08 -62.49 -12.91
N GLU U 131 63.97 -63.24 -12.78
CA GLU U 131 63.06 -63.60 -13.83
C GLU U 131 61.96 -62.51 -14.01
N LYS U 132 62.15 -61.46 -13.16
CA LYS U 132 61.26 -60.29 -13.03
C LYS U 132 62.23 -59.12 -12.96
N ALA U 133 61.66 -57.89 -13.25
CA ALA U 133 62.46 -56.72 -13.34
C ALA U 133 63.16 -56.49 -11.98
N THR U 134 64.40 -55.97 -11.97
CA THR U 134 65.04 -55.53 -10.74
C THR U 134 64.70 -54.01 -10.60
N GLN U 135 63.97 -53.44 -11.58
CA GLN U 135 63.96 -52.00 -11.79
C GLN U 135 62.96 -51.23 -11.02
N GLY U 136 63.45 -50.04 -10.47
CA GLY U 136 62.58 -49.35 -9.50
C GLY U 136 62.49 -50.12 -8.14
N VAL U 137 62.00 -49.44 -7.11
CA VAL U 137 62.05 -49.93 -5.67
C VAL U 137 60.70 -50.37 -5.33
N THR U 138 60.52 -51.68 -5.11
CA THR U 138 59.26 -52.28 -5.01
C THR U 138 59.44 -52.98 -3.76
N ASP U 139 58.67 -52.55 -2.73
CA ASP U 139 58.75 -52.87 -1.34
C ASP U 139 59.96 -52.27 -0.76
N THR U 140 59.86 -51.24 0.10
CA THR U 140 60.95 -50.52 0.75
C THR U 140 61.82 -51.35 1.75
N ASP U 141 63.09 -50.89 1.85
CA ASP U 141 64.16 -51.27 2.66
C ASP U 141 64.55 -52.73 2.32
N THR U 142 64.97 -52.85 1.05
CA THR U 142 65.29 -54.07 0.39
C THR U 142 66.69 -54.57 0.87
N PHE U 143 66.73 -55.78 1.44
CA PHE U 143 67.96 -56.43 1.73
C PHE U 143 67.58 -57.92 1.86
N ILE U 144 68.63 -58.72 2.03
CA ILE U 144 68.53 -60.23 2.07
C ILE U 144 67.98 -60.62 3.46
N GLY U 145 66.83 -61.36 3.49
CA GLY U 145 66.17 -62.02 4.57
C GLY U 145 64.90 -61.26 4.78
N PHE U 146 64.52 -60.27 4.01
CA PHE U 146 63.53 -59.29 4.43
C PHE U 146 62.18 -59.83 4.04
N ILE U 147 61.15 -59.44 4.70
CA ILE U 147 59.87 -59.99 4.54
C ILE U 147 59.17 -59.07 3.56
N MET U 148 58.72 -59.63 2.39
CA MET U 148 58.11 -58.92 1.30
C MET U 148 56.64 -59.24 1.26
N TYR U 149 55.81 -58.23 0.96
CA TYR U 149 54.33 -58.31 0.80
C TYR U 149 54.05 -58.62 -0.65
N VAL U 150 53.25 -59.69 -0.91
CA VAL U 150 52.85 -60.05 -2.23
C VAL U 150 51.34 -59.91 -2.19
N PRO V 1 -3.06 -88.49 20.66
CA PRO V 1 -2.13 -87.49 20.17
C PRO V 1 -2.82 -86.18 20.14
N TYR V 2 -2.08 -85.06 20.08
CA TYR V 2 -2.40 -83.69 20.16
C TYR V 2 -2.67 -83.26 21.58
N VAL V 3 -2.37 -82.04 21.96
CA VAL V 3 -2.59 -81.47 23.22
C VAL V 3 -4.08 -81.44 23.57
N ARG V 4 -4.52 -81.40 24.85
CA ARG V 4 -5.90 -81.28 25.23
C ARG V 4 -6.12 -82.62 25.86
N LEU V 5 -5.15 -83.23 26.51
CA LEU V 5 -5.31 -84.41 27.35
C LEU V 5 -4.43 -84.29 28.52
N GLY V 6 -4.96 -84.48 29.73
CA GLY V 6 -4.22 -84.30 30.97
C GLY V 6 -4.06 -82.80 31.21
N TYR V 7 -3.10 -82.54 32.14
CA TYR V 7 -2.80 -81.22 32.53
C TYR V 7 -1.88 -80.64 31.55
N GLU V 8 -2.33 -79.51 30.96
CA GLU V 8 -1.64 -78.96 29.79
C GLU V 8 -1.61 -77.47 29.99
N GLY V 9 -0.75 -76.77 29.18
CA GLY V 9 -0.42 -75.35 29.35
C GLY V 9 -1.51 -74.50 28.76
N ILE V 10 -1.21 -73.24 28.58
CA ILE V 10 -2.29 -72.27 28.35
C ILE V 10 -1.94 -71.30 27.32
N LEU V 11 -2.98 -70.70 26.76
CA LEU V 11 -2.90 -69.83 25.60
C LEU V 11 -3.43 -68.49 25.98
N ASN V 12 -4.51 -68.55 26.90
CA ASN V 12 -5.31 -67.40 27.28
C ASN V 12 -5.09 -67.08 28.74
N GLY V 13 -4.08 -67.79 29.39
CA GLY V 13 -3.75 -67.73 30.80
C GLY V 13 -4.75 -68.54 31.68
N ALA V 14 -4.47 -68.45 32.99
CA ALA V 14 -5.11 -69.30 34.00
C ALA V 14 -5.69 -68.33 35.11
N HIS V 15 -6.92 -68.49 35.45
CA HIS V 15 -7.61 -68.20 36.70
C HIS V 15 -7.79 -66.69 36.86
N ASP V 16 -8.17 -66.06 35.73
CA ASP V 16 -8.21 -64.60 35.63
C ASP V 16 -9.47 -64.09 36.38
N ILE V 17 -9.29 -63.13 37.28
CA ILE V 17 -10.38 -62.47 37.97
C ILE V 17 -10.15 -60.94 37.82
N ASP V 18 -11.22 -60.22 37.57
CA ASP V 18 -11.14 -58.81 37.49
C ASP V 18 -10.63 -58.31 36.21
N VAL V 19 -10.85 -59.01 35.13
CA VAL V 19 -10.30 -58.80 33.78
C VAL V 19 -11.25 -58.01 32.85
N ALA V 20 -12.43 -57.57 33.36
CA ALA V 20 -13.40 -56.90 32.64
C ALA V 20 -14.37 -56.31 33.73
N GLY V 21 -15.09 -55.18 33.41
CA GLY V 21 -15.76 -54.32 34.34
C GLY V 21 -17.14 -54.73 34.41
N LEU V 22 -17.80 -54.27 33.29
CA LEU V 22 -19.20 -54.47 33.07
C LEU V 22 -19.35 -55.25 31.83
N ASN V 23 -18.30 -55.73 31.17
CA ASN V 23 -18.46 -56.48 29.95
C ASN V 23 -17.98 -57.88 30.00
N GLY V 24 -17.78 -58.41 31.21
CA GLY V 24 -17.18 -59.66 31.40
C GLY V 24 -17.19 -60.03 32.82
N VAL V 25 -17.33 -61.39 33.14
CA VAL V 25 -17.41 -61.90 34.49
C VAL V 25 -16.15 -61.72 35.34
N GLU V 26 -16.24 -61.45 36.69
CA GLU V 26 -15.07 -61.16 37.47
C GLU V 26 -14.89 -62.23 38.56
N GLN V 27 -15.88 -63.10 38.64
CA GLN V 27 -15.83 -64.27 39.46
C GLN V 27 -15.63 -65.43 38.56
N LEU V 28 -15.13 -66.51 39.18
CA LEU V 28 -14.70 -67.71 38.47
C LEU V 28 -15.99 -68.50 38.35
N ALA V 29 -16.26 -68.98 37.12
CA ALA V 29 -17.56 -69.48 36.85
C ALA V 29 -17.49 -70.58 35.82
N GLY V 30 -16.23 -71.19 35.69
CA GLY V 30 -15.87 -71.98 34.57
C GLY V 30 -16.56 -73.25 34.58
N LYS V 31 -16.49 -74.03 33.50
CA LYS V 31 -17.47 -75.07 33.22
C LYS V 31 -17.01 -75.81 31.99
N PHE V 32 -17.42 -77.02 31.70
CA PHE V 32 -16.74 -77.84 30.75
C PHE V 32 -17.22 -77.70 29.32
N ALA V 33 -16.39 -78.04 28.34
CA ALA V 33 -16.56 -77.74 26.95
C ALA V 33 -17.02 -78.95 26.13
N THR V 34 -18.16 -78.86 25.30
CA THR V 34 -18.40 -79.68 24.14
C THR V 34 -17.97 -78.91 22.89
N ILE V 35 -16.91 -79.41 22.23
CA ILE V 35 -16.10 -78.70 21.22
C ILE V 35 -16.69 -78.93 19.86
N GLY V 36 -16.40 -77.92 18.92
CA GLY V 36 -16.60 -77.96 17.51
C GLY V 36 -15.25 -78.33 16.92
N ALA V 37 -15.02 -77.88 15.63
CA ALA V 37 -13.69 -77.92 14.94
C ALA V 37 -12.72 -77.07 15.61
N ASN V 38 -11.51 -77.57 16.00
CA ASN V 38 -10.42 -76.78 16.48
C ASN V 38 -9.28 -76.85 15.56
N GLY V 39 -9.49 -77.35 14.33
CA GLY V 39 -8.52 -77.33 13.28
C GLY V 39 -7.52 -78.43 13.25
N VAL V 40 -6.28 -78.23 12.66
CA VAL V 40 -5.28 -79.26 12.46
C VAL V 40 -4.77 -79.92 13.70
N LYS V 41 -4.80 -79.18 14.79
CA LYS V 41 -4.43 -79.63 16.07
C LYS V 41 -5.66 -79.56 16.86
N LEU V 42 -5.89 -80.56 17.72
CA LEU V 42 -6.85 -80.53 18.81
C LEU V 42 -6.50 -79.51 19.90
N ALA V 43 -7.59 -78.73 20.33
CA ALA V 43 -7.57 -77.73 21.36
C ALA V 43 -6.51 -76.71 21.03
N GLY V 44 -6.43 -76.35 19.72
CA GLY V 44 -5.60 -75.30 19.25
C GLY V 44 -4.10 -75.50 19.28
N ASP V 45 -3.41 -74.28 19.16
CA ASP V 45 -1.96 -74.12 19.07
C ASP V 45 -1.71 -74.19 17.57
N ASN V 46 -2.55 -73.59 16.67
CA ASN V 46 -2.15 -73.68 15.27
C ASN V 46 -2.86 -72.58 14.56
N GLY V 47 -2.39 -72.43 13.26
CA GLY V 47 -2.82 -71.42 12.29
C GLY V 47 -4.33 -71.27 12.23
N THR V 48 -4.96 -72.40 11.85
CA THR V 48 -6.42 -72.50 11.74
C THR V 48 -6.97 -72.52 13.09
N ASN V 49 -8.08 -71.75 13.49
CA ASN V 49 -8.74 -71.87 14.84
C ASN V 49 -7.65 -71.71 15.92
N ALA V 50 -8.01 -72.11 17.18
CA ALA V 50 -7.17 -71.86 18.31
C ALA V 50 -7.89 -72.19 19.58
N VAL V 51 -9.07 -72.82 19.47
CA VAL V 51 -10.12 -72.96 20.42
C VAL V 51 -11.05 -71.83 20.22
N GLY V 52 -12.18 -72.12 19.59
CA GLY V 52 -13.38 -71.31 19.37
C GLY V 52 -14.21 -70.92 20.55
N LEU V 53 -15.24 -70.07 20.29
CA LEU V 53 -16.21 -69.50 21.14
C LEU V 53 -16.96 -70.54 21.87
N PHE V 54 -17.36 -70.23 23.12
CA PHE V 54 -18.43 -70.92 23.89
C PHE V 54 -19.33 -69.83 24.38
N ARG V 55 -20.58 -70.19 24.74
CA ARG V 55 -21.67 -69.44 25.29
C ARG V 55 -22.35 -70.24 26.30
N GLU V 56 -22.65 -69.64 27.44
CA GLU V 56 -23.12 -70.38 28.56
C GLU V 56 -24.62 -70.80 28.38
N ASP V 57 -24.86 -72.04 28.82
CA ASP V 57 -26.08 -72.67 28.97
C ASP V 57 -26.16 -73.24 30.34
N LEU V 58 -27.41 -73.57 30.77
CA LEU V 58 -27.83 -74.07 32.07
C LEU V 58 -27.22 -75.51 32.05
N GLY V 59 -26.69 -75.94 33.20
CA GLY V 59 -26.00 -77.19 33.51
C GLY V 59 -24.59 -76.99 33.84
N ASP V 60 -23.80 -78.09 33.67
CA ASP V 60 -22.31 -78.07 33.89
C ASP V 60 -21.61 -78.26 32.61
N MET V 61 -22.23 -77.80 31.55
CA MET V 61 -21.60 -77.69 30.27
C MET V 61 -21.85 -76.33 29.79
N VAL V 62 -20.82 -75.77 29.03
CA VAL V 62 -20.92 -74.57 28.20
C VAL V 62 -20.53 -75.11 26.90
N ASN V 63 -21.00 -74.57 25.77
CA ASN V 63 -20.84 -75.24 24.48
C ASN V 63 -20.88 -74.26 23.49
N ALA V 64 -20.82 -74.71 22.20
CA ALA V 64 -20.41 -73.96 21.02
C ALA V 64 -21.52 -73.07 20.66
N SER V 65 -21.21 -71.88 20.05
CA SER V 65 -22.23 -70.87 19.57
C SER V 65 -23.21 -71.33 18.48
N GLU V 66 -22.72 -72.03 17.43
CA GLU V 66 -21.37 -72.15 16.87
C GLU V 66 -21.61 -71.23 15.69
N LYS V 67 -20.71 -70.34 15.41
CA LYS V 67 -20.75 -69.37 14.33
C LYS V 67 -19.81 -69.89 13.34
N ALA V 68 -20.22 -69.92 12.03
CA ALA V 68 -19.52 -70.52 10.93
C ALA V 68 -19.88 -69.68 9.74
N SER V 69 -18.88 -69.26 8.94
CA SER V 69 -17.47 -69.64 8.98
C SER V 69 -16.60 -68.54 9.49
N PHE V 70 -17.24 -67.54 10.19
CA PHE V 70 -16.55 -66.54 11.08
C PHE V 70 -17.35 -65.34 11.31
N TYR V 71 -18.70 -65.46 11.31
CA TYR V 71 -19.58 -64.35 11.53
C TYR V 71 -19.42 -63.88 12.92
N PHE V 72 -19.73 -62.59 13.16
CA PHE V 72 -19.62 -61.94 14.43
C PHE V 72 -20.73 -60.97 14.69
N ARG V 73 -21.05 -60.74 16.06
CA ARG V 73 -22.14 -59.78 16.49
C ARG V 73 -21.42 -58.88 17.41
N GLY V 74 -21.71 -57.50 17.42
CA GLY V 74 -20.80 -56.59 18.04
C GLY V 74 -21.27 -56.38 19.43
N GLY V 75 -20.50 -55.58 20.17
CA GLY V 75 -20.50 -55.34 21.60
C GLY V 75 -20.18 -56.57 22.34
N GLU V 76 -21.19 -57.09 23.16
CA GLU V 76 -21.08 -58.35 23.78
C GLU V 76 -21.60 -59.43 22.90
N TYR V 77 -21.05 -60.66 22.87
CA TYR V 77 -21.52 -61.75 22.09
C TYR V 77 -20.82 -62.97 22.48
N TYR V 78 -20.12 -62.82 23.68
CA TYR V 78 -19.41 -63.91 24.39
C TYR V 78 -18.20 -64.30 23.66
N VAL V 79 -17.01 -64.25 24.33
CA VAL V 79 -15.77 -64.88 23.93
C VAL V 79 -15.30 -65.74 25.09
N ASN V 80 -14.46 -66.76 24.75
CA ASN V 80 -13.83 -67.70 25.72
C ASN V 80 -12.52 -67.00 26.07
N ILE V 81 -12.17 -66.91 27.34
CA ILE V 81 -10.99 -66.29 27.76
C ILE V 81 -10.17 -67.50 28.37
N SER V 82 -9.48 -67.34 29.56
CA SER V 82 -8.90 -68.32 30.39
C SER V 82 -9.61 -69.64 30.57
N ARG V 83 -8.95 -70.61 31.24
CA ARG V 83 -9.38 -71.94 31.49
C ARG V 83 -9.32 -72.04 33.01
N THR V 84 -9.96 -73.15 33.54
CA THR V 84 -9.80 -73.56 34.95
C THR V 84 -9.58 -75.04 34.82
N SER V 85 -9.26 -75.81 35.90
CA SER V 85 -9.01 -77.23 35.87
C SER V 85 -9.72 -77.89 37.04
N LEU V 86 -9.88 -79.24 37.00
CA LEU V 86 -10.39 -79.89 38.24
C LEU V 86 -9.91 -81.30 38.15
N THR V 87 -9.41 -81.68 36.94
CA THR V 87 -8.91 -83.00 36.74
C THR V 87 -8.05 -82.95 35.50
N ALA V 88 -8.23 -81.84 34.74
CA ALA V 88 -7.39 -81.61 33.59
C ALA V 88 -7.38 -80.16 33.39
N ALA V 89 -6.19 -79.64 32.88
CA ALA V 89 -5.92 -78.20 32.76
C ALA V 89 -5.73 -78.12 31.33
N GLY V 90 -6.14 -77.01 30.77
CA GLY V 90 -5.90 -76.60 29.41
C GLY V 90 -7.21 -76.03 28.77
N ILE V 91 -7.02 -75.25 27.68
CA ILE V 91 -8.05 -74.45 27.15
C ILE V 91 -8.90 -75.39 26.32
N ALA V 92 -10.18 -75.64 26.63
CA ALA V 92 -11.14 -76.55 26.01
C ALA V 92 -10.76 -78.00 25.79
N ALA V 93 -11.66 -78.64 25.05
CA ALA V 93 -11.51 -80.02 24.68
C ALA V 93 -11.88 -80.96 25.84
N GLY V 94 -13.06 -80.73 26.47
CA GLY V 94 -13.36 -81.56 27.63
C GLY V 94 -12.71 -81.12 28.97
N ASP V 95 -12.32 -79.86 29.04
CA ASP V 95 -11.65 -79.27 30.21
C ASP V 95 -12.51 -77.95 30.31
N GLU V 96 -12.33 -77.27 31.47
CA GLU V 96 -13.05 -76.17 31.95
C GLU V 96 -12.40 -74.96 31.28
N ILE V 97 -13.41 -74.16 30.74
CA ILE V 97 -13.17 -72.92 30.06
C ILE V 97 -13.93 -71.92 30.95
N THR V 98 -13.31 -70.68 31.14
CA THR V 98 -13.94 -69.57 31.77
C THR V 98 -14.27 -68.76 30.56
N CYS V 99 -15.49 -68.21 30.60
CA CYS V 99 -15.87 -67.31 29.54
C CYS V 99 -16.04 -65.96 30.04
N ASP V 100 -16.27 -64.95 29.08
CA ASP V 100 -16.63 -63.60 29.44
C ASP V 100 -17.65 -63.26 28.31
N ALA V 101 -18.00 -61.95 28.14
CA ALA V 101 -18.92 -61.52 27.20
C ALA V 101 -18.23 -60.81 26.08
N ASP V 102 -16.91 -60.46 26.27
CA ASP V 102 -16.07 -59.99 25.21
C ASP V 102 -14.82 -59.51 25.98
N GLY V 103 -14.53 -60.17 27.14
CA GLY V 103 -13.47 -59.69 28.04
C GLY V 103 -12.07 -60.28 27.69
N LYS V 104 -11.12 -60.02 28.63
CA LYS V 104 -9.75 -60.40 28.50
C LYS V 104 -9.41 -61.54 29.36
N MET V 105 -8.35 -62.33 28.98
CA MET V 105 -7.37 -62.02 27.99
C MET V 105 -7.82 -62.91 26.86
N ILE V 106 -7.80 -62.41 25.64
CA ILE V 106 -7.88 -63.16 24.39
C ILE V 106 -6.59 -62.97 23.65
N LYS V 107 -6.16 -64.13 23.02
CA LYS V 107 -4.82 -64.34 22.62
C LYS V 107 -4.93 -65.51 21.67
N PHE V 108 -5.35 -65.34 20.39
CA PHE V 108 -5.50 -66.46 19.43
C PHE V 108 -4.45 -66.40 18.34
N THR V 109 -4.21 -67.66 17.83
CA THR V 109 -3.04 -68.01 17.06
C THR V 109 -3.41 -67.91 15.53
N GLY V 110 -2.54 -67.24 14.68
CA GLY V 110 -2.78 -66.92 13.29
C GLY V 110 -1.46 -66.90 12.59
N THR V 111 -1.48 -66.53 11.31
CA THR V 111 -0.29 -66.14 10.54
C THR V 111 -0.69 -64.70 10.25
N GLY V 112 0.32 -63.85 10.04
CA GLY V 112 0.19 -62.45 9.63
C GLY V 112 -0.89 -61.57 10.24
N LYS V 113 -1.72 -60.90 9.33
CA LYS V 113 -2.87 -60.08 9.67
C LYS V 113 -3.97 -61.05 9.57
N ALA V 114 -4.74 -61.01 10.64
CA ALA V 114 -5.81 -61.97 10.99
C ALA V 114 -5.29 -63.39 11.14
N LEU V 115 -5.19 -63.98 12.40
CA LEU V 115 -5.61 -63.37 13.69
C LEU V 115 -7.12 -63.03 13.67
N GLY V 116 -7.51 -62.02 14.50
CA GLY V 116 -8.86 -61.73 14.93
C GLY V 116 -9.33 -62.75 15.91
N VAL V 117 -10.71 -62.89 15.99
CA VAL V 117 -11.32 -63.95 16.80
C VAL V 117 -11.66 -65.12 15.89
N VAL V 118 -11.59 -66.31 16.47
CA VAL V 118 -11.84 -67.57 15.82
C VAL V 118 -13.13 -68.09 16.38
N THR V 119 -13.95 -68.78 15.54
CA THR V 119 -14.99 -69.62 16.10
C THR V 119 -14.51 -71.04 15.71
N HIS V 120 -15.40 -72.03 15.84
CA HIS V 120 -15.19 -73.37 15.43
C HIS V 120 -15.71 -73.46 14.03
N VAL V 121 -15.05 -74.14 13.14
CA VAL V 121 -15.56 -74.31 11.73
C VAL V 121 -15.24 -73.05 10.92
N GLY V 122 -14.15 -73.17 10.21
CA GLY V 122 -13.73 -72.11 9.28
C GLY V 122 -12.25 -72.04 9.40
N GLU V 123 -11.61 -71.12 8.58
CA GLU V 123 -10.27 -70.80 8.75
C GLU V 123 -10.18 -69.47 9.48
N TYR V 124 -9.00 -69.15 10.02
CA TYR V 124 -8.59 -67.97 10.81
C TYR V 124 -8.77 -66.72 9.91
N ARG V 125 -9.82 -65.99 10.13
CA ARG V 125 -10.19 -64.71 9.57
C ARG V 125 -10.67 -63.81 10.67
N ALA V 126 -10.81 -62.53 10.31
CA ALA V 126 -11.20 -61.50 11.21
C ALA V 126 -12.53 -60.85 10.66
N GLY V 127 -13.52 -60.54 11.56
CA GLY V 127 -14.74 -59.88 11.19
C GLY V 127 -14.53 -58.50 10.53
N ASN V 128 -15.57 -58.00 9.86
CA ASN V 128 -15.42 -56.79 8.99
C ASN V 128 -16.13 -55.67 9.70
N MET V 129 -16.92 -54.92 8.91
CA MET V 129 -17.48 -53.64 9.33
C MET V 129 -18.97 -53.84 9.04
N TYR V 130 -19.73 -53.77 10.24
CA TYR V 130 -21.15 -54.14 10.39
C TYR V 130 -21.06 -55.51 10.99
N GLU V 131 -19.97 -55.83 11.78
CA GLU V 131 -19.88 -57.00 12.61
C GLU V 131 -19.09 -56.78 13.86
N LYS V 132 -18.20 -55.84 13.78
CA LYS V 132 -17.59 -55.32 14.96
C LYS V 132 -17.74 -53.82 14.78
N ALA V 133 -16.81 -53.07 15.33
CA ALA V 133 -16.93 -51.65 15.38
C ALA V 133 -16.72 -51.00 14.04
N THR V 134 -17.70 -50.18 13.64
CA THR V 134 -17.58 -49.39 12.43
C THR V 134 -17.74 -47.92 12.96
N GLN V 135 -17.47 -47.67 14.29
CA GLN V 135 -17.39 -46.45 14.97
C GLN V 135 -16.09 -45.75 14.71
N GLY V 136 -16.18 -44.50 14.27
CA GLY V 136 -15.14 -43.48 13.93
C GLY V 136 -14.26 -43.99 12.89
N VAL V 137 -12.97 -43.61 12.87
CA VAL V 137 -12.16 -43.77 11.68
C VAL V 137 -11.41 -45.09 11.91
N THR V 138 -11.81 -46.23 11.24
CA THR V 138 -11.27 -47.50 11.51
C THR V 138 -11.12 -48.25 10.20
N ASP V 139 -10.11 -49.17 10.15
CA ASP V 139 -9.93 -50.12 9.17
C ASP V 139 -10.02 -51.50 9.86
N THR V 140 -11.00 -52.31 9.40
CA THR V 140 -10.99 -53.73 9.74
C THR V 140 -11.59 -54.43 8.59
N ASP V 141 -11.21 -55.67 8.29
CA ASP V 141 -11.64 -56.42 7.13
C ASP V 141 -11.27 -57.81 7.42
N THR V 142 -11.23 -58.60 6.34
CA THR V 142 -11.01 -60.03 6.49
C THR V 142 -9.55 -60.39 6.15
N PHE V 143 -8.80 -59.30 5.85
CA PHE V 143 -7.42 -59.40 5.49
C PHE V 143 -6.60 -58.78 6.58
N ILE V 144 -7.37 -58.00 7.47
CA ILE V 144 -6.82 -57.15 8.46
C ILE V 144 -7.43 -57.70 9.77
N GLY V 145 -6.56 -58.14 10.74
CA GLY V 145 -6.97 -58.65 12.02
C GLY V 145 -5.74 -58.39 13.02
N PHE V 146 -5.98 -58.29 14.31
CA PHE V 146 -5.01 -58.06 15.40
C PHE V 146 -5.82 -58.86 16.42
N ILE V 147 -5.10 -59.26 17.54
CA ILE V 147 -5.59 -60.12 18.55
C ILE V 147 -6.83 -59.66 19.24
N MET V 148 -6.94 -58.38 19.66
CA MET V 148 -7.94 -57.89 20.55
C MET V 148 -9.17 -57.55 19.76
N TYR V 149 -10.29 -57.13 20.52
CA TYR V 149 -11.53 -56.57 19.84
C TYR V 149 -11.15 -55.34 19.02
N VAL V 150 -11.84 -55.10 17.88
CA VAL V 150 -11.60 -53.97 17.02
C VAL V 150 -12.35 -52.72 17.57
N PRO W 1 -45.24 -34.58 34.88
CA PRO W 1 -46.35 -35.44 34.63
C PRO W 1 -47.62 -34.66 34.44
N TYR W 2 -48.69 -35.27 33.89
CA TYR W 2 -48.85 -36.71 33.51
C TYR W 2 -49.18 -36.68 32.08
N VAL W 3 -48.43 -37.55 31.39
CA VAL W 3 -48.60 -37.92 29.97
C VAL W 3 -47.44 -37.34 29.17
N ARG W 4 -46.31 -37.13 29.90
CA ARG W 4 -45.27 -36.22 29.46
C ARG W 4 -43.88 -36.85 29.61
N LEU W 5 -43.18 -37.20 28.52
CA LEU W 5 -43.42 -37.11 27.08
C LEU W 5 -43.24 -35.69 26.68
N GLY W 6 -42.27 -35.03 27.36
CA GLY W 6 -41.84 -33.71 27.12
C GLY W 6 -42.78 -32.61 27.41
N TYR W 7 -42.22 -31.39 27.51
CA TYR W 7 -42.87 -30.11 27.94
C TYR W 7 -42.26 -29.79 29.29
N GLU W 8 -41.10 -30.41 29.68
CA GLU W 8 -40.46 -30.14 30.99
C GLU W 8 -41.04 -30.88 32.23
N GLY W 9 -41.44 -32.17 32.17
CA GLY W 9 -41.29 -33.10 31.11
C GLY W 9 -40.73 -34.32 31.69
N ILE W 10 -40.87 -34.42 33.02
CA ILE W 10 -40.20 -35.55 33.75
C ILE W 10 -41.24 -36.52 34.28
N LEU W 11 -41.20 -37.83 33.94
CA LEU W 11 -42.03 -38.91 34.45
C LEU W 11 -41.16 -40.19 34.16
N ASN W 12 -40.88 -40.60 32.81
CA ASN W 12 -41.30 -39.95 31.55
C ASN W 12 -42.51 -40.79 30.99
N GLY W 13 -43.13 -41.62 31.92
CA GLY W 13 -44.21 -42.52 31.57
C GLY W 13 -43.67 -43.78 30.87
N ALA W 14 -42.67 -44.42 31.53
CA ALA W 14 -41.75 -45.40 30.96
C ALA W 14 -40.63 -45.48 31.90
N HIS W 15 -40.53 -46.69 32.48
CA HIS W 15 -39.56 -47.09 33.43
C HIS W 15 -38.93 -48.43 33.07
N ASP W 16 -37.61 -48.50 32.90
CA ASP W 16 -36.93 -49.74 32.41
C ASP W 16 -35.76 -49.99 33.31
N ILE W 17 -35.71 -51.21 33.92
CA ILE W 17 -34.94 -51.46 35.11
C ILE W 17 -33.51 -51.86 34.66
N ASP W 18 -32.41 -51.18 35.22
CA ASP W 18 -31.07 -51.69 35.04
C ASP W 18 -30.81 -52.84 36.08
N VAL W 19 -30.96 -54.09 35.67
CA VAL W 19 -30.83 -55.29 36.48
C VAL W 19 -29.35 -55.57 36.48
N ALA W 20 -28.64 -55.38 37.62
CA ALA W 20 -27.21 -55.68 37.74
C ALA W 20 -26.93 -57.14 37.71
N GLY W 21 -25.88 -57.46 37.02
CA GLY W 21 -25.40 -58.85 36.80
C GLY W 21 -25.10 -59.68 38.01
N LEU W 22 -24.63 -60.93 37.78
CA LEU W 22 -24.49 -61.90 38.73
C LEU W 22 -23.13 -62.56 38.58
N ASN W 23 -22.30 -62.62 39.71
CA ASN W 23 -20.99 -63.20 39.81
C ASN W 23 -19.98 -62.27 39.36
N GLY W 24 -20.01 -61.04 39.92
CA GLY W 24 -19.46 -59.85 39.35
C GLY W 24 -20.57 -59.25 38.41
N VAL W 25 -20.91 -57.97 38.52
CA VAL W 25 -21.95 -57.32 37.90
C VAL W 25 -21.51 -56.90 36.46
N GLU W 26 -22.56 -56.87 35.63
CA GLU W 26 -22.41 -56.47 34.30
C GLU W 26 -23.51 -55.56 33.97
N GLN W 27 -23.24 -54.49 33.21
CA GLN W 27 -24.16 -53.53 32.65
C GLN W 27 -23.96 -53.37 31.19
N LEU W 28 -25.01 -52.91 30.51
CA LEU W 28 -24.89 -52.37 29.19
C LEU W 28 -25.88 -51.26 29.13
N ALA W 29 -25.46 -50.09 28.51
CA ALA W 29 -26.26 -48.88 28.33
C ALA W 29 -26.99 -48.94 27.04
N GLY W 30 -28.24 -48.33 27.07
CA GLY W 30 -29.20 -48.19 25.97
C GLY W 30 -28.50 -47.80 24.75
N LYS W 31 -28.85 -48.51 23.63
CA LYS W 31 -28.22 -48.27 22.36
C LYS W 31 -29.01 -47.54 21.36
N PHE W 32 -28.32 -46.73 20.59
CA PHE W 32 -28.86 -45.88 19.53
C PHE W 32 -28.89 -46.67 18.26
N ALA W 33 -29.75 -46.32 17.29
CA ALA W 33 -29.62 -46.92 16.00
C ALA W 33 -28.92 -45.83 15.17
N THR W 34 -27.82 -46.33 14.49
CA THR W 34 -27.05 -45.53 13.54
C THR W 34 -26.47 -46.65 12.57
N ILE W 35 -26.32 -46.44 11.24
CA ILE W 35 -25.78 -47.37 10.32
C ILE W 35 -24.30 -46.93 10.13
N GLY W 36 -23.32 -47.85 10.39
CA GLY W 36 -21.95 -47.51 10.63
C GLY W 36 -21.71 -46.43 11.61
N ALA W 37 -20.69 -45.58 11.41
CA ALA W 37 -20.20 -44.40 12.23
C ALA W 37 -21.33 -43.62 12.84
N ASN W 38 -20.98 -42.82 13.92
CA ASN W 38 -21.80 -42.09 14.85
C ASN W 38 -22.58 -40.97 14.25
N GLY W 39 -23.92 -41.01 14.53
CA GLY W 39 -25.00 -40.18 14.01
C GLY W 39 -24.82 -38.67 14.18
N VAL W 40 -25.09 -37.97 13.06
CA VAL W 40 -25.00 -36.51 12.86
C VAL W 40 -26.31 -35.82 12.84
N LYS W 41 -26.35 -34.60 13.46
CA LYS W 41 -27.61 -33.86 13.58
C LYS W 41 -28.51 -34.52 14.53
N LEU W 42 -28.05 -34.83 15.76
CA LEU W 42 -28.55 -35.64 16.81
C LEU W 42 -28.38 -37.06 16.44
N ALA W 43 -28.61 -37.99 17.38
CA ALA W 43 -28.39 -39.39 17.13
C ALA W 43 -29.64 -40.09 17.05
N GLY W 44 -30.80 -39.37 17.05
CA GLY W 44 -32.11 -39.95 17.03
C GLY W 44 -32.46 -40.87 18.24
N ASP W 45 -33.42 -41.72 17.91
CA ASP W 45 -34.16 -42.41 18.95
C ASP W 45 -33.66 -43.78 18.83
N ASN W 46 -33.75 -44.52 19.96
CA ASN W 46 -33.06 -45.72 20.26
C ASN W 46 -33.59 -46.82 19.42
N GLY W 47 -32.59 -47.61 19.08
CA GLY W 47 -32.57 -48.81 18.24
C GLY W 47 -33.24 -49.88 19.05
N THR W 48 -32.96 -49.86 20.33
CA THR W 48 -33.54 -50.75 21.32
C THR W 48 -34.94 -50.15 21.65
N ASN W 49 -35.95 -51.05 21.87
CA ASN W 49 -37.23 -50.71 22.28
C ASN W 49 -37.58 -51.70 23.31
N ALA W 50 -38.20 -51.29 24.43
CA ALA W 50 -38.68 -52.21 25.45
C ALA W 50 -39.63 -53.24 24.76
N VAL W 51 -39.42 -54.52 25.10
CA VAL W 51 -40.07 -55.70 24.57
C VAL W 51 -39.85 -55.88 23.02
N GLY W 52 -38.61 -56.22 22.59
CA GLY W 52 -38.13 -56.35 21.25
C GLY W 52 -36.85 -57.20 21.14
N LEU W 53 -36.70 -58.04 20.11
CA LEU W 53 -35.57 -58.98 19.85
C LEU W 53 -34.75 -58.28 18.85
N PHE W 54 -33.55 -57.82 19.39
CA PHE W 54 -32.57 -57.07 18.63
C PHE W 54 -31.30 -57.78 18.72
N ARG W 55 -30.23 -57.42 17.95
CA ARG W 55 -28.88 -57.99 18.09
C ARG W 55 -27.95 -56.80 17.73
N GLU W 56 -26.86 -56.67 18.53
CA GLU W 56 -25.88 -55.70 18.15
C GLU W 56 -25.09 -56.28 17.03
N ASP W 57 -24.78 -55.37 16.09
CA ASP W 57 -24.10 -55.86 14.90
C ASP W 57 -22.91 -54.84 14.84
N LEU W 58 -22.79 -53.91 15.82
CA LEU W 58 -21.87 -52.72 15.83
C LEU W 58 -21.74 -52.43 17.26
N GLY W 59 -20.62 -51.68 17.64
CA GLY W 59 -20.16 -51.66 19.00
C GLY W 59 -21.00 -50.87 19.92
N ASP W 60 -21.46 -49.64 19.53
CA ASP W 60 -22.27 -48.74 20.29
C ASP W 60 -23.63 -48.68 19.63
N MET W 61 -23.86 -49.50 18.54
CA MET W 61 -25.11 -49.45 17.86
C MET W 61 -25.78 -50.76 17.78
N VAL W 62 -27.15 -50.73 17.87
CA VAL W 62 -27.95 -51.96 17.87
C VAL W 62 -28.90 -51.87 16.73
N ASN W 63 -29.33 -53.01 16.17
CA ASN W 63 -30.04 -53.08 14.89
C ASN W 63 -30.84 -54.32 14.88
N ALA W 64 -31.54 -54.52 13.76
CA ALA W 64 -32.39 -55.68 13.47
C ALA W 64 -31.59 -56.93 13.18
N SER W 65 -32.24 -58.07 13.44
CA SER W 65 -31.84 -59.43 13.23
C SER W 65 -32.54 -60.14 14.34
N GLU W 66 -33.10 -61.35 14.05
CA GLU W 66 -33.94 -62.08 14.95
C GLU W 66 -33.38 -63.43 15.21
N LYS W 67 -33.08 -63.81 16.48
CA LYS W 67 -32.43 -65.01 16.91
C LYS W 67 -33.27 -66.23 16.59
N ALA W 68 -32.67 -67.23 15.92
CA ALA W 68 -33.43 -68.33 15.35
C ALA W 68 -33.33 -69.41 16.34
N SER W 69 -34.52 -70.05 16.63
CA SER W 69 -34.70 -71.22 17.50
C SER W 69 -33.70 -72.26 17.28
N PHE W 70 -33.62 -73.28 18.21
CA PHE W 70 -32.91 -74.54 17.96
C PHE W 70 -31.40 -74.38 18.33
N TYR W 71 -31.05 -75.17 19.36
CA TYR W 71 -29.78 -75.26 20.01
C TYR W 71 -29.48 -74.08 20.87
N PHE W 72 -29.40 -74.36 22.18
CA PHE W 72 -29.49 -73.34 23.18
C PHE W 72 -28.13 -72.70 23.25
N ARG W 73 -28.13 -71.35 23.27
CA ARG W 73 -27.00 -70.53 23.34
C ARG W 73 -27.40 -69.38 24.20
N GLY W 74 -26.53 -68.40 24.35
CA GLY W 74 -26.66 -67.17 25.14
C GLY W 74 -27.79 -66.16 24.72
N GLY W 75 -27.79 -65.01 25.42
CA GLY W 75 -28.58 -63.88 25.26
C GLY W 75 -28.25 -63.09 23.96
N GLU W 76 -28.44 -61.74 23.93
CA GLU W 76 -28.72 -60.88 22.76
C GLU W 76 -30.19 -60.66 22.70
N TYR W 77 -30.89 -60.71 23.80
CA TYR W 77 -32.40 -60.52 23.75
C TYR W 77 -32.70 -59.11 23.88
N TYR W 78 -32.27 -58.40 24.96
CA TYR W 78 -32.44 -57.00 25.27
C TYR W 78 -33.88 -56.71 25.42
N VAL W 79 -34.70 -57.70 25.91
CA VAL W 79 -35.95 -57.37 26.46
C VAL W 79 -35.86 -56.45 27.72
N ASN W 80 -36.68 -55.38 27.71
CA ASN W 80 -36.82 -54.42 28.77
C ASN W 80 -38.31 -54.45 29.00
N ILE W 81 -38.68 -54.51 30.29
CA ILE W 81 -40.09 -54.51 30.76
C ILE W 81 -40.94 -53.45 30.11
N SER W 82 -42.14 -53.75 29.75
CA SER W 82 -43.01 -52.86 28.96
C SER W 82 -43.41 -51.60 29.72
N ARG W 83 -43.49 -50.45 29.00
CA ARG W 83 -43.89 -49.17 29.49
C ARG W 83 -45.36 -48.96 29.28
N THR W 84 -45.93 -47.83 29.84
CA THR W 84 -47.36 -47.75 29.72
C THR W 84 -47.66 -46.70 28.69
N SER W 85 -48.40 -47.09 27.60
CA SER W 85 -48.52 -46.40 26.33
C SER W 85 -47.25 -46.62 25.57
N LEU W 86 -47.43 -46.45 24.18
CA LEU W 86 -46.47 -46.37 23.09
C LEU W 86 -45.93 -47.75 22.79
N THR W 87 -46.81 -48.81 22.72
CA THR W 87 -46.48 -50.18 22.88
C THR W 87 -46.55 -50.76 21.47
N ALA W 88 -47.04 -50.02 20.42
CA ALA W 88 -46.87 -50.40 19.03
C ALA W 88 -46.53 -49.14 18.35
N ALA W 89 -45.32 -48.58 18.71
CA ALA W 89 -44.71 -47.54 18.02
C ALA W 89 -43.21 -47.54 18.26
N GLY W 90 -42.74 -48.36 19.25
CA GLY W 90 -41.38 -48.32 19.81
C GLY W 90 -41.33 -47.28 20.88
N ILE W 91 -40.15 -47.06 21.45
CA ILE W 91 -39.97 -45.98 22.52
C ILE W 91 -38.94 -45.06 22.02
N ALA W 92 -39.28 -43.74 22.17
CA ALA W 92 -38.61 -42.51 21.61
C ALA W 92 -37.58 -42.02 22.61
N ALA W 93 -36.51 -41.29 22.13
CA ALA W 93 -35.51 -40.76 22.99
C ALA W 93 -36.02 -39.73 23.89
N GLY W 94 -35.83 -39.89 25.22
CA GLY W 94 -36.15 -38.97 26.31
C GLY W 94 -37.05 -39.71 27.25
N ASP W 95 -37.20 -41.04 26.97
CA ASP W 95 -37.88 -41.97 27.81
C ASP W 95 -36.89 -43.01 28.18
N GLU W 96 -37.24 -43.91 29.15
CA GLU W 96 -36.31 -44.85 29.83
C GLU W 96 -36.11 -46.09 29.03
N ILE W 97 -34.80 -46.52 28.81
CA ILE W 97 -34.45 -47.53 27.82
C ILE W 97 -33.23 -48.10 28.52
N THR W 98 -32.86 -49.39 28.26
CA THR W 98 -31.62 -49.97 28.71
C THR W 98 -31.50 -51.15 27.80
N CYS W 99 -30.45 -51.96 28.03
CA CYS W 99 -30.24 -53.26 27.46
C CYS W 99 -30.02 -54.22 28.52
N ASP W 100 -30.58 -55.42 28.42
CA ASP W 100 -30.61 -56.38 29.45
C ASP W 100 -30.44 -57.56 28.77
N ALA W 101 -29.28 -58.17 29.00
CA ALA W 101 -28.82 -59.49 28.54
C ALA W 101 -27.35 -59.52 28.44
N ASP W 102 -26.68 -60.72 28.39
CA ASP W 102 -25.34 -60.97 28.02
C ASP W 102 -24.53 -60.67 29.21
N GLY W 103 -24.42 -61.66 30.07
CA GLY W 103 -23.56 -61.62 31.21
C GLY W 103 -24.28 -61.01 32.40
N LYS W 104 -25.62 -60.83 32.35
CA LYS W 104 -26.42 -60.33 33.40
C LYS W 104 -27.78 -61.08 33.39
N MET W 105 -28.54 -60.87 34.48
CA MET W 105 -29.88 -61.28 34.66
C MET W 105 -30.80 -60.37 33.91
N ILE W 106 -31.88 -60.97 33.37
CA ILE W 106 -32.61 -60.46 32.22
C ILE W 106 -34.05 -60.27 32.67
N LYS W 107 -34.89 -59.82 31.70
CA LYS W 107 -36.34 -59.59 31.86
C LYS W 107 -36.92 -60.59 30.93
N PHE W 108 -37.94 -61.37 31.38
CA PHE W 108 -38.52 -62.50 30.67
C PHE W 108 -39.88 -62.02 30.29
N THR W 109 -40.52 -62.88 29.42
CA THR W 109 -41.81 -62.60 28.87
C THR W 109 -42.53 -63.92 29.11
N GLY W 110 -43.84 -63.82 29.30
CA GLY W 110 -44.75 -65.01 29.13
C GLY W 110 -44.91 -65.64 30.50
N THR W 111 -46.13 -66.12 30.74
CA THR W 111 -46.61 -66.43 32.03
C THR W 111 -46.80 -67.88 32.03
N GLY W 112 -46.24 -68.65 33.05
CA GLY W 112 -46.04 -70.10 33.03
C GLY W 112 -44.79 -70.46 32.17
N LYS W 113 -44.84 -71.71 31.67
CA LYS W 113 -43.81 -72.36 30.84
C LYS W 113 -44.28 -72.18 29.40
N ALA W 114 -45.55 -71.78 29.26
CA ALA W 114 -46.14 -71.37 28.01
C ALA W 114 -45.55 -69.99 27.71
N LEU W 115 -44.88 -69.92 26.64
CA LEU W 115 -44.14 -68.84 26.12
C LEU W 115 -44.52 -68.77 24.63
N GLY W 116 -44.18 -67.62 23.98
CA GLY W 116 -44.28 -67.43 22.63
C GLY W 116 -43.27 -66.44 22.32
N VAL W 117 -43.51 -65.50 21.35
CA VAL W 117 -42.40 -64.58 21.02
C VAL W 117 -42.87 -63.18 21.08
N VAL W 118 -41.85 -62.22 20.81
CA VAL W 118 -42.06 -60.75 20.77
C VAL W 118 -41.81 -60.09 19.48
N THR W 119 -42.71 -59.07 19.18
CA THR W 119 -42.45 -58.16 18.01
C THR W 119 -41.59 -57.06 18.42
N HIS W 120 -40.86 -56.37 17.52
CA HIS W 120 -39.98 -55.27 17.88
C HIS W 120 -40.58 -54.08 18.63
N VAL W 121 -41.84 -53.74 18.33
CA VAL W 121 -42.40 -52.45 18.56
C VAL W 121 -42.92 -52.38 19.90
N GLY W 122 -43.16 -53.54 20.61
CA GLY W 122 -43.47 -53.67 21.98
C GLY W 122 -44.68 -54.53 22.16
N GLU W 123 -45.08 -55.23 21.15
CA GLU W 123 -46.22 -56.10 21.26
C GLU W 123 -45.71 -57.55 21.50
N TYR W 124 -46.64 -58.40 22.05
CA TYR W 124 -46.38 -59.79 22.32
C TYR W 124 -47.32 -60.50 21.42
N ARG W 125 -46.98 -61.72 21.01
CA ARG W 125 -47.79 -62.55 20.11
C ARG W 125 -47.67 -63.98 20.66
N ALA W 126 -48.47 -64.89 20.05
CA ALA W 126 -48.38 -66.28 20.32
C ALA W 126 -47.42 -66.73 19.21
N GLY W 127 -47.04 -68.05 19.27
CA GLY W 127 -46.25 -68.64 18.23
C GLY W 127 -45.42 -69.81 18.77
N ASN W 128 -45.34 -70.91 18.05
CA ASN W 128 -44.41 -71.91 18.57
C ASN W 128 -43.12 -71.73 17.83
N MET W 129 -42.11 -72.33 18.42
CA MET W 129 -40.68 -72.16 18.15
C MET W 129 -40.27 -73.15 17.04
N TYR W 130 -40.07 -72.62 15.86
CA TYR W 130 -40.02 -73.48 14.68
C TYR W 130 -39.26 -72.79 13.49
N GLU W 131 -38.91 -71.46 13.68
CA GLU W 131 -37.99 -70.82 12.78
C GLU W 131 -37.42 -69.56 13.43
N LYS W 132 -37.93 -69.23 14.58
CA LYS W 132 -37.48 -68.21 15.47
C LYS W 132 -37.86 -68.54 16.87
N ALA W 133 -37.18 -67.91 17.97
CA ALA W 133 -37.50 -68.18 19.34
C ALA W 133 -37.04 -66.89 19.99
N THR W 134 -37.57 -66.64 21.23
CA THR W 134 -37.02 -65.53 21.99
C THR W 134 -36.87 -66.16 23.33
N GLN W 135 -36.09 -65.56 24.28
CA GLN W 135 -35.89 -65.81 25.70
C GLN W 135 -35.45 -67.24 26.00
N GLY W 136 -34.76 -67.42 27.17
CA GLY W 136 -34.15 -68.70 27.60
C GLY W 136 -35.16 -69.77 27.78
N VAL W 137 -34.57 -70.98 28.01
CA VAL W 137 -35.38 -72.13 28.14
C VAL W 137 -36.05 -72.02 29.50
N THR W 138 -37.41 -72.13 29.43
CA THR W 138 -38.24 -71.94 30.57
C THR W 138 -37.80 -72.68 31.83
N ASP W 139 -38.09 -72.12 33.02
CA ASP W 139 -37.68 -72.65 34.33
C ASP W 139 -38.92 -72.56 35.20
N THR W 140 -38.89 -73.07 36.42
CA THR W 140 -39.92 -72.91 37.45
C THR W 140 -39.92 -71.48 37.97
N ASP W 141 -41.11 -70.93 38.23
CA ASP W 141 -41.40 -69.68 38.87
C ASP W 141 -40.97 -68.58 37.92
N THR W 142 -41.37 -68.64 36.62
CA THR W 142 -41.00 -67.71 35.55
C THR W 142 -42.21 -67.06 35.01
N PHE W 143 -42.27 -65.74 35.26
CA PHE W 143 -43.35 -64.95 34.79
C PHE W 143 -42.78 -63.75 34.12
N ILE W 144 -43.68 -62.79 33.67
CA ILE W 144 -43.30 -61.55 33.05
C ILE W 144 -42.53 -60.65 33.99
N GLY W 145 -41.30 -60.30 33.58
CA GLY W 145 -40.39 -59.32 34.21
C GLY W 145 -39.59 -60.05 35.23
N PHE W 146 -39.51 -61.42 35.06
CA PHE W 146 -38.83 -62.18 36.10
C PHE W 146 -37.38 -62.41 35.78
N ILE W 147 -36.52 -62.62 36.82
CA ILE W 147 -35.15 -62.54 36.65
C ILE W 147 -34.55 -63.95 36.45
N MET W 148 -34.19 -64.10 35.18
CA MET W 148 -33.59 -65.43 34.79
C MET W 148 -32.14 -65.01 34.59
N TYR W 149 -31.15 -65.85 35.04
CA TYR W 149 -29.76 -65.60 34.63
C TYR W 149 -29.49 -66.33 33.30
N VAL W 150 -29.08 -65.65 32.24
CA VAL W 150 -28.76 -66.27 30.98
C VAL W 150 -27.39 -65.71 30.59
N PRO X 1 -42.02 -81.22 38.29
CA PRO X 1 -43.31 -81.84 37.85
C PRO X 1 -42.97 -82.97 36.93
N TYR X 2 -43.90 -83.97 36.89
CA TYR X 2 -43.78 -85.19 36.08
C TYR X 2 -45.17 -85.61 35.80
N VAL X 3 -45.46 -86.39 34.75
CA VAL X 3 -46.80 -86.81 34.34
C VAL X 3 -46.72 -88.21 33.72
N ARG X 4 -47.86 -88.96 33.91
CA ARG X 4 -48.06 -90.25 33.24
C ARG X 4 -49.17 -90.00 32.21
N LEU X 5 -48.75 -89.20 31.19
CA LEU X 5 -49.57 -88.79 30.03
C LEU X 5 -48.69 -88.92 28.83
N GLY X 6 -49.46 -89.07 27.69
CA GLY X 6 -48.90 -89.12 26.38
C GLY X 6 -48.29 -90.48 26.04
N TYR X 7 -47.08 -90.49 25.52
CA TYR X 7 -46.33 -91.62 25.11
C TYR X 7 -45.23 -92.06 26.04
N GLU X 8 -45.33 -93.27 26.65
CA GLU X 8 -44.51 -93.71 27.76
C GLU X 8 -43.35 -94.53 27.35
N GLY X 9 -43.14 -94.55 26.09
CA GLY X 9 -42.03 -95.18 25.42
C GLY X 9 -41.03 -94.20 25.00
N ILE X 10 -39.87 -94.73 24.73
CA ILE X 10 -38.77 -94.00 24.20
C ILE X 10 -38.81 -94.40 22.75
N LEU X 11 -39.08 -93.49 21.84
CA LEU X 11 -39.09 -93.77 20.44
C LEU X 11 -37.76 -94.01 19.90
N ASN X 12 -37.67 -94.92 18.88
CA ASN X 12 -36.38 -95.21 18.25
C ASN X 12 -35.43 -95.82 19.28
N GLY X 13 -35.99 -96.73 20.13
CA GLY X 13 -35.30 -97.28 21.33
C GLY X 13 -34.19 -98.27 20.97
N ALA X 14 -33.45 -98.78 21.99
CA ALA X 14 -32.36 -99.73 21.83
C ALA X 14 -32.05 -100.31 23.22
N HIS X 15 -32.44 -99.58 24.27
CA HIS X 15 -32.28 -99.79 25.66
C HIS X 15 -33.50 -99.12 26.29
N ASP X 16 -34.16 -98.12 25.63
CA ASP X 16 -35.36 -97.44 26.18
C ASP X 16 -35.10 -96.62 27.39
N ILE X 17 -35.92 -96.75 28.48
CA ILE X 17 -35.68 -96.27 29.86
C ILE X 17 -34.49 -96.90 30.54
N ASP X 18 -33.84 -96.07 31.39
CA ASP X 18 -32.63 -96.44 32.09
C ASP X 18 -32.62 -95.64 33.36
N VAL X 19 -31.98 -96.14 34.46
CA VAL X 19 -32.06 -95.58 35.76
C VAL X 19 -30.64 -95.58 36.16
N ALA X 20 -30.08 -94.39 36.50
CA ALA X 20 -28.72 -94.06 36.94
C ALA X 20 -28.73 -94.05 38.43
N GLY X 21 -27.76 -94.72 39.14
CA GLY X 21 -27.83 -94.97 40.54
C GLY X 21 -27.18 -93.92 41.29
N LEU X 22 -26.31 -93.05 40.73
CA LEU X 22 -25.61 -91.97 41.35
C LEU X 22 -26.45 -90.79 41.00
N ASN X 23 -26.52 -89.83 41.94
CA ASN X 23 -27.24 -88.60 41.78
C ASN X 23 -26.19 -87.57 41.60
N GLY X 24 -26.54 -86.68 40.60
CA GLY X 24 -25.58 -85.66 40.27
C GLY X 24 -25.93 -84.42 40.91
N VAL X 25 -25.89 -83.33 40.13
CA VAL X 25 -26.27 -82.02 40.59
C VAL X 25 -27.65 -81.77 40.15
N GLU X 26 -28.53 -81.36 41.01
CA GLU X 26 -29.81 -80.85 40.74
C GLU X 26 -29.79 -79.59 39.95
N GLN X 27 -30.81 -79.55 38.99
CA GLN X 27 -31.19 -78.44 38.11
C GLN X 27 -32.60 -78.71 37.70
N LEU X 28 -33.48 -78.92 38.74
CA LEU X 28 -34.86 -79.20 38.53
C LEU X 28 -35.44 -77.86 38.31
N ALA X 29 -35.70 -77.60 36.98
CA ALA X 29 -36.45 -76.46 36.49
C ALA X 29 -37.22 -77.14 35.48
N GLY X 30 -38.42 -76.62 35.14
CA GLY X 30 -39.44 -77.33 34.32
C GLY X 30 -39.04 -77.04 32.89
N LYS X 31 -39.60 -77.83 31.90
CA LYS X 31 -39.47 -77.66 30.43
C LYS X 31 -40.12 -78.75 29.62
N PHE X 32 -40.34 -78.53 28.31
CA PHE X 32 -41.17 -79.43 27.51
C PHE X 32 -40.30 -80.47 26.92
N ALA X 33 -40.86 -81.63 26.56
CA ALA X 33 -40.20 -82.77 26.01
C ALA X 33 -40.50 -82.85 24.55
N THR X 34 -41.02 -81.71 23.97
CA THR X 34 -41.47 -81.64 22.57
C THR X 34 -40.19 -81.57 21.76
N ILE X 35 -39.92 -82.60 20.87
CA ILE X 35 -38.68 -82.90 20.22
C ILE X 35 -38.45 -81.76 19.17
N GLY X 36 -37.25 -81.10 19.03
CA GLY X 36 -37.11 -80.01 18.07
C GLY X 36 -38.15 -78.94 18.27
N ALA X 37 -38.99 -78.78 17.21
CA ALA X 37 -40.06 -77.79 17.14
C ALA X 37 -41.01 -77.90 18.28
N ASN X 38 -41.65 -76.78 18.65
CA ASN X 38 -42.35 -76.70 19.90
C ASN X 38 -43.77 -77.01 19.59
N GLY X 39 -44.21 -78.06 20.28
CA GLY X 39 -45.57 -78.59 20.14
C GLY X 39 -45.62 -79.80 19.26
N VAL X 40 -44.41 -80.25 18.85
CA VAL X 40 -44.25 -81.42 17.98
C VAL X 40 -43.96 -82.44 19.03
N LYS X 41 -45.02 -83.30 19.34
CA LYS X 41 -44.99 -84.22 20.45
C LYS X 41 -43.86 -85.17 20.26
N LEU X 42 -43.64 -85.63 19.03
CA LEU X 42 -42.66 -86.71 18.68
C LEU X 42 -42.27 -86.39 17.27
N ALA X 43 -41.02 -86.80 16.89
CA ALA X 43 -40.43 -86.38 15.63
C ALA X 43 -39.38 -87.36 15.38
N GLY X 44 -38.96 -87.42 14.05
CA GLY X 44 -37.69 -88.14 13.67
C GLY X 44 -36.55 -87.75 14.55
N ASP X 45 -35.82 -88.74 14.98
CA ASP X 45 -34.61 -88.66 15.75
C ASP X 45 -34.90 -88.35 17.18
N ASN X 46 -35.78 -89.14 17.79
CA ASN X 46 -36.08 -88.99 19.16
C ASN X 46 -35.02 -89.77 19.93
N GLY X 47 -34.51 -90.76 19.26
CA GLY X 47 -33.37 -91.56 19.71
C GLY X 47 -33.49 -92.27 21.01
N THR X 48 -32.40 -92.99 21.45
CA THR X 48 -32.44 -93.84 22.61
C THR X 48 -31.95 -92.83 23.60
N ASN X 49 -32.83 -92.40 24.51
CA ASN X 49 -32.52 -91.42 25.54
C ASN X 49 -33.31 -91.91 26.73
N ALA X 50 -32.83 -91.52 27.93
CA ALA X 50 -33.49 -91.74 29.19
C ALA X 50 -32.63 -91.24 30.26
N VAL X 51 -31.35 -91.60 30.17
CA VAL X 51 -30.37 -90.86 30.90
C VAL X 51 -29.09 -90.74 30.00
N GLY X 52 -29.38 -90.60 28.68
CA GLY X 52 -28.48 -90.37 27.63
C GLY X 52 -27.97 -88.96 27.43
N LEU X 53 -27.49 -88.64 26.22
CA LEU X 53 -27.04 -87.31 25.88
C LEU X 53 -28.15 -86.54 25.32
N PHE X 54 -28.21 -85.30 25.74
CA PHE X 54 -29.25 -84.28 25.55
C PHE X 54 -28.66 -82.99 25.08
N ARG X 55 -29.56 -82.20 24.46
CA ARG X 55 -29.28 -80.82 23.99
C ARG X 55 -30.61 -80.10 24.19
N GLU X 56 -30.41 -78.97 24.87
CA GLU X 56 -31.44 -77.97 25.04
C GLU X 56 -31.51 -77.13 23.78
N ASP X 57 -32.65 -76.62 23.40
CA ASP X 57 -32.91 -75.78 22.20
C ASP X 57 -33.48 -74.58 22.84
N LEU X 58 -33.10 -73.43 22.31
CA LEU X 58 -33.62 -72.06 22.56
C LEU X 58 -35.10 -71.85 22.32
N GLY X 59 -35.74 -71.42 23.39
CA GLY X 59 -37.17 -71.29 23.39
C GLY X 59 -37.78 -71.62 24.69
N ASP X 60 -38.32 -72.83 24.80
CA ASP X 60 -38.94 -73.28 26.02
C ASP X 60 -39.05 -74.76 26.07
N MET X 61 -38.21 -75.46 25.22
CA MET X 61 -38.23 -76.90 25.06
C MET X 61 -36.85 -77.51 25.26
N VAL X 62 -36.66 -78.82 25.74
CA VAL X 62 -35.43 -79.56 25.76
C VAL X 62 -35.70 -80.81 25.00
N ASN X 63 -34.67 -81.43 24.40
CA ASN X 63 -34.95 -82.53 23.41
C ASN X 63 -33.67 -83.33 23.28
N ALA X 64 -33.65 -84.16 22.28
CA ALA X 64 -32.55 -85.02 21.92
C ALA X 64 -31.49 -84.20 21.23
N SER X 65 -30.25 -84.72 21.39
CA SER X 65 -29.07 -84.13 20.87
C SER X 65 -29.03 -83.84 19.44
N GLU X 66 -29.63 -84.75 18.63
CA GLU X 66 -29.96 -84.63 17.20
C GLU X 66 -28.95 -84.03 16.27
N LYS X 67 -27.67 -84.40 16.59
CA LYS X 67 -26.49 -83.83 16.01
C LYS X 67 -25.44 -84.86 15.85
N ALA X 68 -24.74 -84.96 14.63
CA ALA X 68 -23.82 -86.05 14.38
C ALA X 68 -22.37 -85.67 14.55
N SER X 69 -22.08 -84.37 14.94
CA SER X 69 -20.68 -84.01 15.02
C SER X 69 -20.89 -82.64 15.63
N PHE X 70 -19.74 -82.07 16.11
CA PHE X 70 -19.49 -80.73 16.47
C PHE X 70 -20.03 -80.35 17.77
N TYR X 71 -20.41 -81.37 18.56
CA TYR X 71 -20.57 -81.22 20.03
C TYR X 71 -19.95 -82.47 20.68
N PHE X 72 -18.74 -82.91 20.23
CA PHE X 72 -18.03 -84.08 20.66
C PHE X 72 -17.89 -84.09 22.13
N ARG X 73 -17.96 -85.24 22.76
CA ARG X 73 -18.50 -85.33 24.05
C ARG X 73 -17.41 -85.68 24.93
N GLY X 74 -16.93 -84.70 25.69
CA GLY X 74 -15.94 -84.99 26.68
C GLY X 74 -16.27 -83.84 27.62
N GLY X 75 -15.95 -84.08 28.94
CA GLY X 75 -16.23 -83.17 30.05
C GLY X 75 -17.60 -83.57 30.47
N GLU X 76 -18.27 -82.60 31.13
CA GLU X 76 -19.64 -82.64 31.56
C GLU X 76 -20.61 -82.33 30.51
N TYR X 77 -21.89 -82.65 30.80
CA TYR X 77 -22.93 -82.60 29.88
C TYR X 77 -24.19 -82.02 30.55
N TYR X 78 -25.35 -82.46 30.05
CA TYR X 78 -26.61 -82.20 30.52
C TYR X 78 -27.26 -83.53 30.73
N VAL X 79 -28.04 -83.79 31.80
CA VAL X 79 -28.80 -85.05 31.89
C VAL X 79 -30.26 -84.82 32.28
N ASN X 80 -31.20 -85.78 32.02
CA ASN X 80 -32.52 -85.73 32.51
C ASN X 80 -32.52 -86.51 33.81
N ILE X 81 -33.00 -85.92 34.92
CA ILE X 81 -33.29 -86.57 36.18
C ILE X 81 -34.35 -87.62 35.99
N SER X 82 -34.06 -88.85 36.46
CA SER X 82 -34.78 -90.11 36.21
C SER X 82 -35.29 -90.61 37.49
N ARG X 83 -35.05 -89.78 38.47
CA ARG X 83 -35.48 -90.03 39.83
C ARG X 83 -36.89 -89.69 40.10
N THR X 84 -37.31 -88.72 39.36
CA THR X 84 -38.69 -88.30 39.12
C THR X 84 -39.15 -89.12 37.96
N SER X 85 -40.46 -89.47 37.97
CA SER X 85 -41.00 -90.46 37.10
C SER X 85 -40.85 -90.06 35.65
N LEU X 86 -41.21 -88.73 35.31
CA LEU X 86 -41.15 -88.21 33.95
C LEU X 86 -42.15 -88.86 33.05
N THR X 87 -42.06 -88.68 31.71
CA THR X 87 -43.05 -89.13 30.75
C THR X 87 -42.75 -90.61 30.47
N ALA X 88 -41.46 -91.01 30.74
CA ALA X 88 -40.88 -92.27 30.46
C ALA X 88 -39.91 -92.40 31.51
N ALA X 89 -38.69 -91.70 31.31
CA ALA X 89 -37.68 -91.75 32.30
C ALA X 89 -36.72 -90.64 31.92
N GLY X 90 -37.06 -89.84 30.91
CA GLY X 90 -36.24 -88.91 30.19
C GLY X 90 -37.28 -88.22 29.33
N ILE X 91 -36.96 -88.07 27.99
CA ILE X 91 -37.78 -87.44 26.95
C ILE X 91 -38.93 -88.32 26.49
N ALA X 92 -39.98 -87.69 25.89
CA ALA X 92 -41.06 -88.25 25.09
C ALA X 92 -42.30 -87.62 25.41
N ALA X 93 -43.25 -87.54 24.38
CA ALA X 93 -44.49 -86.78 24.34
C ALA X 93 -44.20 -85.31 24.46
N GLY X 94 -45.23 -84.41 24.62
CA GLY X 94 -45.17 -83.06 25.18
C GLY X 94 -44.93 -83.12 26.64
N ASP X 95 -45.29 -81.96 27.29
CA ASP X 95 -45.65 -81.82 28.73
C ASP X 95 -44.35 -81.61 29.53
N GLU X 96 -44.50 -81.19 30.87
CA GLU X 96 -43.35 -80.75 31.71
C GLU X 96 -42.57 -81.93 32.14
N ILE X 97 -41.27 -81.95 31.90
CA ILE X 97 -40.23 -82.85 32.39
C ILE X 97 -39.27 -81.97 33.16
N THR X 98 -38.78 -82.53 34.37
CA THR X 98 -37.71 -81.92 35.16
C THR X 98 -36.51 -82.68 34.69
N CYS X 99 -35.42 -81.90 34.42
CA CYS X 99 -34.10 -82.35 33.97
C CYS X 99 -33.12 -81.83 35.08
N ASP X 100 -31.82 -82.21 34.99
CA ASP X 100 -30.81 -81.89 35.95
C ASP X 100 -29.52 -81.58 35.16
N ALA X 101 -28.37 -81.46 35.83
CA ALA X 101 -27.07 -81.21 35.29
C ALA X 101 -26.23 -82.50 35.63
N ASP X 102 -25.13 -82.82 34.81
CA ASP X 102 -24.32 -84.13 34.86
C ASP X 102 -23.73 -84.45 36.22
N GLY X 103 -23.55 -85.82 36.40
CA GLY X 103 -23.08 -86.29 37.63
C GLY X 103 -23.85 -87.63 37.79
N LYS X 104 -24.28 -88.06 36.60
CA LYS X 104 -25.08 -89.27 36.44
C LYS X 104 -24.38 -90.22 35.40
N MET X 105 -24.78 -91.52 35.31
CA MET X 105 -24.22 -92.42 34.29
C MET X 105 -24.88 -92.03 32.96
N ILE X 106 -24.17 -92.19 31.85
CA ILE X 106 -24.76 -92.11 30.54
C ILE X 106 -24.39 -93.47 29.93
N LYS X 107 -24.80 -93.70 28.66
CA LYS X 107 -24.70 -95.01 27.98
C LYS X 107 -23.90 -94.77 26.70
N PHE X 108 -22.97 -95.66 26.37
CA PHE X 108 -22.19 -95.72 25.10
C PHE X 108 -22.58 -97.00 24.51
N THR X 109 -22.04 -97.30 23.28
CA THR X 109 -22.41 -98.38 22.38
C THR X 109 -21.17 -98.46 21.49
N GLY X 110 -20.27 -97.41 21.43
CA GLY X 110 -19.03 -97.28 20.66
C GLY X 110 -18.02 -97.97 21.41
N THR X 111 -16.74 -97.54 21.23
CA THR X 111 -15.59 -97.98 22.05
C THR X 111 -15.09 -96.73 22.79
N GLY X 112 -15.89 -95.59 22.92
CA GLY X 112 -15.66 -94.55 23.79
C GLY X 112 -15.55 -94.97 25.21
N LYS X 113 -14.63 -94.39 25.99
CA LYS X 113 -14.68 -94.54 27.43
C LYS X 113 -13.94 -93.45 28.09
N ALA X 114 -13.13 -92.70 27.30
CA ALA X 114 -12.20 -91.71 27.78
C ALA X 114 -12.04 -90.59 26.76
N LEU X 115 -12.71 -90.74 25.54
CA LEU X 115 -12.55 -89.94 24.38
C LEU X 115 -13.82 -90.23 23.68
N GLY X 116 -14.49 -89.13 23.22
CA GLY X 116 -15.98 -89.21 22.88
C GLY X 116 -16.31 -88.43 21.67
N VAL X 117 -17.42 -88.92 21.03
CA VAL X 117 -18.11 -88.14 20.13
C VAL X 117 -19.55 -88.19 20.57
N VAL X 118 -20.30 -87.43 19.70
CA VAL X 118 -21.69 -87.06 19.76
C VAL X 118 -22.26 -87.95 18.63
N THR X 119 -23.51 -88.49 18.94
CA THR X 119 -24.24 -89.24 17.97
C THR X 119 -25.54 -88.57 18.10
N HIS X 120 -26.31 -88.51 17.01
CA HIS X 120 -27.58 -87.77 16.95
C HIS X 120 -28.66 -88.55 17.68
N VAL X 121 -28.35 -89.89 17.91
CA VAL X 121 -29.07 -90.81 18.68
C VAL X 121 -29.12 -90.37 20.12
N GLY X 122 -28.04 -89.70 20.52
CA GLY X 122 -27.77 -89.18 21.85
C GLY X 122 -27.26 -90.35 22.63
N GLU X 123 -26.54 -91.26 21.92
CA GLU X 123 -25.65 -92.29 22.52
C GLU X 123 -24.17 -91.86 22.41
N TYR X 124 -23.18 -92.42 23.10
CA TYR X 124 -21.81 -91.93 23.11
C TYR X 124 -21.04 -93.04 22.34
N ARG X 125 -19.94 -92.63 21.62
CA ARG X 125 -19.10 -93.52 20.88
C ARG X 125 -17.69 -92.89 20.90
N ALA X 126 -16.67 -93.57 20.27
CA ALA X 126 -15.24 -93.38 20.23
C ALA X 126 -14.84 -92.22 19.54
N GLY X 127 -13.91 -91.47 20.18
CA GLY X 127 -13.18 -90.37 19.61
C GLY X 127 -12.11 -90.89 18.74
N ASN X 128 -11.09 -90.03 18.54
CA ASN X 128 -9.98 -90.34 17.63
C ASN X 128 -8.78 -89.48 17.94
N MET X 129 -9.20 -88.36 18.60
CA MET X 129 -8.34 -87.22 18.93
C MET X 129 -7.85 -86.50 17.68
N TYR X 130 -8.31 -85.25 17.42
CA TYR X 130 -7.93 -84.55 16.21
C TYR X 130 -8.83 -83.36 16.16
N GLU X 131 -10.08 -83.60 16.61
CA GLU X 131 -11.00 -82.52 16.88
C GLU X 131 -12.09 -83.05 17.80
N LYS X 132 -11.83 -84.11 18.54
CA LYS X 132 -12.85 -84.68 19.37
C LYS X 132 -12.39 -84.68 20.78
N ALA X 133 -13.28 -84.25 21.71
CA ALA X 133 -13.17 -84.00 23.13
C ALA X 133 -12.64 -85.10 23.96
N THR X 134 -12.21 -84.79 25.16
CA THR X 134 -11.62 -85.79 26.00
C THR X 134 -12.46 -85.80 27.32
N GLN X 135 -13.03 -86.99 27.73
CA GLN X 135 -13.56 -87.06 29.03
C GLN X 135 -12.44 -87.35 30.00
N GLY X 136 -12.24 -86.38 30.92
CA GLY X 136 -11.37 -86.51 32.14
C GLY X 136 -9.94 -87.10 31.86
N VAL X 137 -9.51 -87.91 32.82
CA VAL X 137 -8.49 -88.97 32.65
C VAL X 137 -9.12 -90.36 32.87
N THR X 138 -10.41 -90.30 33.10
CA THR X 138 -11.19 -91.44 33.61
C THR X 138 -11.49 -92.51 32.60
N ASP X 139 -11.45 -93.78 33.09
CA ASP X 139 -11.59 -94.99 32.36
C ASP X 139 -12.92 -95.63 32.80
N THR X 140 -13.59 -96.34 31.91
CA THR X 140 -14.61 -97.28 32.25
C THR X 140 -14.40 -98.40 31.27
N ASP X 141 -15.00 -99.54 31.65
CA ASP X 141 -14.85 -100.78 31.02
C ASP X 141 -15.69 -100.88 29.85
N THR X 142 -15.25 -101.62 28.87
CA THR X 142 -15.77 -101.56 27.57
C THR X 142 -16.29 -103.01 27.46
N PHE X 143 -17.54 -103.21 27.03
CA PHE X 143 -18.20 -104.57 26.99
C PHE X 143 -19.33 -104.33 26.08
N ILE X 144 -19.62 -103.09 25.76
CA ILE X 144 -20.59 -102.60 24.84
C ILE X 144 -21.90 -102.61 25.48
N GLY X 145 -22.52 -101.40 25.64
CA GLY X 145 -23.83 -101.23 26.16
C GLY X 145 -23.72 -101.01 27.63
N PHE X 146 -22.47 -100.65 28.09
CA PHE X 146 -22.20 -100.46 29.43
C PHE X 146 -22.49 -99.00 29.82
N ILE X 147 -22.71 -98.78 31.10
CA ILE X 147 -23.07 -97.55 31.66
C ILE X 147 -21.85 -96.96 32.22
N MET X 148 -21.34 -95.79 31.77
CA MET X 148 -20.12 -95.14 32.24
C MET X 148 -20.62 -94.01 33.14
N TYR X 149 -19.89 -93.82 34.27
CA TYR X 149 -20.08 -92.66 35.05
C TYR X 149 -19.11 -91.65 34.58
N VAL X 150 -19.56 -90.37 34.31
CA VAL X 150 -18.84 -89.36 33.68
C VAL X 150 -18.11 -88.62 34.78
#